data_8VGS
#
_entry.id   8VGS
#
_cell.length_a   1.00
_cell.length_b   1.00
_cell.length_c   1.00
_cell.angle_alpha   90.00
_cell.angle_beta   90.00
_cell.angle_gamma   90.00
#
_symmetry.space_group_name_H-M   'P 1'
#
loop_
_entity.id
_entity.type
_entity.pdbx_description
1 polymer 'Ribulose bisphosphate carboxylase'
2 non-polymer 'MAGNESIUM ION'
3 non-polymer 2-CARBOXYARABINITOL-1,5-DIPHOSPHATE
4 water water
#
_entity_poly.entity_id   1
_entity_poly.type   'polypeptide(L)'
_entity_poly.pdbx_seq_one_letter_code
;MEKINETQLIKTLNIHQKGYVNFDLPNPKNGEYLLAVFHLISGGKLNILQAAAEVAAESSTGTNFNVNTETPFSKEMNAV
VYQIDLDQNLVWIAYPWRLFDRGGNVQNILTYIVGNVLGMKEVSALKLLDVWFPPAMLEQYDGPSYTLDDMRKYLNVYDR
PILGTIIKPKMGLTSAEYAEAAYDFWVGGGDFV(KCX)NDEPQANQDFCPYDKMVRNVKAAMDKAVKETGNKKVHSFNVS
AADFDTMIERCELIRNAGFEPGSYAFLIDGITAGWMAVQTLRRKYPDVFIHFHRAGHGSFTRPENPIGFSVLVLSKFARL
AGASGIHTGTAGVGKMQGSPEEDVVAAQNILRFKDKGHFFEQEWSKIFEGDKDAITIAQADTARHVILEDDSWRGVKKCC
PIISGGLNPTLLKPFIDVMGNIDFITTMGAGCHAHPKGTTAGAKALVQACEAYQKGIDIKEYAKTHKELEEAIEFFTKK
;
_entity_poly.pdbx_strand_id   A,B,C,D,E,F,G,H,I,J
#
# COMPACT_ATOMS: atom_id res chain seq x y z
N THR A 7 -53.13 24.36 -45.77
CA THR A 7 -53.41 23.84 -47.10
C THR A 7 -52.54 24.53 -48.16
N GLN A 8 -52.80 25.82 -48.37
CA GLN A 8 -52.01 26.59 -49.32
C GLN A 8 -50.56 26.69 -48.86
N LEU A 9 -50.34 26.91 -47.56
CA LEU A 9 -48.98 26.97 -47.04
C LEU A 9 -48.26 25.63 -47.21
N ILE A 10 -48.99 24.53 -47.09
CA ILE A 10 -48.41 23.22 -47.35
C ILE A 10 -47.97 23.11 -48.81
N LYS A 11 -48.81 23.60 -49.73
CA LYS A 11 -48.44 23.59 -51.14
C LYS A 11 -47.27 24.53 -51.45
N THR A 12 -47.06 25.57 -50.63
CA THR A 12 -45.91 26.44 -50.83
C THR A 12 -44.59 25.77 -50.44
N LEU A 13 -44.64 24.68 -49.67
CA LEU A 13 -43.43 24.04 -49.20
C LEU A 13 -42.74 23.29 -50.34
N ASN A 14 -41.41 23.28 -50.29
CA ASN A 14 -40.61 22.49 -51.22
C ASN A 14 -40.47 21.07 -50.67
N ILE A 15 -39.64 20.25 -51.32
CA ILE A 15 -39.50 18.86 -50.92
C ILE A 15 -38.82 18.76 -49.56
N HIS A 16 -37.77 19.58 -49.34
CA HIS A 16 -37.04 19.52 -48.07
C HIS A 16 -37.92 19.95 -46.89
N GLN A 17 -38.68 21.02 -47.07
CA GLN A 17 -39.49 21.54 -45.97
C GLN A 17 -40.63 20.61 -45.60
N LYS A 18 -41.15 19.86 -46.59
CA LYS A 18 -42.27 18.96 -46.32
C LYS A 18 -41.89 17.84 -45.35
N GLY A 19 -40.62 17.45 -45.32
CA GLY A 19 -40.19 16.41 -44.42
C GLY A 19 -40.23 16.80 -42.95
N TYR A 20 -40.30 18.10 -42.66
CA TYR A 20 -40.35 18.61 -41.29
C TYR A 20 -41.71 19.19 -40.94
N VAL A 21 -42.73 18.91 -41.74
CA VAL A 21 -44.09 19.41 -41.50
C VAL A 21 -45.05 18.23 -41.61
N ASN A 22 -45.78 17.97 -40.53
CA ASN A 22 -46.80 16.91 -40.51
C ASN A 22 -47.97 17.42 -39.67
N PHE A 23 -48.95 18.03 -40.34
CA PHE A 23 -50.15 18.50 -39.65
C PHE A 23 -51.09 17.36 -39.28
N ASP A 24 -50.87 16.16 -39.80
CA ASP A 24 -51.67 14.99 -39.45
C ASP A 24 -50.94 14.06 -38.49
N LEU A 25 -50.11 14.61 -37.61
CA LEU A 25 -49.48 13.82 -36.56
C LEU A 25 -50.56 13.26 -35.65
N PRO A 26 -50.66 11.93 -35.49
CA PRO A 26 -51.84 11.36 -34.82
C PRO A 26 -51.92 11.69 -33.34
N ASN A 27 -50.82 11.57 -32.61
CA ASN A 27 -50.81 11.82 -31.17
C ASN A 27 -49.49 12.47 -30.80
N PRO A 28 -49.45 13.82 -30.76
CA PRO A 28 -48.23 14.49 -30.29
C PRO A 28 -47.88 14.16 -28.86
N LYS A 29 -48.86 13.83 -28.03
CA LYS A 29 -48.66 13.49 -26.63
C LYS A 29 -48.52 12.00 -26.40
N ASN A 30 -48.10 11.25 -27.43
CA ASN A 30 -47.95 9.80 -27.30
C ASN A 30 -46.74 9.38 -26.47
N GLY A 31 -45.88 10.32 -26.09
CA GLY A 31 -44.69 10.03 -25.32
C GLY A 31 -43.40 10.02 -26.11
N GLU A 32 -43.49 9.97 -27.44
CA GLU A 32 -42.29 10.01 -28.27
C GLU A 32 -41.76 11.42 -28.49
N TYR A 33 -42.61 12.43 -28.31
CA TYR A 33 -42.28 13.80 -28.71
C TYR A 33 -42.36 14.75 -27.52
N LEU A 34 -41.28 15.50 -27.30
CA LEU A 34 -41.40 16.77 -26.62
C LEU A 34 -42.13 17.74 -27.53
N LEU A 35 -42.99 18.58 -26.94
CA LEU A 35 -43.80 19.50 -27.72
C LEU A 35 -43.35 20.92 -27.44
N ALA A 36 -43.20 21.71 -28.50
CA ALA A 36 -42.74 23.09 -28.36
C ALA A 36 -43.64 24.02 -29.15
N VAL A 37 -44.11 25.07 -28.50
CA VAL A 37 -44.88 26.12 -29.16
C VAL A 37 -43.97 27.33 -29.34
N PHE A 38 -43.88 27.81 -30.57
CA PHE A 38 -43.02 28.93 -30.94
C PHE A 38 -43.87 30.07 -31.47
N HIS A 39 -43.67 31.27 -30.94
CA HIS A 39 -44.09 32.47 -31.65
C HIS A 39 -43.08 32.73 -32.76
N LEU A 40 -43.54 32.74 -34.00
CA LEU A 40 -42.65 32.75 -35.16
C LEU A 40 -43.13 33.79 -36.15
N ILE A 41 -42.26 34.74 -36.47
CA ILE A 41 -42.47 35.69 -37.55
C ILE A 41 -41.27 35.59 -38.48
N SER A 42 -41.54 35.32 -39.76
CA SER A 42 -40.49 35.05 -40.72
C SER A 42 -39.66 36.31 -40.99
N GLY A 43 -38.38 36.09 -41.31
CA GLY A 43 -37.46 37.19 -41.57
C GLY A 43 -37.58 37.83 -42.93
N GLY A 44 -38.34 37.24 -43.84
CA GLY A 44 -38.52 37.83 -45.15
C GLY A 44 -38.48 36.84 -46.30
N LYS A 45 -39.50 36.89 -47.16
CA LYS A 45 -39.71 36.10 -48.36
C LYS A 45 -40.14 34.67 -48.05
N LEU A 46 -40.21 34.26 -46.79
CA LEU A 46 -40.74 32.97 -46.40
C LEU A 46 -42.05 33.17 -45.63
N ASN A 47 -43.03 32.32 -45.93
CA ASN A 47 -44.28 32.36 -45.16
C ASN A 47 -44.04 31.72 -43.80
N ILE A 48 -45.11 31.64 -43.01
CA ILE A 48 -45.00 31.12 -41.65
C ILE A 48 -44.63 29.64 -41.66
N LEU A 49 -45.25 28.85 -42.55
CA LEU A 49 -45.02 27.42 -42.55
C LEU A 49 -43.62 27.07 -43.05
N GLN A 50 -43.13 27.79 -44.08
CA GLN A 50 -41.78 27.54 -44.57
C GLN A 50 -40.74 27.87 -43.51
N ALA A 51 -40.90 29.00 -42.83
CA ALA A 51 -39.98 29.37 -41.76
C ALA A 51 -40.05 28.37 -40.61
N ALA A 52 -41.25 27.90 -40.27
CA ALA A 52 -41.39 26.90 -39.22
C ALA A 52 -40.71 25.59 -39.62
N ALA A 53 -40.81 25.20 -40.89
CA ALA A 53 -40.13 24.01 -41.37
C ALA A 53 -38.63 24.16 -41.29
N GLU A 54 -38.10 25.32 -41.67
CA GLU A 54 -36.66 25.57 -41.53
C GLU A 54 -36.23 25.54 -40.07
N VAL A 55 -37.05 26.09 -39.17
CA VAL A 55 -36.75 26.05 -37.75
C VAL A 55 -36.72 24.62 -37.24
N ALA A 56 -37.70 23.81 -37.63
CA ALA A 56 -37.75 22.42 -37.20
C ALA A 56 -36.56 21.62 -37.73
N ALA A 57 -36.20 21.84 -39.00
CA ALA A 57 -35.04 21.16 -39.57
C ALA A 57 -33.76 21.56 -38.85
N GLU A 58 -33.55 22.87 -38.66
CA GLU A 58 -32.35 23.35 -37.99
C GLU A 58 -32.32 22.95 -36.51
N SER A 59 -33.46 22.65 -35.92
CA SER A 59 -33.53 22.29 -34.52
C SER A 59 -33.58 20.79 -34.26
N SER A 60 -33.78 19.95 -35.29
CA SER A 60 -33.78 18.51 -35.07
C SER A 60 -32.67 17.79 -35.84
N THR A 61 -32.68 17.83 -37.18
CA THR A 61 -31.77 16.99 -37.95
C THR A 61 -31.20 17.65 -39.19
N GLY A 62 -31.85 18.65 -39.79
CA GLY A 62 -31.57 19.07 -41.13
C GLY A 62 -30.90 20.42 -41.23
N THR A 63 -30.88 20.93 -42.46
CA THR A 63 -30.22 22.19 -42.81
C THR A 63 -31.14 22.88 -43.80
N ASN A 64 -30.60 23.88 -44.52
CA ASN A 64 -31.40 24.57 -45.53
C ASN A 64 -31.64 23.73 -46.79
N PHE A 65 -30.97 22.59 -46.93
CA PHE A 65 -31.13 21.71 -48.08
C PHE A 65 -31.26 20.27 -47.63
N ASN A 66 -31.72 19.42 -48.55
CA ASN A 66 -31.66 17.97 -48.35
C ASN A 66 -30.26 17.49 -48.65
N VAL A 67 -29.63 16.86 -47.68
CA VAL A 67 -28.29 16.31 -47.86
C VAL A 67 -28.40 14.87 -48.33
N ASN A 68 -27.43 14.46 -49.16
CA ASN A 68 -27.45 13.12 -49.74
C ASN A 68 -27.12 12.03 -48.73
N THR A 69 -26.66 12.38 -47.54
CA THR A 69 -26.39 11.40 -46.49
C THR A 69 -27.62 11.05 -45.67
N GLU A 70 -28.78 11.62 -45.99
CA GLU A 70 -29.99 11.40 -45.20
C GLU A 70 -30.47 9.97 -45.37
N THR A 71 -30.49 9.23 -44.27
CA THR A 71 -31.02 7.88 -44.23
C THR A 71 -32.50 7.89 -43.90
N PRO A 72 -33.23 6.81 -44.21
CA PRO A 72 -34.63 6.72 -43.76
C PRO A 72 -34.77 6.76 -42.26
N PHE A 73 -33.79 6.22 -41.52
CA PHE A 73 -33.81 6.34 -40.06
C PHE A 73 -33.65 7.79 -39.62
N SER A 74 -32.88 8.58 -40.37
CA SER A 74 -32.70 9.99 -40.03
C SER A 74 -34.01 10.76 -40.11
N LYS A 75 -34.84 10.45 -41.11
CA LYS A 75 -36.11 11.14 -41.27
C LYS A 75 -37.06 10.88 -40.10
N GLU A 76 -36.91 9.74 -39.42
CA GLU A 76 -37.73 9.46 -38.25
C GLU A 76 -37.44 10.43 -37.13
N MET A 77 -36.19 10.90 -37.01
CA MET A 77 -35.80 11.85 -35.99
C MET A 77 -36.14 13.30 -36.36
N ASN A 78 -36.80 13.53 -37.49
CA ASN A 78 -37.16 14.87 -37.89
C ASN A 78 -38.15 15.49 -36.91
N ALA A 79 -37.92 16.76 -36.58
CA ALA A 79 -38.96 17.55 -35.93
C ALA A 79 -40.00 17.96 -36.95
N VAL A 80 -41.28 17.87 -36.56
CA VAL A 80 -42.39 18.09 -37.48
C VAL A 80 -43.28 19.18 -36.92
N VAL A 81 -43.66 20.12 -37.78
CA VAL A 81 -44.68 21.11 -37.46
C VAL A 81 -46.04 20.45 -37.60
N TYR A 82 -46.76 20.32 -36.49
CA TYR A 82 -48.03 19.60 -36.46
C TYR A 82 -49.23 20.51 -36.22
N GLN A 83 -49.02 21.82 -36.11
CA GLN A 83 -50.12 22.74 -35.85
C GLN A 83 -49.62 24.16 -36.04
N ILE A 84 -50.47 25.03 -36.58
CA ILE A 84 -50.14 26.44 -36.73
C ILE A 84 -51.39 27.27 -36.47
N ASP A 85 -51.22 28.33 -35.68
CA ASP A 85 -52.22 29.38 -35.54
C ASP A 85 -51.73 30.57 -36.35
N LEU A 86 -52.44 30.89 -37.43
CA LEU A 86 -52.00 31.93 -38.34
C LEU A 86 -52.21 33.32 -37.76
N ASP A 87 -53.28 33.52 -36.98
CA ASP A 87 -53.54 34.83 -36.40
C ASP A 87 -52.50 35.20 -35.37
N GLN A 88 -52.12 34.26 -34.51
CA GLN A 88 -51.16 34.50 -33.45
C GLN A 88 -49.71 34.25 -33.88
N ASN A 89 -49.50 33.72 -35.08
CA ASN A 89 -48.16 33.34 -35.55
C ASN A 89 -47.53 32.31 -34.63
N LEU A 90 -48.30 31.28 -34.29
CA LEU A 90 -47.85 30.22 -33.40
C LEU A 90 -47.63 28.94 -34.20
N VAL A 91 -46.52 28.26 -33.93
CA VAL A 91 -46.20 27.01 -34.61
C VAL A 91 -45.87 25.96 -33.55
N TRP A 92 -46.47 24.78 -33.68
CA TRP A 92 -46.21 23.67 -32.78
C TRP A 92 -45.26 22.70 -33.48
N ILE A 93 -44.21 22.30 -32.78
CA ILE A 93 -43.20 21.40 -33.31
C ILE A 93 -43.05 20.23 -32.34
N ALA A 94 -43.09 19.01 -32.86
CA ALA A 94 -42.88 17.80 -32.07
C ALA A 94 -41.46 17.32 -32.31
N TYR A 95 -40.64 17.35 -31.25
CA TYR A 95 -39.28 16.89 -31.33
C TYR A 95 -39.21 15.49 -30.75
N PRO A 96 -38.83 14.47 -31.53
CA PRO A 96 -38.57 13.15 -30.93
C PRO A 96 -37.42 13.26 -29.93
N TRP A 97 -37.70 12.94 -28.67
CA TRP A 97 -36.71 13.12 -27.62
C TRP A 97 -35.58 12.10 -27.69
N ARG A 98 -35.69 11.12 -28.59
CA ARG A 98 -34.53 10.31 -28.99
C ARG A 98 -33.37 11.17 -29.50
N LEU A 99 -33.67 12.33 -30.09
CA LEU A 99 -32.63 13.25 -30.56
C LEU A 99 -31.73 13.70 -29.42
N PHE A 100 -32.26 13.81 -28.21
CA PHE A 100 -31.54 14.43 -27.11
C PHE A 100 -30.49 13.49 -26.53
N ASP A 101 -29.41 14.09 -26.04
CA ASP A 101 -28.33 13.32 -25.43
C ASP A 101 -28.84 12.53 -24.23
N ARG A 102 -28.43 11.27 -24.15
CA ARG A 102 -28.87 10.41 -23.07
C ARG A 102 -28.20 10.83 -21.75
N GLY A 103 -28.72 10.29 -20.66
CA GLY A 103 -28.21 10.65 -19.35
C GLY A 103 -28.76 11.93 -18.77
N GLY A 104 -29.95 12.36 -19.21
CA GLY A 104 -30.57 13.56 -18.68
C GLY A 104 -29.82 14.84 -18.97
N ASN A 105 -29.39 15.03 -20.22
CA ASN A 105 -28.64 16.21 -20.62
C ASN A 105 -29.64 17.30 -21.06
N VAL A 106 -29.77 18.34 -20.23
CA VAL A 106 -30.72 19.41 -20.53
C VAL A 106 -30.15 20.42 -21.51
N GLN A 107 -28.85 20.70 -21.42
CA GLN A 107 -28.24 21.66 -22.34
C GLN A 107 -28.29 21.15 -23.77
N ASN A 108 -28.29 19.83 -23.96
CA ASN A 108 -28.48 19.27 -25.30
C ASN A 108 -29.86 19.62 -25.86
N ILE A 109 -30.89 19.54 -25.01
CA ILE A 109 -32.24 19.94 -25.43
C ILE A 109 -32.25 21.41 -25.79
N LEU A 110 -31.63 22.24 -24.96
CA LEU A 110 -31.62 23.68 -25.23
C LEU A 110 -30.83 24.00 -26.50
N THR A 111 -29.76 23.25 -26.76
CA THR A 111 -29.02 23.40 -28.00
C THR A 111 -29.87 23.04 -29.20
N TYR A 112 -30.67 21.97 -29.08
CA TYR A 112 -31.56 21.59 -30.18
C TYR A 112 -32.62 22.67 -30.43
N ILE A 113 -33.33 23.08 -29.39
CA ILE A 113 -34.59 23.80 -29.59
C ILE A 113 -34.44 25.31 -29.49
N VAL A 114 -33.51 25.79 -28.66
CA VAL A 114 -33.29 27.22 -28.53
C VAL A 114 -31.84 27.55 -28.81
N GLY A 115 -31.22 26.76 -29.70
CA GLY A 115 -29.84 26.97 -30.06
C GLY A 115 -29.65 27.74 -31.35
N ASN A 116 -29.33 27.02 -32.43
CA ASN A 116 -29.01 27.65 -33.70
C ASN A 116 -30.19 28.41 -34.29
N VAL A 117 -31.42 27.98 -33.98
CA VAL A 117 -32.61 28.57 -34.59
C VAL A 117 -32.75 30.04 -34.21
N LEU A 118 -32.23 30.43 -33.05
CA LEU A 118 -32.27 31.84 -32.66
C LEU A 118 -31.44 32.70 -33.60
N GLY A 119 -30.37 32.15 -34.17
CA GLY A 119 -29.52 32.91 -35.07
C GLY A 119 -29.99 32.97 -36.52
N MET A 120 -31.03 32.21 -36.86
CA MET A 120 -31.45 32.12 -38.25
C MET A 120 -32.06 33.45 -38.73
N LYS A 121 -31.58 33.94 -39.86
CA LYS A 121 -32.15 35.15 -40.45
C LYS A 121 -33.49 34.89 -41.12
N GLU A 122 -33.88 33.63 -41.31
CA GLU A 122 -35.17 33.33 -41.90
C GLU A 122 -36.33 33.70 -40.98
N VAL A 123 -36.08 33.86 -39.69
CA VAL A 123 -37.10 34.26 -38.72
C VAL A 123 -36.75 35.64 -38.19
N SER A 124 -37.74 36.54 -38.17
CA SER A 124 -37.57 37.82 -37.52
C SER A 124 -37.99 37.79 -36.06
N ALA A 125 -38.78 36.80 -35.67
CA ALA A 125 -39.13 36.57 -34.27
C ALA A 125 -39.24 35.07 -34.05
N LEU A 126 -38.55 34.57 -33.02
CA LEU A 126 -38.61 33.15 -32.69
C LEU A 126 -38.53 33.03 -31.17
N LYS A 127 -39.69 32.84 -30.53
CA LYS A 127 -39.77 32.79 -29.07
C LYS A 127 -40.43 31.49 -28.65
N LEU A 128 -39.68 30.63 -27.96
CA LEU A 128 -40.22 29.39 -27.42
C LEU A 128 -41.11 29.72 -26.23
N LEU A 129 -42.42 29.73 -26.46
CA LEU A 129 -43.36 30.15 -25.41
C LEU A 129 -43.57 29.05 -24.37
N ASP A 130 -43.62 27.80 -24.79
CA ASP A 130 -43.92 26.71 -23.87
C ASP A 130 -43.40 25.40 -24.44
N VAL A 131 -43.18 24.44 -23.55
CA VAL A 131 -42.77 23.09 -23.92
C VAL A 131 -43.56 22.09 -23.10
N TRP A 132 -43.73 20.89 -23.64
CA TRP A 132 -44.43 19.81 -22.95
C TRP A 132 -43.54 18.57 -22.92
N PHE A 133 -43.30 18.05 -21.72
CA PHE A 133 -42.46 16.88 -21.54
C PHE A 133 -43.32 15.65 -21.36
N PRO A 134 -43.23 14.65 -22.23
CA PRO A 134 -43.97 13.40 -22.01
C PRO A 134 -43.46 12.67 -20.78
N PRO A 135 -44.29 11.84 -20.15
CA PRO A 135 -43.81 11.06 -18.99
C PRO A 135 -42.62 10.17 -19.30
N ALA A 136 -42.59 9.56 -20.49
CA ALA A 136 -41.45 8.75 -20.88
C ALA A 136 -40.18 9.58 -20.97
N MET A 137 -40.28 10.79 -21.52
CA MET A 137 -39.14 11.70 -21.53
C MET A 137 -38.80 12.16 -20.11
N LEU A 138 -39.83 12.42 -19.30
CA LEU A 138 -39.60 12.89 -17.93
C LEU A 138 -38.87 11.85 -17.10
N GLU A 139 -39.04 10.56 -17.41
CA GLU A 139 -38.31 9.52 -16.71
C GLU A 139 -36.81 9.62 -16.94
N GLN A 140 -36.38 10.20 -18.06
CA GLN A 140 -34.97 10.27 -18.41
C GLN A 140 -34.20 11.29 -17.60
N TYR A 141 -34.87 12.19 -16.89
CA TYR A 141 -34.21 13.35 -16.30
C TYR A 141 -34.36 13.33 -14.78
N ASP A 142 -33.36 13.93 -14.11
CA ASP A 142 -33.26 13.82 -12.66
C ASP A 142 -34.42 14.49 -11.96
N GLY A 143 -34.69 15.75 -12.29
CA GLY A 143 -35.62 16.55 -11.53
C GLY A 143 -35.03 16.95 -10.21
N PRO A 144 -35.77 17.73 -9.42
CA PRO A 144 -35.26 18.12 -8.10
C PRO A 144 -35.23 16.94 -7.14
N SER A 145 -34.21 16.91 -6.30
CA SER A 145 -34.12 15.95 -5.19
C SER A 145 -34.34 16.60 -3.84
N TYR A 146 -33.80 17.80 -3.63
CA TYR A 146 -34.11 18.62 -2.48
C TYR A 146 -35.13 19.68 -2.91
N THR A 147 -36.15 19.88 -2.08
CA THR A 147 -37.28 20.72 -2.47
C THR A 147 -37.56 21.75 -1.39
N LEU A 148 -38.53 22.61 -1.67
CA LEU A 148 -38.96 23.62 -0.69
C LEU A 148 -39.54 22.98 0.56
N ASP A 149 -40.11 21.78 0.45
CA ASP A 149 -40.65 21.11 1.63
C ASP A 149 -39.54 20.68 2.58
N ASP A 150 -38.39 20.25 2.05
CA ASP A 150 -37.27 19.89 2.91
C ASP A 150 -36.74 21.09 3.67
N MET A 151 -36.61 22.24 2.99
CA MET A 151 -36.16 23.45 3.68
C MET A 151 -37.21 23.95 4.65
N ARG A 152 -38.50 23.76 4.33
CA ARG A 152 -39.55 24.11 5.27
C ARG A 152 -39.46 23.26 6.53
N LYS A 153 -39.17 21.96 6.36
CA LYS A 153 -38.99 21.09 7.52
C LYS A 153 -37.77 21.49 8.34
N TYR A 154 -36.67 21.82 7.67
CA TYR A 154 -35.45 22.22 8.38
C TYR A 154 -35.66 23.52 9.14
N LEU A 155 -36.32 24.50 8.51
CA LEU A 155 -36.56 25.79 9.13
C LEU A 155 -37.76 25.80 10.08
N ASN A 156 -38.59 24.76 10.05
CA ASN A 156 -39.83 24.72 10.81
C ASN A 156 -40.75 25.88 10.42
N VAL A 157 -40.76 26.21 9.13
CA VAL A 157 -41.54 27.32 8.60
C VAL A 157 -42.63 26.73 7.72
N TYR A 158 -43.88 26.90 8.15
CA TYR A 158 -45.03 26.42 7.39
C TYR A 158 -46.10 27.50 7.38
N ASP A 159 -46.94 27.47 6.34
CA ASP A 159 -48.09 28.34 6.16
C ASP A 159 -47.74 29.78 5.84
N ARG A 160 -46.46 30.08 5.63
CA ARG A 160 -46.04 31.40 5.20
C ARG A 160 -44.86 31.24 4.25
N PRO A 161 -44.63 32.21 3.37
CA PRO A 161 -43.44 32.15 2.52
C PRO A 161 -42.16 32.24 3.36
N ILE A 162 -41.14 31.52 2.92
CA ILE A 162 -39.85 31.60 3.60
C ILE A 162 -39.26 32.98 3.34
N LEU A 163 -39.01 33.72 4.41
CA LEU A 163 -38.51 35.08 4.28
C LEU A 163 -37.00 35.06 4.06
N GLY A 164 -36.56 35.79 3.04
CA GLY A 164 -35.16 35.78 2.68
C GLY A 164 -34.68 37.18 2.36
N THR A 165 -33.36 37.31 2.24
CA THR A 165 -32.74 38.59 1.95
C THR A 165 -31.53 38.38 1.07
N ILE A 166 -31.15 39.44 0.36
CA ILE A 166 -29.89 39.50 -0.36
C ILE A 166 -29.05 40.59 0.29
N ILE A 167 -27.81 40.25 0.65
CA ILE A 167 -26.97 41.16 1.41
C ILE A 167 -26.51 42.28 0.48
N LYS A 168 -27.07 43.47 0.68
CA LYS A 168 -26.66 44.67 -0.04
C LYS A 168 -25.69 45.49 0.80
N PRO A 169 -24.62 46.06 0.22
CA PRO A 169 -24.26 46.13 -1.20
C PRO A 169 -23.98 44.78 -1.86
N LYS A 170 -24.20 44.69 -3.17
CA LYS A 170 -23.98 43.44 -3.89
C LYS A 170 -22.52 43.01 -3.83
N MET A 171 -21.60 43.96 -4.01
CA MET A 171 -20.18 43.70 -3.90
C MET A 171 -19.53 44.84 -3.14
N GLY A 172 -18.37 44.56 -2.55
CA GLY A 172 -17.61 45.55 -1.82
C GLY A 172 -17.53 45.32 -0.33
N LEU A 173 -18.37 44.45 0.22
CA LEU A 173 -18.28 44.13 1.64
C LEU A 173 -17.23 43.05 1.87
N THR A 174 -16.56 43.15 3.02
CA THR A 174 -15.61 42.12 3.41
C THR A 174 -16.38 40.90 3.94
N SER A 175 -15.64 39.84 4.23
CA SER A 175 -16.25 38.63 4.79
C SER A 175 -16.90 38.92 6.13
N ALA A 176 -16.23 39.72 6.97
CA ALA A 176 -16.79 40.07 8.28
C ALA A 176 -18.06 40.90 8.13
N GLU A 177 -18.05 41.89 7.25
CA GLU A 177 -19.23 42.74 7.05
C GLU A 177 -20.38 41.93 6.47
N TYR A 178 -20.09 41.05 5.51
CA TYR A 178 -21.13 40.22 4.92
C TYR A 178 -21.74 39.29 5.97
N ALA A 179 -20.89 38.67 6.80
CA ALA A 179 -21.39 37.81 7.86
C ALA A 179 -22.22 38.60 8.87
N GLU A 180 -21.79 39.84 9.16
CA GLU A 180 -22.55 40.69 10.07
C GLU A 180 -23.93 41.02 9.51
N ALA A 181 -24.01 41.34 8.21
CA ALA A 181 -25.30 41.61 7.60
C ALA A 181 -26.20 40.37 7.59
N ALA A 182 -25.61 39.21 7.31
CA ALA A 182 -26.38 37.96 7.34
C ALA A 182 -26.91 37.67 8.74
N TYR A 183 -26.07 37.87 9.76
CA TYR A 183 -26.52 37.70 11.14
C TYR A 183 -27.62 38.70 11.49
N ASP A 184 -27.47 39.94 11.03
CA ASP A 184 -28.47 40.97 11.33
C ASP A 184 -29.82 40.60 10.75
N PHE A 185 -29.85 40.06 9.53
CA PHE A 185 -31.11 39.60 8.98
C PHE A 185 -31.63 38.37 9.73
N TRP A 186 -30.74 37.42 10.04
CA TRP A 186 -31.18 36.17 10.64
C TRP A 186 -31.76 36.38 12.03
N VAL A 187 -31.08 37.17 12.87
CA VAL A 187 -31.53 37.40 14.23
C VAL A 187 -32.76 38.31 14.26
N GLY A 188 -33.06 39.00 13.18
CA GLY A 188 -34.26 39.79 13.08
C GLY A 188 -35.51 39.02 12.74
N GLY A 189 -35.40 37.70 12.56
CA GLY A 189 -36.52 36.85 12.22
C GLY A 189 -36.44 36.24 10.84
N GLY A 190 -35.61 36.77 9.96
CA GLY A 190 -35.50 36.23 8.62
C GLY A 190 -34.86 34.85 8.63
N ASP A 191 -35.32 33.99 7.72
CA ASP A 191 -34.87 32.61 7.67
C ASP A 191 -33.75 32.38 6.66
N PHE A 192 -33.81 33.07 5.52
CA PHE A 192 -33.01 32.74 4.36
C PHE A 192 -32.09 33.90 4.00
N VAL A 193 -30.80 33.60 3.82
CA VAL A 193 -29.86 34.60 3.33
C VAL A 193 -29.12 34.02 2.14
N ASN A 195 -26.15 34.59 -1.06
CA ASN A 195 -25.11 35.32 -1.77
C ASN A 195 -25.75 36.07 -2.93
N ASP A 196 -25.32 37.31 -3.15
CA ASP A 196 -25.62 37.94 -4.42
C ASP A 196 -24.98 37.14 -5.53
N GLU A 197 -25.61 37.15 -6.71
CA GLU A 197 -25.21 36.26 -7.80
C GLU A 197 -23.74 36.36 -8.22
N PRO A 198 -23.08 37.52 -8.26
CA PRO A 198 -21.65 37.51 -8.56
C PRO A 198 -20.74 37.39 -7.34
N GLN A 199 -21.28 37.16 -6.15
CA GLN A 199 -20.45 37.05 -4.95
C GLN A 199 -19.63 35.78 -5.00
N ALA A 200 -18.31 35.94 -5.00
CA ALA A 200 -17.38 34.84 -5.23
C ALA A 200 -16.10 35.14 -4.45
N ASN A 201 -15.02 34.46 -4.84
CA ASN A 201 -13.72 34.63 -4.18
C ASN A 201 -13.02 35.89 -4.69
N GLN A 202 -13.58 37.04 -4.33
CA GLN A 202 -12.93 38.31 -4.58
C GLN A 202 -11.82 38.53 -3.55
N ASP A 203 -10.83 39.35 -3.93
CA ASP A 203 -9.66 39.51 -3.07
C ASP A 203 -9.99 40.22 -1.76
N PHE A 204 -10.99 41.11 -1.76
CA PHE A 204 -11.38 41.80 -0.54
C PHE A 204 -12.40 41.02 0.28
N CYS A 205 -13.05 40.02 -0.31
CA CYS A 205 -13.97 39.13 0.40
C CYS A 205 -13.63 37.70 0.02
N PRO A 206 -12.56 37.14 0.61
CA PRO A 206 -12.13 35.78 0.26
C PRO A 206 -13.21 34.75 0.61
N TYR A 207 -13.32 33.74 -0.25
CA TYR A 207 -14.45 32.83 -0.16
C TYR A 207 -14.42 31.99 1.11
N ASP A 208 -13.24 31.46 1.46
CA ASP A 208 -13.13 30.65 2.67
C ASP A 208 -13.42 31.48 3.93
N LYS A 209 -12.90 32.71 3.98
CA LYS A 209 -13.20 33.59 5.11
C LYS A 209 -14.69 33.92 5.16
N MET A 210 -15.30 34.15 4.00
CA MET A 210 -16.74 34.42 3.96
C MET A 210 -17.54 33.24 4.47
N VAL A 211 -17.15 32.01 4.08
CA VAL A 211 -17.87 30.82 4.51
C VAL A 211 -17.74 30.63 6.01
N ARG A 212 -16.52 30.80 6.54
CA ARG A 212 -16.31 30.63 7.97
C ARG A 212 -17.06 31.69 8.78
N ASN A 213 -17.02 32.95 8.33
CA ASN A 213 -17.72 34.01 9.04
C ASN A 213 -19.22 33.82 8.96
N VAL A 214 -19.73 33.33 7.82
CA VAL A 214 -21.15 33.06 7.71
C VAL A 214 -21.56 31.92 8.62
N LYS A 215 -20.69 30.91 8.75
CA LYS A 215 -20.96 29.81 9.68
C LYS A 215 -21.05 30.31 11.11
N ALA A 216 -20.11 31.17 11.51
CA ALA A 216 -20.13 31.73 12.86
C ALA A 216 -21.36 32.61 13.09
N ALA A 217 -21.70 33.44 12.10
CA ALA A 217 -22.86 34.30 12.23
C ALA A 217 -24.16 33.49 12.30
N MET A 218 -24.26 32.43 11.50
CA MET A 218 -25.45 31.59 11.55
C MET A 218 -25.54 30.84 12.88
N ASP A 219 -24.40 30.40 13.41
CA ASP A 219 -24.40 29.77 14.73
C ASP A 219 -24.90 30.74 15.79
N LYS A 220 -24.39 31.97 15.77
CA LYS A 220 -24.82 32.97 16.74
C LYS A 220 -26.32 33.28 16.60
N ALA A 221 -26.79 33.43 15.37
CA ALA A 221 -28.20 33.74 15.15
C ALA A 221 -29.10 32.59 15.59
N VAL A 222 -28.68 31.36 15.31
CA VAL A 222 -29.47 30.19 15.72
C VAL A 222 -29.54 30.09 17.23
N LYS A 223 -28.41 30.31 17.92
CA LYS A 223 -28.44 30.27 19.38
C LYS A 223 -29.28 31.39 19.96
N GLU A 224 -29.21 32.58 19.37
CA GLU A 224 -29.94 33.71 19.93
C GLU A 224 -31.44 33.59 19.71
N THR A 225 -31.86 33.23 18.49
CA THR A 225 -33.28 33.17 18.16
C THR A 225 -33.93 31.83 18.50
N GLY A 226 -33.14 30.77 18.62
CA GLY A 226 -33.72 29.45 18.76
C GLY A 226 -34.39 28.93 17.51
N ASN A 227 -34.08 29.52 16.36
CA ASN A 227 -34.66 29.13 15.08
C ASN A 227 -33.54 28.83 14.10
N LYS A 228 -33.73 27.78 13.31
CA LYS A 228 -32.73 27.42 12.31
C LYS A 228 -32.69 28.46 11.19
N LYS A 229 -31.54 28.56 10.54
CA LYS A 229 -31.33 29.52 9.47
C LYS A 229 -30.65 28.85 8.30
N VAL A 230 -30.87 29.40 7.11
CA VAL A 230 -30.32 28.86 5.87
C VAL A 230 -29.58 29.97 5.13
N HIS A 231 -28.37 29.67 4.66
CA HIS A 231 -27.63 30.56 3.79
C HIS A 231 -27.39 29.86 2.45
N SER A 232 -27.67 30.58 1.36
CA SER A 232 -27.42 30.08 0.02
C SER A 232 -26.09 30.63 -0.47
N PHE A 233 -25.11 29.74 -0.66
CA PHE A 233 -23.78 30.13 -1.09
C PHE A 233 -23.67 30.06 -2.60
N ASN A 234 -23.19 31.15 -3.21
CA ASN A 234 -22.90 31.16 -4.63
C ASN A 234 -21.65 30.34 -4.90
N VAL A 235 -21.80 29.27 -5.67
CA VAL A 235 -20.69 28.39 -6.00
C VAL A 235 -20.31 28.47 -7.47
N SER A 236 -20.82 29.47 -8.19
CA SER A 236 -20.40 29.69 -9.57
C SER A 236 -18.93 30.08 -9.60
N ALA A 237 -18.13 29.34 -10.36
CA ALA A 237 -16.70 29.52 -10.41
C ALA A 237 -16.24 29.59 -11.86
N ALA A 238 -14.93 29.79 -12.04
CA ALA A 238 -14.37 29.77 -13.39
C ALA A 238 -14.50 28.40 -14.03
N ASP A 239 -14.27 27.34 -13.25
CA ASP A 239 -14.29 25.98 -13.76
C ASP A 239 -15.00 25.08 -12.77
N PHE A 240 -15.11 23.80 -13.12
CA PHE A 240 -15.74 22.83 -12.23
C PHE A 240 -14.95 22.67 -10.94
N ASP A 241 -13.62 22.63 -11.04
CA ASP A 241 -12.78 22.35 -9.88
C ASP A 241 -12.94 23.42 -8.81
N THR A 242 -13.00 24.68 -9.22
CA THR A 242 -13.22 25.76 -8.26
C THR A 242 -14.60 25.69 -7.64
N MET A 243 -15.62 25.35 -8.45
CA MET A 243 -16.98 25.25 -7.93
C MET A 243 -17.09 24.13 -6.89
N ILE A 244 -16.51 22.97 -7.18
CA ILE A 244 -16.56 21.86 -6.23
C ILE A 244 -15.68 22.14 -5.03
N GLU A 245 -14.57 22.86 -5.21
CA GLU A 245 -13.75 23.24 -4.06
C GLU A 245 -14.52 24.16 -3.13
N ARG A 246 -15.28 25.11 -3.68
CA ARG A 246 -16.09 25.98 -2.85
C ARG A 246 -17.24 25.22 -2.20
N CYS A 247 -17.84 24.27 -2.93
CA CYS A 247 -18.89 23.44 -2.36
C CYS A 247 -18.36 22.62 -1.18
N GLU A 248 -17.21 21.96 -1.37
CA GLU A 248 -16.62 21.17 -0.30
C GLU A 248 -16.19 22.05 0.88
N LEU A 249 -15.74 23.27 0.59
CA LEU A 249 -15.44 24.23 1.64
C LEU A 249 -16.68 24.53 2.48
N ILE A 250 -17.83 24.69 1.82
CA ILE A 250 -19.08 24.89 2.55
C ILE A 250 -19.42 23.64 3.35
N ARG A 251 -19.26 22.46 2.75
CA ARG A 251 -19.61 21.21 3.44
C ARG A 251 -18.72 20.97 4.64
N ASN A 252 -17.41 21.24 4.52
CA ASN A 252 -16.45 21.02 5.59
C ASN A 252 -16.28 22.25 6.48
N ALA A 253 -17.28 23.14 6.51
CA ALA A 253 -17.21 24.32 7.37
C ALA A 253 -17.14 23.96 8.85
N GLY A 254 -18.08 23.13 9.35
CA GLY A 254 -19.22 22.47 8.76
C GLY A 254 -20.57 22.89 9.28
N PHE A 255 -21.43 23.33 8.37
CA PHE A 255 -22.79 23.72 8.73
C PHE A 255 -23.63 22.50 9.07
N GLU A 256 -24.76 22.76 9.74
CA GLU A 256 -25.76 21.72 9.88
C GLU A 256 -26.33 21.34 8.52
N PRO A 257 -26.59 20.07 8.27
CA PRO A 257 -27.20 19.67 6.99
C PRO A 257 -28.57 20.30 6.81
N GLY A 258 -28.75 20.99 5.70
CA GLY A 258 -29.96 21.73 5.42
C GLY A 258 -29.84 23.23 5.66
N SER A 259 -28.82 23.67 6.39
CA SER A 259 -28.65 25.09 6.68
C SER A 259 -27.96 25.85 5.56
N TYR A 260 -27.45 25.16 4.54
CA TYR A 260 -26.79 25.82 3.42
C TYR A 260 -27.38 25.32 2.11
N ALA A 261 -27.46 26.23 1.15
CA ALA A 261 -27.87 25.92 -0.21
C ALA A 261 -26.76 26.32 -1.17
N PHE A 262 -26.69 25.63 -2.30
CA PHE A 262 -25.71 25.91 -3.35
C PHE A 262 -26.37 26.77 -4.41
N LEU A 263 -25.95 28.02 -4.51
CA LEU A 263 -26.45 28.93 -5.53
C LEU A 263 -25.54 28.89 -6.75
N ILE A 264 -26.14 28.71 -7.92
CA ILE A 264 -25.40 28.66 -9.18
C ILE A 264 -26.04 29.64 -10.15
N ASP A 265 -25.21 30.42 -10.83
CA ASP A 265 -25.69 31.29 -11.91
C ASP A 265 -25.95 30.41 -13.12
N GLY A 266 -27.20 29.99 -13.29
CA GLY A 266 -27.51 28.97 -14.27
C GLY A 266 -27.26 29.41 -15.71
N ILE A 267 -27.63 30.66 -16.04
CA ILE A 267 -27.46 31.13 -17.40
C ILE A 267 -25.99 31.32 -17.74
N THR A 268 -25.25 31.98 -16.85
CA THR A 268 -23.85 32.33 -17.15
C THR A 268 -22.92 31.15 -16.89
N ALA A 269 -22.98 30.57 -15.68
CA ALA A 269 -22.13 29.42 -15.38
C ALA A 269 -22.49 28.21 -16.23
N GLY A 270 -23.76 28.07 -16.60
CA GLY A 270 -24.17 27.03 -17.51
C GLY A 270 -25.06 25.96 -16.91
N TRP A 271 -25.86 25.33 -17.76
CA TRP A 271 -26.73 24.23 -17.32
C TRP A 271 -25.93 23.01 -16.88
N MET A 272 -24.71 22.85 -17.40
CA MET A 272 -23.84 21.77 -16.93
C MET A 272 -23.51 21.93 -15.46
N ALA A 273 -23.24 23.16 -15.03
CA ALA A 273 -22.97 23.40 -13.62
C ALA A 273 -24.18 23.07 -12.75
N VAL A 274 -25.37 23.44 -13.21
CA VAL A 274 -26.60 23.16 -12.46
C VAL A 274 -26.80 21.66 -12.32
N GLN A 275 -26.66 20.92 -13.43
CA GLN A 275 -26.83 19.47 -13.38
C GLN A 275 -25.76 18.81 -12.53
N THR A 276 -24.51 19.30 -12.61
CA THR A 276 -23.43 18.74 -11.80
C THR A 276 -23.69 18.97 -10.31
N LEU A 277 -24.15 20.17 -9.95
CA LEU A 277 -24.47 20.44 -8.55
C LEU A 277 -25.64 19.58 -8.07
N ARG A 278 -26.65 19.40 -8.93
CA ARG A 278 -27.79 18.56 -8.55
C ARG A 278 -27.36 17.11 -8.34
N ARG A 279 -26.53 16.57 -9.22
CA ARG A 279 -26.14 15.17 -9.12
C ARG A 279 -25.14 14.93 -7.99
N LYS A 280 -24.15 15.82 -7.84
CA LYS A 280 -23.15 15.64 -6.80
C LYS A 280 -23.73 15.86 -5.41
N TYR A 281 -24.68 16.77 -5.28
CA TYR A 281 -25.26 17.14 -3.99
C TYR A 281 -26.78 17.10 -4.07
N PRO A 282 -27.37 15.89 -4.19
CA PRO A 282 -28.84 15.80 -4.21
C PRO A 282 -29.49 16.18 -2.89
N ASP A 283 -28.75 16.17 -1.79
CA ASP A 283 -29.28 16.52 -0.48
C ASP A 283 -29.17 18.01 -0.18
N VAL A 284 -28.69 18.82 -1.12
CA VAL A 284 -28.51 20.24 -0.94
C VAL A 284 -29.47 21.00 -1.84
N PHE A 285 -30.11 22.02 -1.29
CA PHE A 285 -30.96 22.91 -2.08
C PHE A 285 -30.14 23.60 -3.17
N ILE A 286 -30.44 23.29 -4.42
CA ILE A 286 -29.75 23.88 -5.55
C ILE A 286 -30.48 25.16 -5.94
N HIS A 287 -29.85 26.30 -5.68
CA HIS A 287 -30.44 27.61 -5.91
C HIS A 287 -30.05 28.03 -7.33
N PHE A 288 -31.00 27.93 -8.26
CA PHE A 288 -30.80 28.39 -9.62
C PHE A 288 -30.98 29.90 -9.64
N HIS A 289 -29.87 30.62 -9.83
CA HIS A 289 -29.95 32.04 -10.13
C HIS A 289 -29.91 32.23 -11.64
N ARG A 290 -30.89 32.96 -12.17
CA ARG A 290 -31.10 33.08 -13.60
C ARG A 290 -30.53 34.38 -14.17
N ALA A 291 -29.44 34.88 -13.59
CA ALA A 291 -28.84 36.13 -14.05
C ALA A 291 -28.38 36.01 -15.50
N GLY A 292 -28.76 37.00 -16.31
CA GLY A 292 -28.54 36.94 -17.74
C GLY A 292 -29.68 36.35 -18.54
N HIS A 293 -30.76 35.92 -17.89
CA HIS A 293 -31.88 35.29 -18.59
C HIS A 293 -32.66 36.27 -19.46
N GLY A 294 -32.50 37.58 -19.23
CA GLY A 294 -33.40 38.56 -19.80
C GLY A 294 -33.42 38.57 -21.31
N SER A 295 -32.23 38.45 -21.93
CA SER A 295 -32.15 38.40 -23.40
C SER A 295 -32.91 37.21 -23.96
N PHE A 296 -32.99 36.12 -23.20
CA PHE A 296 -33.85 35.01 -23.60
C PHE A 296 -35.32 35.34 -23.37
N THR A 297 -35.65 35.94 -22.22
CA THR A 297 -37.01 35.94 -21.72
C THR A 297 -37.72 37.28 -21.79
N ARG A 298 -37.01 38.37 -22.04
CA ARG A 298 -37.63 39.69 -22.04
C ARG A 298 -38.66 39.80 -23.16
N PRO A 299 -39.87 40.30 -22.88
CA PRO A 299 -40.87 40.46 -23.96
C PRO A 299 -40.44 41.40 -25.06
N GLU A 300 -39.59 42.38 -24.74
CA GLU A 300 -39.07 43.27 -25.78
C GLU A 300 -38.19 42.52 -26.77
N ASN A 301 -37.59 41.41 -26.35
CA ASN A 301 -36.76 40.59 -27.24
C ASN A 301 -37.64 39.61 -28.00
N PRO A 302 -37.76 39.76 -29.32
CA PRO A 302 -38.59 38.82 -30.09
C PRO A 302 -38.02 37.42 -30.18
N ILE A 303 -36.72 37.25 -29.93
CA ILE A 303 -36.04 35.96 -30.09
C ILE A 303 -35.58 35.48 -28.72
N GLY A 304 -35.98 34.26 -28.37
CA GLY A 304 -35.60 33.67 -27.10
C GLY A 304 -36.61 32.61 -26.69
N PHE A 305 -36.75 32.45 -25.37
CA PHE A 305 -37.76 31.56 -24.81
C PHE A 305 -38.36 32.22 -23.58
N SER A 306 -39.58 31.81 -23.25
CA SER A 306 -40.32 32.43 -22.17
C SER A 306 -39.72 32.07 -20.82
N VAL A 307 -40.13 32.81 -19.79
CA VAL A 307 -39.73 32.51 -18.42
C VAL A 307 -40.27 31.15 -17.99
N LEU A 308 -41.47 30.80 -18.48
CA LEU A 308 -42.06 29.51 -18.16
C LEU A 308 -41.20 28.35 -18.66
N VAL A 309 -40.69 28.47 -19.89
CA VAL A 309 -39.83 27.42 -20.44
C VAL A 309 -38.55 27.29 -19.63
N LEU A 310 -37.95 28.43 -19.26
CA LEU A 310 -36.74 28.41 -18.46
C LEU A 310 -36.98 27.76 -17.10
N SER A 311 -38.10 28.08 -16.47
CA SER A 311 -38.43 27.47 -15.18
C SER A 311 -38.66 25.97 -15.32
N LYS A 312 -39.35 25.56 -16.39
CA LYS A 312 -39.58 24.14 -16.61
C LYS A 312 -38.28 23.39 -16.83
N PHE A 313 -37.37 23.95 -17.61
CA PHE A 313 -36.10 23.29 -17.84
C PHE A 313 -35.22 23.29 -16.59
N ALA A 314 -35.32 24.34 -15.77
CA ALA A 314 -34.61 24.33 -14.48
C ALA A 314 -35.14 23.24 -13.57
N ARG A 315 -36.47 23.07 -13.54
CA ARG A 315 -37.06 21.98 -12.76
C ARG A 315 -36.62 20.62 -13.28
N LEU A 316 -36.56 20.48 -14.61
CA LEU A 316 -36.09 19.23 -15.21
C LEU A 316 -34.64 18.95 -14.85
N ALA A 317 -33.80 19.99 -14.86
CA ALA A 317 -32.37 19.82 -14.62
C ALA A 317 -32.04 19.47 -13.17
N GLY A 318 -32.99 19.60 -12.25
CA GLY A 318 -32.76 19.25 -10.87
C GLY A 318 -32.58 20.42 -9.92
N ALA A 319 -32.78 21.66 -10.38
CA ALA A 319 -32.68 22.80 -9.49
C ALA A 319 -33.77 22.74 -8.42
N SER A 320 -33.37 22.93 -7.16
CA SER A 320 -34.34 22.93 -6.07
C SER A 320 -35.23 24.16 -6.13
N GLY A 321 -34.70 25.29 -6.58
CA GLY A 321 -35.48 26.50 -6.72
C GLY A 321 -34.85 27.42 -7.74
N ILE A 322 -35.67 28.27 -8.33
CA ILE A 322 -35.22 29.22 -9.34
C ILE A 322 -36.01 30.51 -9.19
N HIS A 323 -35.34 31.64 -9.43
CA HIS A 323 -36.03 32.92 -9.43
C HIS A 323 -37.05 32.94 -10.56
N THR A 324 -38.24 33.47 -10.26
CA THR A 324 -39.33 33.50 -11.22
C THR A 324 -39.82 34.89 -11.57
N GLY A 325 -39.53 35.89 -10.74
CA GLY A 325 -39.95 37.24 -11.03
C GLY A 325 -41.05 37.70 -10.09
N THR A 326 -41.11 39.01 -9.88
CA THR A 326 -42.10 39.63 -9.02
C THR A 326 -43.41 39.93 -9.73
N ALA A 327 -43.53 39.53 -11.01
CA ALA A 327 -44.75 39.74 -11.79
C ALA A 327 -45.04 41.24 -11.96
N GLY A 328 -43.98 42.03 -12.13
CA GLY A 328 -44.12 43.45 -12.31
C GLY A 328 -44.24 44.26 -11.04
N VAL A 329 -44.42 43.62 -9.89
CA VAL A 329 -44.50 44.35 -8.63
C VAL A 329 -43.13 44.92 -8.27
N GLY A 330 -42.07 44.15 -8.50
CA GLY A 330 -40.72 44.57 -8.21
C GLY A 330 -40.12 45.39 -9.33
N LYS A 331 -38.79 45.42 -9.36
CA LYS A 331 -38.04 46.19 -10.34
C LYS A 331 -37.73 45.41 -11.61
N MET A 332 -38.08 44.13 -11.67
CA MET A 332 -37.76 43.29 -12.82
C MET A 332 -38.98 43.11 -13.70
N GLN A 333 -38.76 43.16 -15.01
CA GLN A 333 -39.81 43.01 -16.00
C GLN A 333 -40.42 41.61 -15.94
N GLY A 334 -41.70 41.51 -16.28
CA GLY A 334 -42.56 42.68 -16.42
C GLY A 334 -44.04 42.57 -16.13
N SER A 335 -44.54 41.39 -15.78
CA SER A 335 -45.98 41.18 -15.75
C SER A 335 -46.29 39.91 -14.98
N PRO A 336 -47.54 39.72 -14.55
CA PRO A 336 -47.92 38.51 -13.82
C PRO A 336 -48.15 37.30 -14.72
N GLU A 337 -48.59 37.54 -15.97
CA GLU A 337 -48.98 36.44 -16.85
C GLU A 337 -47.82 35.51 -17.16
N GLU A 338 -46.59 36.00 -17.14
CA GLU A 338 -45.42 35.15 -17.33
C GLU A 338 -44.90 34.60 -16.01
N ASP A 339 -44.64 35.49 -15.04
CA ASP A 339 -43.96 35.11 -13.82
C ASP A 339 -44.82 34.19 -12.96
N VAL A 340 -46.08 34.56 -12.73
CA VAL A 340 -46.95 33.76 -11.87
C VAL A 340 -47.26 32.42 -12.53
N VAL A 341 -47.43 32.42 -13.86
CA VAL A 341 -47.69 31.17 -14.56
C VAL A 341 -46.49 30.23 -14.45
N ALA A 342 -45.28 30.78 -14.62
CA ALA A 342 -44.08 29.95 -14.47
C ALA A 342 -43.94 29.42 -13.05
N ALA A 343 -44.20 30.28 -12.05
CA ALA A 343 -44.10 29.84 -10.66
C ALA A 343 -45.11 28.75 -10.34
N GLN A 344 -46.34 28.88 -10.82
CA GLN A 344 -47.34 27.84 -10.60
C GLN A 344 -46.96 26.55 -11.33
N ASN A 345 -46.39 26.66 -12.53
CA ASN A 345 -46.01 25.47 -13.27
C ASN A 345 -44.87 24.73 -12.60
N ILE A 346 -43.92 25.45 -12.02
CA ILE A 346 -42.80 24.78 -11.34
C ILE A 346 -43.13 24.37 -9.91
N LEU A 347 -44.18 24.94 -9.31
CA LEU A 347 -44.55 24.60 -7.95
C LEU A 347 -45.64 23.53 -7.88
N ARG A 348 -46.43 23.37 -8.94
CA ARG A 348 -47.60 22.50 -8.91
C ARG A 348 -47.30 21.15 -9.53
N PHE A 349 -48.08 20.14 -9.10
CA PHE A 349 -48.04 18.83 -9.74
C PHE A 349 -48.64 18.86 -11.14
N LYS A 350 -49.47 19.86 -11.44
CA LYS A 350 -50.12 19.98 -12.74
C LYS A 350 -50.60 21.41 -12.90
N ASP A 351 -50.29 22.03 -14.05
CA ASP A 351 -50.63 23.42 -14.29
C ASP A 351 -51.18 23.55 -15.71
N LYS A 352 -51.48 24.79 -16.12
CA LYS A 352 -52.32 24.99 -17.31
C LYS A 352 -51.58 24.62 -18.59
N GLY A 353 -50.46 25.27 -18.91
CA GLY A 353 -49.79 26.46 -18.41
C GLY A 353 -50.05 27.59 -19.38
N HIS A 354 -49.09 27.85 -20.27
CA HIS A 354 -49.33 28.79 -21.37
C HIS A 354 -50.11 28.13 -22.50
N PHE A 355 -49.60 27.01 -23.01
CA PHE A 355 -50.26 26.27 -24.08
C PHE A 355 -50.40 24.77 -23.83
N PHE A 356 -49.55 24.17 -23.01
CA PHE A 356 -49.59 22.74 -22.77
C PHE A 356 -50.01 22.45 -21.34
N GLU A 357 -50.87 21.45 -21.17
CA GLU A 357 -51.22 20.94 -19.85
C GLU A 357 -50.11 20.01 -19.39
N GLN A 358 -49.24 20.52 -18.51
CA GLN A 358 -48.06 19.77 -18.06
C GLN A 358 -48.36 19.12 -16.72
N GLU A 359 -48.57 17.81 -16.75
CA GLU A 359 -48.55 17.00 -15.54
C GLU A 359 -47.14 16.45 -15.36
N TRP A 360 -46.55 16.74 -14.20
CA TRP A 360 -45.18 16.30 -13.92
C TRP A 360 -45.13 14.88 -13.34
N SER A 361 -46.20 14.11 -13.53
CA SER A 361 -46.21 12.70 -13.15
C SER A 361 -45.47 11.87 -14.19
N LYS A 362 -44.77 10.83 -13.71
CA LYS A 362 -44.09 9.88 -14.58
C LYS A 362 -44.84 8.56 -14.68
N ILE A 363 -46.09 8.52 -14.22
CA ILE A 363 -46.90 7.30 -14.21
C ILE A 363 -48.05 7.47 -15.18
N PHE A 364 -48.92 6.46 -15.24
CA PHE A 364 -50.05 6.45 -16.18
C PHE A 364 -50.95 7.66 -16.00
N GLU A 365 -51.57 8.09 -17.11
CA GLU A 365 -52.30 9.35 -17.13
C GLU A 365 -53.51 9.32 -16.21
N GLY A 366 -54.24 8.21 -16.19
CA GLY A 366 -55.47 8.13 -15.44
C GLY A 366 -55.36 7.35 -14.14
N ASP A 367 -54.15 7.25 -13.61
CA ASP A 367 -53.92 6.49 -12.38
C ASP A 367 -54.63 7.14 -11.21
N LYS A 368 -55.30 6.33 -10.38
CA LYS A 368 -56.01 6.86 -9.22
C LYS A 368 -55.04 7.47 -8.22
N ASP A 369 -53.86 6.86 -8.06
CA ASP A 369 -52.85 7.43 -7.18
C ASP A 369 -52.36 8.77 -7.71
N ALA A 370 -52.28 8.93 -9.03
CA ALA A 370 -51.93 10.24 -9.59
C ALA A 370 -52.99 11.28 -9.26
N ILE A 371 -54.27 10.90 -9.33
CA ILE A 371 -55.35 11.82 -8.98
C ILE A 371 -55.27 12.20 -7.51
N THR A 372 -54.99 11.23 -6.64
CA THR A 372 -54.85 11.52 -5.22
C THR A 372 -53.66 12.45 -4.95
N ILE A 373 -52.55 12.22 -5.66
CA ILE A 373 -51.37 13.08 -5.50
C ILE A 373 -51.67 14.49 -5.97
N ALA A 374 -52.40 14.63 -7.09
CA ALA A 374 -52.77 15.95 -7.57
C ALA A 374 -53.68 16.66 -6.59
N GLN A 375 -54.65 15.94 -6.02
CA GLN A 375 -55.54 16.55 -5.03
C GLN A 375 -54.78 16.97 -3.78
N ALA A 376 -53.82 16.14 -3.34
CA ALA A 376 -53.00 16.50 -2.18
C ALA A 376 -52.12 17.71 -2.47
N ASP A 377 -51.57 17.78 -3.68
CA ASP A 377 -50.74 18.92 -4.06
C ASP A 377 -51.56 20.20 -4.12
N THR A 378 -52.80 20.11 -4.62
CA THR A 378 -53.68 21.27 -4.60
C THR A 378 -54.03 21.69 -3.18
N ALA A 379 -54.11 20.73 -2.26
CA ALA A 379 -54.38 21.01 -0.86
C ALA A 379 -53.13 21.40 -0.08
N ARG A 380 -51.99 21.54 -0.75
CA ARG A 380 -50.72 22.00 -0.17
C ARG A 380 -50.11 20.98 0.78
N HIS A 381 -50.42 19.70 0.62
CA HIS A 381 -49.74 18.65 1.36
C HIS A 381 -48.48 18.24 0.62
N VAL A 382 -47.50 17.74 1.38
CA VAL A 382 -46.24 17.29 0.78
C VAL A 382 -46.50 16.01 0.01
N ILE A 383 -46.06 15.97 -1.24
CA ILE A 383 -46.26 14.83 -2.12
C ILE A 383 -44.89 14.33 -2.59
N LEU A 384 -44.90 13.11 -3.13
CA LEU A 384 -43.71 12.50 -3.73
C LEU A 384 -42.61 12.24 -2.70
N GLU A 385 -42.98 12.07 -1.43
CA GLU A 385 -41.99 11.77 -0.41
C GLU A 385 -41.62 10.29 -0.42
N ASP A 386 -42.60 9.42 -0.19
CA ASP A 386 -42.40 7.98 -0.24
C ASP A 386 -42.64 7.40 -1.63
N ASP A 387 -43.07 8.21 -2.59
CA ASP A 387 -43.41 7.79 -3.94
C ASP A 387 -42.77 8.70 -4.97
N SER A 388 -41.47 8.95 -4.82
CA SER A 388 -40.76 9.86 -5.70
C SER A 388 -40.69 9.36 -7.15
N TRP A 389 -40.93 8.07 -7.38
CA TRP A 389 -40.97 7.56 -8.75
C TRP A 389 -42.14 8.15 -9.53
N ARG A 390 -43.21 8.54 -8.83
CA ARG A 390 -44.46 8.91 -9.49
C ARG A 390 -44.32 10.18 -10.33
N GLY A 391 -43.51 11.13 -9.90
CA GLY A 391 -43.46 12.39 -10.62
C GLY A 391 -42.25 13.22 -10.24
N VAL A 392 -42.11 14.35 -10.92
CA VAL A 392 -41.00 15.27 -10.69
C VAL A 392 -41.31 16.11 -9.46
N LYS A 393 -40.34 16.23 -8.57
CA LYS A 393 -40.50 17.08 -7.40
C LYS A 393 -40.64 18.54 -7.81
N LYS A 394 -41.36 19.30 -6.99
CA LYS A 394 -41.62 20.70 -7.30
C LYS A 394 -40.33 21.52 -7.22
N CYS A 395 -40.25 22.54 -8.06
CA CYS A 395 -39.17 23.52 -8.02
C CYS A 395 -39.68 24.78 -7.35
N CYS A 396 -39.00 25.20 -6.29
CA CYS A 396 -39.47 26.32 -5.49
C CYS A 396 -39.28 27.64 -6.22
N PRO A 397 -40.33 28.42 -6.44
CA PRO A 397 -40.14 29.77 -6.95
C PRO A 397 -39.40 30.64 -5.93
N ILE A 398 -38.54 31.51 -6.43
CA ILE A 398 -37.82 32.46 -5.60
C ILE A 398 -38.13 33.85 -6.12
N ILE A 399 -38.64 34.71 -5.24
CA ILE A 399 -39.18 36.01 -5.62
C ILE A 399 -38.21 37.08 -5.13
N SER A 400 -37.61 37.80 -6.08
CA SER A 400 -36.64 38.83 -5.74
C SER A 400 -36.67 39.91 -6.81
N GLY A 401 -36.12 41.07 -6.45
CA GLY A 401 -35.97 42.17 -7.39
C GLY A 401 -36.85 43.35 -7.08
N GLY A 402 -36.29 44.37 -6.44
CA GLY A 402 -37.04 45.58 -6.11
C GLY A 402 -38.20 45.35 -5.18
N LEU A 403 -38.06 44.42 -4.23
CA LEU A 403 -39.14 44.08 -3.31
C LEU A 403 -38.85 44.65 -1.93
N ASN A 404 -39.84 45.33 -1.36
CA ASN A 404 -39.82 45.79 0.01
C ASN A 404 -40.98 45.13 0.74
N PRO A 405 -41.08 45.26 2.06
CA PRO A 405 -42.21 44.64 2.78
C PRO A 405 -43.57 45.17 2.35
N THR A 406 -43.64 46.44 1.94
CA THR A 406 -44.91 47.02 1.51
C THR A 406 -45.48 46.31 0.29
N LEU A 407 -44.63 45.73 -0.54
CA LEU A 407 -45.06 44.98 -1.72
C LEU A 407 -45.20 43.49 -1.43
N LEU A 408 -45.04 43.06 -0.18
CA LEU A 408 -45.19 41.64 0.13
C LEU A 408 -46.63 41.18 -0.08
N LYS A 409 -47.59 41.93 0.45
CA LYS A 409 -49.00 41.59 0.26
C LYS A 409 -49.45 41.61 -1.19
N PRO A 410 -49.14 42.64 -2.00
CA PRO A 410 -49.60 42.64 -3.40
C PRO A 410 -49.12 41.45 -4.23
N PHE A 411 -47.85 41.04 -4.10
CA PHE A 411 -47.34 39.94 -4.90
C PHE A 411 -48.07 38.64 -4.58
N ILE A 412 -48.34 38.39 -3.30
CA ILE A 412 -49.14 37.23 -2.93
C ILE A 412 -50.53 37.33 -3.54
N ASP A 413 -51.08 38.55 -3.61
CA ASP A 413 -52.35 38.77 -4.29
C ASP A 413 -52.27 38.38 -5.76
N VAL A 414 -51.08 38.54 -6.37
CA VAL A 414 -50.86 38.02 -7.70
C VAL A 414 -50.36 36.57 -7.67
N MET A 415 -49.72 36.14 -6.59
CA MET A 415 -49.14 34.80 -6.57
C MET A 415 -50.20 33.73 -6.37
N GLY A 416 -51.22 34.01 -5.56
CA GLY A 416 -52.25 33.03 -5.28
C GLY A 416 -51.88 31.98 -4.26
N ASN A 417 -50.71 32.09 -3.63
CA ASN A 417 -50.25 31.14 -2.64
C ASN A 417 -49.02 31.72 -1.96
N ILE A 418 -48.52 31.02 -0.95
CA ILE A 418 -47.38 31.48 -0.17
C ILE A 418 -46.29 30.42 -0.16
N ASP A 419 -46.25 29.59 -1.21
CA ASP A 419 -45.24 28.53 -1.33
C ASP A 419 -44.10 29.05 -2.19
N PHE A 420 -43.28 29.90 -1.59
CA PHE A 420 -42.14 30.48 -2.30
C PHE A 420 -41.15 31.04 -1.29
N ILE A 421 -39.92 31.21 -1.74
CA ILE A 421 -38.89 31.92 -0.98
C ILE A 421 -38.81 33.34 -1.54
N THR A 422 -38.96 34.33 -0.66
CA THR A 422 -38.90 35.74 -1.05
C THR A 422 -37.65 36.35 -0.44
N THR A 423 -36.79 36.91 -1.29
CA THR A 423 -35.57 37.58 -0.86
C THR A 423 -35.66 39.05 -1.20
N MET A 424 -35.43 39.91 -0.22
CA MET A 424 -35.48 41.36 -0.40
C MET A 424 -34.13 41.95 0.02
N GLY A 425 -33.33 42.34 -0.96
CA GLY A 425 -32.06 42.96 -0.66
C GLY A 425 -32.19 44.41 -0.27
N ALA A 426 -32.70 45.24 -1.18
CA ALA A 426 -32.94 46.64 -0.88
C ALA A 426 -34.17 46.86 -0.02
N GLY A 427 -35.09 45.89 0.02
CA GLY A 427 -36.27 46.02 0.85
C GLY A 427 -35.97 46.01 2.34
N CYS A 428 -34.85 45.42 2.74
CA CYS A 428 -34.45 45.36 4.15
C CYS A 428 -33.20 46.16 4.45
N HIS A 429 -32.14 46.00 3.64
CA HIS A 429 -30.89 46.69 3.92
C HIS A 429 -30.98 48.18 3.67
N ALA A 430 -31.91 48.64 2.84
CA ALA A 430 -32.16 50.06 2.64
C ALA A 430 -33.14 50.63 3.65
N HIS A 431 -33.62 49.81 4.58
CA HIS A 431 -34.45 50.31 5.66
C HIS A 431 -33.66 51.31 6.50
N PRO A 432 -34.24 52.44 6.90
CA PRO A 432 -33.46 53.48 7.59
C PRO A 432 -32.92 53.06 8.95
N LYS A 433 -33.47 52.01 9.56
CA LYS A 433 -33.06 51.59 10.90
C LYS A 433 -32.23 50.32 10.89
N GLY A 434 -31.57 50.00 9.77
CA GLY A 434 -30.64 48.89 9.71
C GLY A 434 -31.25 47.61 9.17
N THR A 435 -30.37 46.63 8.97
CA THR A 435 -30.78 45.34 8.42
C THR A 435 -31.74 44.60 9.34
N THR A 436 -31.48 44.64 10.65
CA THR A 436 -32.38 43.98 11.60
C THR A 436 -33.75 44.64 11.61
N ALA A 437 -33.78 45.97 11.53
CA ALA A 437 -35.06 46.68 11.43
C ALA A 437 -35.80 46.32 10.15
N GLY A 438 -35.07 46.20 9.03
CA GLY A 438 -35.71 45.79 7.79
C GLY A 438 -36.27 44.38 7.86
N ALA A 439 -35.52 43.46 8.46
CA ALA A 439 -36.01 42.09 8.63
C ALA A 439 -37.24 42.05 9.54
N LYS A 440 -37.22 42.85 10.61
CA LYS A 440 -38.39 42.92 11.49
C LYS A 440 -39.59 43.50 10.76
N ALA A 441 -39.38 44.51 9.92
CA ALA A 441 -40.47 45.07 9.13
C ALA A 441 -41.02 44.05 8.14
N LEU A 442 -40.15 43.25 7.52
CA LEU A 442 -40.61 42.21 6.61
C LEU A 442 -41.42 41.15 7.34
N VAL A 443 -40.96 40.73 8.52
CA VAL A 443 -41.70 39.75 9.31
C VAL A 443 -43.03 40.33 9.77
N GLN A 444 -43.05 41.63 10.10
CA GLN A 444 -44.29 42.29 10.49
C GLN A 444 -45.29 42.35 9.34
N ALA A 445 -44.80 42.64 8.13
CA ALA A 445 -45.68 42.64 6.96
C ALA A 445 -46.21 41.24 6.69
N CYS A 446 -45.35 40.22 6.84
CA CYS A 446 -45.81 38.84 6.65
C CYS A 446 -46.87 38.46 7.67
N GLU A 447 -46.68 38.86 8.93
CA GLU A 447 -47.67 38.58 9.96
C GLU A 447 -48.96 39.34 9.70
N ALA A 448 -48.87 40.57 9.20
CA ALA A 448 -50.06 41.34 8.86
C ALA A 448 -50.84 40.67 7.74
N TYR A 449 -50.14 40.15 6.73
CA TYR A 449 -50.82 39.40 5.67
C TYR A 449 -51.45 38.12 6.22
N GLN A 450 -50.74 37.42 7.11
CA GLN A 450 -51.26 36.17 7.65
C GLN A 450 -52.50 36.42 8.51
N LYS A 451 -52.52 37.51 9.27
CA LYS A 451 -53.67 37.84 10.11
C LYS A 451 -54.72 38.64 9.37
N GLY A 452 -54.48 39.04 8.12
CA GLY A 452 -55.40 39.84 7.37
C GLY A 452 -55.41 41.32 7.71
N ILE A 453 -54.50 41.77 8.58
CA ILE A 453 -54.43 43.18 8.95
C ILE A 453 -53.70 43.94 7.87
N ASP A 454 -54.26 45.08 7.46
CA ASP A 454 -53.58 45.95 6.51
C ASP A 454 -52.29 46.48 7.13
N ILE A 455 -51.28 46.68 6.28
CA ILE A 455 -49.95 47.07 6.76
C ILE A 455 -49.99 48.44 7.43
N LYS A 456 -50.82 49.36 6.93
CA LYS A 456 -50.95 50.66 7.58
C LYS A 456 -51.53 50.52 8.98
N GLU A 457 -52.55 49.69 9.14
CA GLU A 457 -53.10 49.44 10.47
C GLU A 457 -52.10 48.68 11.34
N TYR A 458 -51.40 47.71 10.77
CA TYR A 458 -50.47 46.88 11.54
C TYR A 458 -49.28 47.68 12.04
N ALA A 459 -48.82 48.67 11.26
CA ALA A 459 -47.62 49.43 11.62
C ALA A 459 -47.85 50.37 12.79
N LYS A 460 -49.10 50.61 13.21
CA LYS A 460 -49.36 51.48 14.35
C LYS A 460 -48.77 50.92 15.63
N THR A 461 -48.69 49.59 15.76
CA THR A 461 -48.09 48.94 16.91
C THR A 461 -46.74 48.30 16.59
N HIS A 462 -46.20 48.57 15.39
CA HIS A 462 -44.94 47.96 14.96
C HIS A 462 -44.13 49.05 14.26
N LYS A 463 -43.09 49.54 14.95
CA LYS A 463 -42.35 50.71 14.47
C LYS A 463 -41.58 50.40 13.19
N GLU A 464 -41.00 49.21 13.08
CA GLU A 464 -40.20 48.87 11.91
C GLU A 464 -41.06 48.84 10.64
N LEU A 465 -42.26 48.27 10.73
CA LEU A 465 -43.15 48.25 9.58
C LEU A 465 -43.56 49.66 9.16
N GLU A 466 -43.85 50.52 10.14
CA GLU A 466 -44.22 51.90 9.83
C GLU A 466 -43.06 52.65 9.18
N GLU A 467 -41.85 52.46 9.68
CA GLU A 467 -40.69 53.10 9.08
C GLU A 467 -40.44 52.60 7.67
N ALA A 468 -40.62 51.30 7.44
CA ALA A 468 -40.47 50.74 6.10
C ALA A 468 -41.52 51.32 5.15
N ILE A 469 -42.76 51.47 5.63
CA ILE A 469 -43.82 52.05 4.80
C ILE A 469 -43.50 53.51 4.47
N GLU A 470 -43.01 54.25 5.46
CA GLU A 470 -42.68 55.66 5.23
C GLU A 470 -41.53 55.81 4.25
N PHE A 471 -40.50 54.96 4.35
CA PHE A 471 -39.35 55.08 3.46
C PHE A 471 -39.65 54.57 2.06
N PHE A 472 -40.41 53.49 1.94
CA PHE A 472 -40.60 52.80 0.66
C PHE A 472 -41.82 53.28 -0.11
N THR A 473 -42.57 54.25 0.42
CA THR A 473 -43.71 54.81 -0.29
C THR A 473 -43.33 56.05 -1.10
N LYS A 474 -42.07 56.47 -1.06
CA LYS A 474 -41.62 57.63 -1.83
C LYS A 474 -40.25 57.35 -2.45
N THR B 7 -25.05 67.56 -17.82
CA THR B 7 -25.27 68.68 -16.91
C THR B 7 -26.65 68.62 -16.29
N GLN B 8 -27.68 68.82 -17.13
CA GLN B 8 -29.06 68.74 -16.64
C GLN B 8 -29.38 67.33 -16.18
N LEU B 9 -28.95 66.32 -16.93
CA LEU B 9 -29.20 64.93 -16.55
C LEU B 9 -28.51 64.59 -15.23
N ILE B 10 -27.33 65.17 -15.00
CA ILE B 10 -26.65 64.99 -13.71
C ILE B 10 -27.48 65.60 -12.59
N LYS B 11 -28.10 66.75 -12.84
CA LYS B 11 -28.96 67.38 -11.84
C LYS B 11 -30.24 66.59 -11.62
N THR B 12 -30.69 65.82 -12.61
CA THR B 12 -31.87 64.99 -12.40
C THR B 12 -31.61 63.78 -11.51
N LEU B 13 -30.33 63.43 -11.29
CA LEU B 13 -30.01 62.26 -10.51
C LEU B 13 -30.26 62.49 -9.02
N ASN B 14 -30.68 61.44 -8.33
CA ASN B 14 -30.83 61.48 -6.88
C ASN B 14 -29.49 61.16 -6.23
N ILE B 15 -29.49 61.00 -4.90
CA ILE B 15 -28.25 60.75 -4.19
C ILE B 15 -27.68 59.37 -4.52
N HIS B 16 -28.55 58.37 -4.61
CA HIS B 16 -28.08 57.01 -4.90
C HIS B 16 -27.49 56.90 -6.29
N GLN B 17 -28.15 57.51 -7.28
CA GLN B 17 -27.68 57.39 -8.66
C GLN B 17 -26.37 58.14 -8.90
N LYS B 18 -26.15 59.22 -8.15
CA LYS B 18 -24.93 60.01 -8.32
C LYS B 18 -23.67 59.22 -7.96
N GLY B 19 -23.79 58.25 -7.05
CA GLY B 19 -22.65 57.44 -6.69
C GLY B 19 -22.16 56.52 -7.78
N TYR B 20 -22.99 56.26 -8.79
CA TYR B 20 -22.64 55.39 -9.91
C TYR B 20 -22.44 56.17 -11.21
N VAL B 21 -22.29 57.49 -11.12
CA VAL B 21 -22.09 58.34 -12.29
C VAL B 21 -20.92 59.26 -12.02
N ASN B 22 -19.88 59.16 -12.86
CA ASN B 22 -18.69 60.03 -12.74
C ASN B 22 -18.24 60.36 -14.17
N PHE B 23 -18.74 61.48 -14.68
CA PHE B 23 -18.31 61.94 -16.00
C PHE B 23 -16.92 62.56 -15.98
N ASP B 24 -16.35 62.80 -14.80
CA ASP B 24 -15.00 63.34 -14.66
C ASP B 24 -13.99 62.27 -14.28
N LEU B 25 -14.24 61.02 -14.68
CA LEU B 25 -13.27 59.96 -14.47
C LEU B 25 -12.00 60.29 -15.23
N PRO B 26 -10.84 60.39 -14.56
CA PRO B 26 -9.67 60.97 -15.23
C PRO B 26 -9.07 60.08 -16.31
N ASN B 27 -9.03 58.77 -16.08
CA ASN B 27 -8.44 57.84 -17.04
C ASN B 27 -9.18 56.51 -16.92
N PRO B 28 -10.21 56.30 -17.75
CA PRO B 28 -10.87 54.98 -17.77
C PRO B 28 -9.93 53.85 -18.16
N LYS B 29 -8.96 54.13 -19.02
CA LYS B 29 -7.96 53.13 -19.41
C LYS B 29 -6.72 53.20 -18.53
N ASN B 30 -6.88 53.17 -17.21
CA ASN B 30 -5.73 53.16 -16.30
C ASN B 30 -5.38 51.75 -15.82
N GLY B 31 -6.11 50.74 -16.26
CA GLY B 31 -5.91 49.38 -15.82
C GLY B 31 -6.81 48.93 -14.69
N GLU B 32 -7.44 49.88 -13.98
CA GLU B 32 -8.36 49.53 -12.90
C GLU B 32 -9.73 49.11 -13.41
N TYR B 33 -10.14 49.57 -14.59
CA TYR B 33 -11.52 49.43 -15.04
C TYR B 33 -11.60 48.67 -16.35
N LEU B 34 -12.42 47.61 -16.37
CA LEU B 34 -13.00 47.16 -17.63
C LEU B 34 -13.98 48.21 -18.11
N LEU B 35 -14.02 48.43 -19.42
CA LEU B 35 -14.87 49.46 -20.00
C LEU B 35 -15.98 48.80 -20.81
N ALA B 36 -17.21 49.28 -20.63
CA ALA B 36 -18.36 48.71 -21.32
C ALA B 36 -19.18 49.83 -21.95
N VAL B 37 -19.51 49.67 -23.22
CA VAL B 37 -20.40 50.58 -23.92
C VAL B 37 -21.75 49.89 -24.09
N PHE B 38 -22.82 50.55 -23.65
CA PHE B 38 -24.16 50.01 -23.69
C PHE B 38 -25.03 50.89 -24.56
N HIS B 39 -25.75 50.30 -25.51
CA HIS B 39 -26.91 50.94 -26.08
C HIS B 39 -28.04 50.83 -25.06
N LEU B 40 -28.56 51.98 -24.62
CA LEU B 40 -29.48 52.01 -23.50
C LEU B 40 -30.65 52.92 -23.83
N ILE B 41 -31.86 52.37 -23.77
CA ILE B 41 -33.10 53.11 -23.87
C ILE B 41 -33.94 52.79 -22.65
N SER B 42 -34.32 53.82 -21.90
CA SER B 42 -35.01 53.62 -20.64
C SER B 42 -36.40 53.05 -20.84
N GLY B 43 -36.86 52.30 -19.84
CA GLY B 43 -38.17 51.66 -19.91
C GLY B 43 -39.34 52.57 -19.62
N GLY B 44 -39.11 53.76 -19.07
CA GLY B 44 -40.19 54.68 -18.79
C GLY B 44 -40.03 55.43 -17.49
N LYS B 45 -40.20 56.76 -17.55
CA LYS B 45 -40.13 57.72 -16.46
C LYS B 45 -38.69 58.01 -16.03
N LEU B 46 -37.69 57.32 -16.58
CA LEU B 46 -36.29 57.59 -16.29
C LEU B 46 -35.60 58.12 -17.53
N ASN B 47 -34.77 59.13 -17.36
CA ASN B 47 -33.95 59.62 -18.47
C ASN B 47 -32.81 58.63 -18.72
N ILE B 48 -31.94 58.97 -19.67
CA ILE B 48 -30.85 58.08 -20.04
C ILE B 48 -29.85 57.95 -18.90
N LEU B 49 -29.51 59.07 -18.25
CA LEU B 49 -28.51 59.02 -17.18
C LEU B 49 -29.01 58.26 -15.97
N GLN B 50 -30.29 58.45 -15.61
CA GLN B 50 -30.85 57.74 -14.46
C GLN B 50 -30.87 56.23 -14.70
N ALA B 51 -31.32 55.81 -15.89
CA ALA B 51 -31.34 54.39 -16.22
C ALA B 51 -29.93 53.82 -16.28
N ALA B 52 -28.97 54.60 -16.81
CA ALA B 52 -27.58 54.14 -16.84
C ALA B 52 -27.03 53.99 -15.43
N ALA B 53 -27.37 54.90 -14.52
CA ALA B 53 -26.93 54.79 -13.15
C ALA B 53 -27.52 53.55 -12.47
N GLU B 54 -28.81 53.28 -12.72
CA GLU B 54 -29.41 52.05 -12.18
C GLU B 54 -28.74 50.82 -12.75
N VAL B 55 -28.41 50.84 -14.05
CA VAL B 55 -27.73 49.70 -14.66
C VAL B 55 -26.36 49.49 -14.04
N ALA B 56 -25.61 50.58 -13.83
CA ALA B 56 -24.28 50.47 -13.24
C ALA B 56 -24.36 49.96 -11.80
N ALA B 57 -25.33 50.46 -11.03
CA ALA B 57 -25.49 49.99 -9.66
C ALA B 57 -25.86 48.51 -9.63
N GLU B 58 -26.84 48.11 -10.45
CA GLU B 58 -27.26 46.71 -10.47
C GLU B 58 -26.19 45.80 -11.05
N SER B 59 -25.24 46.34 -11.82
CA SER B 59 -24.19 45.53 -12.41
C SER B 59 -22.88 45.56 -11.64
N SER B 60 -22.72 46.43 -10.64
CA SER B 60 -21.49 46.44 -9.85
C SER B 60 -21.72 46.13 -8.39
N THR B 61 -22.46 46.97 -7.65
CA THR B 61 -22.54 46.83 -6.20
C THR B 61 -23.90 47.10 -5.60
N GLY B 62 -24.77 47.88 -6.24
CA GLY B 62 -25.92 48.46 -5.59
C GLY B 62 -27.25 47.90 -6.03
N THR B 63 -28.30 48.61 -5.65
CA THR B 63 -29.68 48.21 -5.89
C THR B 63 -30.44 49.48 -6.24
N ASN B 64 -31.78 49.44 -6.18
CA ASN B 64 -32.58 50.62 -6.47
C ASN B 64 -32.51 51.68 -5.37
N PHE B 65 -31.93 51.36 -4.21
CA PHE B 65 -31.80 52.30 -3.11
C PHE B 65 -30.39 52.23 -2.54
N ASN B 66 -30.05 53.23 -1.73
CA ASN B 66 -28.85 53.19 -0.92
C ASN B 66 -29.12 52.32 0.31
N VAL B 67 -28.33 51.29 0.50
CA VAL B 67 -28.47 50.41 1.66
C VAL B 67 -27.57 50.91 2.78
N ASN B 68 -28.05 50.75 4.01
CA ASN B 68 -27.32 51.25 5.18
C ASN B 68 -26.07 50.46 5.49
N THR B 69 -25.86 49.31 4.87
CA THR B 69 -24.66 48.52 5.05
C THR B 69 -23.51 48.96 4.16
N GLU B 70 -23.72 49.99 3.34
CA GLU B 70 -22.70 50.42 2.38
C GLU B 70 -21.52 51.07 3.11
N THR B 71 -20.34 50.51 2.92
CA THR B 71 -19.11 51.04 3.47
C THR B 71 -18.44 51.97 2.48
N PRO B 72 -17.52 52.82 2.93
CA PRO B 72 -16.73 53.63 1.99
C PRO B 72 -15.90 52.79 1.05
N PHE B 73 -15.43 51.62 1.49
CA PHE B 73 -14.73 50.70 0.59
C PHE B 73 -15.67 50.18 -0.49
N SER B 74 -16.94 49.98 -0.15
CA SER B 74 -17.91 49.49 -1.13
C SER B 74 -18.11 50.48 -2.27
N LYS B 75 -18.11 51.77 -1.97
CA LYS B 75 -18.31 52.79 -3.00
C LYS B 75 -17.15 52.83 -3.98
N GLU B 76 -15.95 52.39 -3.56
CA GLU B 76 -14.83 52.31 -4.49
C GLU B 76 -15.07 51.29 -5.59
N MET B 77 -15.80 50.22 -5.27
CA MET B 77 -16.13 49.18 -6.24
C MET B 77 -17.33 49.54 -7.12
N ASN B 78 -17.88 50.74 -6.98
CA ASN B 78 -19.02 51.15 -7.79
C ASN B 78 -18.63 51.24 -9.26
N ALA B 79 -19.51 50.74 -10.12
CA ALA B 79 -19.42 51.05 -11.54
C ALA B 79 -19.92 52.47 -11.77
N VAL B 80 -19.21 53.21 -12.62
CA VAL B 80 -19.49 54.62 -12.83
C VAL B 80 -19.73 54.87 -14.32
N VAL B 81 -20.78 55.61 -14.62
CA VAL B 81 -21.03 56.11 -15.97
C VAL B 81 -20.12 57.31 -16.21
N TYR B 82 -19.18 57.17 -17.13
CA TYR B 82 -18.19 58.20 -17.37
C TYR B 82 -18.35 58.90 -18.72
N GLN B 83 -19.34 58.53 -19.51
CA GLN B 83 -19.55 59.14 -20.82
C GLN B 83 -20.93 58.75 -21.32
N ILE B 84 -21.59 59.66 -22.03
CA ILE B 84 -22.89 59.37 -22.62
C ILE B 84 -23.00 60.11 -23.95
N ASP B 85 -23.42 59.40 -24.98
CA ASP B 85 -23.81 59.97 -26.26
C ASP B 85 -25.34 59.97 -26.29
N LEU B 86 -25.92 61.17 -26.29
CA LEU B 86 -27.37 61.31 -26.19
C LEU B 86 -28.05 60.97 -27.51
N ASP B 87 -27.42 61.29 -28.65
CA ASP B 87 -28.03 61.01 -29.93
C ASP B 87 -28.13 59.52 -30.19
N GLN B 88 -27.06 58.78 -29.89
CA GLN B 88 -27.02 57.34 -30.12
C GLN B 88 -27.54 56.53 -28.95
N ASN B 89 -27.85 57.16 -27.82
CA ASN B 89 -28.27 56.45 -26.61
C ASN B 89 -27.20 55.48 -26.14
N LEU B 90 -25.95 55.97 -26.09
CA LEU B 90 -24.82 55.16 -25.69
C LEU B 90 -24.32 55.62 -24.33
N VAL B 91 -24.03 54.65 -23.45
CA VAL B 91 -23.54 54.95 -22.10
C VAL B 91 -22.28 54.12 -21.86
N TRP B 92 -21.23 54.77 -21.37
CA TRP B 92 -19.98 54.11 -21.04
C TRP B 92 -19.93 53.91 -19.53
N ILE B 93 -19.61 52.68 -19.11
CA ILE B 93 -19.54 52.33 -17.70
C ILE B 93 -18.18 51.70 -17.45
N ALA B 94 -17.49 52.18 -16.40
CA ALA B 94 -16.21 51.63 -15.99
C ALA B 94 -16.45 50.72 -14.78
N TYR B 95 -16.19 49.43 -14.96
CA TYR B 95 -16.34 48.47 -13.90
C TYR B 95 -14.97 48.18 -13.30
N PRO B 96 -14.73 48.46 -12.02
CA PRO B 96 -13.49 48.00 -11.40
C PRO B 96 -13.43 46.48 -11.42
N TRP B 97 -12.40 45.95 -12.09
CA TRP B 97 -12.31 44.49 -12.25
C TRP B 97 -11.95 43.77 -10.96
N ARG B 98 -11.65 44.50 -9.88
CA ARG B 98 -11.63 43.95 -8.54
C ARG B 98 -12.97 43.29 -8.17
N LEU B 99 -14.08 43.79 -8.74
CA LEU B 99 -15.38 43.19 -8.50
C LEU B 99 -15.44 41.73 -8.94
N PHE B 100 -14.69 41.37 -9.98
CA PHE B 100 -14.84 40.07 -10.61
C PHE B 100 -14.17 38.99 -9.76
N ASP B 101 -14.73 37.78 -9.85
CA ASP B 101 -14.19 36.64 -9.12
C ASP B 101 -12.76 36.34 -9.58
N ARG B 102 -11.88 36.09 -8.61
CA ARG B 102 -10.49 35.84 -8.93
C ARG B 102 -10.34 34.46 -9.57
N GLY B 103 -9.16 34.22 -10.13
CA GLY B 103 -8.90 32.97 -10.83
C GLY B 103 -9.39 32.92 -12.26
N GLY B 104 -9.55 34.07 -12.91
CA GLY B 104 -9.97 34.11 -14.30
C GLY B 104 -11.38 33.58 -14.55
N ASN B 105 -12.33 34.01 -13.72
CA ASN B 105 -13.72 33.55 -13.84
C ASN B 105 -14.45 34.50 -14.79
N VAL B 106 -14.81 33.99 -15.98
CA VAL B 106 -15.43 34.82 -16.99
C VAL B 106 -16.94 34.92 -16.78
N GLN B 107 -17.57 33.84 -16.31
CA GLN B 107 -19.01 33.88 -16.10
C GLN B 107 -19.37 34.85 -14.98
N ASN B 108 -18.45 35.10 -14.04
CA ASN B 108 -18.67 36.13 -13.03
C ASN B 108 -18.75 37.51 -13.67
N ILE B 109 -17.88 37.79 -14.65
CA ILE B 109 -17.95 39.05 -15.37
C ILE B 109 -19.28 39.16 -16.11
N LEU B 110 -19.69 38.07 -16.78
CA LEU B 110 -20.94 38.09 -17.52
C LEU B 110 -22.14 38.26 -16.59
N THR B 111 -22.07 37.67 -15.40
CA THR B 111 -23.11 37.86 -14.39
C THR B 111 -23.18 39.31 -13.93
N TYR B 112 -22.01 39.95 -13.75
CA TYR B 112 -22.01 41.36 -13.38
C TYR B 112 -22.61 42.23 -14.48
N ILE B 113 -22.13 42.09 -15.72
CA ILE B 113 -22.35 43.13 -16.72
C ILE B 113 -23.53 42.80 -17.65
N VAL B 114 -23.77 41.52 -17.90
CA VAL B 114 -24.88 41.14 -18.77
C VAL B 114 -25.78 40.15 -18.03
N GLY B 115 -25.86 40.30 -16.71
CA GLY B 115 -26.68 39.44 -15.90
C GLY B 115 -28.03 40.04 -15.55
N ASN B 116 -28.16 40.54 -14.31
CA ASN B 116 -29.44 41.03 -13.81
C ASN B 116 -29.94 42.24 -14.58
N VAL B 117 -29.03 43.04 -15.14
CA VAL B 117 -29.40 44.29 -15.80
C VAL B 117 -30.28 44.03 -17.02
N LEU B 118 -30.15 42.86 -17.65
CA LEU B 118 -31.00 42.53 -18.78
C LEU B 118 -32.46 42.38 -18.35
N GLY B 119 -32.71 41.97 -17.11
CA GLY B 119 -34.07 41.82 -16.62
C GLY B 119 -34.72 43.07 -16.09
N MET B 120 -33.97 44.17 -15.97
CA MET B 120 -34.49 45.38 -15.36
C MET B 120 -35.56 46.02 -16.24
N LYS B 121 -36.71 46.34 -15.64
CA LYS B 121 -37.76 47.04 -16.36
C LYS B 121 -37.45 48.52 -16.56
N GLU B 122 -36.42 49.05 -15.88
CA GLU B 122 -36.04 50.44 -16.06
C GLU B 122 -35.49 50.71 -17.44
N VAL B 123 -34.99 49.70 -18.14
CA VAL B 123 -34.45 49.84 -19.48
C VAL B 123 -35.36 49.10 -20.45
N SER B 124 -35.72 49.77 -21.55
CA SER B 124 -36.42 49.10 -22.64
C SER B 124 -35.47 48.51 -23.67
N ALA B 125 -34.23 48.99 -23.70
CA ALA B 125 -33.18 48.40 -24.52
C ALA B 125 -31.87 48.47 -23.77
N LEU B 126 -31.16 47.36 -23.67
CA LEU B 126 -29.86 47.31 -23.00
C LEU B 126 -29.00 46.31 -23.74
N LYS B 127 -28.10 46.82 -24.58
CA LYS B 127 -27.25 45.96 -25.42
C LYS B 127 -25.79 46.33 -25.20
N LEU B 128 -25.02 45.39 -24.65
CA LEU B 128 -23.58 45.60 -24.47
C LEU B 128 -22.90 45.50 -25.83
N LEU B 129 -22.58 46.65 -26.41
CA LEU B 129 -22.02 46.68 -27.76
C LEU B 129 -20.55 46.29 -27.78
N ASP B 130 -19.79 46.72 -26.77
CA ASP B 130 -18.35 46.47 -26.77
C ASP B 130 -17.83 46.55 -25.34
N VAL B 131 -16.68 45.90 -25.13
CA VAL B 131 -15.98 45.95 -23.85
C VAL B 131 -14.49 46.13 -24.11
N TRP B 132 -13.80 46.70 -23.14
CA TRP B 132 -12.36 46.91 -23.22
C TRP B 132 -11.69 46.32 -21.98
N PHE B 133 -10.74 45.42 -22.20
CA PHE B 133 -10.03 44.78 -21.10
C PHE B 133 -8.67 45.46 -20.91
N PRO B 134 -8.39 46.03 -19.75
CA PRO B 134 -7.05 46.58 -19.50
C PRO B 134 -6.02 45.47 -19.45
N PRO B 135 -4.74 45.79 -19.71
CA PRO B 135 -3.69 44.75 -19.63
C PRO B 135 -3.58 44.11 -18.25
N ALA B 136 -3.76 44.90 -17.19
CA ALA B 136 -3.73 44.34 -15.85
C ALA B 136 -4.86 43.34 -15.64
N MET B 137 -6.05 43.65 -16.15
CA MET B 137 -7.15 42.68 -16.11
C MET B 137 -6.86 41.50 -17.02
N LEU B 138 -6.26 41.75 -18.19
CA LEU B 138 -5.98 40.67 -19.13
C LEU B 138 -4.98 39.68 -18.56
N GLU B 139 -4.09 40.13 -17.67
CA GLU B 139 -3.16 39.22 -17.02
C GLU B 139 -3.86 38.18 -16.15
N GLN B 140 -5.06 38.50 -15.66
CA GLN B 140 -5.78 37.62 -14.74
C GLN B 140 -6.43 36.42 -15.44
N TYR B 141 -6.51 36.42 -16.76
CA TYR B 141 -7.31 35.43 -17.48
C TYR B 141 -6.43 34.59 -18.40
N ASP B 142 -6.86 33.35 -18.61
CA ASP B 142 -6.04 32.37 -19.32
C ASP B 142 -5.78 32.78 -20.77
N GLY B 143 -6.85 33.07 -21.50
CA GLY B 143 -6.75 33.25 -22.92
C GLY B 143 -6.56 31.91 -23.61
N PRO B 144 -6.49 31.91 -24.94
CA PRO B 144 -6.25 30.66 -25.67
C PRO B 144 -4.84 30.15 -25.44
N SER B 145 -4.71 28.82 -25.38
CA SER B 145 -3.42 28.15 -25.34
C SER B 145 -3.11 27.39 -26.62
N TYR B 146 -4.11 26.74 -27.21
CA TYR B 146 -4.02 26.18 -28.54
C TYR B 146 -4.73 27.13 -29.50
N THR B 147 -4.08 27.39 -30.64
CA THR B 147 -4.55 28.43 -31.55
C THR B 147 -4.68 27.88 -32.96
N LEU B 148 -5.15 28.73 -33.86
CA LEU B 148 -5.26 28.35 -35.27
C LEU B 148 -3.91 28.08 -35.89
N ASP B 149 -2.85 28.70 -35.38
CA ASP B 149 -1.52 28.44 -35.90
C ASP B 149 -1.06 27.02 -35.59
N ASP B 150 -1.38 26.51 -34.40
CA ASP B 150 -1.04 25.14 -34.07
C ASP B 150 -1.75 24.13 -34.97
N MET B 151 -3.04 24.36 -35.23
CA MET B 151 -3.76 23.47 -36.12
C MET B 151 -3.30 23.63 -37.56
N ARG B 152 -2.87 24.82 -37.95
CA ARG B 152 -2.28 25.02 -39.27
C ARG B 152 -0.98 24.23 -39.41
N LYS B 153 -0.18 24.22 -38.34
CA LYS B 153 1.07 23.45 -38.36
C LYS B 153 0.79 21.97 -38.41
N TYR B 154 -0.20 21.50 -37.63
CA TYR B 154 -0.54 20.08 -37.65
C TYR B 154 -1.10 19.66 -39.01
N LEU B 155 -1.97 20.46 -39.60
CA LEU B 155 -2.57 20.16 -40.89
C LEU B 155 -1.64 20.47 -42.06
N ASN B 156 -0.57 21.23 -41.83
CA ASN B 156 0.30 21.70 -42.90
C ASN B 156 -0.49 22.55 -43.91
N VAL B 157 -1.43 23.33 -43.41
CA VAL B 157 -2.30 24.16 -44.23
C VAL B 157 -1.94 25.62 -43.95
N TYR B 158 -1.40 26.30 -44.96
CA TYR B 158 -1.04 27.70 -44.85
C TYR B 158 -1.52 28.43 -46.10
N ASP B 159 -1.77 29.73 -45.93
CA ASP B 159 -2.12 30.67 -46.99
C ASP B 159 -3.53 30.46 -47.54
N ARG B 160 -4.31 29.56 -46.96
CA ARG B 160 -5.71 29.40 -47.32
C ARG B 160 -6.49 29.08 -46.06
N PRO B 161 -7.79 29.38 -46.04
CA PRO B 161 -8.61 28.99 -44.88
C PRO B 161 -8.67 27.48 -44.73
N ILE B 162 -8.69 27.04 -43.48
CA ILE B 162 -8.84 25.61 -43.21
C ILE B 162 -10.25 25.19 -43.60
N LEU B 163 -10.35 24.25 -44.53
CA LEU B 163 -11.63 23.82 -45.05
C LEU B 163 -12.26 22.80 -44.11
N GLY B 164 -13.51 23.04 -43.73
CA GLY B 164 -14.18 22.19 -42.77
C GLY B 164 -15.60 21.89 -43.23
N THR B 165 -16.21 20.93 -42.53
CA THR B 165 -17.57 20.52 -42.85
C THR B 165 -18.29 20.15 -41.56
N ILE B 166 -19.62 20.23 -41.61
CA ILE B 166 -20.49 19.69 -40.59
C ILE B 166 -21.26 18.52 -41.19
N ILE B 167 -21.23 17.38 -40.52
CA ILE B 167 -21.82 16.17 -41.08
C ILE B 167 -23.33 16.29 -41.01
N LYS B 168 -23.96 16.50 -42.16
CA LYS B 168 -25.41 16.51 -42.27
C LYS B 168 -25.92 15.16 -42.75
N PRO B 169 -27.04 14.64 -42.21
CA PRO B 169 -27.98 15.23 -41.24
C PRO B 169 -27.36 15.56 -39.88
N LYS B 170 -27.91 16.57 -39.20
CA LYS B 170 -27.40 16.95 -37.88
C LYS B 170 -27.56 15.82 -36.88
N MET B 171 -28.71 15.16 -36.88
CA MET B 171 -28.96 14.02 -36.02
C MET B 171 -29.64 12.93 -36.84
N GLY B 172 -29.53 11.70 -36.38
CA GLY B 172 -30.16 10.56 -37.02
C GLY B 172 -29.21 9.60 -37.68
N LEU B 173 -27.94 9.95 -37.84
CA LEU B 173 -26.97 9.03 -38.40
C LEU B 173 -26.36 8.17 -37.31
N THR B 174 -26.06 6.92 -37.66
CA THR B 174 -25.37 6.04 -36.73
C THR B 174 -23.89 6.40 -36.68
N SER B 175 -23.16 5.74 -35.78
CA SER B 175 -21.72 5.98 -35.67
C SER B 175 -21.00 5.60 -36.97
N ALA B 176 -21.41 4.49 -37.59
CA ALA B 176 -20.80 4.08 -38.84
C ALA B 176 -21.07 5.08 -39.95
N GLU B 177 -22.33 5.53 -40.08
CA GLU B 177 -22.67 6.50 -41.11
C GLU B 177 -21.96 7.83 -40.90
N TYR B 178 -21.90 8.29 -39.65
CA TYR B 178 -21.21 9.53 -39.35
C TYR B 178 -19.72 9.43 -39.68
N ALA B 179 -19.10 8.31 -39.30
CA ALA B 179 -17.69 8.11 -39.62
C ALA B 179 -17.48 8.04 -41.13
N GLU B 180 -18.42 7.41 -41.85
CA GLU B 180 -18.32 7.34 -43.31
C GLU B 180 -18.40 8.73 -43.94
N ALA B 181 -19.31 9.58 -43.45
CA ALA B 181 -19.41 10.94 -43.97
C ALA B 181 -18.15 11.74 -43.66
N ALA B 182 -17.61 11.58 -42.46
CA ALA B 182 -16.37 12.27 -42.10
C ALA B 182 -15.22 11.83 -42.98
N TYR B 183 -15.10 10.52 -43.23
CA TYR B 183 -14.08 10.03 -44.15
C TYR B 183 -14.28 10.56 -45.56
N ASP B 184 -15.55 10.63 -46.01
CA ASP B 184 -15.83 11.10 -47.36
C ASP B 184 -15.40 12.55 -47.53
N PHE B 185 -15.63 13.37 -46.51
CA PHE B 185 -15.12 14.74 -46.58
C PHE B 185 -13.60 14.79 -46.51
N TRP B 186 -13.01 14.00 -45.60
CA TRP B 186 -11.56 14.06 -45.38
C TRP B 186 -10.78 13.62 -46.61
N VAL B 187 -11.20 12.53 -47.24
CA VAL B 187 -10.50 12.00 -48.41
C VAL B 187 -10.76 12.83 -49.65
N GLY B 188 -11.73 13.74 -49.61
CA GLY B 188 -11.96 14.66 -50.70
C GLY B 188 -11.12 15.92 -50.66
N GLY B 189 -10.19 16.01 -49.72
CA GLY B 189 -9.33 17.16 -49.57
C GLY B 189 -9.66 18.03 -48.36
N GLY B 190 -10.84 17.87 -47.78
CA GLY B 190 -11.21 18.66 -46.62
C GLY B 190 -10.36 18.29 -45.41
N ASP B 191 -10.02 19.30 -44.62
CA ASP B 191 -9.13 19.13 -43.48
C ASP B 191 -9.88 18.92 -42.17
N PHE B 192 -11.01 19.60 -41.99
CA PHE B 192 -11.65 19.74 -40.69
C PHE B 192 -13.05 19.15 -40.73
N VAL B 193 -13.36 18.30 -39.75
CA VAL B 193 -14.71 17.79 -39.59
C VAL B 193 -15.14 18.02 -38.16
N ASN B 195 -18.32 17.66 -35.11
CA ASN B 195 -19.62 17.25 -34.60
C ASN B 195 -20.59 18.41 -34.77
N ASP B 196 -21.82 18.10 -35.18
CA ASP B 196 -22.87 19.09 -35.04
C ASP B 196 -23.08 19.37 -33.56
N GLU B 197 -23.54 20.60 -33.26
CA GLU B 197 -23.59 21.07 -31.88
C GLU B 197 -24.38 20.18 -30.91
N PRO B 198 -25.50 19.56 -31.25
CA PRO B 198 -26.12 18.64 -30.30
C PRO B 198 -25.70 17.18 -30.43
N GLN B 199 -24.70 16.88 -31.25
CA GLN B 199 -24.26 15.50 -31.43
C GLN B 199 -23.59 15.01 -30.15
N ALA B 200 -24.16 13.97 -29.55
CA ALA B 200 -23.76 13.52 -28.23
C ALA B 200 -24.00 12.01 -28.17
N ASN B 201 -24.07 11.47 -26.95
CA ASN B 201 -24.27 10.03 -26.74
C ASN B 201 -25.77 9.69 -26.85
N GLN B 202 -26.27 9.81 -28.09
CA GLN B 202 -27.61 9.33 -28.38
C GLN B 202 -27.61 7.81 -28.52
N ASP B 203 -28.78 7.21 -28.29
CA ASP B 203 -28.87 5.76 -28.25
C ASP B 203 -28.61 5.13 -29.61
N PHE B 204 -28.94 5.81 -30.70
CA PHE B 204 -28.68 5.29 -32.03
C PHE B 204 -27.29 5.62 -32.55
N CYS B 205 -26.62 6.60 -31.95
CA CYS B 205 -25.24 6.95 -32.28
C CYS B 205 -24.44 7.04 -30.98
N PRO B 206 -24.08 5.90 -30.39
CA PRO B 206 -23.35 5.93 -29.11
C PRO B 206 -22.01 6.62 -29.23
N TYR B 207 -21.64 7.35 -28.18
CA TYR B 207 -20.50 8.25 -28.25
C TYR B 207 -19.19 7.50 -28.43
N ASP B 208 -18.99 6.42 -27.67
CA ASP B 208 -17.74 5.66 -27.79
C ASP B 208 -17.62 5.01 -29.16
N LYS B 209 -18.72 4.48 -29.69
CA LYS B 209 -18.69 3.90 -31.03
C LYS B 209 -18.41 4.98 -32.08
N MET B 210 -19.00 6.17 -31.90
CA MET B 210 -18.75 7.27 -32.81
C MET B 210 -17.28 7.68 -32.78
N VAL B 211 -16.68 7.73 -31.59
CA VAL B 211 -15.28 8.13 -31.46
C VAL B 211 -14.38 7.10 -32.13
N ARG B 212 -14.65 5.81 -31.87
CA ARG B 212 -13.82 4.76 -32.47
C ARG B 212 -13.95 4.74 -34.00
N ASN B 213 -15.18 4.87 -34.50
CA ASN B 213 -15.38 4.87 -35.95
C ASN B 213 -14.75 6.10 -36.59
N VAL B 214 -14.81 7.26 -35.91
CA VAL B 214 -14.17 8.46 -36.43
C VAL B 214 -12.66 8.30 -36.44
N LYS B 215 -12.11 7.63 -35.42
CA LYS B 215 -10.68 7.35 -35.40
C LYS B 215 -10.27 6.48 -36.58
N ALA B 216 -11.05 5.42 -36.85
CA ALA B 216 -10.75 4.54 -37.97
C ALA B 216 -10.88 5.26 -39.31
N ALA B 217 -11.93 6.08 -39.45
CA ALA B 217 -12.14 6.83 -40.69
C ALA B 217 -11.03 7.84 -40.91
N MET B 218 -10.61 8.54 -39.86
CA MET B 218 -9.52 9.50 -39.99
C MET B 218 -8.20 8.81 -40.31
N ASP B 219 -7.97 7.63 -39.72
CA ASP B 219 -6.78 6.85 -40.06
C ASP B 219 -6.77 6.48 -41.53
N LYS B 220 -7.91 5.99 -42.04
CA LYS B 220 -8.00 5.61 -43.44
C LYS B 220 -7.81 6.82 -44.36
N ALA B 221 -8.43 7.95 -44.02
CA ALA B 221 -8.31 9.15 -44.84
C ALA B 221 -6.88 9.68 -44.84
N VAL B 222 -6.22 9.65 -43.68
CA VAL B 222 -4.83 10.11 -43.60
C VAL B 222 -3.92 9.22 -44.42
N LYS B 223 -4.11 7.90 -44.35
CA LYS B 223 -3.28 7.00 -45.16
C LYS B 223 -3.55 7.18 -46.65
N GLU B 224 -4.80 7.39 -47.03
CA GLU B 224 -5.12 7.49 -48.45
C GLU B 224 -4.64 8.82 -49.05
N THR B 225 -4.80 9.92 -48.31
CA THR B 225 -4.47 11.22 -48.85
C THR B 225 -3.04 11.66 -48.55
N GLY B 226 -2.42 11.08 -47.53
CA GLY B 226 -1.12 11.56 -47.10
C GLY B 226 -1.17 12.92 -46.43
N ASN B 227 -2.35 13.34 -45.97
CA ASN B 227 -2.55 14.62 -45.32
C ASN B 227 -3.23 14.40 -43.99
N LYS B 228 -2.78 15.13 -42.97
CA LYS B 228 -3.39 15.02 -41.66
C LYS B 228 -4.80 15.60 -41.66
N LYS B 229 -5.62 15.11 -40.73
CA LYS B 229 -7.01 15.54 -40.63
C LYS B 229 -7.36 15.80 -39.18
N VAL B 230 -8.34 16.67 -38.97
CA VAL B 230 -8.77 17.08 -37.64
C VAL B 230 -10.27 16.87 -37.53
N HIS B 231 -10.70 16.26 -36.42
CA HIS B 231 -12.12 16.14 -36.09
C HIS B 231 -12.38 16.86 -34.77
N SER B 232 -13.42 17.68 -34.75
CA SER B 232 -13.84 18.38 -33.54
C SER B 232 -14.99 17.61 -32.91
N PHE B 233 -14.75 17.06 -31.73
CA PHE B 233 -15.76 16.27 -31.03
C PHE B 233 -16.55 17.15 -30.08
N ASN B 234 -17.88 17.05 -30.15
CA ASN B 234 -18.74 17.70 -29.18
C ASN B 234 -18.63 16.97 -27.84
N VAL B 235 -18.20 17.69 -26.81
CA VAL B 235 -18.06 17.14 -25.47
C VAL B 235 -19.04 17.75 -24.50
N SER B 236 -20.02 18.52 -24.99
CA SER B 236 -21.07 19.03 -24.13
C SER B 236 -21.90 17.88 -23.57
N ALA B 237 -21.97 17.79 -22.25
CA ALA B 237 -22.63 16.70 -21.56
C ALA B 237 -23.64 17.25 -20.56
N ALA B 238 -24.34 16.35 -19.89
CA ALA B 238 -25.25 16.76 -18.82
C ALA B 238 -24.49 17.39 -17.67
N ASP B 239 -23.33 16.83 -17.31
CA ASP B 239 -22.55 17.29 -16.18
C ASP B 239 -21.08 17.31 -16.57
N PHE B 240 -20.24 17.74 -15.62
CA PHE B 240 -18.80 17.77 -15.85
C PHE B 240 -18.25 16.37 -16.06
N ASP B 241 -18.72 15.41 -15.26
CA ASP B 241 -18.15 14.07 -15.29
C ASP B 241 -18.36 13.40 -16.64
N THR B 242 -19.54 13.57 -17.22
CA THR B 242 -19.78 13.02 -18.55
C THR B 242 -18.92 13.71 -19.60
N MET B 243 -18.76 15.04 -19.49
CA MET B 243 -17.93 15.77 -20.45
C MET B 243 -16.47 15.31 -20.40
N ILE B 244 -15.93 15.15 -19.19
CA ILE B 244 -14.55 14.70 -19.06
C ILE B 244 -14.42 13.23 -19.44
N GLU B 245 -15.45 12.43 -19.19
CA GLU B 245 -15.42 11.03 -19.65
C GLU B 245 -15.36 10.96 -21.16
N ARG B 246 -16.13 11.79 -21.85
CA ARG B 246 -16.09 11.83 -23.31
C ARG B 246 -14.76 12.37 -23.81
N CYS B 247 -14.22 13.39 -23.12
CA CYS B 247 -12.91 13.92 -23.47
C CYS B 247 -11.82 12.86 -23.33
N GLU B 248 -11.81 12.14 -22.21
CA GLU B 248 -10.82 11.08 -22.02
C GLU B 248 -11.02 9.94 -23.01
N LEU B 249 -12.28 9.66 -23.36
CA LEU B 249 -12.56 8.67 -24.40
C LEU B 249 -11.93 9.07 -25.73
N ILE B 250 -12.03 10.34 -26.08
CA ILE B 250 -11.34 10.83 -27.28
C ILE B 250 -9.83 10.72 -27.11
N ARG B 251 -9.32 11.06 -25.92
CA ARG B 251 -7.88 11.07 -25.69
C ARG B 251 -7.29 9.66 -25.74
N ASN B 252 -8.02 8.67 -25.21
CA ASN B 252 -7.57 7.29 -25.18
C ASN B 252 -8.11 6.48 -26.36
N ALA B 253 -8.46 7.14 -27.46
CA ALA B 253 -8.93 6.44 -28.64
C ALA B 253 -7.89 5.48 -29.22
N GLY B 254 -6.69 5.96 -29.50
CA GLY B 254 -6.06 7.27 -29.36
C GLY B 254 -5.66 7.95 -30.65
N PHE B 255 -6.19 9.15 -30.86
CA PHE B 255 -5.85 9.94 -32.03
C PHE B 255 -4.44 10.49 -31.92
N GLU B 256 -3.90 10.92 -33.05
CA GLU B 256 -2.67 11.69 -33.02
C GLU B 256 -2.92 13.02 -32.32
N PRO B 257 -1.98 13.49 -31.50
CA PRO B 257 -2.16 14.80 -30.85
C PRO B 257 -2.25 15.92 -31.88
N GLY B 258 -3.32 16.70 -31.78
CA GLY B 258 -3.63 17.74 -32.73
C GLY B 258 -4.70 17.37 -33.74
N SER B 259 -5.00 16.07 -33.89
CA SER B 259 -6.00 15.62 -34.85
C SER B 259 -7.42 15.73 -34.32
N TYR B 260 -7.61 16.06 -33.06
CA TYR B 260 -8.94 16.18 -32.48
C TYR B 260 -9.05 17.50 -31.73
N ALA B 261 -10.24 18.10 -31.80
CA ALA B 261 -10.58 19.28 -31.05
C ALA B 261 -11.79 19.00 -30.18
N PHE B 262 -11.89 19.70 -29.05
CA PHE B 262 -13.01 19.57 -28.14
C PHE B 262 -14.01 20.68 -28.44
N LEU B 263 -15.18 20.29 -28.92
CA LEU B 263 -16.26 21.24 -29.19
C LEU B 263 -17.18 21.31 -27.98
N ILE B 264 -17.47 22.52 -27.52
CA ILE B 264 -18.35 22.75 -26.39
C ILE B 264 -19.40 23.77 -26.78
N ASP B 265 -20.66 23.48 -26.46
CA ASP B 265 -21.74 24.45 -26.65
C ASP B 265 -21.62 25.49 -25.56
N GLY B 266 -20.95 26.60 -25.87
CA GLY B 266 -20.58 27.55 -24.84
C GLY B 266 -21.76 28.23 -24.18
N ILE B 267 -22.79 28.57 -24.96
CA ILE B 267 -23.94 29.27 -24.40
C ILE B 267 -24.77 28.32 -23.54
N THR B 268 -25.09 27.14 -24.07
CA THR B 268 -25.98 26.22 -23.36
C THR B 268 -25.24 25.45 -22.27
N ALA B 269 -24.13 24.79 -22.61
CA ALA B 269 -23.37 24.05 -21.62
C ALA B 269 -22.76 24.99 -20.58
N GLY B 270 -22.43 26.22 -20.97
CA GLY B 270 -21.98 27.21 -20.01
C GLY B 270 -20.52 27.61 -20.15
N TRP B 271 -20.20 28.81 -19.69
CA TRP B 271 -18.83 29.29 -19.71
C TRP B 271 -17.92 28.50 -18.78
N MET B 272 -18.49 27.89 -17.74
CA MET B 272 -17.70 27.04 -16.86
C MET B 272 -17.15 25.84 -17.61
N ALA B 273 -17.96 25.25 -18.50
CA ALA B 273 -17.48 24.13 -19.31
C ALA B 273 -16.35 24.56 -20.22
N VAL B 274 -16.47 25.74 -20.83
CA VAL B 274 -15.43 26.25 -21.73
C VAL B 274 -14.13 26.46 -20.96
N GLN B 275 -14.21 27.10 -19.80
CA GLN B 275 -13.01 27.34 -19.01
C GLN B 275 -12.41 26.03 -18.50
N THR B 276 -13.25 25.07 -18.11
CA THR B 276 -12.75 23.79 -17.64
C THR B 276 -12.03 23.03 -18.76
N LEU B 277 -12.60 23.04 -19.97
CA LEU B 277 -11.94 22.41 -21.11
C LEU B 277 -10.63 23.10 -21.45
N ARG B 278 -10.61 24.44 -21.37
CA ARG B 278 -9.40 25.19 -21.63
C ARG B 278 -8.30 24.83 -20.62
N ARG B 279 -8.65 24.75 -19.34
CA ARG B 279 -7.62 24.52 -18.31
C ARG B 279 -7.19 23.07 -18.27
N LYS B 280 -8.12 22.13 -18.42
CA LYS B 280 -7.77 20.71 -18.36
C LYS B 280 -7.01 20.27 -19.60
N TYR B 281 -7.31 20.85 -20.75
CA TYR B 281 -6.72 20.44 -22.03
C TYR B 281 -6.20 21.67 -22.77
N PRO B 282 -5.14 22.30 -22.26
CA PRO B 282 -4.58 23.46 -22.96
C PRO B 282 -3.94 23.11 -24.29
N ASP B 283 -3.60 21.84 -24.52
CA ASP B 283 -2.99 21.39 -25.77
C ASP B 283 -4.01 20.99 -26.82
N VAL B 284 -5.30 21.15 -26.53
CA VAL B 284 -6.37 20.75 -27.43
C VAL B 284 -7.12 22.00 -27.91
N PHE B 285 -7.39 22.05 -29.21
CA PHE B 285 -8.21 23.12 -29.77
C PHE B 285 -9.60 23.10 -29.14
N ILE B 286 -9.93 24.15 -28.40
CA ILE B 286 -11.23 24.27 -27.76
C ILE B 286 -12.16 24.96 -28.75
N HIS B 287 -13.13 24.21 -29.27
CA HIS B 287 -14.06 24.70 -30.29
C HIS B 287 -15.28 25.24 -29.54
N PHE B 288 -15.36 26.57 -29.46
CA PHE B 288 -16.52 27.23 -28.86
C PHE B 288 -17.64 27.23 -29.90
N HIS B 289 -18.67 26.43 -29.66
CA HIS B 289 -19.91 26.55 -30.42
C HIS B 289 -20.87 27.44 -29.65
N ARG B 290 -21.38 28.47 -30.34
CA ARG B 290 -22.17 29.53 -29.72
C ARG B 290 -23.67 29.32 -29.91
N ALA B 291 -24.12 28.07 -29.97
CA ALA B 291 -25.54 27.78 -30.17
C ALA B 291 -26.38 28.36 -29.04
N GLY B 292 -27.46 29.06 -29.40
CA GLY B 292 -28.26 29.80 -28.45
C GLY B 292 -27.83 31.23 -28.23
N HIS B 293 -26.78 31.69 -28.91
CA HIS B 293 -26.28 33.05 -28.71
C HIS B 293 -27.23 34.11 -29.25
N GLY B 294 -28.16 33.72 -30.12
CA GLY B 294 -28.92 34.69 -30.90
C GLY B 294 -29.74 35.65 -30.06
N SER B 295 -30.38 35.13 -29.01
CA SER B 295 -31.16 35.96 -28.09
C SER B 295 -30.28 37.03 -27.44
N PHE B 296 -29.00 36.72 -27.21
CA PHE B 296 -28.08 37.74 -26.75
C PHE B 296 -27.69 38.70 -27.87
N THR B 297 -27.44 38.19 -29.07
CA THR B 297 -26.71 38.93 -30.07
C THR B 297 -27.53 39.39 -31.27
N ARG B 298 -28.75 38.91 -31.43
CA ARG B 298 -29.54 39.27 -32.60
C ARG B 298 -29.88 40.76 -32.58
N PRO B 299 -29.72 41.47 -33.70
CA PRO B 299 -30.07 42.89 -33.73
C PRO B 299 -31.54 43.16 -33.46
N GLU B 300 -32.42 42.22 -33.80
CA GLU B 300 -33.83 42.37 -33.49
C GLU B 300 -34.08 42.40 -31.99
N ASN B 301 -33.22 41.76 -31.21
CA ASN B 301 -33.33 41.76 -29.76
C ASN B 301 -32.68 43.01 -29.19
N PRO B 302 -33.45 43.93 -28.61
CA PRO B 302 -32.84 45.13 -28.02
C PRO B 302 -32.02 44.87 -26.78
N ILE B 303 -32.20 43.73 -26.11
CA ILE B 303 -31.53 43.42 -24.86
C ILE B 303 -30.59 42.24 -25.08
N GLY B 304 -29.33 42.44 -24.72
CA GLY B 304 -28.32 41.40 -24.86
C GLY B 304 -26.94 42.01 -24.97
N PHE B 305 -26.06 41.33 -25.68
CA PHE B 305 -24.73 41.83 -25.99
C PHE B 305 -24.36 41.46 -27.42
N SER B 306 -23.46 42.25 -27.99
CA SER B 306 -23.10 42.09 -29.39
C SER B 306 -22.30 40.81 -29.60
N VAL B 307 -22.18 40.42 -30.88
CA VAL B 307 -21.36 39.28 -31.24
C VAL B 307 -19.90 39.55 -30.92
N LEU B 308 -19.47 40.81 -31.07
CA LEU B 308 -18.09 41.18 -30.75
C LEU B 308 -17.77 40.94 -29.28
N VAL B 309 -18.68 41.30 -28.39
CA VAL B 309 -18.46 41.08 -26.96
C VAL B 309 -18.39 39.59 -26.65
N LEU B 310 -19.27 38.80 -27.27
CA LEU B 310 -19.24 37.35 -27.07
C LEU B 310 -17.93 36.76 -27.55
N SER B 311 -17.44 37.20 -28.71
CA SER B 311 -16.17 36.70 -29.22
C SER B 311 -15.01 37.10 -28.32
N LYS B 312 -15.02 38.35 -27.83
CA LYS B 312 -13.96 38.80 -26.94
C LYS B 312 -13.95 38.00 -25.64
N PHE B 313 -15.12 37.73 -25.07
CA PHE B 313 -15.17 36.94 -23.84
C PHE B 313 -14.81 35.49 -24.09
N ALA B 314 -15.13 34.95 -25.27
CA ALA B 314 -14.68 33.61 -25.61
C ALA B 314 -13.16 33.55 -25.72
N ARG B 315 -12.55 34.58 -26.32
CA ARG B 315 -11.10 34.66 -26.38
C ARG B 315 -10.49 34.75 -24.99
N LEU B 316 -11.11 35.55 -24.11
CA LEU B 316 -10.64 35.65 -22.74
C LEU B 316 -10.74 34.32 -22.01
N ALA B 317 -11.84 33.59 -22.21
CA ALA B 317 -12.07 32.34 -21.49
C ALA B 317 -11.14 31.23 -21.92
N GLY B 318 -10.41 31.37 -23.03
CA GLY B 318 -9.47 30.36 -23.47
C GLY B 318 -9.93 29.53 -24.64
N ALA B 319 -11.05 29.85 -25.25
CA ALA B 319 -11.50 29.11 -26.44
C ALA B 319 -10.51 29.28 -27.58
N SER B 320 -10.12 28.16 -28.19
CA SER B 320 -9.21 28.23 -29.33
C SER B 320 -9.88 28.84 -30.55
N GLY B 321 -11.18 28.60 -30.71
CA GLY B 321 -11.92 29.18 -31.82
C GLY B 321 -13.39 29.25 -31.48
N ILE B 322 -14.07 30.21 -32.11
CA ILE B 322 -15.50 30.41 -31.90
C ILE B 322 -16.14 30.80 -33.22
N HIS B 323 -17.36 30.32 -33.43
CA HIS B 323 -18.13 30.73 -34.59
C HIS B 323 -18.41 32.23 -34.52
N THR B 324 -18.26 32.91 -35.66
CA THR B 324 -18.45 34.36 -35.72
C THR B 324 -19.54 34.79 -36.69
N GLY B 325 -19.94 33.95 -37.62
CA GLY B 325 -20.99 34.32 -38.54
C GLY B 325 -20.46 34.58 -39.93
N THR B 326 -21.31 34.34 -40.93
CA THR B 326 -20.97 34.53 -42.33
C THR B 326 -21.17 35.97 -42.79
N ALA B 327 -21.50 36.88 -41.88
CA ALA B 327 -21.69 38.30 -42.21
C ALA B 327 -22.84 38.50 -43.20
N GLY B 328 -23.90 37.71 -43.03
CA GLY B 328 -25.06 37.80 -43.89
C GLY B 328 -24.97 37.03 -45.19
N VAL B 329 -23.79 36.51 -45.54
CA VAL B 329 -23.67 35.71 -46.76
C VAL B 329 -24.39 34.39 -46.61
N GLY B 330 -24.33 33.79 -45.42
CA GLY B 330 -24.97 32.51 -45.16
C GLY B 330 -26.39 32.67 -44.69
N LYS B 331 -26.86 31.64 -43.99
CA LYS B 331 -28.24 31.59 -43.49
C LYS B 331 -28.40 32.24 -42.13
N MET B 332 -27.33 32.65 -41.48
CA MET B 332 -27.39 33.22 -40.15
C MET B 332 -27.32 34.74 -40.20
N GLN B 333 -28.06 35.38 -39.30
CA GLN B 333 -28.14 36.83 -39.26
C GLN B 333 -26.84 37.44 -38.72
N GLY B 334 -26.54 38.65 -39.18
CA GLY B 334 -27.20 39.23 -40.33
C GLY B 334 -26.45 40.25 -41.18
N SER B 335 -25.17 40.51 -40.90
CA SER B 335 -24.51 41.64 -41.53
C SER B 335 -23.01 41.50 -41.34
N PRO B 336 -22.20 42.22 -42.12
CA PRO B 336 -20.75 42.16 -41.98
C PRO B 336 -20.20 43.01 -40.84
N GLU B 337 -20.90 44.09 -40.51
CA GLU B 337 -20.40 45.06 -39.54
C GLU B 337 -20.22 44.45 -38.15
N GLU B 338 -21.04 43.45 -37.81
CA GLU B 338 -20.86 42.72 -36.56
C GLU B 338 -19.90 41.55 -36.71
N ASP B 339 -20.16 40.68 -37.69
CA ASP B 339 -19.44 39.42 -37.79
C ASP B 339 -17.98 39.63 -38.14
N VAL B 340 -17.70 40.43 -39.18
CA VAL B 340 -16.33 40.64 -39.61
C VAL B 340 -15.55 41.42 -38.55
N VAL B 341 -16.20 42.37 -37.90
CA VAL B 341 -15.53 43.12 -36.84
C VAL B 341 -15.16 42.21 -35.68
N ALA B 342 -16.08 41.33 -35.27
CA ALA B 342 -15.78 40.39 -34.20
C ALA B 342 -14.66 39.44 -34.59
N ALA B 343 -14.69 38.93 -35.84
CA ALA B 343 -13.65 38.02 -36.30
C ALA B 343 -12.28 38.70 -36.33
N GLN B 344 -12.22 39.94 -36.80
CA GLN B 344 -10.97 40.67 -36.81
C GLN B 344 -10.48 40.95 -35.38
N ASN B 345 -11.41 41.25 -34.46
CA ASN B 345 -11.02 41.54 -33.09
C ASN B 345 -10.46 40.30 -32.40
N ILE B 346 -11.04 39.13 -32.67
CA ILE B 346 -10.54 37.91 -32.04
C ILE B 346 -9.35 37.31 -32.76
N LEU B 347 -9.12 37.67 -34.02
CA LEU B 347 -7.98 37.14 -34.77
C LEU B 347 -6.76 38.04 -34.71
N ARG B 348 -6.94 39.34 -34.49
CA ARG B 348 -5.86 40.30 -34.58
C ARG B 348 -5.23 40.56 -33.22
N PHE B 349 -3.97 41.02 -33.25
CA PHE B 349 -3.30 41.47 -32.04
C PHE B 349 -3.85 42.82 -31.56
N LYS B 350 -4.51 43.56 -32.45
CA LYS B 350 -5.06 44.87 -32.13
C LYS B 350 -6.09 45.23 -33.20
N ASP B 351 -7.29 45.62 -32.77
CA ASP B 351 -8.39 45.92 -33.69
C ASP B 351 -9.05 47.22 -33.26
N LYS B 352 -10.11 47.60 -33.97
CA LYS B 352 -10.62 48.96 -33.89
C LYS B 352 -11.27 49.25 -32.53
N GLY B 353 -12.33 48.52 -32.17
CA GLY B 353 -13.22 47.58 -32.83
C GLY B 353 -14.52 48.30 -33.13
N HIS B 354 -15.52 48.10 -32.27
CA HIS B 354 -16.75 48.88 -32.37
C HIS B 354 -16.58 50.26 -31.73
N PHE B 355 -16.17 50.30 -30.47
CA PHE B 355 -15.95 51.55 -29.75
C PHE B 355 -14.61 51.65 -29.03
N PHE B 356 -13.99 50.53 -28.68
CA PHE B 356 -12.74 50.52 -27.92
C PHE B 356 -11.61 49.98 -28.77
N GLU B 357 -10.45 50.64 -28.70
CA GLU B 357 -9.24 50.12 -29.31
C GLU B 357 -8.65 49.07 -28.38
N GLN B 358 -8.83 47.80 -28.75
CA GLN B 358 -8.42 46.69 -27.89
C GLN B 358 -7.11 46.11 -28.40
N GLU B 359 -6.02 46.43 -27.70
CA GLU B 359 -4.77 45.72 -27.85
C GLU B 359 -4.78 44.55 -26.87
N TRP B 360 -4.55 43.34 -27.39
CA TRP B 360 -4.54 42.15 -26.55
C TRP B 360 -3.17 41.88 -25.95
N SER B 361 -2.30 42.89 -25.91
CA SER B 361 -1.01 42.77 -25.25
C SER B 361 -1.17 42.95 -23.74
N LYS B 362 -0.37 42.21 -22.98
CA LYS B 362 -0.32 42.31 -21.54
C LYS B 362 0.89 43.09 -21.05
N ILE B 363 1.60 43.77 -21.96
CA ILE B 363 2.82 44.50 -21.63
C ILE B 363 2.56 45.99 -21.82
N PHE B 364 3.60 46.80 -21.61
CA PHE B 364 3.49 48.25 -21.67
C PHE B 364 2.98 48.71 -23.04
N GLU B 365 2.22 49.81 -23.02
CA GLU B 365 1.48 50.23 -24.21
C GLU B 365 2.43 50.70 -25.31
N GLY B 366 3.58 51.25 -24.95
CA GLY B 366 4.49 51.79 -25.94
C GLY B 366 5.74 50.96 -26.15
N ASP B 367 5.69 49.69 -25.77
CA ASP B 367 6.85 48.81 -25.89
C ASP B 367 7.21 48.58 -27.35
N LYS B 368 8.50 48.67 -27.66
CA LYS B 368 8.97 48.44 -29.03
C LYS B 368 8.69 47.01 -29.46
N ASP B 369 8.85 46.05 -28.55
CA ASP B 369 8.52 44.66 -28.86
C ASP B 369 7.03 44.49 -29.15
N ALA B 370 6.18 45.25 -28.46
CA ALA B 370 4.75 45.20 -28.77
C ALA B 370 4.48 45.73 -30.17
N ILE B 371 5.18 46.79 -30.59
CA ILE B 371 5.03 47.32 -31.93
C ILE B 371 5.49 46.29 -32.96
N THR B 372 6.61 45.62 -32.69
CA THR B 372 7.10 44.59 -33.61
C THR B 372 6.12 43.43 -33.69
N ILE B 373 5.53 43.03 -32.57
CA ILE B 373 4.56 41.94 -32.57
C ILE B 373 3.31 42.34 -33.36
N ALA B 374 2.86 43.59 -33.19
CA ALA B 374 1.71 44.06 -33.95
C ALA B 374 1.99 44.08 -35.44
N GLN B 375 3.19 44.53 -35.83
CA GLN B 375 3.55 44.55 -37.25
C GLN B 375 3.63 43.13 -37.81
N ALA B 376 4.18 42.19 -37.03
CA ALA B 376 4.25 40.80 -37.47
C ALA B 376 2.85 40.19 -37.59
N ASP B 377 1.96 40.51 -36.65
CA ASP B 377 0.59 40.00 -36.72
C ASP B 377 -0.14 40.56 -37.93
N THR B 378 0.08 41.84 -38.24
CA THR B 378 -0.50 42.40 -39.46
C THR B 378 0.06 41.73 -40.70
N ALA B 379 1.32 41.31 -40.67
CA ALA B 379 1.94 40.61 -41.78
C ALA B 379 1.62 39.12 -41.79
N ARG B 380 0.75 38.64 -40.90
CA ARG B 380 0.29 37.27 -40.84
C ARG B 380 1.37 36.29 -40.41
N HIS B 381 2.38 36.75 -39.67
CA HIS B 381 3.35 35.85 -39.08
C HIS B 381 2.85 35.37 -37.72
N VAL B 382 3.29 34.18 -37.32
CA VAL B 382 2.90 33.62 -36.04
C VAL B 382 3.58 34.42 -34.92
N ILE B 383 2.77 34.89 -33.97
CA ILE B 383 3.26 35.70 -32.86
C ILE B 383 2.95 34.98 -31.55
N LEU B 384 3.60 35.43 -30.49
CA LEU B 384 3.35 34.95 -29.13
C LEU B 384 3.71 33.49 -28.95
N GLU B 385 4.67 32.99 -29.74
CA GLU B 385 5.11 31.61 -29.59
C GLU B 385 6.12 31.47 -28.44
N ASP B 386 7.24 32.16 -28.56
CA ASP B 386 8.26 32.19 -27.50
C ASP B 386 8.01 33.28 -26.47
N ASP B 387 7.04 34.16 -26.71
CA ASP B 387 6.76 35.31 -25.86
C ASP B 387 5.27 35.36 -25.52
N SER B 388 4.72 34.25 -25.06
CA SER B 388 3.29 34.16 -24.75
C SER B 388 2.89 35.06 -23.58
N TRP B 389 3.84 35.51 -22.77
CA TRP B 389 3.50 36.44 -21.70
C TRP B 389 3.02 37.78 -22.23
N ARG B 390 3.45 38.15 -23.43
CA ARG B 390 3.23 39.50 -23.93
C ARG B 390 1.76 39.80 -24.21
N GLY B 391 0.99 38.81 -24.65
CA GLY B 391 -0.37 39.11 -25.05
C GLY B 391 -1.22 37.85 -25.13
N VAL B 392 -2.51 38.08 -25.32
CA VAL B 392 -3.48 36.99 -25.45
C VAL B 392 -3.35 36.38 -26.85
N LYS B 393 -3.30 35.05 -26.90
CA LYS B 393 -3.27 34.37 -28.18
C LYS B 393 -4.57 34.59 -28.94
N LYS B 394 -4.48 34.57 -30.27
CA LYS B 394 -5.64 34.83 -31.11
C LYS B 394 -6.66 33.70 -30.99
N CYS B 395 -7.93 34.06 -31.12
CA CYS B 395 -9.01 33.10 -31.17
C CYS B 395 -9.48 32.96 -32.61
N CYS B 396 -9.44 31.75 -33.14
CA CYS B 396 -9.73 31.52 -34.55
C CYS B 396 -11.21 31.71 -34.83
N PRO B 397 -11.58 32.54 -35.80
CA PRO B 397 -12.98 32.60 -36.22
C PRO B 397 -13.36 31.34 -37.00
N ILE B 398 -14.56 30.84 -36.75
CA ILE B 398 -15.11 29.69 -37.46
C ILE B 398 -16.35 30.16 -38.20
N ILE B 399 -16.37 29.93 -39.51
CA ILE B 399 -17.40 30.48 -40.39
C ILE B 399 -18.30 29.34 -40.84
N SER B 400 -19.57 29.40 -40.44
CA SER B 400 -20.52 28.35 -40.76
C SER B 400 -21.92 28.94 -40.84
N GLY B 401 -22.82 28.20 -41.48
CA GLY B 401 -24.22 28.56 -41.55
C GLY B 401 -24.67 28.95 -42.94
N GLY B 402 -25.32 28.01 -43.64
CA GLY B 402 -25.81 28.28 -44.98
C GLY B 402 -24.72 28.62 -45.98
N LEU B 403 -23.58 27.95 -45.90
CA LEU B 403 -22.45 28.25 -46.76
C LEU B 403 -22.21 27.10 -47.75
N ASN B 404 -22.12 27.45 -49.02
CA ASN B 404 -21.73 26.52 -50.07
C ASN B 404 -20.43 27.03 -50.68
N PRO B 405 -19.77 26.26 -51.55
CA PRO B 405 -18.52 26.76 -52.15
C PRO B 405 -18.70 28.02 -52.99
N THR B 406 -19.87 28.21 -53.59
CA THR B 406 -20.13 29.39 -54.39
C THR B 406 -20.03 30.67 -53.58
N LEU B 407 -20.33 30.60 -52.27
CA LEU B 407 -20.23 31.74 -51.39
C LEU B 407 -18.88 31.81 -50.67
N LEU B 408 -17.93 30.94 -51.02
CA LEU B 408 -16.62 30.99 -50.39
C LEU B 408 -15.89 32.29 -50.75
N LYS B 409 -15.84 32.62 -52.03
CA LYS B 409 -15.20 33.87 -52.47
C LYS B 409 -15.85 35.12 -51.90
N PRO B 410 -17.18 35.28 -51.93
CA PRO B 410 -17.78 36.52 -51.38
C PRO B 410 -17.47 36.79 -49.91
N PHE B 411 -17.51 35.76 -49.05
CA PHE B 411 -17.27 35.97 -47.63
C PHE B 411 -15.85 36.46 -47.38
N ILE B 412 -14.87 35.88 -48.09
CA ILE B 412 -13.51 36.37 -48.01
C ILE B 412 -13.44 37.82 -48.47
N ASP B 413 -14.24 38.16 -49.49
CA ASP B 413 -14.34 39.56 -49.93
C ASP B 413 -14.84 40.45 -48.81
N VAL B 414 -15.68 39.92 -47.93
CA VAL B 414 -16.05 40.65 -46.72
C VAL B 414 -15.10 40.37 -45.57
N MET B 415 -14.41 39.24 -45.57
CA MET B 415 -13.56 38.89 -44.43
C MET B 415 -12.26 39.69 -44.43
N GLY B 416 -11.69 39.93 -45.61
CA GLY B 416 -10.43 40.64 -45.70
C GLY B 416 -9.21 39.81 -45.41
N ASN B 417 -9.36 38.50 -45.23
CA ASN B 417 -8.25 37.61 -44.94
C ASN B 417 -8.76 36.18 -45.03
N ILE B 418 -7.84 35.22 -44.90
CA ILE B 418 -8.17 33.81 -45.02
C ILE B 418 -7.72 33.07 -43.77
N ASP B 419 -7.66 33.77 -42.64
CA ASP B 419 -7.26 33.17 -41.36
C ASP B 419 -8.52 32.78 -40.59
N PHE B 420 -9.12 31.68 -41.01
CA PHE B 420 -10.35 31.19 -40.37
C PHE B 420 -10.58 29.75 -40.78
N ILE B 421 -11.33 29.04 -39.94
CA ILE B 421 -11.84 27.71 -40.26
C ILE B 421 -13.25 27.88 -40.79
N THR B 422 -13.50 27.36 -41.99
CA THR B 422 -14.81 27.42 -42.62
C THR B 422 -15.40 26.02 -42.69
N THR B 423 -16.58 25.84 -42.10
CA THR B 423 -17.28 24.57 -42.11
C THR B 423 -18.58 24.71 -42.90
N MET B 424 -18.78 23.83 -43.87
CA MET B 424 -19.98 23.83 -44.70
C MET B 424 -20.65 22.47 -44.57
N GLY B 425 -21.82 22.45 -43.93
CA GLY B 425 -22.56 21.21 -43.79
C GLY B 425 -23.46 20.95 -44.98
N ALA B 426 -24.36 21.88 -45.27
CA ALA B 426 -25.22 21.75 -46.44
C ALA B 426 -24.52 22.15 -47.72
N GLY B 427 -23.40 22.87 -47.63
CA GLY B 427 -22.66 23.24 -48.83
C GLY B 427 -21.96 22.07 -49.49
N CYS B 428 -21.71 20.99 -48.75
CA CYS B 428 -21.03 19.81 -49.27
C CYS B 428 -21.92 18.58 -49.26
N HIS B 429 -22.59 18.29 -48.14
CA HIS B 429 -23.41 17.09 -48.05
C HIS B 429 -24.68 17.18 -48.89
N ALA B 430 -25.13 18.38 -49.22
CA ALA B 430 -26.24 18.56 -50.14
C ALA B 430 -25.81 18.63 -51.60
N HIS B 431 -24.51 18.47 -51.85
CA HIS B 431 -24.03 18.38 -53.23
C HIS B 431 -24.62 17.14 -53.89
N PRO B 432 -25.10 17.26 -55.14
CA PRO B 432 -25.79 16.12 -55.76
C PRO B 432 -24.92 14.89 -56.00
N LYS B 433 -23.59 15.03 -56.00
CA LYS B 433 -22.69 13.92 -56.27
C LYS B 433 -22.00 13.41 -55.01
N GLY B 434 -22.58 13.65 -53.84
CA GLY B 434 -22.08 13.08 -52.60
C GLY B 434 -21.18 14.00 -51.81
N THR B 435 -20.82 13.53 -50.61
CA THR B 435 -19.99 14.32 -49.70
C THR B 435 -18.59 14.54 -50.27
N THR B 436 -18.01 13.52 -50.89
CA THR B 436 -16.69 13.67 -51.48
C THR B 436 -16.72 14.66 -52.64
N ALA B 437 -17.79 14.62 -53.45
CA ALA B 437 -17.95 15.60 -54.53
C ALA B 437 -18.10 17.01 -53.97
N GLY B 438 -18.85 17.16 -52.88
CA GLY B 438 -18.98 18.47 -52.26
C GLY B 438 -17.67 18.99 -51.71
N ALA B 439 -16.88 18.12 -51.08
CA ALA B 439 -15.57 18.50 -50.58
C ALA B 439 -14.64 18.89 -51.71
N LYS B 440 -14.68 18.14 -52.81
CA LYS B 440 -13.86 18.48 -53.98
C LYS B 440 -14.29 19.82 -54.58
N ALA B 441 -15.60 20.09 -54.62
CA ALA B 441 -16.08 21.38 -55.10
C ALA B 441 -15.62 22.52 -54.21
N LEU B 442 -15.64 22.30 -52.89
CA LEU B 442 -15.17 23.33 -51.96
C LEU B 442 -13.68 23.59 -52.14
N VAL B 443 -12.89 22.53 -52.30
CA VAL B 443 -11.45 22.70 -52.53
C VAL B 443 -11.20 23.38 -53.87
N GLN B 444 -12.02 23.09 -54.88
CA GLN B 444 -11.87 23.72 -56.18
C GLN B 444 -12.21 25.21 -56.10
N ALA B 445 -13.25 25.57 -55.33
CA ALA B 445 -13.57 26.98 -55.14
C ALA B 445 -12.46 27.70 -54.38
N CYS B 446 -11.88 27.04 -53.37
CA CYS B 446 -10.76 27.63 -52.65
C CYS B 446 -9.56 27.85 -53.56
N GLU B 447 -9.26 26.86 -54.42
CA GLU B 447 -8.16 27.01 -55.36
C GLU B 447 -8.44 28.11 -56.38
N ALA B 448 -9.69 28.23 -56.82
CA ALA B 448 -10.05 29.29 -57.75
C ALA B 448 -9.87 30.67 -57.10
N TYR B 449 -10.25 30.81 -55.83
CA TYR B 449 -10.00 32.06 -55.14
C TYR B 449 -8.50 32.31 -54.97
N GLN B 450 -7.73 31.28 -54.65
CA GLN B 450 -6.30 31.45 -54.43
C GLN B 450 -5.57 31.81 -55.72
N LYS B 451 -6.08 31.35 -56.86
CA LYS B 451 -5.48 31.65 -58.15
C LYS B 451 -6.12 32.85 -58.83
N GLY B 452 -7.16 33.44 -58.23
CA GLY B 452 -7.86 34.54 -58.84
C GLY B 452 -8.83 34.17 -59.94
N ILE B 453 -9.02 32.88 -60.20
CA ILE B 453 -9.92 32.43 -61.26
C ILE B 453 -11.36 32.48 -60.74
N ASP B 454 -12.24 33.07 -61.53
CA ASP B 454 -13.65 33.07 -61.20
C ASP B 454 -14.19 31.64 -61.19
N ILE B 455 -15.14 31.37 -60.30
CA ILE B 455 -15.64 30.01 -60.11
C ILE B 455 -16.32 29.50 -61.37
N LYS B 456 -17.02 30.36 -62.11
CA LYS B 456 -17.64 29.95 -63.36
C LYS B 456 -16.57 29.53 -64.38
N GLU B 457 -15.49 30.30 -64.49
CA GLU B 457 -14.39 29.92 -65.36
C GLU B 457 -13.69 28.66 -64.86
N TYR B 458 -13.47 28.58 -63.54
CA TYR B 458 -12.74 27.46 -62.97
C TYR B 458 -13.49 26.14 -63.11
N ALA B 459 -14.82 26.18 -63.05
CA ALA B 459 -15.63 24.96 -63.09
C ALA B 459 -15.67 24.31 -64.45
N LYS B 460 -15.20 24.98 -65.51
CA LYS B 460 -15.20 24.38 -66.83
C LYS B 460 -14.28 23.17 -66.90
N THR B 461 -13.21 23.16 -66.10
CA THR B 461 -12.30 22.03 -66.02
C THR B 461 -12.44 21.25 -64.72
N HIS B 462 -13.47 21.55 -63.92
CA HIS B 462 -13.66 20.91 -62.63
C HIS B 462 -15.16 20.62 -62.48
N LYS B 463 -15.53 19.34 -62.63
CA LYS B 463 -16.94 18.97 -62.70
C LYS B 463 -17.65 19.20 -61.36
N GLU B 464 -16.97 18.92 -60.25
CA GLU B 464 -17.61 19.07 -58.93
C GLU B 464 -17.99 20.52 -58.65
N LEU B 465 -17.09 21.45 -58.99
CA LEU B 465 -17.39 22.87 -58.78
C LEU B 465 -18.55 23.33 -59.65
N GLU B 466 -18.60 22.86 -60.90
CA GLU B 466 -19.71 23.22 -61.79
C GLU B 466 -21.03 22.66 -61.27
N GLU B 467 -21.03 21.41 -60.81
CA GLU B 467 -22.24 20.82 -60.26
C GLU B 467 -22.69 21.56 -59.00
N ALA B 468 -21.74 21.94 -58.14
CA ALA B 468 -22.08 22.70 -56.95
C ALA B 468 -22.67 24.06 -57.31
N ILE B 469 -22.11 24.73 -58.31
CA ILE B 469 -22.64 26.02 -58.75
C ILE B 469 -24.05 25.86 -59.29
N GLU B 470 -24.26 24.83 -60.12
CA GLU B 470 -25.59 24.59 -60.70
C GLU B 470 -26.62 24.28 -59.64
N PHE B 471 -26.23 23.51 -58.61
CA PHE B 471 -27.18 23.17 -57.56
C PHE B 471 -27.45 24.35 -56.63
N PHE B 472 -26.43 25.13 -56.29
CA PHE B 472 -26.55 26.15 -55.27
C PHE B 472 -26.88 27.54 -55.84
N THR B 473 -26.99 27.68 -57.16
CA THR B 473 -27.43 28.93 -57.75
C THR B 473 -28.96 29.03 -57.84
N LYS B 474 -29.68 27.98 -57.48
CA LYS B 474 -31.13 28.01 -57.48
C LYS B 474 -31.69 27.36 -56.21
N THR C 7 1.68 74.12 0.10
CA THR C 7 1.63 75.03 -1.04
C THR C 7 3.02 75.26 -1.62
N GLN C 8 3.86 75.99 -0.88
CA GLN C 8 5.22 76.25 -1.33
C GLN C 8 6.02 74.95 -1.43
N LEU C 9 5.85 74.05 -0.45
CA LEU C 9 6.51 72.75 -0.52
C LEU C 9 6.01 71.95 -1.71
N ILE C 10 4.72 72.07 -2.03
CA ILE C 10 4.18 71.40 -3.22
C ILE C 10 4.84 71.95 -4.48
N LYS C 11 5.03 73.26 -4.55
CA LYS C 11 5.69 73.86 -5.70
C LYS C 11 7.18 73.54 -5.75
N THR C 12 7.77 73.16 -4.62
CA THR C 12 9.18 72.76 -4.63
C THR C 12 9.37 71.37 -5.21
N LEU C 13 8.32 70.56 -5.29
CA LEU C 13 8.44 69.19 -5.76
C LEU C 13 8.66 69.15 -7.27
N ASN C 14 9.35 68.09 -7.71
CA ASN C 14 9.53 67.85 -9.14
C ASN C 14 8.37 66.99 -9.64
N ILE C 15 8.47 66.54 -10.90
CA ILE C 15 7.38 65.75 -11.49
C ILE C 15 7.30 64.38 -10.83
N HIS C 16 8.45 63.76 -10.55
CA HIS C 16 8.45 62.43 -9.97
C HIS C 16 7.86 62.42 -8.56
N GLN C 17 8.22 63.41 -7.75
CA GLN C 17 7.75 63.43 -6.36
C GLN C 17 6.27 63.79 -6.28
N LYS C 18 5.74 64.48 -7.29
CA LYS C 18 4.34 64.91 -7.25
C LYS C 18 3.39 63.72 -7.35
N GLY C 19 3.84 62.61 -7.92
CA GLY C 19 3.00 61.43 -8.00
C GLY C 19 2.88 60.66 -6.70
N TYR C 20 3.61 61.07 -5.67
CA TYR C 20 3.55 60.45 -4.35
C TYR C 20 3.09 61.42 -3.28
N VAL C 21 2.56 62.58 -3.66
CA VAL C 21 2.04 63.57 -2.74
C VAL C 21 0.63 63.94 -3.18
N ASN C 22 -0.35 63.70 -2.32
CA ASN C 22 -1.75 64.06 -2.59
C ASN C 22 -2.35 64.58 -1.29
N PHE C 23 -2.26 65.89 -1.09
CA PHE C 23 -2.86 66.50 0.10
C PHE C 23 -4.37 66.60 0.02
N ASP C 24 -4.95 66.41 -1.18
CA ASP C 24 -6.40 66.42 -1.36
C ASP C 24 -6.97 65.00 -1.48
N LEU C 25 -6.37 64.04 -0.79
CA LEU C 25 -6.92 62.70 -0.72
C LEU C 25 -8.28 62.77 -0.03
N PRO C 26 -9.37 62.34 -0.68
CA PRO C 26 -10.70 62.65 -0.12
C PRO C 26 -11.01 61.91 1.16
N ASN C 27 -10.74 60.61 1.20
CA ASN C 27 -11.04 59.79 2.38
C ASN C 27 -9.89 58.82 2.59
N PRO C 28 -8.90 59.18 3.41
CA PRO C 28 -7.82 58.24 3.71
C PRO C 28 -8.28 56.99 4.43
N LYS C 29 -9.42 57.04 5.12
CA LYS C 29 -9.96 55.90 5.84
C LYS C 29 -11.07 55.20 5.08
N ASN C 30 -11.04 55.26 3.74
CA ASN C 30 -12.06 54.61 2.93
C ASN C 30 -11.92 53.09 2.89
N GLY C 31 -10.83 52.55 3.42
CA GLY C 31 -10.58 51.12 3.40
C GLY C 31 -9.58 50.67 2.36
N GLU C 32 -9.20 51.55 1.43
CA GLU C 32 -8.21 51.21 0.42
C GLU C 32 -6.77 51.39 0.92
N TYR C 33 -6.58 52.11 2.02
CA TYR C 33 -5.25 52.55 2.44
C TYR C 33 -4.97 52.16 3.88
N LEU C 34 -3.81 51.55 4.10
CA LEU C 34 -3.17 51.61 5.40
C LEU C 34 -2.59 53.01 5.60
N LEU C 35 -2.81 53.59 6.77
CA LEU C 35 -2.33 54.93 7.07
C LEU C 35 -1.10 54.84 7.94
N ALA C 36 -0.08 55.62 7.62
CA ALA C 36 1.16 55.63 8.37
C ALA C 36 1.57 57.07 8.68
N VAL C 37 1.87 57.33 9.94
CA VAL C 37 2.42 58.62 10.36
C VAL C 37 3.90 58.43 10.64
N PHE C 38 4.73 59.24 10.00
CA PHE C 38 6.18 59.17 10.14
C PHE C 38 6.68 60.48 10.74
N HIS C 39 7.50 60.38 11.78
CA HIS C 39 8.37 61.48 12.15
C HIS C 39 9.52 61.50 11.14
N LEU C 40 9.65 62.59 10.40
CA LEU C 40 10.55 62.66 9.27
C LEU C 40 11.36 63.95 9.34
N ILE C 41 12.67 63.81 9.37
CA ILE C 41 13.61 64.93 9.22
C ILE C 41 14.56 64.59 8.08
N SER C 42 14.60 65.46 7.08
CA SER C 42 15.36 65.19 5.87
C SER C 42 16.86 65.22 6.14
N GLY C 43 17.61 64.48 5.32
CA GLY C 43 19.04 64.33 5.51
C GLY C 43 19.90 65.37 4.81
N GLY C 44 19.31 66.44 4.30
CA GLY C 44 20.10 67.50 3.69
C GLY C 44 19.74 67.83 2.26
N LYS C 45 19.42 69.10 2.01
CA LYS C 45 19.10 69.71 0.72
C LYS C 45 17.68 69.35 0.25
N LEU C 46 16.96 68.49 0.95
CA LEU C 46 15.56 68.21 0.65
C LEU C 46 14.69 68.75 1.78
N ASN C 47 13.58 69.40 1.41
CA ASN C 47 12.64 69.83 2.43
C ASN C 47 11.81 68.63 2.90
N ILE C 48 10.88 68.90 3.82
CA ILE C 48 10.09 67.82 4.41
C ILE C 48 9.22 67.14 3.37
N LEU C 49 8.61 67.92 2.47
CA LEU C 49 7.70 67.34 1.49
C LEU C 49 8.43 66.49 0.46
N GLN C 50 9.59 66.96 -0.01
CA GLN C 50 10.37 66.17 -0.97
C GLN C 50 10.86 64.87 -0.35
N ALA C 51 11.35 64.94 0.89
CA ALA C 51 11.80 63.73 1.58
C ALA C 51 10.64 62.76 1.81
N ALA C 52 9.47 63.30 2.18
CA ALA C 52 8.30 62.44 2.37
C ALA C 52 7.88 61.79 1.05
N ALA C 53 7.94 62.53 -0.05
CA ALA C 53 7.62 61.97 -1.35
C ALA C 53 8.60 60.86 -1.74
N GLU C 54 9.90 61.07 -1.48
CA GLU C 54 10.89 60.03 -1.74
C GLU C 54 10.64 58.80 -0.87
N VAL C 55 10.28 59.00 0.40
CA VAL C 55 9.99 57.88 1.29
C VAL C 55 8.77 57.11 0.80
N ALA C 56 7.72 57.83 0.39
CA ALA C 56 6.52 57.16 -0.12
C ALA C 56 6.81 56.39 -1.40
N ALA C 57 7.62 56.96 -2.30
CA ALA C 57 7.99 56.26 -3.52
C ALA C 57 8.81 55.02 -3.22
N GLU C 58 9.82 55.15 -2.37
CA GLU C 58 10.66 54.01 -2.03
C GLU C 58 9.92 52.95 -1.24
N SER C 59 8.81 53.30 -0.58
CA SER C 59 8.07 52.35 0.22
C SER C 59 6.79 51.85 -0.45
N SER C 60 6.41 52.36 -1.63
CA SER C 60 5.26 51.79 -2.34
C SER C 60 5.63 51.25 -3.71
N THR C 61 6.07 52.08 -4.66
CA THR C 61 6.27 51.63 -6.02
C THR C 61 7.48 52.24 -6.73
N GLY C 62 8.07 53.32 -6.23
CA GLY C 62 8.96 54.14 -7.00
C GLY C 62 10.42 54.05 -6.57
N THR C 63 11.23 54.85 -7.26
CA THR C 63 12.67 54.95 -7.01
C THR C 63 12.97 56.45 -6.92
N ASN C 64 14.25 56.81 -6.96
CA ASN C 64 14.62 58.22 -6.95
C ASN C 64 14.32 58.93 -8.26
N PHE C 65 13.94 58.21 -9.32
CA PHE C 65 13.59 58.80 -10.60
C PHE C 65 12.27 58.21 -11.10
N ASN C 66 11.76 58.79 -12.19
CA ASN C 66 10.66 58.19 -12.93
C ASN C 66 11.22 57.18 -13.92
N VAL C 67 10.83 55.93 -13.79
CA VAL C 67 11.24 54.89 -14.72
C VAL C 67 10.26 54.85 -15.89
N ASN C 68 10.75 54.47 -17.07
CA ASN C 68 9.92 54.43 -18.25
C ASN C 68 9.00 53.22 -18.29
N THR C 69 9.16 52.28 -17.36
CA THR C 69 8.27 51.13 -17.25
C THR C 69 7.02 51.44 -16.44
N GLU C 70 6.84 52.68 -16.00
CA GLU C 70 5.70 53.03 -15.16
C GLU C 70 4.42 53.06 -15.99
N THR C 71 3.45 52.25 -15.58
CA THR C 71 2.13 52.19 -16.19
C THR C 71 1.14 53.06 -15.42
N PRO C 72 0.02 53.43 -16.03
CA PRO C 72 -1.03 54.11 -15.27
C PRO C 72 -1.58 53.27 -14.12
N PHE C 73 -1.63 51.95 -14.29
CA PHE C 73 -2.00 51.08 -13.18
C PHE C 73 -0.99 51.15 -12.05
N SER C 74 0.30 51.25 -12.39
CA SER C 74 1.33 51.35 -11.36
C SER C 74 1.18 52.61 -10.53
N LYS C 75 0.73 53.70 -11.14
CA LYS C 75 0.52 54.94 -10.41
C LYS C 75 -0.63 54.83 -9.41
N GLU C 76 -1.57 53.91 -9.65
CA GLU C 76 -2.65 53.70 -8.70
C GLU C 76 -2.14 53.08 -7.40
N MET C 77 -1.01 52.40 -7.44
CA MET C 77 -0.41 51.80 -6.25
C MET C 77 0.56 52.75 -5.54
N ASN C 78 0.67 54.00 -5.99
CA ASN C 78 1.57 54.95 -5.36
C ASN C 78 1.12 55.27 -3.94
N ALA C 79 2.06 55.21 -3.00
CA ALA C 79 1.82 55.80 -1.69
C ALA C 79 1.85 57.31 -1.81
N VAL C 80 0.91 57.98 -1.14
CA VAL C 80 0.75 59.42 -1.26
C VAL C 80 0.83 60.05 0.12
N VAL C 81 1.64 61.10 0.23
CA VAL C 81 1.65 61.94 1.41
C VAL C 81 0.43 62.85 1.35
N TYR C 82 -0.50 62.67 2.29
CA TYR C 82 -1.77 63.38 2.28
C TYR C 82 -1.91 64.39 3.40
N GLN C 83 -0.93 64.51 4.28
CA GLN C 83 -1.00 65.45 5.38
C GLN C 83 0.41 65.66 5.94
N ILE C 84 0.69 66.87 6.41
CA ILE C 84 1.99 67.18 6.99
C ILE C 84 1.82 68.17 8.12
N ASP C 85 2.42 67.85 9.26
CA ASP C 85 2.58 68.79 10.37
C ASP C 85 4.02 69.31 10.30
N LEU C 86 4.16 70.59 9.94
CA LEU C 86 5.48 71.16 9.74
C LEU C 86 6.20 71.40 11.06
N ASP C 87 5.46 71.77 12.10
CA ASP C 87 6.08 72.03 13.40
C ASP C 87 6.63 70.74 14.01
N GLN C 88 5.89 69.65 13.92
CA GLN C 88 6.29 68.38 14.51
C GLN C 88 7.11 67.51 13.57
N ASN C 89 7.28 67.92 12.32
CA ASN C 89 7.97 67.11 11.31
C ASN C 89 7.28 65.77 11.12
N LEU C 90 5.97 65.82 10.93
CA LEU C 90 5.13 64.64 10.81
C LEU C 90 4.56 64.56 9.40
N VAL C 91 4.61 63.38 8.79
CA VAL C 91 4.10 63.17 7.44
C VAL C 91 3.15 61.97 7.47
N TRP C 92 1.97 62.13 6.86
CA TRP C 92 1.01 61.06 6.74
C TRP C 92 1.07 60.50 5.33
N ILE C 93 1.19 59.17 5.23
CA ILE C 93 1.29 58.49 3.96
C ILE C 93 0.20 57.42 3.91
N ALA C 94 -0.56 57.41 2.83
CA ALA C 94 -1.59 56.40 2.60
C ALA C 94 -1.05 55.36 1.63
N TYR C 95 -0.83 54.15 2.14
CA TYR C 95 -0.33 53.06 1.33
C TYR C 95 -1.51 52.23 0.87
N PRO C 96 -1.79 52.12 -0.43
CA PRO C 96 -2.80 51.15 -0.88
C PRO C 96 -2.37 49.74 -0.52
N TRP C 97 -3.20 49.06 0.28
CA TRP C 97 -2.82 47.74 0.77
C TRP C 97 -2.91 46.65 -0.29
N ARG C 98 -3.34 47.00 -1.51
CA ARG C 98 -3.13 46.14 -2.67
C ARG C 98 -1.65 45.84 -2.90
N LEU C 99 -0.76 46.74 -2.50
CA LEU C 99 0.69 46.51 -2.65
C LEU C 99 1.15 45.29 -1.86
N PHE C 100 0.47 44.96 -0.77
CA PHE C 100 0.97 43.95 0.15
C PHE C 100 0.71 42.55 -0.38
N ASP C 101 1.64 41.64 -0.05
CA ASP C 101 1.52 40.24 -0.43
C ASP C 101 0.26 39.63 0.15
N ARG C 102 -0.47 38.89 -0.68
CA ARG C 102 -1.73 38.29 -0.24
C ARG C 102 -1.45 37.14 0.73
N GLY C 103 -2.50 36.69 1.40
CA GLY C 103 -2.37 35.63 2.38
C GLY C 103 -1.94 36.06 3.75
N GLY C 104 -2.19 37.33 4.10
CA GLY C 104 -1.83 37.83 5.43
C GLY C 104 -0.34 37.91 5.69
N ASN C 105 0.41 38.45 4.73
CA ASN C 105 1.87 38.54 4.84
C ASN C 105 2.23 39.84 5.56
N VAL C 106 2.67 39.73 6.81
CA VAL C 106 2.98 40.91 7.60
C VAL C 106 4.38 41.43 7.32
N GLN C 107 5.35 40.52 7.11
CA GLN C 107 6.71 40.97 6.84
C GLN C 107 6.80 41.71 5.50
N ASN C 108 5.88 41.40 4.57
CA ASN C 108 5.80 42.19 3.34
C ASN C 108 5.40 43.64 3.63
N ILE C 109 4.45 43.84 4.55
CA ILE C 109 4.07 45.19 4.94
C ILE C 109 5.25 45.91 5.58
N LEU C 110 5.96 45.22 6.47
CA LEU C 110 7.13 45.82 7.11
C LEU C 110 8.23 46.13 6.09
N THR C 111 8.39 45.25 5.10
CA THR C 111 9.35 45.49 4.03
C THR C 111 8.99 46.74 3.24
N TYR C 112 7.70 46.94 2.95
CA TYR C 112 7.27 48.17 2.31
C TYR C 112 7.56 49.39 3.19
N ILE C 113 6.94 49.45 4.37
CA ILE C 113 6.86 50.71 5.11
C ILE C 113 8.05 50.96 6.02
N VAL C 114 8.64 49.89 6.56
CA VAL C 114 9.82 50.05 7.43
C VAL C 114 10.98 49.26 6.88
N GLY C 115 11.05 49.14 5.56
CA GLY C 115 12.13 48.42 4.91
C GLY C 115 13.24 49.32 4.40
N ASN C 116 13.28 49.54 3.08
CA ASN C 116 14.37 50.27 2.47
C ASN C 116 14.44 51.73 2.92
N VAL C 117 13.30 52.31 3.30
CA VAL C 117 13.25 53.73 3.62
C VAL C 117 14.11 54.06 4.83
N LEU C 118 14.31 53.10 5.73
CA LEU C 118 15.18 53.32 6.88
C LEU C 118 16.63 53.52 6.44
N GLY C 119 17.03 52.93 5.33
CA GLY C 119 18.39 53.09 4.83
C GLY C 119 18.63 54.32 3.98
N MET C 120 17.58 55.07 3.64
CA MET C 120 17.73 56.21 2.76
C MET C 120 18.51 57.33 3.44
N LYS C 121 19.50 57.87 2.72
CA LYS C 121 20.26 59.00 3.24
C LYS C 121 19.52 60.33 3.08
N GLU C 122 18.42 60.34 2.32
CA GLU C 122 17.65 61.57 2.15
C GLU C 122 16.94 61.99 3.43
N VAL C 123 16.75 61.07 4.38
CA VAL C 123 16.13 61.36 5.65
C VAL C 123 17.17 61.18 6.75
N SER C 124 17.25 62.15 7.67
CA SER C 124 18.08 62.00 8.85
C SER C 124 17.34 61.35 10.01
N ALA C 125 16.02 61.48 10.04
CA ALA C 125 15.19 60.79 11.02
C ALA C 125 13.96 60.26 10.32
N LEU C 126 13.64 58.98 10.53
CA LEU C 126 12.46 58.37 9.92
C LEU C 126 11.93 57.34 10.90
N LYS C 127 10.92 57.73 11.69
CA LYS C 127 10.35 56.85 12.70
C LYS C 127 8.86 56.70 12.45
N LEU C 128 8.42 55.48 12.16
CA LEU C 128 7.00 55.20 11.95
C LEU C 128 6.30 55.18 13.31
N LEU C 129 5.61 56.28 13.63
CA LEU C 129 4.98 56.41 14.95
C LEU C 129 3.73 55.56 15.08
N ASP C 130 2.88 55.53 14.05
CA ASP C 130 1.59 54.87 14.16
C ASP C 130 1.13 54.42 12.78
N VAL C 131 0.27 53.39 12.78
CA VAL C 131 -0.35 52.89 11.57
C VAL C 131 -1.82 52.62 11.85
N TRP C 132 -2.64 52.76 10.81
CA TRP C 132 -4.08 52.51 10.90
C TRP C 132 -4.45 51.45 9.88
N PHE C 133 -5.12 50.38 10.34
CA PHE C 133 -5.56 49.31 9.46
C PHE C 133 -7.02 49.48 9.14
N PRO C 134 -7.42 49.64 7.88
CA PRO C 134 -8.84 49.63 7.52
C PRO C 134 -9.45 48.27 7.78
N PRO C 135 -10.76 48.21 8.06
CA PRO C 135 -11.40 46.90 8.26
C PRO C 135 -11.28 45.96 7.08
N ALA C 136 -11.33 46.51 5.85
CA ALA C 136 -11.13 45.67 4.67
C ALA C 136 -9.73 45.09 4.64
N MET C 137 -8.73 45.86 5.07
CA MET C 137 -7.38 45.33 5.19
C MET C 137 -7.28 44.34 6.35
N LEU C 138 -7.94 44.64 7.47
CA LEU C 138 -7.88 43.77 8.64
C LEU C 138 -8.50 42.41 8.36
N GLU C 139 -9.47 42.34 7.44
CA GLU C 139 -10.05 41.06 7.07
C GLU C 139 -9.02 40.13 6.44
N GLN C 140 -8.01 40.69 5.76
CA GLN C 140 -7.00 39.91 5.07
C GLN C 140 -6.07 39.15 6.01
N TYR C 141 -6.01 39.51 7.29
CA TYR C 141 -4.98 39.01 8.19
C TYR C 141 -5.59 38.20 9.32
N ASP C 142 -4.79 37.29 9.87
CA ASP C 142 -5.30 36.33 10.84
C ASP C 142 -5.70 37.00 12.14
N GLY C 143 -4.74 37.66 12.79
CA GLY C 143 -4.95 38.16 14.13
C GLY C 143 -4.80 37.02 15.13
N PRO C 144 -4.86 37.33 16.42
CA PRO C 144 -4.71 36.29 17.43
C PRO C 144 -5.87 35.31 17.41
N SER C 145 -5.57 34.04 17.62
CA SER C 145 -6.56 33.00 17.78
C SER C 145 -6.69 32.52 19.23
N TYR C 146 -5.57 32.30 19.90
CA TYR C 146 -5.54 32.10 21.34
C TYR C 146 -5.26 33.43 22.01
N THR C 147 -5.99 33.73 23.07
CA THR C 147 -5.93 35.06 23.68
C THR C 147 -5.67 34.94 25.18
N LEU C 148 -5.53 36.10 25.83
CA LEU C 148 -5.37 36.13 27.28
C LEU C 148 -6.59 35.58 28.00
N ASP C 149 -7.77 35.72 27.40
CA ASP C 149 -8.98 35.17 28.01
C ASP C 149 -8.94 33.65 28.05
N ASP C 150 -8.43 33.02 27.00
CA ASP C 150 -8.32 31.56 26.99
C ASP C 150 -7.37 31.06 28.07
N MET C 151 -6.23 31.72 28.24
CA MET C 151 -5.30 31.33 29.29
C MET C 151 -5.85 31.65 30.67
N ARG C 152 -6.64 32.72 30.79
CA ARG C 152 -7.31 33.02 32.04
C ARG C 152 -8.31 31.92 32.39
N LYS C 153 -9.04 31.42 31.39
CA LYS C 153 -9.97 30.33 31.64
C LYS C 153 -9.24 29.05 32.02
N TYR C 154 -8.12 28.76 31.35
CA TYR C 154 -7.35 27.56 31.69
C TYR C 154 -6.76 27.65 33.09
N LEU C 155 -6.22 28.81 33.46
CA LEU C 155 -5.61 28.99 34.78
C LEU C 155 -6.63 29.29 35.87
N ASN C 156 -7.87 29.62 35.51
CA ASN C 156 -8.89 30.04 36.48
C ASN C 156 -8.44 31.29 37.23
N VAL C 157 -7.76 32.18 36.51
CA VAL C 157 -7.21 33.41 37.09
C VAL C 157 -7.98 34.57 36.49
N TYR C 158 -8.74 35.28 37.32
CA TYR C 158 -9.51 36.44 36.90
C TYR C 158 -9.33 37.55 37.92
N ASP C 159 -9.50 38.79 37.45
CA ASP C 159 -9.48 40.00 38.26
C ASP C 159 -8.10 40.37 38.77
N ARG C 160 -7.05 39.67 38.35
CA ARG C 160 -5.69 40.04 38.65
C ARG C 160 -4.82 39.71 37.44
N PRO C 161 -3.67 40.37 37.31
CA PRO C 161 -2.74 39.98 36.25
C PRO C 161 -2.21 38.57 36.49
N ILE C 162 -1.97 37.85 35.39
CA ILE C 162 -1.36 36.53 35.50
C ILE C 162 0.08 36.71 35.96
N LEU C 163 0.43 36.09 37.08
CA LEU C 163 1.77 36.24 37.65
C LEU C 163 2.72 35.26 36.97
N GLY C 164 3.79 35.82 36.40
CA GLY C 164 4.74 35.00 35.65
C GLY C 164 6.15 35.25 36.13
N THR C 165 7.05 34.39 35.68
CA THR C 165 8.45 34.52 36.02
C THR C 165 9.30 34.09 34.83
N ILE C 166 10.53 34.62 34.79
CA ILE C 166 11.55 34.15 33.87
C ILE C 166 12.66 33.52 34.70
N ILE C 167 13.03 32.30 34.36
CA ILE C 167 13.99 31.55 35.17
C ILE C 167 15.37 32.16 34.98
N LYS C 168 15.96 32.64 36.07
CA LYS C 168 17.29 33.20 36.14
C LYS C 168 18.23 32.22 36.85
N PRO C 169 19.47 32.02 36.37
CA PRO C 169 20.15 32.71 35.26
C PRO C 169 19.52 32.47 33.90
N LYS C 170 19.73 33.39 32.95
CA LYS C 170 19.13 33.27 31.63
C LYS C 170 19.64 32.02 30.92
N MET C 171 20.93 31.75 31.01
CA MET C 171 21.53 30.55 30.45
C MET C 171 22.47 29.95 31.49
N GLY C 172 22.80 28.67 31.31
CA GLY C 172 23.73 27.99 32.18
C GLY C 172 23.10 26.96 33.09
N LEU C 173 21.80 27.01 33.30
CA LEU C 173 21.12 25.98 34.08
C LEU C 173 20.91 24.73 33.23
N THR C 174 20.99 23.57 33.88
CA THR C 174 20.67 22.33 33.19
C THR C 174 19.16 22.18 33.07
N SER C 175 18.73 21.12 32.39
CA SER C 175 17.30 20.85 32.27
C SER C 175 16.68 20.60 33.65
N ALA C 176 17.37 19.85 34.50
CA ALA C 176 16.86 19.57 35.83
C ALA C 176 16.77 20.83 36.67
N GLU C 177 17.80 21.67 36.61
CA GLU C 177 17.79 22.90 37.40
C GLU C 177 16.71 23.87 36.91
N TYR C 178 16.55 23.97 35.59
CA TYR C 178 15.49 24.81 35.04
C TYR C 178 14.11 24.32 35.46
N ALA C 179 13.90 22.99 35.40
CA ALA C 179 12.63 22.43 35.82
C ALA C 179 12.40 22.67 37.31
N GLU C 180 13.45 22.57 38.12
CA GLU C 180 13.35 22.83 39.55
C GLU C 180 12.95 24.28 39.81
N ALA C 181 13.56 25.23 39.09
CA ALA C 181 13.20 26.63 39.26
C ALA C 181 11.76 26.89 38.83
N ALA C 182 11.33 26.28 37.73
CA ALA C 182 9.94 26.42 37.28
C ALA C 182 8.97 25.88 38.31
N TYR C 183 9.27 24.69 38.87
CA TYR C 183 8.43 24.13 39.93
C TYR C 183 8.42 25.04 41.16
N ASP C 184 9.58 25.60 41.51
CA ASP C 184 9.68 26.44 42.70
C ASP C 184 8.81 27.68 42.55
N PHE C 185 8.80 28.29 41.36
CA PHE C 185 7.91 29.41 41.14
C PHE C 185 6.45 28.98 41.13
N TRP C 186 6.14 27.86 40.47
CA TRP C 186 4.75 27.42 40.32
C TRP C 186 4.13 27.07 41.67
N VAL C 187 4.88 26.36 42.51
CA VAL C 187 4.35 25.94 43.81
C VAL C 187 4.26 27.09 44.79
N GLY C 188 4.91 28.21 44.49
CA GLY C 188 4.78 29.42 45.29
C GLY C 188 3.57 30.24 45.00
N GLY C 189 2.72 29.81 44.07
CA GLY C 189 1.54 30.53 43.67
C GLY C 189 1.60 31.11 42.27
N GLY C 190 2.78 31.20 41.69
CA GLY C 190 2.90 31.75 40.34
C GLY C 190 2.26 30.83 39.30
N ASP C 191 1.68 31.45 38.28
CA ASP C 191 0.94 30.71 37.26
C ASP C 191 1.75 30.47 35.99
N PHE C 192 2.63 31.41 35.64
CA PHE C 192 3.23 31.45 34.31
C PHE C 192 4.74 31.38 34.43
N VAL C 193 5.35 30.48 33.65
CA VAL C 193 6.80 30.41 33.56
C VAL C 193 7.20 30.39 32.10
N ASN C 195 10.49 30.20 29.11
CA ASN C 195 11.87 30.10 28.67
C ASN C 195 12.41 31.51 28.49
N ASP C 196 13.65 31.74 28.88
CA ASP C 196 14.32 32.97 28.47
C ASP C 196 14.44 32.96 26.95
N GLU C 197 14.45 34.16 26.37
CA GLU C 197 14.39 34.28 24.91
C GLU C 197 15.51 33.57 24.16
N PRO C 198 16.74 33.44 24.65
CA PRO C 198 17.71 32.58 23.95
C PRO C 198 17.75 31.14 24.43
N GLN C 199 16.93 30.76 25.41
CA GLN C 199 16.93 29.40 25.93
C GLN C 199 16.46 28.44 24.84
N ALA C 200 17.33 27.52 24.46
CA ALA C 200 17.12 26.67 23.30
C ALA C 200 17.82 25.34 23.56
N ASN C 201 18.08 24.57 22.51
CA ASN C 201 18.75 23.28 22.61
C ASN C 201 20.27 23.50 22.75
N GLN C 202 20.66 24.05 23.90
CA GLN C 202 22.07 24.13 24.25
C GLN C 202 22.56 22.75 24.69
N ASP C 203 23.88 22.55 24.58
CA ASP C 203 24.44 21.23 24.84
C ASP C 203 24.33 20.83 26.31
N PHE C 204 24.36 21.80 27.23
CA PHE C 204 24.23 21.49 28.64
C PHE C 204 22.80 21.45 29.13
N CYS C 205 21.86 22.01 28.36
CA CYS C 205 20.43 21.94 28.65
C CYS C 205 19.70 21.51 27.39
N PRO C 206 19.73 20.21 27.08
CA PRO C 206 19.07 19.73 25.86
C PRO C 206 17.58 20.00 25.88
N TYR C 207 17.04 20.35 24.71
CA TYR C 207 15.67 20.85 24.64
C TYR C 207 14.65 19.78 25.03
N ASP C 208 14.85 18.54 24.57
CA ASP C 208 13.94 17.46 24.91
C ASP C 208 13.97 17.16 26.40
N LYS C 209 15.17 17.13 26.99
CA LYS C 209 15.27 16.92 28.44
C LYS C 209 14.63 18.05 29.20
N MET C 210 14.81 19.29 28.73
CA MET C 210 14.16 20.44 29.36
C MET C 210 12.64 20.32 29.30
N VAL C 211 12.11 19.90 28.15
CA VAL C 211 10.66 19.76 28.00
C VAL C 211 10.12 18.69 28.93
N ARG C 212 10.80 17.54 28.99
CA ARG C 212 10.33 16.45 29.86
C ARG C 212 10.43 16.84 31.33
N ASN C 213 11.52 17.48 31.73
CA ASN C 213 11.67 17.90 33.12
C ASN C 213 10.65 18.98 33.48
N VAL C 214 10.35 19.88 32.56
CA VAL C 214 9.35 20.91 32.80
C VAL C 214 7.97 20.28 32.93
N LYS C 215 7.68 19.26 32.11
CA LYS C 215 6.41 18.55 32.21
C LYS C 215 6.28 17.89 33.59
N ALA C 216 7.34 17.23 34.06
CA ALA C 216 7.30 16.60 35.37
C ALA C 216 7.14 17.63 36.48
N ALA C 217 7.86 18.76 36.38
CA ALA C 217 7.76 19.80 37.40
C ALA C 217 6.38 20.42 37.41
N MET C 218 5.79 20.65 36.23
CA MET C 218 4.45 21.22 36.17
C MET C 218 3.42 20.25 36.73
N ASP C 219 3.58 18.95 36.45
CA ASP C 219 2.69 17.96 37.03
C ASP C 219 2.76 17.97 38.55
N LYS C 220 3.99 17.99 39.09
CA LYS C 220 4.16 18.03 40.54
C LYS C 220 3.56 19.29 41.15
N ALA C 221 3.81 20.45 40.53
CA ALA C 221 3.29 21.70 41.06
C ALA C 221 1.76 21.76 40.98
N VAL C 222 1.19 21.25 39.90
CA VAL C 222 -0.26 21.24 39.74
C VAL C 222 -0.91 20.34 40.78
N LYS C 223 -0.32 19.16 41.02
CA LYS C 223 -0.88 18.27 42.05
C LYS C 223 -0.73 18.88 43.44
N GLU C 224 0.39 19.54 43.72
CA GLU C 224 0.61 20.08 45.06
C GLU C 224 -0.28 21.29 45.32
N THR C 225 -0.44 22.17 44.35
CA THR C 225 -1.20 23.40 44.55
C THR C 225 -2.68 23.26 44.22
N GLY C 226 -3.04 22.30 43.37
CA GLY C 226 -4.42 22.21 42.92
C GLY C 226 -4.82 23.27 41.92
N ASN C 227 -3.84 23.99 41.36
CA ASN C 227 -4.09 25.04 40.38
C ASN C 227 -3.30 24.75 39.11
N LYS C 228 -3.89 25.09 37.97
CA LYS C 228 -3.23 24.86 36.70
C LYS C 228 -2.05 25.82 36.51
N LYS C 229 -1.07 25.38 35.74
CA LYS C 229 0.13 26.16 35.48
C LYS C 229 0.42 26.17 33.99
N VAL C 230 1.06 27.25 33.54
CA VAL C 230 1.39 27.44 32.14
C VAL C 230 2.88 27.71 32.01
N HIS C 231 3.53 27.02 31.08
CA HIS C 231 4.92 27.26 30.75
C HIS C 231 5.04 27.67 29.29
N SER C 232 5.76 28.75 29.04
CA SER C 232 5.98 29.25 27.68
C SER C 232 7.34 28.77 27.20
N PHE C 233 7.34 27.89 26.19
CA PHE C 233 8.57 27.33 25.65
C PHE C 233 9.10 28.17 24.51
N ASN C 234 10.39 28.45 24.53
CA ASN C 234 11.04 29.11 23.40
C ASN C 234 11.22 28.11 22.27
N VAL C 235 10.61 28.40 21.13
CA VAL C 235 10.69 27.54 19.95
C VAL C 235 11.48 28.19 18.83
N SER C 236 12.16 29.31 19.12
CA SER C 236 13.03 29.93 18.13
C SER C 236 14.20 29.00 17.82
N ALA C 237 14.32 28.63 16.54
CA ALA C 237 15.32 27.66 16.11
C ALA C 237 16.12 28.25 14.95
N ALA C 238 17.10 27.47 14.48
CA ALA C 238 17.87 27.88 13.32
C ALA C 238 17.01 27.95 12.07
N ASP C 239 16.10 26.98 11.91
CA ASP C 239 15.26 26.88 10.72
C ASP C 239 13.85 26.49 11.14
N PHE C 240 12.96 26.40 10.15
CA PHE C 240 11.57 26.02 10.43
C PHE C 240 11.50 24.60 10.98
N ASP C 241 12.31 23.69 10.41
CA ASP C 241 12.22 22.28 10.78
C ASP C 241 12.56 22.07 12.25
N THR C 242 13.59 22.77 12.74
CA THR C 242 13.92 22.66 14.17
C THR C 242 12.84 23.28 15.04
N MET C 243 12.24 24.38 14.60
CA MET C 243 11.20 25.02 15.39
C MET C 243 9.96 24.13 15.50
N ILE C 244 9.56 23.52 14.38
CA ILE C 244 8.41 22.63 14.42
C ILE C 244 8.74 21.33 15.14
N GLU C 245 10.00 20.88 15.07
CA GLU C 245 10.41 19.73 15.86
C GLU C 245 10.28 20.02 17.35
N ARG C 246 10.70 21.20 17.78
CA ARG C 246 10.59 21.58 19.18
C ARG C 246 9.14 21.77 19.59
N CYS C 247 8.32 22.34 18.70
CA CYS C 247 6.90 22.48 18.97
C CYS C 247 6.23 21.13 19.14
N GLU C 248 6.46 20.20 18.20
CA GLU C 248 5.87 18.87 18.29
C GLU C 248 6.40 18.10 19.50
N LEU C 249 7.65 18.35 19.87
CA LEU C 249 8.20 17.77 21.09
C LEU C 249 7.44 18.25 22.31
N ILE C 250 7.11 19.55 22.34
CA ILE C 250 6.29 20.07 23.43
C ILE C 250 4.90 19.45 23.42
N ARG C 251 4.30 19.32 22.23
CA ARG C 251 2.94 18.78 22.14
C ARG C 251 2.89 17.31 22.53
N ASN C 252 3.91 16.54 22.16
CA ASN C 252 3.96 15.12 22.46
C ASN C 252 4.67 14.82 23.78
N ALA C 253 4.74 15.80 24.68
CA ALA C 253 5.35 15.59 25.99
C ALA C 253 4.62 14.51 26.80
N GLY C 254 3.31 14.62 26.97
CA GLY C 254 2.32 15.61 26.53
C GLY C 254 1.68 16.42 27.63
N PHE C 255 1.84 17.75 27.55
CA PHE C 255 1.20 18.65 28.48
C PHE C 255 -0.31 18.67 28.26
N GLU C 256 -1.03 19.17 29.26
CA GLU C 256 -2.45 19.43 29.07
C GLU C 256 -2.61 20.57 28.06
N PRO C 257 -3.66 20.53 27.23
CA PRO C 257 -3.89 21.63 26.30
C PRO C 257 -4.15 22.94 27.03
N GLY C 258 -3.36 23.96 26.71
CA GLY C 258 -3.42 25.23 27.37
C GLY C 258 -2.35 25.45 28.42
N SER C 259 -1.66 24.38 28.84
CA SER C 259 -0.62 24.50 29.86
C SER C 259 0.73 24.94 29.29
N TYR C 260 0.89 24.94 27.97
CA TYR C 260 2.15 25.34 27.35
C TYR C 260 1.88 26.44 26.34
N ALA C 261 2.82 27.38 26.25
CA ALA C 261 2.80 28.43 25.24
C ALA C 261 4.05 28.32 24.39
N PHE C 262 3.95 28.83 23.16
CA PHE C 262 5.08 28.83 22.22
C PHE C 262 5.68 30.23 22.21
N LEU C 263 6.90 30.35 22.72
CA LEU C 263 7.63 31.60 22.71
C LEU C 263 8.48 31.68 21.44
N ILE C 264 8.39 32.80 20.73
CA ILE C 264 9.15 33.02 19.52
C ILE C 264 9.82 34.40 19.61
N ASP C 265 11.11 34.44 19.30
CA ASP C 265 11.83 35.70 19.22
C ASP C 265 11.46 36.36 17.90
N GLY C 266 10.44 37.22 17.93
CA GLY C 266 9.85 37.70 16.69
C GLY C 266 10.78 38.57 15.88
N ILE C 267 11.58 39.41 16.54
CA ILE C 267 12.50 40.28 15.81
C ILE C 267 13.61 39.46 15.17
N THR C 268 14.24 38.57 15.94
CA THR C 268 15.40 37.83 15.44
C THR C 268 14.97 36.64 14.58
N ALA C 269 14.05 35.80 15.09
CA ALA C 269 13.60 34.66 14.30
C ALA C 269 12.78 35.11 13.10
N GLY C 270 12.14 36.27 13.18
CA GLY C 270 11.43 36.83 12.06
C GLY C 270 9.92 36.70 12.13
N TRP C 271 9.23 37.59 11.42
CA TRP C 271 7.77 37.57 11.41
C TRP C 271 7.21 36.33 10.73
N MET C 272 7.98 35.71 9.83
CA MET C 272 7.55 34.47 9.21
C MET C 272 7.39 33.37 10.24
N ALA C 273 8.31 33.28 11.20
CA ALA C 273 8.20 32.29 12.26
C ALA C 273 6.96 32.53 13.12
N VAL C 274 6.69 33.80 13.44
CA VAL C 274 5.51 34.13 14.25
C VAL C 274 4.24 33.73 13.52
N GLN C 275 4.15 34.06 12.23
CA GLN C 275 2.95 33.70 11.47
C GLN C 275 2.83 32.20 11.28
N THR C 276 3.95 31.51 11.10
CA THR C 276 3.92 30.05 10.98
C THR C 276 3.44 29.40 12.27
N LEU C 277 3.89 29.90 13.41
CA LEU C 277 3.40 29.39 14.69
C LEU C 277 1.91 29.68 14.86
N ARG C 278 1.48 30.89 14.48
CA ARG C 278 0.08 31.25 14.62
C ARG C 278 -0.83 30.37 13.76
N ARG C 279 -0.41 30.07 12.53
CA ARG C 279 -1.24 29.28 11.64
C ARG C 279 -1.17 27.78 11.96
N LYS C 280 0.03 27.28 12.29
CA LYS C 280 0.17 25.86 12.60
C LYS C 280 -0.49 25.50 13.92
N TYR C 281 -0.43 26.39 14.90
CA TYR C 281 -0.92 26.12 16.26
C TYR C 281 -1.83 27.25 16.70
N PRO C 282 -3.02 27.36 16.10
CA PRO C 282 -3.96 28.40 16.53
C PRO C 282 -4.51 28.19 17.93
N ASP C 283 -4.44 26.98 18.47
CA ASP C 283 -4.92 26.68 19.81
C ASP C 283 -3.87 26.91 20.89
N VAL C 284 -2.68 27.40 20.52
CA VAL C 284 -1.58 27.61 21.45
C VAL C 284 -1.33 29.11 21.58
N PHE C 285 -1.10 29.55 22.81
CA PHE C 285 -0.72 30.93 23.06
C PHE C 285 0.62 31.23 22.38
N ILE C 286 0.58 32.09 21.38
CA ILE C 286 1.79 32.47 20.64
C ILE C 286 2.42 33.65 21.39
N HIS C 287 3.57 33.39 22.00
CA HIS C 287 4.24 34.35 22.86
C HIS C 287 5.29 35.06 22.00
N PHE C 288 5.02 36.31 21.66
CA PHE C 288 5.94 37.13 20.89
C PHE C 288 6.96 37.74 21.85
N HIS C 289 8.18 37.22 21.83
CA HIS C 289 9.28 37.89 22.49
C HIS C 289 9.95 38.83 21.50
N ARG C 290 10.19 40.07 21.93
CA ARG C 290 10.63 41.14 21.04
C ARG C 290 12.11 41.47 21.23
N ALA C 291 12.93 40.49 21.61
CA ALA C 291 14.36 40.72 21.80
C ALA C 291 15.00 41.19 20.51
N GLY C 292 15.71 42.32 20.59
CA GLY C 292 16.26 42.97 19.41
C GLY C 292 15.42 44.12 18.88
N HIS C 293 14.24 44.35 19.43
CA HIS C 293 13.35 45.39 18.93
C HIS C 293 13.88 46.80 19.18
N GLY C 294 14.84 46.95 20.11
CA GLY C 294 15.21 48.27 20.61
C GLY C 294 15.71 49.22 19.54
N SER C 295 16.53 48.70 18.62
CA SER C 295 17.04 49.53 17.52
C SER C 295 15.92 50.09 16.66
N PHE C 296 14.80 49.37 16.56
CA PHE C 296 13.63 49.93 15.88
C PHE C 296 12.94 50.99 16.75
N THR C 297 12.81 50.72 18.05
CA THR C 297 11.83 51.42 18.88
C THR C 297 12.43 52.37 19.92
N ARG C 298 13.75 52.35 20.12
CA ARG C 298 14.34 53.22 21.14
C ARG C 298 14.16 54.69 20.76
N PRO C 299 13.75 55.56 21.68
CA PRO C 299 13.66 57.00 21.36
C PRO C 299 14.99 57.61 20.97
N GLU C 300 16.11 57.08 21.50
CA GLU C 300 17.42 57.56 21.10
C GLU C 300 17.69 57.29 19.62
N ASN C 301 17.06 56.25 19.06
CA ASN C 301 17.22 55.94 17.64
C ASN C 301 16.22 56.73 16.82
N PRO C 302 16.67 57.69 16.01
CA PRO C 302 15.71 58.46 15.21
C PRO C 302 15.08 57.68 14.06
N ILE C 303 15.66 56.55 13.66
CA ILE C 303 15.19 55.78 12.53
C ILE C 303 14.67 54.44 13.05
N GLY C 304 13.41 54.14 12.76
CA GLY C 304 12.80 52.90 13.17
C GLY C 304 11.29 53.01 13.15
N PHE C 305 10.67 52.40 14.15
CA PHE C 305 9.23 52.53 14.35
C PHE C 305 8.92 52.38 15.85
N SER C 306 7.79 52.95 16.24
CA SER C 306 7.41 53.01 17.64
C SER C 306 7.07 51.62 18.18
N VAL C 307 7.02 51.53 19.50
CA VAL C 307 6.59 50.29 20.16
C VAL C 307 5.14 49.99 19.81
N LEU C 308 4.32 51.04 19.65
CA LEU C 308 2.92 50.87 19.30
C LEU C 308 2.76 50.18 17.94
N VAL C 309 3.57 50.59 16.96
CA VAL C 309 3.51 49.97 15.64
C VAL C 309 3.90 48.50 15.72
N LEU C 310 4.96 48.18 16.47
CA LEU C 310 5.39 46.80 16.63
C LEU C 310 4.31 45.95 17.30
N SER C 311 3.67 46.49 18.33
CA SER C 311 2.61 45.78 19.02
C SER C 311 1.41 45.54 18.09
N LYS C 312 1.05 46.57 17.32
CA LYS C 312 -0.07 46.44 16.38
C LYS C 312 0.22 45.38 15.32
N PHE C 313 1.44 45.37 14.78
CA PHE C 313 1.78 44.36 13.78
C PHE C 313 1.89 42.97 14.39
N ALA C 314 2.31 42.87 15.65
CA ALA C 314 2.29 41.57 16.33
C ALA C 314 0.87 41.06 16.49
N ARG C 315 -0.06 41.95 16.85
CA ARG C 315 -1.47 41.58 16.94
C ARG C 315 -2.01 41.16 15.59
N LEU C 316 -1.65 41.88 14.53
CA LEU C 316 -2.10 41.52 13.19
C LEU C 316 -1.55 40.16 12.76
N ALA C 317 -0.29 39.88 13.05
CA ALA C 317 0.35 38.63 12.65
C ALA C 317 -0.24 37.41 13.35
N GLY C 318 -0.92 37.59 14.48
CA GLY C 318 -1.53 36.48 15.18
C GLY C 318 -0.90 36.12 16.50
N ALA C 319 0.05 36.90 16.99
CA ALA C 319 0.66 36.63 18.29
C ALA C 319 -0.38 36.76 19.39
N SER C 320 -0.40 35.77 20.29
CA SER C 320 -1.34 35.82 21.41
C SER C 320 -0.93 36.86 22.44
N GLY C 321 0.35 37.20 22.50
CA GLY C 321 0.81 38.20 23.43
C GLY C 321 2.22 38.64 23.07
N ILE C 322 2.53 39.90 23.40
CA ILE C 322 3.83 40.48 23.09
C ILE C 322 4.26 41.35 24.27
N HIS C 323 5.55 41.34 24.56
CA HIS C 323 6.09 42.24 25.58
C HIS C 323 5.90 43.69 25.14
N THR C 324 5.46 44.53 26.07
CA THR C 324 5.17 45.93 25.76
C THR C 324 6.04 46.91 26.53
N GLY C 325 6.65 46.50 27.63
CA GLY C 325 7.50 47.41 28.38
C GLY C 325 6.89 47.76 29.72
N THR C 326 7.75 48.12 30.66
CA THR C 326 7.34 48.51 32.00
C THR C 326 7.03 49.99 32.13
N ALA C 327 7.07 50.73 31.01
CA ALA C 327 6.78 52.17 31.01
C ALA C 327 7.77 52.93 31.88
N GLY C 328 9.03 52.47 31.89
CA GLY C 328 10.07 53.11 32.67
C GLY C 328 10.19 52.63 34.10
N VAL C 329 9.21 51.88 34.61
CA VAL C 329 9.30 51.36 35.97
C VAL C 329 10.43 50.35 36.09
N GLY C 330 10.57 49.47 35.10
CA GLY C 330 11.60 48.46 35.09
C GLY C 330 12.92 48.97 34.56
N LYS C 331 13.74 48.02 34.08
CA LYS C 331 15.07 48.34 33.58
C LYS C 331 15.08 48.66 32.08
N MET C 332 13.95 48.56 31.41
CA MET C 332 13.88 48.77 29.96
C MET C 332 13.29 50.13 29.63
N GLN C 333 13.84 50.77 28.61
CA GLN C 333 13.41 52.08 28.16
C GLN C 333 11.99 52.03 27.61
N GLY C 334 11.26 53.14 27.75
CA GLY C 334 11.67 54.21 28.63
C GLY C 334 10.62 55.09 29.30
N SER C 335 9.34 54.89 29.01
CA SER C 335 8.33 55.86 29.42
C SER C 335 6.96 55.23 29.34
N PRO C 336 5.97 55.83 29.99
CA PRO C 336 4.59 55.30 29.94
C PRO C 336 3.86 55.63 28.65
N GLU C 337 4.15 56.79 28.05
CA GLU C 337 3.37 57.25 26.90
C GLU C 337 3.55 56.37 25.68
N GLU C 338 4.61 55.57 25.62
CA GLU C 338 4.77 54.60 24.56
C GLU C 338 4.26 53.22 24.98
N ASP C 339 4.76 52.71 26.11
CA ASP C 339 4.47 51.33 26.51
C ASP C 339 3.00 51.14 26.87
N VAL C 340 2.45 52.04 27.70
CA VAL C 340 1.06 51.89 28.12
C VAL C 340 0.12 52.10 26.95
N VAL C 341 0.45 53.04 26.06
CA VAL C 341 -0.39 53.28 24.88
C VAL C 341 -0.39 52.06 23.97
N ALA C 342 0.78 51.45 23.76
CA ALA C 342 0.84 50.23 22.95
C ALA C 342 0.06 49.09 23.59
N ALA C 343 0.19 48.94 24.92
CA ALA C 343 -0.51 47.88 25.63
C ALA C 343 -2.02 48.05 25.53
N GLN C 344 -2.50 49.29 25.71
CA GLN C 344 -3.93 49.55 25.59
C GLN C 344 -4.41 49.34 24.16
N ASN C 345 -3.60 49.72 23.17
CA ASN C 345 -4.00 49.56 21.78
C ASN C 345 -4.09 48.09 21.40
N ILE C 346 -3.22 47.25 21.96
CA ILE C 346 -3.27 45.82 21.64
C ILE C 346 -4.28 45.06 22.50
N LEU C 347 -4.62 45.58 23.67
CA LEU C 347 -5.55 44.90 24.56
C LEU C 347 -7.00 45.34 24.39
N ARG C 348 -7.23 46.46 23.70
CA ARG C 348 -8.56 47.05 23.63
C ARG C 348 -9.20 46.81 22.26
N PHE C 349 -10.53 46.85 22.24
CA PHE C 349 -11.27 46.81 21.00
C PHE C 349 -11.14 48.11 20.21
N LYS C 350 -10.79 49.20 20.88
CA LYS C 350 -10.66 50.51 20.26
C LYS C 350 -9.86 51.42 21.18
N ASP C 351 -8.81 52.04 20.64
CA ASP C 351 -7.93 52.90 21.43
C ASP C 351 -7.68 54.20 20.68
N LYS C 352 -6.81 55.04 21.23
CA LYS C 352 -6.75 56.44 20.80
C LYS C 352 -6.16 56.58 19.39
N GLY C 353 -4.92 56.14 19.17
CA GLY C 353 -3.82 55.70 20.01
C GLY C 353 -2.79 56.83 20.08
N HIS C 354 -1.75 56.76 19.25
CA HIS C 354 -0.84 57.88 19.11
C HIS C 354 -1.42 58.95 18.18
N PHE C 355 -1.78 58.57 16.96
CA PHE C 355 -2.36 59.49 15.99
C PHE C 355 -3.62 58.98 15.32
N PHE C 356 -3.84 57.67 15.25
CA PHE C 356 -4.97 57.09 14.56
C PHE C 356 -5.93 56.43 15.55
N GLU C 357 -7.22 56.71 15.39
CA GLU C 357 -8.26 56.01 16.15
C GLU C 357 -8.42 54.63 15.54
N GLN C 358 -7.83 53.63 16.17
CA GLN C 358 -7.82 52.26 15.65
C GLN C 358 -8.89 51.45 16.37
N GLU C 359 -9.99 51.17 15.66
CA GLU C 359 -10.95 50.17 16.08
C GLU C 359 -10.63 48.87 15.35
N TRP C 360 -10.48 47.79 16.12
CA TRP C 360 -10.11 46.50 15.56
C TRP C 360 -11.31 45.69 15.09
N SER C 361 -12.43 46.35 14.82
CA SER C 361 -13.59 45.69 14.27
C SER C 361 -13.43 45.52 12.76
N LYS C 362 -13.90 44.38 12.25
CA LYS C 362 -13.91 44.09 10.83
C LYS C 362 -15.28 44.29 10.21
N ILE C 363 -16.22 44.89 10.95
CA ILE C 363 -17.60 45.10 10.50
C ILE C 363 -17.82 46.60 10.34
N PHE C 364 -19.05 46.98 9.98
CA PHE C 364 -19.40 48.36 9.70
C PHE C 364 -19.09 49.28 10.88
N GLU C 365 -18.78 50.53 10.56
CA GLU C 365 -18.23 51.46 11.55
C GLU C 365 -19.22 51.77 12.67
N GLY C 366 -20.48 51.98 12.32
CA GLY C 366 -21.47 52.37 13.32
C GLY C 366 -22.45 51.26 13.66
N ASP C 367 -22.01 50.01 13.54
CA ASP C 367 -22.88 48.88 13.85
C ASP C 367 -23.21 48.85 15.34
N LYS C 368 -24.49 48.60 15.65
CA LYS C 368 -24.92 48.55 17.05
C LYS C 368 -24.25 47.41 17.79
N ASP C 369 -24.07 46.26 17.11
CA ASP C 369 -23.35 45.15 17.73
C ASP C 369 -21.90 45.51 17.99
N ALA C 370 -21.28 46.30 17.11
CA ALA C 370 -19.92 46.77 17.36
C ALA C 370 -19.87 47.68 18.58
N ILE C 371 -20.87 48.54 18.75
CA ILE C 371 -20.93 49.41 19.92
C ILE C 371 -21.09 48.58 21.19
N THR C 372 -21.94 47.55 21.14
CA THR C 372 -22.12 46.68 22.29
C THR C 372 -20.83 45.92 22.62
N ILE C 373 -20.12 45.47 21.60
CA ILE C 373 -18.85 44.78 21.82
C ILE C 373 -17.82 45.72 22.43
N ALA C 374 -17.78 46.97 21.96
CA ALA C 374 -16.86 47.94 22.54
C ALA C 374 -17.20 48.24 24.00
N GLN C 375 -18.50 48.36 24.31
CA GLN C 375 -18.90 48.58 25.69
C GLN C 375 -18.55 47.40 26.58
N ALA C 376 -18.74 46.17 26.07
CA ALA C 376 -18.38 44.99 26.83
C ALA C 376 -16.87 44.91 27.05
N ASP C 377 -16.09 45.25 26.02
CA ASP C 377 -14.63 45.23 26.16
C ASP C 377 -14.16 46.27 27.16
N THR C 378 -14.78 47.45 27.16
CA THR C 378 -14.47 48.45 28.17
C THR C 378 -14.85 47.97 29.57
N ALA C 379 -15.90 47.17 29.68
CA ALA C 379 -16.33 46.59 30.95
C ALA C 379 -15.55 45.33 31.32
N ARG C 380 -14.54 44.96 30.53
CA ARG C 380 -13.64 43.83 30.79
C ARG C 380 -14.34 42.48 30.64
N HIS C 381 -15.40 42.42 29.85
CA HIS C 381 -16.01 41.13 29.51
C HIS C 381 -15.31 40.52 28.31
N VAL C 382 -15.37 39.19 28.21
CA VAL C 382 -14.76 38.50 27.07
C VAL C 382 -15.62 38.74 25.84
N ILE C 383 -14.98 39.21 24.76
CA ILE C 383 -15.66 39.55 23.53
C ILE C 383 -15.10 38.68 22.41
N LEU C 384 -15.82 38.67 21.28
CA LEU C 384 -15.39 37.99 20.06
C LEU C 384 -15.26 36.49 20.25
N GLU C 385 -16.04 35.91 21.15
CA GLU C 385 -16.00 34.46 21.36
C GLU C 385 -16.87 33.73 20.33
N ASP C 386 -18.16 34.05 20.32
CA ASP C 386 -19.08 33.49 19.33
C ASP C 386 -19.22 34.35 18.09
N ASP C 387 -18.54 35.50 18.05
CA ASP C 387 -18.61 36.44 16.94
C ASP C 387 -17.20 36.87 16.53
N SER C 388 -16.33 35.89 16.31
CA SER C 388 -14.93 36.17 15.97
C SER C 388 -14.78 36.87 14.63
N TRP C 389 -15.79 36.81 13.75
CA TRP C 389 -15.72 37.54 12.50
C TRP C 389 -15.72 39.06 12.73
N ARG C 390 -16.26 39.51 13.86
CA ARG C 390 -16.51 40.94 14.06
C ARG C 390 -15.23 41.75 14.16
N GLY C 391 -14.17 41.20 14.74
CA GLY C 391 -12.98 41.99 14.93
C GLY C 391 -11.79 41.13 15.29
N VAL C 392 -10.67 41.80 15.48
CA VAL C 392 -9.41 41.13 15.80
C VAL C 392 -9.36 40.86 17.29
N LYS C 393 -9.02 39.62 17.66
CA LYS C 393 -8.88 39.27 19.06
C LYS C 393 -7.74 40.05 19.70
N LYS C 394 -7.89 40.34 20.98
CA LYS C 394 -6.90 41.14 21.70
C LYS C 394 -5.56 40.42 21.79
N CYS C 395 -4.49 41.20 21.76
CA CYS C 395 -3.15 40.70 22.00
C CYS C 395 -2.75 41.02 23.43
N CYS C 396 -2.38 40.00 24.19
CA CYS C 396 -2.12 40.17 25.60
C CYS C 396 -0.80 40.92 25.82
N PRO C 397 -0.81 42.06 26.51
CA PRO C 397 0.45 42.68 26.90
C PRO C 397 1.20 41.79 27.90
N ILE C 398 2.51 41.77 27.78
CA ILE C 398 3.38 41.03 28.68
C ILE C 398 4.40 42.00 29.24
N ILE C 399 4.47 42.10 30.56
CA ILE C 399 5.24 43.13 31.25
C ILE C 399 6.44 42.45 31.91
N SER C 400 7.64 42.82 31.46
CA SER C 400 8.87 42.23 31.99
C SER C 400 9.99 43.25 31.91
N GLY C 401 11.07 42.95 32.62
CA GLY C 401 12.27 43.77 32.57
C GLY C 401 12.49 44.60 33.81
N GLY C 402 13.38 44.13 34.69
CA GLY C 402 13.71 44.86 35.89
C GLY C 402 12.55 45.07 36.84
N LEU C 403 11.64 44.12 36.92
CA LEU C 403 10.47 44.23 37.77
C LEU C 403 10.65 43.37 39.02
N ASN C 404 10.32 43.94 40.17
CA ASN C 404 10.25 43.21 41.43
C ASN C 404 8.84 43.40 41.98
N PRO C 405 8.45 42.69 43.05
CA PRO C 405 7.10 42.87 43.59
C PRO C 405 6.81 44.28 44.08
N THR C 406 7.83 44.99 44.58
CA THR C 406 7.63 46.36 45.05
C THR C 406 7.18 47.29 43.94
N LEU C 407 7.55 46.99 42.69
CA LEU C 407 7.12 47.79 41.55
C LEU C 407 5.86 47.25 40.88
N LEU C 408 5.23 46.22 41.47
CA LEU C 408 3.99 45.72 40.89
C LEU C 408 2.88 46.76 40.99
N LYS C 409 2.72 47.36 42.17
CA LYS C 409 1.72 48.40 42.35
C LYS C 409 1.95 49.63 41.47
N PRO C 410 3.15 50.20 41.37
CA PRO C 410 3.32 51.41 40.52
C PRO C 410 2.99 51.21 39.05
N PHE C 411 3.40 50.08 38.46
CA PHE C 411 3.16 49.87 37.02
C PHE C 411 1.67 49.80 36.72
N ILE C 412 0.89 49.12 37.58
CA ILE C 412 -0.55 49.10 37.42
C ILE C 412 -1.11 50.51 37.53
N ASP C 413 -0.51 51.34 38.41
CA ASP C 413 -0.89 52.74 38.51
C ASP C 413 -0.66 53.47 37.19
N VAL C 414 0.34 53.04 36.42
CA VAL C 414 0.51 53.53 35.06
C VAL C 414 -0.26 52.69 34.05
N MET C 415 -0.51 51.41 34.36
CA MET C 415 -1.14 50.53 33.37
C MET C 415 -2.62 50.82 33.23
N GLY C 416 -3.28 51.18 34.33
CA GLY C 416 -4.70 51.45 34.30
C GLY C 416 -5.59 50.23 34.23
N ASN C 417 -5.03 49.04 34.40
CA ASN C 417 -5.80 47.80 34.33
C ASN C 417 -4.89 46.66 34.77
N ILE C 418 -5.46 45.47 34.88
CA ILE C 418 -4.72 44.30 35.33
C ILE C 418 -4.86 43.18 34.30
N ASP C 419 -5.09 43.54 33.04
CA ASP C 419 -5.26 42.57 31.96
C ASP C 419 -3.93 42.42 31.23
N PHE C 420 -3.04 41.64 31.84
CA PHE C 420 -1.71 41.42 31.27
C PHE C 420 -1.05 40.26 31.99
N ILE C 421 0.02 39.75 31.38
CA ILE C 421 0.90 38.78 32.00
C ILE C 421 2.17 39.51 32.42
N THR C 422 2.52 39.39 33.70
CA THR C 422 3.74 40.01 34.24
C THR C 422 4.71 38.91 34.60
N THR C 423 5.92 38.98 34.04
CA THR C 423 6.99 38.02 34.32
C THR C 423 8.12 38.75 35.03
N MET C 424 8.57 38.19 36.15
CA MET C 424 9.60 38.79 36.98
C MET C 424 10.72 37.79 37.17
N GLY C 425 11.81 37.96 36.43
CA GLY C 425 12.95 37.06 36.54
C GLY C 425 13.80 37.36 37.75
N ALA C 426 14.41 38.56 37.78
CA ALA C 426 15.22 38.96 38.93
C ALA C 426 14.39 39.41 40.11
N GLY C 427 13.10 39.70 39.90
CA GLY C 427 12.25 40.08 41.01
C GLY C 427 11.86 38.93 41.92
N CYS C 428 12.05 37.69 41.47
CA CYS C 428 11.73 36.51 42.25
C CYS C 428 12.94 35.62 42.51
N HIS C 429 13.76 35.37 41.49
CA HIS C 429 14.91 34.49 41.66
C HIS C 429 16.05 35.17 42.42
N ALA C 430 16.10 36.51 42.41
CA ALA C 430 17.07 37.24 43.21
C ALA C 430 16.55 37.54 44.62
N HIS C 431 15.37 37.05 44.96
CA HIS C 431 14.87 37.16 46.32
C HIS C 431 15.81 36.39 47.26
N PRO C 432 16.15 36.94 48.43
CA PRO C 432 17.15 36.29 49.29
C PRO C 432 16.71 34.94 49.85
N LYS C 433 15.41 34.62 49.82
CA LYS C 433 14.91 33.37 50.39
C LYS C 433 14.46 32.38 49.32
N GLY C 434 14.97 32.49 48.10
CA GLY C 434 14.73 31.51 47.07
C GLY C 434 13.61 31.89 46.12
N THR C 435 13.47 31.05 45.08
CA THR C 435 12.47 31.29 44.04
C THR C 435 11.06 31.21 44.60
N THR C 436 10.81 30.22 45.47
CA THR C 436 9.48 30.09 46.07
C THR C 436 9.15 31.28 46.95
N ALA C 437 10.14 31.77 47.71
CA ALA C 437 9.94 32.97 48.51
C ALA C 437 9.66 34.19 47.63
N GLY C 438 10.36 34.30 46.50
CA GLY C 438 10.09 35.40 45.59
C GLY C 438 8.71 35.33 44.98
N ALA C 439 8.27 34.12 44.61
CA ALA C 439 6.92 33.95 44.08
C ALA C 439 5.87 34.29 45.12
N LYS C 440 6.09 33.86 46.36
CA LYS C 440 5.17 34.19 47.45
C LYS C 440 5.13 35.69 47.69
N ALA C 441 6.28 36.36 47.61
CA ALA C 441 6.31 37.82 47.76
C ALA C 441 5.56 38.50 46.64
N LEU C 442 5.70 38.01 45.40
CA LEU C 442 4.96 38.58 44.29
C LEU C 442 3.46 38.39 44.47
N VAL C 443 3.04 37.20 44.92
CA VAL C 443 1.62 36.96 45.17
C VAL C 443 1.11 37.84 46.30
N GLN C 444 1.94 38.06 47.32
CA GLN C 444 1.56 38.92 48.43
C GLN C 444 1.42 40.37 47.98
N ALA C 445 2.31 40.85 47.11
CA ALA C 445 2.18 42.20 46.57
C ALA C 445 0.92 42.32 45.72
N CYS C 446 0.62 41.29 44.92
CA CYS C 446 -0.60 41.30 44.12
C CYS C 446 -1.84 41.33 45.01
N GLU C 447 -1.85 40.55 46.09
CA GLU C 447 -2.99 40.56 47.01
C GLU C 447 -3.10 41.88 47.74
N ALA C 448 -1.96 42.51 48.06
CA ALA C 448 -1.99 43.83 48.69
C ALA C 448 -2.59 44.87 47.76
N TYR C 449 -2.22 44.82 46.47
CA TYR C 449 -2.83 45.72 45.50
C TYR C 449 -4.32 45.44 45.35
N GLN C 450 -4.71 44.16 45.33
CA GLN C 450 -6.12 43.81 45.17
C GLN C 450 -6.95 44.28 46.36
N LYS C 451 -6.42 44.15 47.56
CA LYS C 451 -7.11 44.58 48.77
C LYS C 451 -6.92 46.05 49.08
N GLY C 452 -6.05 46.74 48.34
CA GLY C 452 -5.78 48.14 48.60
C GLY C 452 -4.79 48.39 49.72
N ILE C 453 -4.23 47.35 50.32
CA ILE C 453 -3.26 47.50 51.40
C ILE C 453 -1.91 47.88 50.82
N ASP C 454 -1.27 48.89 51.40
CA ASP C 454 0.09 49.25 51.01
C ASP C 454 1.03 48.10 51.29
N ILE C 455 2.06 47.95 50.44
CA ILE C 455 2.97 46.81 50.54
C ILE C 455 3.74 46.84 51.86
N LYS C 456 4.09 48.02 52.35
CA LYS C 456 4.76 48.12 53.64
C LYS C 456 3.86 47.64 54.77
N GLU C 457 2.58 48.03 54.73
CA GLU C 457 1.64 47.53 55.74
C GLU C 457 1.38 46.05 55.56
N TYR C 458 1.24 45.59 54.31
CA TYR C 458 0.91 44.19 54.04
C TYR C 458 2.05 43.26 54.44
N ALA C 459 3.30 43.73 54.35
CA ALA C 459 4.45 42.90 54.65
C ALA C 459 4.62 42.61 56.13
N LYS C 460 3.90 43.31 57.01
CA LYS C 460 4.02 43.08 58.44
C LYS C 460 3.54 41.68 58.82
N THR C 461 2.54 41.16 58.11
CA THR C 461 2.05 39.81 58.33
C THR C 461 2.48 38.84 57.24
N HIS C 462 3.38 39.26 56.35
CA HIS C 462 3.83 38.44 55.23
C HIS C 462 5.35 38.61 55.10
N LYS C 463 6.09 37.59 55.52
CA LYS C 463 7.54 37.71 55.62
C LYS C 463 8.20 37.86 54.24
N GLU C 464 7.69 37.14 53.24
CA GLU C 464 8.30 37.18 51.92
C GLU C 464 8.20 38.57 51.29
N LEU C 465 7.05 39.22 51.46
CA LEU C 465 6.88 40.57 50.93
C LEU C 465 7.83 41.55 51.61
N GLU C 466 7.98 41.43 52.94
CA GLU C 466 8.89 42.30 53.67
C GLU C 466 10.33 42.08 53.23
N GLU C 467 10.75 40.82 53.07
CA GLU C 467 12.10 40.54 52.62
C GLU C 467 12.33 41.05 51.20
N ALA C 468 11.33 40.92 50.32
CA ALA C 468 11.44 41.44 48.97
C ALA C 468 11.58 42.96 48.98
N ILE C 469 10.80 43.63 49.82
CA ILE C 469 10.90 45.09 49.92
C ILE C 469 12.27 45.50 50.43
N GLU C 470 12.77 44.81 51.46
CA GLU C 470 14.08 45.14 52.01
C GLU C 470 15.19 44.93 50.99
N PHE C 471 15.12 43.84 50.22
CA PHE C 471 16.16 43.57 49.24
C PHE C 471 16.09 44.52 48.04
N PHE C 472 14.89 44.78 47.54
CA PHE C 472 14.71 45.52 46.29
C PHE C 472 14.57 47.02 46.49
N THR C 473 14.53 47.50 47.73
CA THR C 473 14.52 48.94 47.98
C THR C 473 15.92 49.55 47.99
N LYS C 474 16.96 48.73 47.87
CA LYS C 474 18.33 49.23 47.80
C LYS C 474 19.10 48.51 46.71
N THR D 7 40.89 49.96 36.53
CA THR D 7 41.31 49.98 37.92
C THR D 7 40.27 50.65 38.81
N GLN D 8 40.13 51.97 38.67
CA GLN D 8 39.12 52.69 39.44
C GLN D 8 37.71 52.25 39.05
N LEU D 9 37.48 52.02 37.76
CA LEU D 9 36.17 51.54 37.32
C LEU D 9 35.89 50.15 37.86
N ILE D 10 36.93 49.32 38.00
CA ILE D 10 36.74 47.97 38.54
C ILE D 10 36.30 48.05 40.00
N LYS D 11 36.83 49.02 40.76
CA LYS D 11 36.44 49.17 42.15
C LYS D 11 35.04 49.77 42.30
N THR D 12 34.48 50.33 41.23
CA THR D 12 33.11 50.83 41.27
C THR D 12 32.09 49.72 41.06
N LEU D 13 32.53 48.55 40.62
CA LEU D 13 31.61 47.44 40.34
C LEU D 13 31.17 46.77 41.64
N ASN D 14 29.89 46.39 41.67
CA ASN D 14 29.37 45.62 42.80
C ASN D 14 29.70 44.15 42.59
N ILE D 15 29.14 43.29 43.45
CA ILE D 15 29.46 41.86 43.38
C ILE D 15 28.88 41.24 42.11
N HIS D 16 27.67 41.63 41.73
CA HIS D 16 27.03 41.03 40.57
C HIS D 16 27.75 41.40 39.28
N GLN D 17 28.17 42.66 39.16
CA GLN D 17 28.79 43.12 37.91
C GLN D 17 30.20 42.57 37.76
N LYS D 18 30.88 42.27 38.87
CA LYS D 18 32.24 41.75 38.79
C LYS D 18 32.30 40.37 38.14
N GLY D 19 31.20 39.61 38.20
CA GLY D 19 31.18 38.30 37.57
C GLY D 19 31.09 38.35 36.06
N TYR D 20 30.81 39.51 35.49
CA TYR D 20 30.73 39.69 34.04
C TYR D 20 31.84 40.60 33.51
N VAL D 21 32.89 40.81 34.29
CA VAL D 21 34.03 41.62 33.89
C VAL D 21 35.30 40.85 34.21
N ASN D 22 36.12 40.60 33.19
CA ASN D 22 37.40 39.92 33.37
C ASN D 22 38.40 40.57 32.41
N PHE D 23 39.11 41.59 32.91
CA PHE D 23 40.14 42.24 32.10
C PHE D 23 41.41 41.41 32.00
N ASP D 24 41.53 40.35 32.81
CA ASP D 24 42.68 39.45 32.76
C ASP D 24 42.33 38.13 32.07
N LEU D 25 41.43 38.17 31.09
CA LEU D 25 41.13 37.00 30.29
C LEU D 25 42.38 36.59 29.52
N PRO D 26 42.88 35.36 29.69
CA PRO D 26 44.22 35.03 29.17
C PRO D 26 44.30 35.02 27.66
N ASN D 27 43.29 34.46 26.99
CA ASN D 27 43.28 34.38 25.52
C ASN D 27 41.85 34.48 25.05
N PRO D 28 41.39 35.69 24.69
CA PRO D 28 40.03 35.82 24.14
C PRO D 28 39.83 35.04 22.85
N LYS D 29 40.88 34.91 22.02
CA LYS D 29 40.83 34.09 20.83
C LYS D 29 41.32 32.67 21.06
N ASN D 30 40.80 31.99 22.09
CA ASN D 30 41.16 30.59 22.32
C ASN D 30 40.21 29.62 21.65
N GLY D 31 39.16 30.11 20.98
CA GLY D 31 38.15 29.27 20.37
C GLY D 31 36.93 29.03 21.24
N GLU D 32 36.95 29.48 22.49
CA GLU D 32 35.78 29.34 23.36
C GLU D 32 34.82 30.51 23.26
N TYR D 33 35.29 31.66 22.78
CA TYR D 33 34.52 32.90 22.85
C TYR D 33 34.32 33.50 21.47
N LEU D 34 33.09 33.91 21.20
CA LEU D 34 32.84 34.91 20.18
C LEU D 34 33.14 36.28 20.77
N LEU D 35 33.92 37.09 20.05
CA LEU D 35 34.36 38.38 20.55
C LEU D 35 33.50 39.47 19.96
N ALA D 36 33.01 40.36 20.81
CA ALA D 36 32.13 41.44 20.35
C ALA D 36 32.68 42.77 20.85
N VAL D 37 32.77 43.74 19.95
CA VAL D 37 33.14 45.10 20.30
C VAL D 37 31.89 45.97 20.24
N PHE D 38 31.60 46.68 21.32
CA PHE D 38 30.41 47.50 21.44
C PHE D 38 30.82 48.95 21.66
N HIS D 39 30.25 49.86 20.89
CA HIS D 39 30.27 51.27 21.25
C HIS D 39 29.19 51.49 22.29
N LEU D 40 29.60 51.92 23.48
CA LEU D 40 28.73 51.91 24.65
C LEU D 40 28.83 53.25 25.38
N ILE D 41 27.71 53.94 25.47
CA ILE D 41 27.56 55.11 26.33
C ILE D 41 26.40 54.84 27.27
N SER D 42 26.66 54.96 28.58
CA SER D 42 25.66 54.59 29.57
C SER D 42 24.52 55.60 29.61
N GLY D 43 23.37 55.15 30.11
CA GLY D 43 22.16 55.95 30.12
C GLY D 43 21.92 56.73 31.39
N GLY D 44 22.93 56.90 32.24
CA GLY D 44 22.76 57.72 33.43
C GLY D 44 23.03 57.00 34.74
N LYS D 45 23.95 57.54 35.54
CA LYS D 45 24.33 57.12 36.88
C LYS D 45 25.22 55.88 36.87
N LEU D 46 25.46 55.25 35.73
CA LEU D 46 26.40 54.14 35.61
C LEU D 46 27.58 54.55 34.75
N ASN D 47 28.78 54.23 35.21
CA ASN D 47 29.96 54.47 34.39
C ASN D 47 30.01 53.45 33.26
N ILE D 48 31.06 53.56 32.43
CA ILE D 48 31.15 52.71 31.24
C ILE D 48 31.30 51.24 31.61
N LEU D 49 32.11 50.94 32.63
CA LEU D 49 32.36 49.55 32.99
C LEU D 49 31.13 48.90 33.61
N GLN D 50 30.39 49.65 34.45
CA GLN D 50 29.17 49.11 35.04
C GLN D 50 28.12 48.83 33.98
N ALA D 51 27.95 49.75 33.04
CA ALA D 51 27.00 49.54 31.95
C ALA D 51 27.42 48.37 31.08
N ALA D 52 28.72 48.24 30.82
CA ALA D 52 29.21 47.11 30.03
C ALA D 52 28.96 45.79 30.75
N ALA D 53 29.15 45.77 32.07
CA ALA D 53 28.88 44.56 32.85
C ALA D 53 27.40 44.20 32.80
N GLU D 54 26.52 45.21 32.92
CA GLU D 54 25.08 44.96 32.79
C GLU D 54 24.73 44.43 31.41
N VAL D 55 25.34 44.98 30.37
CA VAL D 55 25.10 44.52 29.01
C VAL D 55 25.55 43.08 28.84
N ALA D 56 26.73 42.74 29.37
CA ALA D 56 27.23 41.37 29.28
C ALA D 56 26.35 40.40 30.05
N ALA D 57 25.88 40.80 31.23
CA ALA D 57 24.98 39.95 31.99
C ALA D 57 23.66 39.73 31.25
N GLU D 58 23.05 40.81 30.77
CA GLU D 58 21.77 40.70 30.06
C GLU D 58 21.92 39.97 28.73
N SER D 59 23.11 39.92 28.16
CA SER D 59 23.32 39.26 26.88
C SER D 59 23.93 37.86 27.00
N SER D 60 24.33 37.43 28.19
CA SER D 60 24.82 36.04 28.34
C SER D 60 23.99 35.23 29.32
N THR D 61 23.94 35.60 30.60
CA THR D 61 23.36 34.72 31.62
C THR D 61 22.52 35.42 32.66
N GLY D 62 22.81 36.67 33.03
CA GLY D 62 22.28 37.27 34.23
C GLY D 62 21.21 38.32 33.97
N THR D 63 21.04 39.16 34.99
CA THR D 63 19.98 40.17 35.02
C THR D 63 20.57 41.35 35.80
N ASN D 64 19.72 42.24 36.32
CA ASN D 64 20.20 43.36 37.11
C ASN D 64 20.60 42.96 38.53
N PHE D 65 20.41 41.70 38.93
CA PHE D 65 20.77 41.23 40.26
C PHE D 65 21.36 39.82 40.15
N ASN D 66 22.06 39.42 41.20
CA ASN D 66 22.44 38.01 41.36
C ASN D 66 21.23 37.23 41.83
N VAL D 67 20.92 36.15 41.14
CA VAL D 67 19.81 35.29 41.52
C VAL D 67 20.33 34.12 42.34
N ASN D 68 19.49 33.60 43.23
CA ASN D 68 19.88 32.51 44.11
C ASN D 68 19.94 31.17 43.40
N THR D 69 19.46 31.08 42.16
CA THR D 69 19.54 29.86 41.38
C THR D 69 20.84 29.77 40.58
N GLU D 70 21.73 30.75 40.71
CA GLU D 70 22.98 30.75 39.96
C GLU D 70 23.88 29.62 40.45
N THR D 71 24.28 28.75 39.53
CA THR D 71 25.18 27.65 39.81
C THR D 71 26.61 28.04 39.43
N PRO D 72 27.61 27.32 39.96
CA PRO D 72 28.99 27.55 39.49
C PRO D 72 29.15 27.27 38.00
N PHE D 73 28.42 26.29 37.47
CA PHE D 73 28.46 26.04 36.03
C PHE D 73 27.86 27.20 35.26
N SER D 74 26.85 27.87 35.85
CA SER D 74 26.24 29.02 35.20
C SER D 74 27.24 30.16 35.05
N LYS D 75 28.11 30.35 36.04
CA LYS D 75 29.10 31.42 35.98
C LYS D 75 30.13 31.17 34.88
N GLU D 76 30.34 29.92 34.49
CA GLU D 76 31.25 29.63 33.39
C GLU D 76 30.72 30.18 32.07
N MET D 77 29.41 30.29 31.93
CA MET D 77 28.79 30.82 30.73
C MET D 77 28.65 32.33 30.73
N ASN D 78 29.16 33.01 31.76
CA ASN D 78 29.08 34.46 31.82
C ASN D 78 29.86 35.10 30.69
N ALA D 79 29.24 36.07 30.03
CA ALA D 79 29.99 36.98 29.17
C ALA D 79 30.84 37.89 30.04
N VAL D 80 32.02 38.24 29.55
CA VAL D 80 32.97 39.04 30.32
C VAL D 80 33.46 40.20 29.46
N VAL D 81 33.49 41.38 30.07
CA VAL D 81 34.17 42.53 29.48
C VAL D 81 35.65 42.38 29.75
N TYR D 82 36.43 42.10 28.69
CA TYR D 82 37.85 41.82 28.83
C TYR D 82 38.72 42.98 28.37
N GLN D 83 38.14 44.08 27.91
CA GLN D 83 38.92 45.22 27.43
C GLN D 83 37.99 46.41 27.29
N ILE D 84 38.51 47.60 27.57
CA ILE D 84 37.74 48.82 27.39
C ILE D 84 38.65 49.92 26.84
N ASP D 85 38.15 50.66 25.86
CA ASP D 85 38.76 51.90 25.40
C ASP D 85 37.90 53.04 25.92
N LEU D 86 38.46 53.80 26.87
CA LEU D 86 37.69 54.83 27.55
C LEU D 86 37.47 56.05 26.67
N ASP D 87 38.46 56.41 25.84
CA ASP D 87 38.31 57.58 24.98
C ASP D 87 37.27 57.34 23.91
N GLN D 88 37.26 56.16 23.31
CA GLN D 88 36.33 55.82 22.25
C GLN D 88 35.01 55.24 22.77
N ASN D 89 34.92 54.95 24.07
CA ASN D 89 33.73 54.32 24.66
C ASN D 89 33.46 52.95 24.01
N LEU D 90 34.52 52.14 23.91
CA LEU D 90 34.42 50.80 23.34
C LEU D 90 34.60 49.76 24.43
N VAL D 91 33.78 48.71 24.39
CA VAL D 91 33.85 47.62 25.34
C VAL D 91 33.95 46.31 24.58
N TRP D 92 34.89 45.46 24.97
CA TRP D 92 35.06 44.15 24.39
C TRP D 92 34.45 43.11 25.32
N ILE D 93 33.56 42.28 24.78
CA ILE D 93 32.88 41.26 25.55
C ILE D 93 33.14 39.91 24.88
N ALA D 94 33.54 38.93 25.69
CA ALA D 94 33.77 37.58 25.21
C ALA D 94 32.57 36.72 25.60
N TYR D 95 31.80 36.30 24.60
CA TYR D 95 30.64 35.47 24.84
C TYR D 95 31.03 34.02 24.62
N PRO D 96 30.95 33.16 25.64
CA PRO D 96 31.15 31.72 25.38
C PRO D 96 30.07 31.20 24.45
N TRP D 97 30.48 30.71 23.28
CA TRP D 97 29.52 30.29 22.27
C TRP D 97 28.81 28.99 22.63
N ARG D 98 29.19 28.34 23.74
CA ARG D 98 28.35 27.34 24.37
C ARG D 98 26.96 27.86 24.71
N LEU D 99 26.85 29.16 25.01
CA LEU D 99 25.55 29.78 25.25
C LEU D 99 24.62 29.63 24.06
N PHE D 100 25.16 29.65 22.85
CA PHE D 100 24.33 29.71 21.66
C PHE D 100 23.65 28.38 21.38
N ASP D 101 22.45 28.45 20.79
CA ASP D 101 21.69 27.26 20.44
C ASP D 101 22.47 26.40 19.46
N ARG D 102 22.48 25.09 19.71
CA ARG D 102 23.19 24.18 18.83
C ARG D 102 22.45 24.02 17.50
N GLY D 103 23.16 23.46 16.52
CA GLY D 103 22.58 23.32 15.20
C GLY D 103 22.72 24.52 14.30
N GLY D 104 23.68 25.40 14.57
CA GLY D 104 23.91 26.56 13.73
C GLY D 104 22.80 27.59 13.73
N ASN D 105 22.28 27.92 14.92
CA ASN D 105 21.20 28.88 15.06
C ASN D 105 21.80 30.28 15.16
N VAL D 106 21.63 31.08 14.11
CA VAL D 106 22.20 32.42 14.09
C VAL D 106 21.28 33.42 14.79
N GLN D 107 19.97 33.24 14.65
CA GLN D 107 19.01 34.11 15.34
C GLN D 107 19.18 34.03 16.86
N ASN D 108 19.59 32.88 17.38
CA ASN D 108 19.88 32.77 18.80
C ASN D 108 21.06 33.63 19.20
N ILE D 109 22.10 33.68 18.36
CA ILE D 109 23.25 34.54 18.60
C ILE D 109 22.81 36.00 18.62
N LEU D 110 21.99 36.39 17.64
CA LEU D 110 21.52 37.77 17.59
C LEU D 110 20.63 38.10 18.79
N THR D 111 19.84 37.13 19.24
CA THR D 111 19.03 37.31 20.44
C THR D 111 19.90 37.54 21.66
N TYR D 112 21.00 36.78 21.78
CA TYR D 112 21.94 37.00 22.87
C TYR D 112 22.57 38.39 22.80
N ILE D 113 23.28 38.69 21.71
CA ILE D 113 24.20 39.83 21.70
C ILE D 113 23.53 41.13 21.27
N VAL D 114 22.56 41.06 20.37
CA VAL D 114 21.88 42.27 19.92
C VAL D 114 20.39 42.14 20.19
N GLY D 115 20.03 41.43 21.26
CA GLY D 115 18.63 41.25 21.62
C GLY D 115 18.15 42.22 22.67
N ASN D 116 17.96 41.72 23.90
CA ASN D 116 17.40 42.52 24.97
C ASN D 116 18.28 43.72 25.34
N VAL D 117 19.59 43.61 25.11
CA VAL D 117 20.53 44.65 25.53
C VAL D 117 20.25 45.97 24.82
N LEU D 118 19.69 45.91 23.60
CA LEU D 118 19.33 47.13 22.89
C LEU D 118 18.24 47.89 23.60
N GLY D 119 17.36 47.20 24.34
CA GLY D 119 16.27 47.85 25.03
C GLY D 119 16.62 48.41 26.40
N MET D 120 17.82 48.13 26.91
CA MET D 120 18.17 48.55 28.26
C MET D 120 18.30 50.07 28.34
N LYS D 121 17.66 50.66 29.35
CA LYS D 121 17.81 52.09 29.60
C LYS D 121 19.11 52.44 30.29
N GLU D 122 19.87 51.43 30.76
CA GLU D 122 21.16 51.69 31.38
C GLU D 122 22.19 52.21 30.38
N VAL D 123 21.98 51.96 29.09
CA VAL D 123 22.87 52.43 28.04
C VAL D 123 22.10 53.44 27.19
N SER D 124 22.74 54.57 26.89
CA SER D 124 22.17 55.53 25.95
C SER D 124 22.61 55.28 24.52
N ALA D 125 23.75 54.62 24.33
CA ALA D 125 24.19 54.20 23.01
C ALA D 125 24.79 52.81 23.13
N LEU D 126 24.32 51.88 22.30
CA LEU D 126 24.86 50.51 22.31
C LEU D 126 24.84 50.02 20.87
N LYS D 127 26.02 50.01 20.24
CA LYS D 127 26.16 49.63 18.84
C LYS D 127 27.21 48.54 18.72
N LEU D 128 26.79 47.35 18.28
CA LEU D 128 27.73 46.26 18.03
C LEU D 128 28.50 46.58 16.75
N LEU D 129 29.77 46.97 16.89
CA LEU D 129 30.55 47.40 15.74
C LEU D 129 31.15 46.22 14.99
N ASP D 130 31.62 45.21 15.71
CA ASP D 130 32.31 44.09 15.08
C ASP D 130 32.21 42.86 15.97
N VAL D 131 32.34 41.69 15.35
CA VAL D 131 32.37 40.42 16.05
C VAL D 131 33.50 39.57 15.48
N TRP D 132 33.98 38.62 16.27
CA TRP D 132 35.01 37.68 15.84
C TRP D 132 34.52 36.27 16.13
N PHE D 133 34.51 35.42 15.10
CA PHE D 133 34.09 34.04 15.25
C PHE D 133 35.32 33.15 15.34
N PRO D 134 35.51 32.39 16.42
CA PRO D 134 36.60 31.42 16.46
C PRO D 134 36.36 30.31 15.46
N PRO D 135 37.43 29.66 14.98
CA PRO D 135 37.23 28.53 14.04
C PRO D 135 36.41 27.40 14.62
N ALA D 136 36.54 27.14 15.92
CA ALA D 136 35.71 26.12 16.56
C ALA D 136 34.24 26.50 16.53
N MET D 137 33.94 27.79 16.74
CA MET D 137 32.57 28.25 16.58
C MET D 137 32.13 28.24 15.13
N LEU D 138 33.02 28.60 14.21
CA LEU D 138 32.68 28.63 12.79
C LEU D 138 32.37 27.24 12.25
N GLU D 139 32.95 26.21 12.87
CA GLU D 139 32.64 24.84 12.47
C GLU D 139 31.18 24.49 12.72
N GLN D 140 30.53 25.15 13.67
CA GLN D 140 29.15 24.85 14.03
C GLN D 140 28.12 25.34 13.02
N TYR D 141 28.50 26.23 12.10
CA TYR D 141 27.53 26.95 11.28
C TYR D 141 27.71 26.61 9.82
N ASP D 142 26.63 26.76 9.05
CA ASP D 142 26.59 26.28 7.68
C ASP D 142 27.55 27.07 6.78
N GLY D 143 27.47 28.39 6.82
CA GLY D 143 28.15 29.22 5.87
C GLY D 143 27.50 29.13 4.49
N PRO D 144 27.99 29.91 3.53
CA PRO D 144 27.44 29.82 2.18
C PRO D 144 27.83 28.50 1.51
N SER D 145 26.91 27.95 0.74
CA SER D 145 27.17 26.78 -0.08
C SER D 145 27.21 27.09 -1.56
N TYR D 146 26.28 27.91 -2.05
CA TYR D 146 26.35 28.48 -3.39
C TYR D 146 26.94 29.87 -3.28
N THR D 147 27.89 30.18 -4.17
CA THR D 147 28.68 31.40 -4.03
C THR D 147 28.65 32.19 -5.33
N LEU D 148 29.30 33.35 -5.30
CA LEU D 148 29.42 34.18 -6.50
C LEU D 148 30.25 33.49 -7.57
N ASP D 149 31.17 32.60 -7.18
CA ASP D 149 31.94 31.86 -8.17
C ASP D 149 31.06 30.90 -8.96
N ASP D 150 30.10 30.26 -8.30
CA ASP D 150 29.18 29.37 -9.00
C ASP D 150 28.32 30.13 -10.02
N MET D 151 27.81 31.29 -9.62
CA MET D 151 27.03 32.10 -10.55
C MET D 151 27.90 32.69 -11.66
N ARG D 152 29.17 32.97 -11.36
CA ARG D 152 30.09 33.43 -12.40
C ARG D 152 30.34 32.32 -13.41
N LYS D 153 30.46 31.08 -12.94
CA LYS D 153 30.62 29.96 -13.84
C LYS D 153 29.37 29.72 -14.68
N TYR D 154 28.19 29.83 -14.06
CA TYR D 154 26.95 29.63 -14.81
C TYR D 154 26.74 30.71 -15.85
N LEU D 155 26.99 31.97 -15.48
CA LEU D 155 26.86 33.09 -16.40
C LEU D 155 28.01 33.22 -17.38
N ASN D 156 29.13 32.53 -17.13
CA ASN D 156 30.35 32.69 -17.93
C ASN D 156 30.84 34.13 -17.89
N VAL D 157 30.69 34.77 -16.73
CA VAL D 157 31.05 36.17 -16.55
C VAL D 157 32.23 36.21 -15.58
N TYR D 158 33.39 36.63 -16.07
CA TYR D 158 34.58 36.76 -15.26
C TYR D 158 35.25 38.09 -15.55
N ASP D 159 36.02 38.56 -14.57
CA ASP D 159 36.83 39.77 -14.64
C ASP D 159 36.03 41.06 -14.66
N ARG D 160 34.71 40.99 -14.47
CA ARG D 160 33.88 42.17 -14.34
C ARG D 160 32.78 41.87 -13.33
N PRO D 161 32.22 42.89 -12.69
CA PRO D 161 31.09 42.66 -11.79
C PRO D 161 29.89 42.16 -12.57
N ILE D 162 29.11 41.29 -11.93
CA ILE D 162 27.89 40.77 -12.55
C ILE D 162 26.88 41.90 -12.65
N LEU D 163 26.52 42.27 -13.88
CA LEU D 163 25.60 43.37 -14.08
C LEU D 163 24.17 42.93 -13.79
N GLY D 164 23.48 43.70 -12.95
CA GLY D 164 22.15 43.33 -12.54
C GLY D 164 21.24 44.54 -12.53
N THR D 165 19.95 44.28 -12.35
CA THR D 165 18.96 45.33 -12.33
C THR D 165 17.83 44.95 -11.39
N ILE D 166 17.09 45.97 -10.96
CA ILE D 166 15.84 45.77 -10.22
C ILE D 166 14.72 46.35 -11.08
N ILE D 167 13.67 45.55 -11.30
CA ILE D 167 12.61 45.93 -12.22
C ILE D 167 11.80 47.06 -11.60
N LYS D 168 11.98 48.28 -12.13
CA LYS D 168 11.15 49.36 -11.66
C LYS D 168 9.98 49.58 -12.61
N PRO D 169 8.78 49.96 -12.12
CA PRO D 169 8.41 50.28 -10.74
C PRO D 169 8.53 49.10 -9.77
N LYS D 170 8.71 49.40 -8.48
CA LYS D 170 8.85 48.34 -7.48
C LYS D 170 7.60 47.48 -7.40
N MET D 171 6.42 48.10 -7.37
CA MET D 171 5.16 47.39 -7.40
C MET D 171 4.26 48.04 -8.44
N GLY D 172 3.21 47.33 -8.82
CA GLY D 172 2.23 47.83 -9.77
C GLY D 172 2.30 47.22 -11.15
N LEU D 173 3.39 46.53 -11.48
CA LEU D 173 3.48 45.86 -12.77
C LEU D 173 2.79 44.50 -12.70
N THR D 174 2.15 44.13 -13.81
CA THR D 174 1.60 42.79 -13.94
C THR D 174 2.74 41.79 -14.16
N SER D 175 2.37 40.50 -14.18
CA SER D 175 3.36 39.46 -14.45
C SER D 175 3.94 39.62 -15.85
N ALA D 176 3.11 39.95 -16.82
CA ALA D 176 3.58 40.12 -18.20
C ALA D 176 4.52 41.31 -18.31
N GLU D 177 4.15 42.44 -17.71
CA GLU D 177 5.01 43.62 -17.76
C GLU D 177 6.32 43.39 -17.04
N TYR D 178 6.27 42.70 -15.90
CA TYR D 178 7.49 42.36 -15.16
C TYR D 178 8.41 41.47 -16.00
N ALA D 179 7.84 40.43 -16.62
CA ALA D 179 8.64 39.55 -17.47
C ALA D 179 9.19 40.31 -18.67
N GLU D 180 8.42 41.25 -19.21
CA GLU D 180 8.90 42.05 -20.34
C GLU D 180 10.07 42.93 -19.94
N ALA D 181 10.00 43.57 -18.77
CA ALA D 181 11.12 44.38 -18.30
C ALA D 181 12.36 43.53 -18.03
N ALA D 182 12.15 42.34 -17.45
CA ALA D 182 13.28 41.44 -17.21
C ALA D 182 13.92 41.01 -18.52
N TYR D 183 13.10 40.67 -19.52
CA TYR D 183 13.64 40.34 -20.84
C TYR D 183 14.38 41.52 -21.46
N ASP D 184 13.84 42.73 -21.29
CA ASP D 184 14.47 43.91 -21.87
C ASP D 184 15.84 44.14 -21.28
N PHE D 185 15.99 43.95 -19.96
CA PHE D 185 17.32 44.06 -19.37
C PHE D 185 18.23 42.91 -19.81
N TRP D 186 17.70 41.69 -19.86
CA TRP D 186 18.52 40.53 -20.18
C TRP D 186 19.07 40.59 -21.60
N VAL D 187 18.20 40.90 -22.57
CA VAL D 187 18.61 40.93 -23.96
C VAL D 187 19.52 42.12 -24.25
N GLY D 188 19.54 43.13 -23.39
CA GLY D 188 20.42 44.26 -23.55
C GLY D 188 21.83 44.06 -23.03
N GLY D 189 22.18 42.84 -22.63
CA GLY D 189 23.48 42.52 -22.11
C GLY D 189 23.53 42.30 -20.61
N GLY D 190 22.50 42.72 -19.89
CA GLY D 190 22.48 42.51 -18.45
C GLY D 190 22.33 41.04 -18.10
N ASP D 191 22.98 40.63 -17.01
CA ASP D 191 23.03 39.24 -16.62
C ASP D 191 22.03 38.89 -15.52
N PHE D 192 21.77 39.82 -14.61
CA PHE D 192 21.06 39.52 -13.36
C PHE D 192 19.82 40.38 -13.24
N VAL D 193 18.70 39.75 -12.92
CA VAL D 193 17.47 40.47 -12.62
C VAL D 193 16.90 39.95 -11.32
N ASN D 195 13.77 40.17 -8.22
CA ASN D 195 12.53 40.65 -7.64
C ASN D 195 12.83 41.83 -6.74
N ASP D 196 11.99 42.86 -6.78
CA ASP D 196 12.06 43.86 -5.73
C ASP D 196 11.69 43.19 -4.41
N GLU D 197 12.25 43.72 -3.32
CA GLU D 197 12.11 43.07 -2.02
C GLU D 197 10.66 42.85 -1.55
N PRO D 198 9.69 43.71 -1.80
CA PRO D 198 8.30 43.35 -1.46
C PRO D 198 7.52 42.67 -2.58
N GLN D 199 8.15 42.40 -3.73
CA GLN D 199 7.46 41.76 -4.83
C GLN D 199 7.09 40.33 -4.45
N ALA D 200 5.79 40.03 -4.44
CA ALA D 200 5.27 38.78 -3.92
C ALA D 200 4.00 38.45 -4.70
N ASN D 201 3.17 37.55 -4.14
CA ASN D 201 1.93 37.12 -4.78
C ASN D 201 0.83 38.16 -4.54
N GLN D 202 1.01 39.32 -5.16
CA GLN D 202 -0.03 40.34 -5.18
C GLN D 202 -1.11 39.97 -6.19
N ASP D 203 -2.31 40.52 -5.98
CA ASP D 203 -3.45 40.10 -6.79
C ASP D 203 -3.32 40.53 -8.24
N PHE D 204 -2.68 41.66 -8.52
CA PHE D 204 -2.49 42.11 -9.90
C PHE D 204 -1.26 41.48 -10.55
N CYS D 205 -0.36 40.91 -9.76
CA CYS D 205 0.82 40.21 -10.27
C CYS D 205 0.95 38.88 -9.56
N PRO D 206 0.13 37.90 -9.94
CA PRO D 206 0.16 36.59 -9.27
C PRO D 206 1.52 35.92 -9.40
N TYR D 207 1.95 35.26 -8.32
CA TYR D 207 3.32 34.77 -8.23
C TYR D 207 3.60 33.68 -9.26
N ASP D 208 2.65 32.76 -9.45
CA ASP D 208 2.85 31.67 -10.41
C ASP D 208 2.93 32.21 -11.83
N LYS D 209 2.04 33.15 -12.18
CA LYS D 209 2.09 33.78 -13.49
C LYS D 209 3.40 34.55 -13.67
N MET D 210 3.87 35.23 -12.62
CA MET D 210 5.14 35.94 -12.69
C MET D 210 6.29 34.97 -12.94
N VAL D 211 6.31 33.84 -12.25
CA VAL D 211 7.37 32.85 -12.43
C VAL D 211 7.35 32.29 -13.85
N ARG D 212 6.16 31.96 -14.35
CA ARG D 212 6.06 31.40 -15.70
C ARG D 212 6.48 32.42 -16.76
N ASN D 213 6.02 33.66 -16.63
CA ASN D 213 6.38 34.69 -17.60
C ASN D 213 7.87 35.01 -17.54
N VAL D 214 8.45 35.02 -16.33
CA VAL D 214 9.89 35.26 -16.20
C VAL D 214 10.67 34.11 -16.81
N LYS D 215 10.17 32.87 -16.67
CA LYS D 215 10.82 31.73 -17.32
C LYS D 215 10.81 31.88 -18.83
N ALA D 216 9.65 32.26 -19.39
CA ALA D 216 9.56 32.44 -20.84
C ALA D 216 10.47 33.58 -21.31
N ALA D 217 10.50 34.69 -20.57
CA ALA D 217 11.35 35.82 -20.96
C ALA D 217 12.83 35.46 -20.86
N MET D 218 13.21 34.71 -19.82
CA MET D 218 14.59 34.28 -19.69
C MET D 218 14.98 33.33 -20.81
N ASP D 219 14.07 32.43 -21.20
CA ASP D 219 14.34 31.54 -22.33
C ASP D 219 14.54 32.33 -23.61
N LYS D 220 13.66 33.30 -23.87
CA LYS D 220 13.79 34.11 -25.08
C LYS D 220 15.09 34.91 -25.09
N ALA D 221 15.44 35.52 -23.95
CA ALA D 221 16.68 36.29 -23.86
C ALA D 221 17.90 35.40 -24.02
N VAL D 222 17.85 34.19 -23.47
CA VAL D 222 18.99 33.27 -23.57
C VAL D 222 19.20 32.84 -25.01
N LYS D 223 18.11 32.50 -25.73
CA LYS D 223 18.27 32.13 -27.14
C LYS D 223 18.72 33.32 -27.98
N GLU D 224 18.21 34.52 -27.69
CA GLU D 224 18.56 35.66 -28.53
C GLU D 224 19.99 36.12 -28.31
N THR D 225 20.45 36.16 -27.05
CA THR D 225 21.79 36.64 -26.75
C THR D 225 22.85 35.56 -26.81
N GLY D 226 22.47 34.29 -26.66
CA GLY D 226 23.45 33.24 -26.53
C GLY D 226 24.22 33.27 -25.23
N ASN D 227 23.68 33.93 -24.21
CA ASN D 227 24.30 34.03 -22.90
C ASN D 227 23.29 33.64 -21.83
N LYS D 228 23.78 33.01 -20.78
CA LYS D 228 22.90 32.58 -19.69
C LYS D 228 22.46 33.77 -18.86
N LYS D 229 21.29 33.63 -18.23
CA LYS D 229 20.71 34.71 -17.43
C LYS D 229 20.26 34.15 -16.10
N VAL D 230 20.28 35.02 -15.08
CA VAL D 230 19.87 34.67 -13.72
C VAL D 230 18.79 35.62 -13.27
N HIS D 231 17.73 35.07 -12.67
CA HIS D 231 16.68 35.87 -12.04
C HIS D 231 16.61 35.51 -10.56
N SER D 232 16.58 36.54 -9.72
CA SER D 232 16.44 36.35 -8.27
C SER D 232 14.98 36.55 -7.90
N PHE D 233 14.33 35.49 -7.44
CA PHE D 233 12.93 35.54 -7.06
C PHE D 233 12.79 35.80 -5.56
N ASN D 234 11.95 36.75 -5.21
CA ASN D 234 11.62 36.98 -3.81
C ASN D 234 10.70 35.87 -3.33
N VAL D 235 11.14 35.14 -2.31
CA VAL D 235 10.37 34.03 -1.76
C VAL D 235 9.93 34.32 -0.33
N SER D 236 10.09 35.56 0.15
CA SER D 236 9.57 35.92 1.45
C SER D 236 8.05 35.87 1.43
N ALA D 237 7.47 35.13 2.37
CA ALA D 237 6.04 34.91 2.42
C ALA D 237 5.54 35.17 3.83
N ALA D 238 4.24 34.92 4.05
CA ALA D 238 3.68 35.06 5.39
C ALA D 238 4.24 34.01 6.33
N ASP D 239 4.41 32.78 5.84
CA ASP D 239 4.86 31.67 6.67
C ASP D 239 5.85 30.83 5.87
N PHE D 240 6.34 29.76 6.51
CA PHE D 240 7.28 28.85 5.85
C PHE D 240 6.62 28.16 4.66
N ASP D 241 5.38 27.71 4.83
CA ASP D 241 4.73 26.88 3.82
C ASP D 241 4.56 27.65 2.52
N THR D 242 4.18 28.93 2.61
CA THR D 242 4.07 29.75 1.41
C THR D 242 5.42 29.97 0.77
N MET D 243 6.47 30.18 1.58
CA MET D 243 7.81 30.41 1.04
C MET D 243 8.31 29.18 0.28
N ILE D 244 8.15 28.00 0.87
CA ILE D 244 8.58 26.78 0.20
C ILE D 244 7.70 26.48 -1.00
N GLU D 245 6.41 26.84 -0.95
CA GLU D 245 5.55 26.69 -2.11
C GLU D 245 6.04 27.55 -3.27
N ARG D 246 6.42 28.79 -2.99
CA ARG D 246 6.94 29.66 -4.04
C ARG D 246 8.29 29.16 -4.56
N CYS D 247 9.13 28.65 -3.65
CA CYS D 247 10.41 28.09 -4.07
C CYS D 247 10.21 26.88 -4.98
N GLU D 248 9.33 25.96 -4.59
CA GLU D 248 9.05 24.79 -5.41
C GLU D 248 8.40 25.17 -6.73
N LEU D 249 7.59 26.23 -6.73
CA LEU D 249 7.03 26.75 -7.97
C LEU D 249 8.14 27.23 -8.90
N ILE D 250 9.15 27.90 -8.35
CA ILE D 250 10.30 28.29 -9.16
C ILE D 250 11.04 27.05 -9.68
N ARG D 251 11.25 26.06 -8.81
CA ARG D 251 12.00 24.87 -9.21
C ARG D 251 11.27 24.08 -10.29
N ASN D 252 9.95 23.92 -10.15
CA ASN D 252 9.14 23.16 -11.09
C ASN D 252 8.62 24.01 -12.25
N ALA D 253 9.29 25.13 -12.53
CA ALA D 253 8.89 25.98 -13.66
C ALA D 253 9.00 25.24 -15.00
N GLY D 254 10.16 24.66 -15.31
CA GLY D 254 11.44 24.55 -14.62
C GLY D 254 12.60 25.27 -15.29
N PHE D 255 13.24 26.16 -14.54
CA PHE D 255 14.40 26.88 -15.03
C PHE D 255 15.60 25.95 -15.13
N GLU D 256 16.61 26.41 -15.86
CA GLU D 256 17.91 25.74 -15.80
C GLU D 256 18.49 25.90 -14.39
N PRO D 257 19.15 24.87 -13.86
CA PRO D 257 19.80 25.01 -12.55
C PRO D 257 20.89 26.08 -12.59
N GLY D 258 20.84 26.99 -11.63
CA GLY D 258 21.72 28.12 -11.58
C GLY D 258 21.16 29.39 -12.19
N SER D 259 20.07 29.30 -12.95
CA SER D 259 19.47 30.48 -13.56
C SER D 259 18.53 31.24 -12.64
N TYR D 260 18.20 30.67 -11.48
CA TYR D 260 17.32 31.32 -10.53
C TYR D 260 17.97 31.37 -9.16
N ALA D 261 17.79 32.50 -8.48
CA ALA D 261 18.23 32.68 -7.11
C ALA D 261 17.03 32.99 -6.23
N PHE D 262 17.12 32.58 -4.97
CA PHE D 262 16.04 32.80 -4.00
C PHE D 262 16.35 34.07 -3.22
N LEU D 263 15.49 35.07 -3.34
CA LEU D 263 15.61 36.31 -2.60
C LEU D 263 14.75 36.23 -1.34
N ILE D 264 15.36 36.52 -0.20
CA ILE D 264 14.67 36.50 1.09
C ILE D 264 14.94 37.83 1.80
N ASP D 265 13.89 38.43 2.34
CA ASP D 265 14.03 39.62 3.17
C ASP D 265 14.50 39.16 4.54
N GLY D 266 15.82 39.14 4.74
CA GLY D 266 16.39 38.52 5.93
C GLY D 266 15.99 39.22 7.22
N ILE D 267 15.81 40.54 7.16
CA ILE D 267 15.45 41.28 8.37
C ILE D 267 13.98 41.09 8.69
N THR D 268 13.09 41.38 7.74
CA THR D 268 11.67 41.30 8.00
C THR D 268 11.19 39.85 8.08
N ALA D 269 11.50 39.05 7.06
CA ALA D 269 11.09 37.64 7.08
C ALA D 269 11.80 36.87 8.19
N GLY D 270 13.02 37.28 8.54
CA GLY D 270 13.72 36.69 9.65
C GLY D 270 14.91 35.84 9.26
N TRP D 271 15.81 35.61 10.23
CA TRP D 271 16.98 34.78 9.99
C TRP D 271 16.61 33.31 9.86
N MET D 272 15.49 32.89 10.45
CA MET D 272 15.04 31.51 10.30
C MET D 272 14.73 31.20 8.84
N ALA D 273 14.12 32.14 8.12
CA ALA D 273 13.84 31.94 6.71
C ALA D 273 15.12 31.82 5.90
N VAL D 274 16.12 32.66 6.22
CA VAL D 274 17.40 32.60 5.52
C VAL D 274 18.07 31.24 5.74
N GLN D 275 18.10 30.78 7.00
CA GLN D 275 18.73 29.50 7.29
C GLN D 275 17.96 28.34 6.66
N THR D 276 16.63 28.41 6.66
CA THR D 276 15.83 27.37 6.02
C THR D 276 16.07 27.31 4.52
N LEU D 277 16.16 28.49 3.87
CA LEU D 277 16.46 28.52 2.45
C LEU D 277 17.85 27.95 2.18
N ARG D 278 18.84 28.30 3.02
CA ARG D 278 20.19 27.80 2.84
C ARG D 278 20.25 26.27 2.98
N ARG D 279 19.55 25.73 3.99
CA ARG D 279 19.64 24.30 4.25
C ARG D 279 18.81 23.49 3.25
N LYS D 280 17.62 23.98 2.88
CA LYS D 280 16.78 23.23 1.95
C LYS D 280 17.30 23.33 0.53
N TYR D 281 17.91 24.46 0.16
CA TYR D 281 18.40 24.69 -1.20
C TYR D 281 19.85 25.15 -1.15
N PRO D 282 20.78 24.27 -0.77
CA PRO D 282 22.20 24.64 -0.78
C PRO D 282 22.75 24.88 -2.18
N ASP D 283 22.09 24.36 -3.22
CA ASP D 283 22.53 24.54 -4.60
C ASP D 283 21.95 25.79 -5.24
N VAL D 284 21.20 26.60 -4.49
CA VAL D 284 20.56 27.79 -5.01
C VAL D 284 21.21 29.02 -4.35
N PHE D 285 21.47 30.04 -5.16
CA PHE D 285 22.01 31.29 -4.63
C PHE D 285 20.99 31.95 -3.72
N ILE D 286 21.33 32.05 -2.44
CA ILE D 286 20.46 32.67 -1.45
C ILE D 286 20.74 34.17 -1.46
N HIS D 287 19.78 34.95 -1.93
CA HIS D 287 19.90 36.40 -2.02
C HIS D 287 19.35 36.98 -0.73
N PHE D 288 20.24 37.45 0.14
CA PHE D 288 19.83 38.10 1.39
C PHE D 288 19.54 39.56 1.09
N HIS D 289 18.27 39.91 1.02
CA HIS D 289 17.87 41.31 1.01
C HIS D 289 17.73 41.79 2.45
N ARG D 290 18.38 42.92 2.75
CA ARG D 290 18.48 43.44 4.10
C ARG D 290 17.52 44.59 4.37
N ALA D 291 16.35 44.58 3.71
CA ALA D 291 15.37 45.64 3.90
C ALA D 291 14.92 45.71 5.35
N GLY D 292 14.90 46.93 5.90
CA GLY D 292 14.65 47.14 7.32
C GLY D 292 15.88 47.16 8.18
N HIS D 293 17.07 46.91 7.63
CA HIS D 293 18.30 46.85 8.41
C HIS D 293 18.70 48.21 8.98
N GLY D 294 18.16 49.30 8.43
CA GLY D 294 18.70 50.62 8.72
C GLY D 294 18.64 51.01 10.19
N SER D 295 17.54 50.66 10.86
CA SER D 295 17.40 50.94 12.28
C SER D 295 18.49 50.27 13.10
N PHE D 296 18.97 49.11 12.65
CA PHE D 296 20.13 48.50 13.29
C PHE D 296 21.42 49.23 12.90
N THR D 297 21.56 49.61 11.63
CA THR D 297 22.87 49.93 11.06
C THR D 297 23.10 51.40 10.75
N ARG D 298 22.06 52.23 10.79
CA ARG D 298 22.24 53.63 10.46
C ARG D 298 23.15 54.32 11.47
N PRO D 299 24.13 55.10 11.02
CA PRO D 299 24.98 55.83 11.98
C PRO D 299 24.22 56.81 12.85
N GLU D 300 23.11 57.35 12.35
CA GLU D 300 22.28 58.25 13.16
C GLU D 300 21.63 57.51 14.33
N ASN D 301 21.50 56.19 14.23
CA ASN D 301 20.94 55.38 15.31
C ASN D 301 22.06 54.96 16.26
N PRO D 302 22.07 55.47 17.50
CA PRO D 302 23.12 55.06 18.45
C PRO D 302 22.99 53.62 18.90
N ILE D 303 21.84 52.98 18.73
CA ILE D 303 21.59 51.63 19.21
C ILE D 303 21.33 50.72 18.02
N GLY D 304 22.11 49.66 17.91
CA GLY D 304 21.98 48.70 16.82
C GLY D 304 23.28 47.92 16.65
N PHE D 305 23.54 47.52 15.41
CA PHE D 305 24.80 46.90 15.05
C PHE D 305 25.22 47.36 13.67
N SER D 306 26.53 47.34 13.43
CA SER D 306 27.10 47.86 12.21
C SER D 306 26.70 46.99 11.01
N VAL D 307 26.92 47.56 9.82
CA VAL D 307 26.68 46.82 8.58
C VAL D 307 27.62 45.64 8.47
N LEU D 308 28.86 45.79 8.98
CA LEU D 308 29.82 44.70 8.96
C LEU D 308 29.33 43.50 9.76
N VAL D 309 28.74 43.75 10.93
CA VAL D 309 28.20 42.66 11.74
C VAL D 309 27.07 41.95 11.02
N LEU D 310 26.18 42.73 10.38
CA LEU D 310 25.07 42.14 9.63
C LEU D 310 25.58 41.28 8.48
N SER D 311 26.57 41.78 7.75
CA SER D 311 27.15 41.00 6.64
C SER D 311 27.82 39.73 7.16
N LYS D 312 28.55 39.82 8.27
CA LYS D 312 29.21 38.65 8.83
C LYS D 312 28.20 37.59 9.26
N PHE D 313 27.13 38.01 9.94
CA PHE D 313 26.11 37.04 10.35
C PHE D 313 25.34 36.50 9.16
N ALA D 314 25.18 37.29 8.10
CA ALA D 314 24.56 36.75 6.88
C ALA D 314 25.44 35.67 6.26
N ARG D 315 26.76 35.91 6.20
CA ARG D 315 27.67 34.91 5.68
C ARG D 315 27.69 33.66 6.55
N LEU D 316 27.64 33.84 7.87
CA LEU D 316 27.57 32.69 8.77
C LEU D 316 26.29 31.91 8.57
N ALA D 317 25.16 32.60 8.38
CA ALA D 317 23.86 31.95 8.23
C ALA D 317 23.74 31.18 6.92
N GLY D 318 24.62 31.40 5.95
CA GLY D 318 24.59 30.68 4.70
C GLY D 318 24.06 31.44 3.51
N ALA D 319 23.84 32.74 3.63
CA ALA D 319 23.39 33.53 2.49
C ALA D 319 24.48 33.58 1.42
N SER D 320 24.09 33.32 0.17
CA SER D 320 25.05 33.37 -0.92
C SER D 320 25.51 34.79 -1.20
N GLY D 321 24.65 35.78 -0.95
CA GLY D 321 25.01 37.17 -1.14
C GLY D 321 24.08 38.07 -0.37
N ILE D 322 24.57 39.25 -0.04
CA ILE D 322 23.81 40.22 0.75
C ILE D 322 24.17 41.62 0.26
N HIS D 323 23.17 42.50 0.26
CA HIS D 323 23.42 43.90 -0.05
C HIS D 323 24.34 44.51 0.99
N THR D 324 25.33 45.29 0.53
CA THR D 324 26.30 45.89 1.41
C THR D 324 26.32 47.41 1.39
N GLY D 325 25.70 48.04 0.41
CA GLY D 325 25.67 49.48 0.34
C GLY D 325 26.61 50.03 -0.71
N THR D 326 26.27 51.21 -1.22
CA THR D 326 27.05 51.86 -2.26
C THR D 326 28.19 52.71 -1.70
N ALA D 327 28.41 52.67 -0.38
CA ALA D 327 29.50 53.41 0.26
C ALA D 327 29.31 54.92 0.10
N GLY D 328 28.04 55.35 0.05
CA GLY D 328 27.73 56.75 -0.13
C GLY D 328 27.62 57.22 -1.56
N VAL D 329 28.00 56.37 -2.54
CA VAL D 329 27.86 56.75 -3.93
C VAL D 329 26.39 56.79 -4.35
N GLY D 330 25.61 55.81 -3.90
CA GLY D 330 24.20 55.72 -4.22
C GLY D 330 23.34 56.56 -3.30
N LYS D 331 22.06 56.19 -3.24
CA LYS D 331 21.08 56.91 -2.44
C LYS D 331 20.99 56.40 -1.00
N MET D 332 21.69 55.32 -0.67
CA MET D 332 21.63 54.74 0.66
C MET D 332 22.83 55.15 1.50
N GLN D 333 22.57 55.42 2.78
CA GLN D 333 23.59 55.86 3.71
C GLN D 333 24.58 54.74 4.00
N GLY D 334 25.82 55.13 4.33
CA GLY D 334 26.28 56.49 4.15
C GLY D 334 27.70 56.77 3.70
N SER D 335 28.58 55.77 3.75
CA SER D 335 30.01 56.06 3.67
C SER D 335 30.74 54.80 3.23
N PRO D 336 31.98 54.94 2.76
CA PRO D 336 32.76 53.76 2.35
C PRO D 336 33.29 52.93 3.51
N GLU D 337 33.55 53.60 4.65
CA GLU D 337 34.24 52.95 5.76
C GLU D 337 33.43 51.80 6.35
N GLU D 338 32.11 51.83 6.21
CA GLU D 338 31.28 50.72 6.66
C GLU D 338 31.00 49.73 5.52
N ASP D 339 30.51 50.24 4.39
CA ASP D 339 30.03 49.36 3.32
C ASP D 339 31.18 48.59 2.66
N VAL D 340 32.26 49.30 2.30
CA VAL D 340 33.38 48.64 1.64
C VAL D 340 34.07 47.66 2.57
N VAL D 341 34.17 48.02 3.86
CA VAL D 341 34.80 47.14 4.84
C VAL D 341 33.97 45.87 5.01
N ALA D 342 32.64 46.01 5.10
CA ALA D 342 31.78 44.83 5.22
C ALA D 342 31.85 43.96 3.97
N ALA D 343 31.87 44.59 2.78
CA ALA D 343 31.95 43.84 1.54
C ALA D 343 33.26 43.08 1.44
N GLN D 344 34.37 43.72 1.82
CA GLN D 344 35.66 43.03 1.81
C GLN D 344 35.70 41.89 2.83
N ASN D 345 35.09 42.10 4.00
CA ASN D 345 35.08 41.06 5.02
C ASN D 345 34.28 39.85 4.58
N ILE D 346 33.15 40.07 3.91
CA ILE D 346 32.34 38.95 3.44
C ILE D 346 32.91 38.28 2.19
N LEU D 347 33.61 39.04 1.33
CA LEU D 347 34.15 38.50 0.10
C LEU D 347 35.51 37.84 0.27
N ARG D 348 36.21 38.11 1.36
CA ARG D 348 37.60 37.71 1.51
C ARG D 348 37.75 36.52 2.46
N PHE D 349 38.81 35.75 2.24
CA PHE D 349 39.20 34.70 3.17
C PHE D 349 39.68 35.28 4.50
N LYS D 350 40.20 36.50 4.49
CA LYS D 350 40.71 37.15 5.68
C LYS D 350 40.68 38.66 5.46
N ASP D 351 40.15 39.40 6.43
CA ASP D 351 40.02 40.85 6.32
C ASP D 351 40.46 41.49 7.63
N LYS D 352 40.34 42.81 7.72
CA LYS D 352 41.02 43.57 8.78
C LYS D 352 40.40 43.31 10.14
N GLY D 353 39.12 43.65 10.34
CA GLY D 353 38.13 44.41 9.59
C GLY D 353 37.97 45.77 10.27
N HIS D 354 36.95 45.91 11.12
CA HIS D 354 36.82 47.11 11.94
C HIS D 354 37.72 47.03 13.17
N PHE D 355 37.57 45.97 13.97
CA PHE D 355 38.40 45.78 15.16
C PHE D 355 39.02 44.39 15.27
N PHE D 356 38.44 43.38 14.63
CA PHE D 356 38.91 42.00 14.76
C PHE D 356 39.49 41.52 13.43
N GLU D 357 40.63 40.85 13.51
CA GLU D 357 41.20 40.18 12.35
C GLU D 357 40.46 38.86 12.15
N GLN D 358 39.51 38.84 11.21
CA GLN D 358 38.65 37.69 10.99
C GLN D 358 39.19 36.87 9.84
N GLU D 359 39.79 35.72 10.15
CA GLU D 359 40.08 34.69 9.17
C GLU D 359 38.94 33.70 9.18
N TRP D 360 38.34 33.46 8.00
CA TRP D 360 37.21 32.57 7.88
C TRP D 360 37.64 31.11 7.69
N SER D 361 38.86 30.78 8.05
CA SER D 361 39.32 29.39 8.00
C SER D 361 38.84 28.63 9.22
N LYS D 362 38.49 27.36 9.01
CA LYS D 362 38.11 26.46 10.09
C LYS D 362 39.23 25.49 10.45
N ILE D 363 40.44 25.74 9.98
CA ILE D 363 41.60 24.88 10.22
C ILE D 363 42.59 25.65 11.09
N PHE D 364 43.75 25.03 11.36
CA PHE D 364 44.76 25.61 12.24
C PHE D 364 45.23 26.97 11.73
N GLU D 365 45.63 27.82 12.67
CA GLU D 365 45.89 29.23 12.36
C GLU D 365 47.05 29.41 11.40
N GLY D 366 48.13 28.64 11.59
CA GLY D 366 49.31 28.81 10.76
C GLY D 366 49.53 27.70 9.76
N ASP D 367 48.45 27.08 9.30
CA ASP D 367 48.55 26.00 8.34
C ASP D 367 49.07 26.52 7.00
N LYS D 368 49.99 25.76 6.39
CA LYS D 368 50.54 26.18 5.10
C LYS D 368 49.47 26.19 4.03
N ASP D 369 48.56 25.22 4.06
CA ASP D 369 47.45 25.21 3.12
C ASP D 369 46.54 26.42 3.31
N ALA D 370 46.37 26.86 4.57
CA ALA D 370 45.58 28.07 4.82
C ALA D 370 46.27 29.29 4.22
N ILE D 371 47.60 29.36 4.33
CA ILE D 371 48.34 30.47 3.74
C ILE D 371 48.22 30.46 2.22
N THR D 372 48.29 29.26 1.62
CA THR D 372 48.13 29.15 0.17
C THR D 372 46.73 29.56 -0.25
N ILE D 373 45.72 29.17 0.52
CA ILE D 373 44.33 29.56 0.21
C ILE D 373 44.17 31.07 0.32
N ALA D 374 44.77 31.69 1.35
CA ALA D 374 44.70 33.13 1.49
C ALA D 374 45.38 33.84 0.32
N GLN D 375 46.54 33.35 -0.10
CA GLN D 375 47.24 33.94 -1.23
C GLN D 375 46.43 33.79 -2.53
N ALA D 376 45.81 32.62 -2.71
CA ALA D 376 44.97 32.42 -3.89
C ALA D 376 43.74 33.31 -3.87
N ASP D 377 43.14 33.49 -2.70
CA ASP D 377 41.97 34.35 -2.59
C ASP D 377 42.33 35.80 -2.85
N THR D 378 43.51 36.23 -2.39
CA THR D 378 43.98 37.58 -2.70
C THR D 378 44.21 37.76 -4.20
N ALA D 379 44.63 36.70 -4.89
CA ALA D 379 44.83 36.74 -6.33
C ALA D 379 43.55 36.50 -7.12
N ARG D 380 42.39 36.48 -6.47
CA ARG D 380 41.09 36.35 -7.09
C ARG D 380 40.86 34.98 -7.73
N HIS D 381 41.56 33.96 -7.27
CA HIS D 381 41.27 32.59 -7.70
C HIS D 381 40.13 32.01 -6.87
N VAL D 382 39.48 30.99 -7.41
CA VAL D 382 38.39 30.33 -6.69
C VAL D 382 38.98 29.37 -5.67
N ILE D 383 38.59 29.55 -4.41
CA ILE D 383 39.10 28.75 -3.30
C ILE D 383 37.96 27.95 -2.70
N LEU D 384 38.32 26.98 -1.87
CA LEU D 384 37.37 26.19 -1.10
C LEU D 384 36.45 25.35 -2.00
N GLU D 385 36.91 25.00 -3.19
CA GLU D 385 36.11 24.18 -4.09
C GLU D 385 36.23 22.70 -3.72
N ASP D 386 37.44 22.14 -3.81
CA ASP D 386 37.70 20.77 -3.42
C ASP D 386 38.00 20.64 -1.93
N ASP D 387 38.17 21.75 -1.23
CA ASP D 387 38.37 21.77 0.22
C ASP D 387 37.42 22.76 0.88
N SER D 388 36.20 22.32 1.17
CA SER D 388 35.23 23.18 1.82
C SER D 388 35.34 23.13 3.34
N TRP D 389 36.00 22.12 3.89
CA TRP D 389 36.20 22.05 5.33
C TRP D 389 37.09 23.18 5.83
N ARG D 390 38.01 23.66 4.99
CA ARG D 390 39.05 24.58 5.43
C ARG D 390 38.49 25.91 5.91
N GLY D 391 37.42 26.41 5.29
CA GLY D 391 36.93 27.71 5.68
C GLY D 391 35.51 27.93 5.20
N VAL D 392 34.99 29.11 5.53
CA VAL D 392 33.65 29.50 5.13
C VAL D 392 33.70 30.09 3.73
N LYS D 393 32.76 29.69 2.88
CA LYS D 393 32.70 30.23 1.53
C LYS D 393 32.37 31.71 1.57
N LYS D 394 32.82 32.43 0.55
CA LYS D 394 32.63 33.87 0.50
C LYS D 394 31.15 34.22 0.31
N CYS D 395 30.76 35.35 0.88
CA CYS D 395 29.43 35.91 0.67
C CYS D 395 29.54 37.06 -0.32
N CYS D 396 28.80 36.98 -1.41
CA CYS D 396 28.92 37.97 -2.48
C CYS D 396 28.28 39.29 -2.06
N PRO D 397 29.02 40.40 -2.10
CA PRO D 397 28.37 41.70 -1.89
C PRO D 397 27.48 42.03 -3.08
N ILE D 398 26.30 42.59 -2.79
CA ILE D 398 25.35 43.01 -3.80
C ILE D 398 25.17 44.51 -3.66
N ILE D 399 25.45 45.24 -4.73
CA ILE D 399 25.54 46.70 -4.70
C ILE D 399 24.31 47.27 -5.39
N SER D 400 23.54 48.06 -4.66
CA SER D 400 22.29 48.60 -5.18
C SER D 400 21.91 49.85 -4.39
N GLY D 401 21.03 50.64 -4.99
CA GLY D 401 20.49 51.82 -4.33
C GLY D 401 20.95 53.13 -4.93
N GLY D 402 20.11 53.72 -5.77
CA GLY D 402 20.45 55.00 -6.39
C GLY D 402 21.63 54.94 -7.32
N LEU D 403 21.92 53.78 -7.88
CA LEU D 403 23.07 53.59 -8.76
C LEU D 403 22.67 53.75 -10.21
N ASN D 404 23.46 54.51 -10.96
CA ASN D 404 23.32 54.63 -12.40
C ASN D 404 24.66 54.26 -13.02
N PRO D 405 24.74 54.10 -14.36
CA PRO D 405 26.04 53.73 -14.97
C PRO D 405 27.13 54.75 -14.73
N THR D 406 26.79 56.04 -14.64
CA THR D 406 27.80 57.08 -14.42
C THR D 406 28.52 56.89 -13.09
N LEU D 407 27.86 56.30 -12.10
CA LEU D 407 28.47 56.02 -10.81
C LEU D 407 29.07 54.62 -10.73
N LEU D 408 29.11 53.88 -11.85
CA LEU D 408 29.71 52.55 -11.82
C LEU D 408 31.20 52.63 -11.56
N LYS D 409 31.90 53.51 -12.28
CA LYS D 409 33.34 53.69 -12.08
C LYS D 409 33.70 54.18 -10.68
N PRO D 410 33.06 55.22 -10.12
CA PRO D 410 33.45 55.68 -8.78
C PRO D 410 33.33 54.63 -7.68
N PHE D 411 32.24 53.84 -7.69
CA PHE D 411 32.06 52.85 -6.63
C PHE D 411 33.15 51.80 -6.65
N ILE D 412 33.55 51.35 -7.85
CA ILE D 412 34.67 50.43 -7.96
C ILE D 412 35.94 51.10 -7.44
N ASP D 413 36.08 52.41 -7.68
CA ASP D 413 37.20 53.16 -7.13
C ASP D 413 37.18 53.13 -5.61
N VAL D 414 35.99 53.05 -5.01
CA VAL D 414 35.89 52.81 -3.58
C VAL D 414 35.90 51.33 -3.24
N MET D 415 35.45 50.46 -4.15
CA MET D 415 35.35 49.04 -3.84
C MET D 415 36.73 48.37 -3.86
N GLY D 416 37.58 48.76 -4.80
CA GLY D 416 38.88 48.14 -4.94
C GLY D 416 38.88 46.78 -5.62
N ASN D 417 37.74 46.36 -6.15
CA ASN D 417 37.62 45.07 -6.83
C ASN D 417 36.30 45.07 -7.59
N ILE D 418 36.09 44.02 -8.39
CA ILE D 418 34.89 43.91 -9.21
C ILE D 418 34.20 42.58 -8.93
N ASP D 419 34.39 42.04 -7.72
CA ASP D 419 33.80 40.77 -7.33
C ASP D 419 32.50 41.06 -6.56
N PHE D 420 31.47 41.46 -7.31
CA PHE D 420 30.19 41.78 -6.69
C PHE D 420 29.10 41.73 -7.76
N ILE D 421 27.86 41.66 -7.30
CA ILE D 421 26.69 41.83 -8.16
C ILE D 421 26.16 43.24 -7.95
N THR D 422 26.06 44.00 -9.02
CA THR D 422 25.55 45.37 -8.97
C THR D 422 24.20 45.40 -9.68
N THR D 423 23.18 45.88 -8.98
CA THR D 423 21.83 45.99 -9.52
C THR D 423 21.40 47.44 -9.52
N MET D 424 20.97 47.94 -10.67
CA MET D 424 20.49 49.31 -10.82
C MET D 424 19.06 49.25 -11.36
N GLY D 425 18.11 49.75 -10.57
CA GLY D 425 16.74 49.79 -11.00
C GLY D 425 16.39 51.11 -11.68
N ALA D 426 16.67 52.22 -10.99
CA ALA D 426 16.48 53.53 -11.59
C ALA D 426 17.56 53.88 -12.60
N GLY D 427 18.78 53.36 -12.41
CA GLY D 427 19.85 53.65 -13.35
C GLY D 427 19.62 53.13 -14.74
N CYS D 428 18.77 52.11 -14.90
CA CYS D 428 18.45 51.54 -16.20
C CYS D 428 17.01 51.82 -16.63
N HIS D 429 16.04 51.56 -15.76
CA HIS D 429 14.64 51.73 -16.14
C HIS D 429 14.23 53.19 -16.27
N ALA D 430 14.94 54.11 -15.60
CA ALA D 430 14.70 55.54 -15.77
C ALA D 430 15.54 56.13 -16.90
N HIS D 431 16.28 55.30 -17.62
CA HIS D 431 16.97 55.76 -18.82
C HIS D 431 15.95 56.24 -19.85
N PRO D 432 16.18 57.38 -20.51
CA PRO D 432 15.15 57.94 -21.39
C PRO D 432 14.81 57.07 -22.60
N LYS D 433 15.66 56.12 -22.98
CA LYS D 433 15.44 55.30 -24.16
C LYS D 433 15.00 53.88 -23.81
N GLY D 434 14.54 53.64 -22.59
CA GLY D 434 13.99 52.36 -22.20
C GLY D 434 14.94 51.50 -21.41
N THR D 435 14.41 50.36 -20.95
CA THR D 435 15.19 49.44 -20.11
C THR D 435 16.36 48.85 -20.88
N THR D 436 16.15 48.47 -22.14
CA THR D 436 17.23 47.91 -22.94
C THR D 436 18.32 48.94 -23.17
N ALA D 437 17.93 50.20 -23.40
CA ALA D 437 18.92 51.26 -23.53
C ALA D 437 19.71 51.45 -22.23
N GLY D 438 19.02 51.37 -21.10
CA GLY D 438 19.72 51.48 -19.82
C GLY D 438 20.69 50.33 -19.59
N ALA D 439 20.29 49.11 -19.95
CA ALA D 439 21.18 47.96 -19.82
C ALA D 439 22.39 48.12 -20.74
N LYS D 440 22.17 48.60 -21.97
CA LYS D 440 23.28 48.83 -22.87
C LYS D 440 24.22 49.91 -22.35
N ALA D 441 23.66 50.96 -21.75
CA ALA D 441 24.49 52.02 -21.16
C ALA D 441 25.30 51.49 -19.98
N LEU D 442 24.70 50.63 -19.15
CA LEU D 442 25.43 50.04 -18.04
C LEU D 442 26.56 49.14 -18.54
N VAL D 443 26.29 48.34 -19.57
CA VAL D 443 27.33 47.49 -20.15
C VAL D 443 28.44 48.34 -20.77
N GLN D 444 28.06 49.47 -21.38
CA GLN D 444 29.05 50.36 -21.96
C GLN D 444 29.92 51.00 -20.88
N ALA D 445 29.32 51.39 -19.75
CA ALA D 445 30.10 51.93 -18.65
C ALA D 445 31.05 50.88 -18.07
N CYS D 446 30.57 49.63 -17.95
CA CYS D 446 31.43 48.56 -17.47
C CYS D 446 32.59 48.30 -18.43
N GLU D 447 32.32 48.31 -19.74
CA GLU D 447 33.38 48.12 -20.72
C GLU D 447 34.37 49.28 -20.71
N ALA D 448 33.87 50.50 -20.49
CA ALA D 448 34.75 51.66 -20.40
C ALA D 448 35.66 51.55 -19.18
N TYR D 449 35.12 51.10 -18.04
CA TYR D 449 35.97 50.87 -16.88
C TYR D 449 36.99 49.77 -17.13
N GLN D 450 36.57 48.68 -17.79
CA GLN D 450 37.48 47.58 -18.06
C GLN D 450 38.61 48.00 -19.00
N LYS D 451 38.30 48.83 -20.00
CA LYS D 451 39.30 49.32 -20.93
C LYS D 451 40.02 50.57 -20.45
N GLY D 452 39.61 51.13 -19.31
CA GLY D 452 40.22 52.34 -18.80
C GLY D 452 39.75 53.61 -19.48
N ILE D 453 38.78 53.54 -20.38
CA ILE D 453 38.28 54.71 -21.07
C ILE D 453 37.29 55.44 -20.18
N ASP D 454 37.43 56.77 -20.10
CA ASP D 454 36.47 57.57 -19.37
C ASP D 454 35.10 57.49 -20.04
N ILE D 455 34.05 57.55 -19.22
CA ILE D 455 32.68 57.39 -19.73
C ILE D 455 32.32 58.51 -20.68
N LYS D 456 32.80 59.73 -20.42
CA LYS D 456 32.55 60.83 -21.34
C LYS D 456 33.21 60.58 -22.70
N GLU D 457 34.44 60.08 -22.69
CA GLU D 457 35.09 59.72 -23.95
C GLU D 457 34.41 58.52 -24.59
N TYR D 458 34.02 57.53 -23.78
CA TYR D 458 33.43 56.31 -24.33
C TYR D 458 32.08 56.56 -24.97
N ALA D 459 31.29 57.49 -24.42
CA ALA D 459 29.94 57.75 -24.90
C ALA D 459 29.91 58.38 -26.29
N LYS D 460 31.03 58.90 -26.79
CA LYS D 460 31.05 59.49 -28.13
C LYS D 460 30.75 58.45 -29.20
N THR D 461 31.17 57.21 -28.99
CA THR D 461 30.88 56.12 -29.92
C THR D 461 29.80 55.18 -29.40
N HIS D 462 29.14 55.53 -28.29
CA HIS D 462 28.11 54.68 -27.68
C HIS D 462 26.96 55.59 -27.24
N LYS D 463 25.86 55.55 -27.98
CA LYS D 463 24.78 56.50 -27.76
C LYS D 463 24.08 56.27 -26.42
N GLU D 464 23.91 55.01 -26.02
CA GLU D 464 23.20 54.71 -24.78
C GLU D 464 23.95 55.25 -23.57
N LEU D 465 25.28 55.10 -23.55
CA LEU D 465 26.07 55.63 -22.44
C LEU D 465 25.99 57.16 -22.39
N GLU D 466 26.04 57.82 -23.56
CA GLU D 466 25.93 59.27 -23.61
C GLU D 466 24.57 59.74 -23.10
N GLU D 467 23.49 59.06 -23.52
CA GLU D 467 22.17 59.43 -23.06
C GLU D 467 22.03 59.21 -21.55
N ALA D 468 22.59 58.11 -21.04
CA ALA D 468 22.55 57.86 -19.60
C ALA D 468 23.31 58.93 -18.84
N ILE D 469 24.48 59.34 -19.34
CA ILE D 469 25.25 60.40 -18.69
C ILE D 469 24.47 61.71 -18.69
N GLU D 470 23.86 62.04 -19.84
CA GLU D 470 23.09 63.28 -19.93
C GLU D 470 21.90 63.28 -18.99
N PHE D 471 21.22 62.14 -18.87
CA PHE D 471 20.06 62.09 -17.98
C PHE D 471 20.46 62.09 -16.51
N PHE D 472 21.50 61.35 -16.15
CA PHE D 472 21.85 61.14 -14.76
C PHE D 472 22.88 62.14 -14.22
N THR D 473 23.35 63.07 -15.05
CA THR D 473 24.22 64.13 -14.56
C THR D 473 23.45 65.35 -14.05
N LYS D 474 22.13 65.30 -14.08
CA LYS D 474 21.31 66.40 -13.58
C LYS D 474 20.07 65.86 -12.86
N THR E 7 55.59 21.71 44.25
CA THR E 7 56.58 22.75 43.97
C THR E 7 57.78 22.17 43.23
N GLN E 8 58.54 21.31 43.92
CA GLN E 8 59.70 20.69 43.31
C GLN E 8 59.30 19.76 42.17
N LEU E 9 58.21 19.01 42.35
CA LEU E 9 57.74 18.12 41.28
C LEU E 9 57.25 18.93 40.09
N ILE E 10 56.68 20.11 40.33
CA ILE E 10 56.21 20.94 39.24
C ILE E 10 57.38 21.42 38.38
N LYS E 11 58.52 21.70 39.02
CA LYS E 11 59.70 22.13 38.27
C LYS E 11 60.33 21.00 37.47
N THR E 12 60.05 19.75 37.83
CA THR E 12 60.55 18.63 37.05
C THR E 12 59.78 18.41 35.76
N LEU E 13 58.60 19.02 35.64
CA LEU E 13 57.78 18.83 34.45
C LEU E 13 58.38 19.55 33.25
N ASN E 14 58.25 18.93 32.09
CA ASN E 14 58.63 19.56 30.83
C ASN E 14 57.49 20.46 30.36
N ILE E 15 57.63 21.02 29.16
CA ILE E 15 56.61 21.94 28.65
C ILE E 15 55.32 21.20 28.35
N HIS E 16 55.42 19.99 27.80
CA HIS E 16 54.22 19.22 27.46
C HIS E 16 53.46 18.80 28.72
N GLN E 17 54.18 18.40 29.76
CA GLN E 17 53.50 17.90 30.95
C GLN E 17 52.85 19.01 31.76
N LYS E 18 53.37 20.23 31.66
CA LYS E 18 52.80 21.35 32.41
C LYS E 18 51.42 21.72 31.92
N GLY E 19 51.10 21.42 30.66
CA GLY E 19 49.79 21.73 30.13
C GLY E 19 48.68 20.83 30.64
N TYR E 20 49.03 19.73 31.31
CA TYR E 20 48.06 18.81 31.88
C TYR E 20 48.12 18.79 33.41
N VAL E 21 48.75 19.80 34.01
CA VAL E 21 48.86 19.90 35.46
C VAL E 21 48.46 21.31 35.87
N ASN E 22 47.46 21.42 36.74
CA ASN E 22 47.02 22.71 37.27
C ASN E 22 46.62 22.50 38.73
N PHE E 23 47.57 22.71 39.64
CA PHE E 23 47.28 22.61 41.06
C PHE E 23 46.52 23.82 41.59
N ASP E 24 46.37 24.87 40.78
CA ASP E 24 45.61 26.06 41.16
C ASP E 24 44.27 26.12 40.45
N LEU E 25 43.69 24.97 40.13
CA LEU E 25 42.33 24.94 39.58
C LEU E 25 41.37 25.50 40.61
N PRO E 26 40.63 26.56 40.31
CA PRO E 26 39.92 27.28 41.38
C PRO E 26 38.74 26.51 41.94
N ASN E 27 37.97 25.85 41.09
CA ASN E 27 36.80 25.09 41.53
C ASN E 27 36.69 23.83 40.69
N PRO E 28 37.26 22.72 41.17
CA PRO E 28 37.11 21.44 40.43
C PRO E 28 35.68 20.95 40.36
N LYS E 29 34.82 21.40 41.27
CA LYS E 29 33.41 21.00 41.30
C LYS E 29 32.50 22.06 40.70
N ASN E 30 33.01 22.89 39.78
CA ASN E 30 32.19 23.93 39.15
C ASN E 30 31.17 23.38 38.17
N GLY E 31 31.22 22.09 37.84
CA GLY E 31 30.32 21.49 36.89
C GLY E 31 30.91 21.24 35.52
N GLU E 32 32.05 21.85 35.21
CA GLU E 32 32.73 21.61 33.94
C GLU E 32 33.51 20.29 33.93
N TYR E 33 33.88 19.77 35.10
CA TYR E 33 34.83 18.67 35.20
C TYR E 33 34.22 17.48 35.90
N LEU E 34 34.31 16.32 35.26
CA LEU E 34 34.31 15.06 35.98
C LEU E 34 35.62 14.97 36.77
N LEU E 35 35.56 14.45 37.98
CA LEU E 35 36.73 14.36 38.84
C LEU E 35 37.10 12.90 39.04
N ALA E 36 38.39 12.60 38.93
CA ALA E 36 38.86 11.22 39.05
C ALA E 36 40.08 11.19 39.98
N VAL E 37 40.04 10.28 40.95
CA VAL E 37 41.17 10.05 41.83
C VAL E 37 41.82 8.73 41.43
N PHE E 38 43.13 8.78 41.18
CA PHE E 38 43.90 7.62 40.72
C PHE E 38 44.96 7.28 41.76
N HIS E 39 45.04 6.00 42.13
CA HIS E 39 46.24 5.49 42.77
C HIS E 39 47.27 5.24 41.68
N LEU E 40 48.35 6.02 41.70
CA LEU E 40 49.34 6.02 40.62
C LEU E 40 50.71 5.76 41.21
N ILE E 41 51.39 4.75 40.67
CA ILE E 41 52.79 4.47 40.96
C ILE E 41 53.51 4.37 39.62
N SER E 42 54.55 5.19 39.44
CA SER E 42 55.21 5.30 38.15
C SER E 42 55.98 4.03 37.80
N GLY E 43 56.04 3.74 36.50
CA GLY E 43 56.72 2.55 36.02
C GLY E 43 58.23 2.62 36.00
N GLY E 44 58.81 3.81 36.19
CA GLY E 44 60.25 3.94 36.22
C GLY E 44 60.79 5.15 35.52
N LYS E 45 61.65 5.91 36.21
CA LYS E 45 62.35 7.10 35.77
C LYS E 45 61.45 8.34 35.72
N LEU E 46 60.15 8.21 35.98
CA LEU E 46 59.25 9.34 36.08
C LEU E 46 58.76 9.47 37.51
N ASN E 47 58.72 10.69 38.02
CA ASN E 47 58.14 10.90 39.34
C ASN E 47 56.62 10.85 39.26
N ILE E 48 55.97 11.08 40.40
CA ILE E 48 54.52 10.93 40.47
C ILE E 48 53.82 11.98 39.61
N LEU E 49 54.30 13.23 39.64
CA LEU E 49 53.63 14.29 38.91
C LEU E 49 53.79 14.14 37.41
N GLN E 50 54.99 13.74 36.95
CA GLN E 50 55.20 13.52 35.53
C GLN E 50 54.32 12.38 35.00
N ALA E 51 54.26 11.27 35.74
CA ALA E 51 53.43 10.15 35.35
C ALA E 51 51.95 10.54 35.35
N ALA E 52 51.53 11.33 36.34
CA ALA E 52 50.15 11.81 36.37
C ALA E 52 49.85 12.72 35.17
N ALA E 53 50.80 13.56 34.79
CA ALA E 53 50.62 14.42 33.63
C ALA E 53 50.49 13.60 32.35
N GLU E 54 51.34 12.57 32.20
CA GLU E 54 51.22 11.69 31.03
C GLU E 54 49.88 10.95 31.03
N VAL E 55 49.41 10.53 32.21
CA VAL E 55 48.11 9.86 32.30
C VAL E 55 46.99 10.80 31.88
N ALA E 56 47.04 12.05 32.37
CA ALA E 56 46.01 13.02 32.03
C ALA E 56 46.03 13.35 30.53
N ALA E 57 47.22 13.47 29.95
CA ALA E 57 47.32 13.73 28.52
C ALA E 57 46.78 12.56 27.71
N GLU E 58 47.21 11.34 28.04
CA GLU E 58 46.75 10.16 27.32
C GLU E 58 45.26 9.90 27.52
N SER E 59 44.67 10.41 28.60
CA SER E 59 43.26 10.18 28.86
C SER E 59 42.36 11.35 28.45
N SER E 60 42.91 12.50 28.07
CA SER E 60 42.07 13.61 27.62
C SER E 60 42.33 14.01 26.17
N THR E 61 43.53 14.50 25.85
CA THR E 61 43.74 15.10 24.53
C THR E 61 45.09 14.80 23.89
N GLY E 62 46.13 14.47 24.66
CA GLY E 62 47.48 14.51 24.17
C GLY E 62 48.14 13.15 24.05
N THR E 63 49.46 13.20 23.90
CA THR E 63 50.29 12.02 23.69
C THR E 63 51.57 12.23 24.49
N ASN E 64 52.61 11.45 24.20
CA ASN E 64 53.88 11.61 24.90
C ASN E 64 54.63 12.88 24.50
N PHE E 65 54.20 13.57 23.44
CA PHE E 65 54.84 14.81 23.00
C PHE E 65 53.78 15.86 22.73
N ASN E 66 54.24 17.10 22.52
CA ASN E 66 53.38 18.16 22.00
C ASN E 66 53.33 18.07 20.49
N VAL E 67 52.13 17.98 19.93
CA VAL E 67 51.96 17.90 18.49
C VAL E 67 51.71 19.30 17.95
N ASN E 68 52.15 19.53 16.71
CA ASN E 68 52.01 20.85 16.09
C ASN E 68 50.57 21.17 15.69
N THR E 69 49.68 20.18 15.71
CA THR E 69 48.27 20.41 15.43
C THR E 69 47.50 20.92 16.65
N GLU E 70 48.17 21.09 17.79
CA GLU E 70 47.51 21.54 19.01
C GLU E 70 47.00 22.96 18.84
N THR E 71 45.70 23.15 19.02
CA THR E 71 45.09 24.47 19.00
C THR E 71 44.89 24.98 20.43
N PRO E 72 44.71 26.29 20.59
CA PRO E 72 44.34 26.80 21.93
C PRO E 72 43.03 26.24 22.43
N PHE E 73 42.08 25.95 21.54
CA PHE E 73 40.83 25.31 21.94
C PHE E 73 41.09 23.89 22.45
N SER E 74 42.05 23.19 21.85
CA SER E 74 42.37 21.84 22.29
C SER E 74 42.91 21.82 23.71
N LYS E 75 43.71 22.83 24.07
CA LYS E 75 44.24 22.90 25.43
C LYS E 75 43.15 23.12 26.47
N GLU E 76 42.02 23.71 26.06
CA GLU E 76 40.91 23.87 27.00
C GLU E 76 40.30 22.52 27.38
N MET E 77 40.40 21.53 26.50
CA MET E 77 39.91 20.18 26.78
C MET E 77 40.93 19.33 27.51
N ASN E 78 42.08 19.90 27.86
CA ASN E 78 43.11 19.15 28.58
C ASN E 78 42.61 18.72 29.95
N ALA E 79 42.82 17.46 30.29
CA ALA E 79 42.69 17.02 31.67
C ALA E 79 43.87 17.55 32.48
N VAL E 80 43.61 17.98 33.70
CA VAL E 80 44.64 18.60 34.53
C VAL E 80 44.69 17.89 35.87
N VAL E 81 45.90 17.56 36.30
CA VAL E 81 46.13 17.14 37.68
C VAL E 81 46.05 18.36 38.57
N TYR E 82 45.12 18.34 39.53
CA TYR E 82 44.87 19.49 40.38
C TYR E 82 45.16 19.23 41.85
N GLN E 83 45.61 18.02 42.19
CA GLN E 83 45.89 17.67 43.58
C GLN E 83 46.67 16.37 43.61
N ILE E 84 47.61 16.25 44.54
CA ILE E 84 48.37 15.03 44.70
C ILE E 84 48.62 14.78 46.19
N ASP E 85 48.35 13.56 46.61
CA ASP E 85 48.78 13.05 47.91
C ASP E 85 50.03 12.21 47.67
N LEU E 86 51.17 12.72 48.13
CA LEU E 86 52.45 12.06 47.84
C LEU E 86 52.64 10.80 48.69
N ASP E 87 52.17 10.82 49.93
CA ASP E 87 52.31 9.64 50.78
C ASP E 87 51.47 8.48 50.26
N GLN E 88 50.24 8.75 49.85
CA GLN E 88 49.33 7.72 49.36
C GLN E 88 49.48 7.43 47.87
N ASN E 89 50.25 8.26 47.15
CA ASN E 89 50.39 8.12 45.70
C ASN E 89 49.04 8.31 45.00
N LEU E 90 48.32 9.35 45.40
CA LEU E 90 47.00 9.66 44.85
C LEU E 90 47.10 10.91 43.98
N VAL E 91 46.48 10.86 42.81
CA VAL E 91 46.47 11.99 41.88
C VAL E 91 45.03 12.30 41.50
N TRP E 92 44.64 13.55 41.63
CA TRP E 92 43.31 14.00 41.23
C TRP E 92 43.41 14.64 39.84
N ILE E 93 42.52 14.25 38.95
CA ILE E 93 42.51 14.72 37.57
C ILE E 93 41.10 15.23 37.26
N ALA E 94 41.02 16.43 36.71
CA ALA E 94 39.76 17.01 36.28
C ALA E 94 39.63 16.86 34.77
N TYR E 95 38.68 16.04 34.34
CA TYR E 95 38.42 15.85 32.93
C TYR E 95 37.24 16.72 32.54
N PRO E 96 37.41 17.69 31.64
CA PRO E 96 36.24 18.40 31.09
C PRO E 96 35.34 17.40 30.38
N TRP E 97 34.07 17.34 30.82
CA TRP E 97 33.17 16.33 30.25
C TRP E 97 32.69 16.71 28.86
N ARG E 98 33.06 17.90 28.37
CA ARG E 98 32.96 18.21 26.95
C ARG E 98 33.72 17.21 26.09
N LEU E 99 34.81 16.64 26.62
CA LEU E 99 35.54 15.59 25.91
C LEU E 99 34.66 14.40 25.57
N PHE E 100 33.72 14.07 26.44
CA PHE E 100 32.97 12.82 26.32
C PHE E 100 31.96 12.89 25.18
N ASP E 101 31.71 11.74 24.56
CA ASP E 101 30.75 11.66 23.47
C ASP E 101 29.37 12.05 23.94
N ARG E 102 28.66 12.80 23.10
CA ARG E 102 27.33 13.27 23.45
C ARG E 102 26.32 12.12 23.37
N GLY E 103 25.14 12.36 23.95
CA GLY E 103 24.11 11.36 23.96
C GLY E 103 24.21 10.33 25.07
N GLY E 104 24.89 10.66 26.17
CA GLY E 104 25.02 9.76 27.29
C GLY E 104 25.81 8.51 27.01
N ASN E 105 26.96 8.66 26.37
CA ASN E 105 27.81 7.53 26.01
C ASN E 105 28.77 7.26 27.17
N VAL E 106 28.54 6.16 27.89
CA VAL E 106 29.37 5.82 29.05
C VAL E 106 30.65 5.11 28.64
N GLN E 107 30.60 4.28 27.60
CA GLN E 107 31.80 3.60 27.13
C GLN E 107 32.84 4.59 26.64
N ASN E 108 32.41 5.73 26.10
CA ASN E 108 33.36 6.78 25.72
C ASN E 108 34.09 7.34 26.94
N ILE E 109 33.37 7.50 28.06
CA ILE E 109 34.01 7.95 29.30
C ILE E 109 35.03 6.92 29.75
N LEU E 110 34.65 5.64 29.72
CA LEU E 110 35.58 4.59 30.14
C LEU E 110 36.78 4.51 29.21
N THR E 111 36.58 4.74 27.92
CA THR E 111 37.69 4.78 26.97
C THR E 111 38.64 5.93 27.29
N TYR E 112 38.09 7.08 27.67
CA TYR E 112 38.95 8.19 28.08
C TYR E 112 39.73 7.87 29.34
N ILE E 113 39.04 7.53 30.43
CA ILE E 113 39.66 7.56 31.75
C ILE E 113 40.28 6.22 32.14
N VAL E 114 39.68 5.11 31.71
CA VAL E 114 40.21 3.80 32.05
C VAL E 114 40.50 3.04 30.77
N GLY E 115 40.89 3.76 29.72
CA GLY E 115 41.21 3.14 28.44
C GLY E 115 42.70 2.92 28.24
N ASN E 116 43.30 3.76 27.38
CA ASN E 116 44.70 3.56 26.99
C ASN E 116 45.65 3.70 28.17
N VAL E 117 45.27 4.47 29.19
CA VAL E 117 46.16 4.76 30.31
C VAL E 117 46.54 3.50 31.07
N LEU E 118 45.65 2.50 31.06
CA LEU E 118 45.96 1.23 31.72
C LEU E 118 47.11 0.51 31.03
N GLY E 119 47.29 0.73 29.72
CA GLY E 119 48.38 0.10 29.01
C GLY E 119 49.69 0.84 29.05
N MET E 120 49.71 2.04 29.61
CA MET E 120 50.91 2.87 29.61
C MET E 120 51.98 2.26 30.50
N LYS E 121 53.17 2.03 29.92
CA LYS E 121 54.28 1.48 30.69
C LYS E 121 54.92 2.49 31.63
N GLU E 122 54.58 3.77 31.50
CA GLU E 122 55.11 4.78 32.40
C GLU E 122 54.57 4.62 33.82
N VAL E 123 53.43 3.96 33.99
CA VAL E 123 52.83 3.71 35.30
C VAL E 123 52.96 2.22 35.60
N SER E 124 53.42 1.92 36.81
CA SER E 124 53.42 0.54 37.29
C SER E 124 52.14 0.18 38.02
N ALA E 125 51.42 1.17 38.54
CA ALA E 125 50.11 0.97 39.12
C ALA E 125 49.24 2.16 38.75
N LEU E 126 48.03 1.89 38.25
CA LEU E 126 47.10 2.96 37.90
C LEU E 126 45.68 2.43 38.15
N LYS E 127 45.13 2.75 39.31
CA LYS E 127 43.81 2.27 39.72
C LYS E 127 42.90 3.46 39.97
N LEU E 128 41.84 3.58 39.17
CA LEU E 128 40.87 4.66 39.34
C LEU E 128 39.99 4.35 40.54
N LEU E 129 40.29 4.98 41.68
CA LEU E 129 39.60 4.65 42.92
C LEU E 129 38.19 5.22 42.95
N ASP E 130 38.00 6.46 42.50
CA ASP E 130 36.72 7.12 42.63
C ASP E 130 36.57 8.19 41.56
N VAL E 131 35.32 8.46 41.19
CA VAL E 131 34.99 9.52 40.25
C VAL E 131 33.88 10.37 40.86
N TRP E 132 33.80 11.63 40.42
CA TRP E 132 32.75 12.55 40.85
C TRP E 132 32.08 13.13 39.63
N PHE E 133 30.76 12.95 39.52
CA PHE E 133 30.00 13.47 38.41
C PHE E 133 29.36 14.79 38.80
N PRO E 134 29.63 15.89 38.10
CA PRO E 134 28.91 17.13 38.36
C PRO E 134 27.45 17.00 37.97
N PRO E 135 26.55 17.79 38.56
CA PRO E 135 25.14 17.74 38.16
C PRO E 135 24.92 18.07 36.69
N ALA E 136 25.71 19.00 36.14
CA ALA E 136 25.59 19.32 34.72
C ALA E 136 25.97 18.13 33.86
N MET E 137 26.98 17.37 34.28
CA MET E 137 27.33 16.14 33.56
C MET E 137 26.27 15.06 33.78
N LEU E 138 25.74 14.96 35.01
CA LEU E 138 24.74 13.95 35.31
C LEU E 138 23.46 14.17 34.50
N GLU E 139 23.16 15.42 34.15
CA GLU E 139 22.01 15.70 33.30
C GLU E 139 22.14 15.03 31.93
N GLN E 140 23.36 14.84 31.45
CA GLN E 140 23.60 14.30 30.11
C GLN E 140 23.30 12.81 29.99
N TYR E 141 23.12 12.10 31.09
CA TYR E 141 23.08 10.64 31.07
C TYR E 141 21.74 10.13 31.58
N ASP E 142 21.38 8.93 31.12
CA ASP E 142 20.03 8.41 31.35
C ASP E 142 19.78 8.11 32.82
N GLY E 143 20.69 7.38 33.45
CA GLY E 143 20.45 6.88 34.78
C GLY E 143 19.45 5.75 34.77
N PRO E 144 19.21 5.13 35.93
CA PRO E 144 18.21 4.07 36.00
C PRO E 144 16.80 4.61 35.78
N SER E 145 15.98 3.83 35.10
CA SER E 145 14.56 4.11 34.95
C SER E 145 13.68 3.19 35.76
N TYR E 146 13.85 1.88 35.62
CA TYR E 146 13.24 0.90 36.50
C TYR E 146 14.19 0.67 37.67
N THR E 147 13.64 0.63 38.88
CA THR E 147 14.45 0.63 40.09
C THR E 147 14.01 -0.50 41.01
N LEU E 148 14.74 -0.64 42.11
CA LEU E 148 14.40 -1.65 43.12
C LEU E 148 13.06 -1.35 43.78
N ASP E 149 12.65 -0.08 43.81
CA ASP E 149 11.34 0.26 44.38
C ASP E 149 10.22 -0.26 43.48
N ASP E 150 10.40 -0.19 42.16
CA ASP E 150 9.39 -0.72 41.24
C ASP E 150 9.24 -2.23 41.41
N MET E 151 10.35 -2.95 41.53
CA MET E 151 10.26 -4.39 41.74
C MET E 151 9.75 -4.73 43.12
N ARG E 152 10.01 -3.88 44.12
CA ARG E 152 9.43 -4.06 45.44
C ARG E 152 7.92 -3.89 45.40
N LYS E 153 7.44 -2.93 44.61
CA LYS E 153 6.01 -2.72 44.48
C LYS E 153 5.35 -3.88 43.73
N TYR E 154 6.00 -4.35 42.66
CA TYR E 154 5.45 -5.48 41.91
C TYR E 154 5.43 -6.76 42.75
N LEU E 155 6.50 -7.01 43.51
CA LEU E 155 6.59 -8.19 44.35
C LEU E 155 5.83 -8.06 45.66
N ASN E 156 5.43 -6.83 46.03
CA ASN E 156 4.82 -6.57 47.34
C ASN E 156 5.75 -6.98 48.48
N VAL E 157 7.04 -6.75 48.29
CA VAL E 157 8.06 -7.11 49.26
C VAL E 157 8.66 -5.82 49.79
N TYR E 158 8.52 -5.60 51.10
CA TYR E 158 9.05 -4.41 51.74
C TYR E 158 9.66 -4.80 53.09
N ASP E 159 10.56 -3.95 53.57
CA ASP E 159 11.22 -4.08 54.87
C ASP E 159 12.10 -5.32 54.98
N ARG E 160 12.51 -5.90 53.86
CA ARG E 160 13.46 -7.01 53.86
C ARG E 160 14.12 -7.06 52.49
N PRO E 161 15.32 -7.63 52.40
CA PRO E 161 15.95 -7.79 51.09
C PRO E 161 15.14 -8.75 50.21
N ILE E 162 15.11 -8.47 48.92
CA ILE E 162 14.43 -9.35 47.98
C ILE E 162 15.23 -10.65 47.88
N LEU E 163 14.59 -11.77 48.20
CA LEU E 163 15.28 -13.04 48.22
C LEU E 163 15.34 -13.63 46.82
N GLY E 164 16.55 -13.96 46.38
CA GLY E 164 16.75 -14.45 45.04
C GLY E 164 17.66 -15.66 45.03
N THR E 165 17.68 -16.35 43.90
CA THR E 165 18.51 -17.53 43.74
C THR E 165 19.13 -17.53 42.36
N ILE E 166 20.26 -18.23 42.24
CA ILE E 166 20.87 -18.54 40.96
C ILE E 166 20.75 -20.04 40.76
N ILE E 167 20.19 -20.45 39.63
CA ILE E 167 19.90 -21.86 39.38
C ILE E 167 21.21 -22.59 39.14
N LYS E 168 21.57 -23.47 40.06
CA LYS E 168 22.72 -24.37 39.99
C LYS E 168 22.27 -25.76 39.58
N PRO E 169 22.98 -26.46 38.68
CA PRO E 169 24.26 -26.12 38.03
C PRO E 169 24.19 -24.87 37.15
N LYS E 170 25.34 -24.22 36.95
CA LYS E 170 25.38 -23.01 36.12
C LYS E 170 24.98 -23.32 34.68
N MET E 171 25.47 -24.43 34.15
CA MET E 171 25.15 -24.84 32.79
C MET E 171 25.00 -26.35 32.78
N GLY E 172 24.21 -26.85 31.82
CA GLY E 172 24.00 -28.27 31.65
C GLY E 172 22.60 -28.74 31.95
N LEU E 173 21.75 -27.90 32.54
CA LEU E 173 20.36 -28.24 32.71
C LEU E 173 19.58 -27.96 31.44
N THR E 174 18.57 -28.80 31.18
CA THR E 174 17.68 -28.54 30.07
C THR E 174 16.72 -27.40 30.44
N SER E 175 15.90 -27.00 29.47
CA SER E 175 14.91 -25.96 29.71
C SER E 175 13.91 -26.39 30.78
N ALA E 176 13.46 -27.64 30.70
CA ALA E 176 12.51 -28.15 31.68
C ALA E 176 13.11 -28.23 33.08
N GLU E 177 14.36 -28.69 33.17
CA GLU E 177 15.02 -28.77 34.47
C GLU E 177 15.24 -27.38 35.08
N TYR E 178 15.65 -26.42 34.25
CA TYR E 178 15.83 -25.06 34.73
C TYR E 178 14.52 -24.46 35.21
N ALA E 179 13.44 -24.68 34.44
CA ALA E 179 12.12 -24.20 34.85
C ALA E 179 11.67 -24.86 36.15
N GLU E 180 11.96 -26.16 36.31
CA GLU E 180 11.61 -26.85 37.54
C GLU E 180 12.36 -26.29 38.73
N ALA E 181 13.66 -26.00 38.55
CA ALA E 181 14.43 -25.40 39.64
C ALA E 181 13.91 -24.01 39.99
N ALA E 182 13.56 -23.22 38.99
CA ALA E 182 12.99 -21.90 39.23
C ALA E 182 11.66 -21.98 39.98
N TYR E 183 10.80 -22.92 39.58
CA TYR E 183 9.55 -23.14 40.29
C TYR E 183 9.79 -23.60 41.72
N ASP E 184 10.77 -24.48 41.92
CA ASP E 184 11.06 -24.99 43.26
C ASP E 184 11.51 -23.87 44.18
N PHE E 185 12.34 -22.95 43.67
CA PHE E 185 12.71 -21.80 44.50
C PHE E 185 11.52 -20.87 44.73
N TRP E 186 10.73 -20.60 43.69
CA TRP E 186 9.64 -19.62 43.80
C TRP E 186 8.57 -20.10 44.76
N VAL E 187 8.18 -21.37 44.67
CA VAL E 187 7.13 -21.90 45.52
C VAL E 187 7.61 -22.08 46.96
N GLY E 188 8.92 -22.10 47.18
CA GLY E 188 9.47 -22.16 48.52
C GLY E 188 9.49 -20.84 49.26
N GLY E 189 9.03 -19.77 48.64
CA GLY E 189 9.01 -18.45 49.24
C GLY E 189 9.94 -17.45 48.57
N GLY E 190 10.92 -17.91 47.81
CA GLY E 190 11.82 -16.99 47.13
C GLY E 190 11.10 -16.19 46.06
N ASP E 191 11.54 -14.94 45.90
CA ASP E 191 10.88 -14.01 45.00
C ASP E 191 11.59 -13.87 43.65
N PHE E 192 12.90 -14.07 43.62
CA PHE E 192 13.72 -13.68 42.48
C PHE E 192 14.52 -14.87 41.97
N VAL E 193 14.47 -15.11 40.66
CA VAL E 193 15.32 -16.12 40.04
C VAL E 193 16.03 -15.48 38.86
N ASN E 195 18.88 -16.03 35.53
CA ASN E 195 19.77 -16.79 34.67
C ASN E 195 21.19 -16.67 35.20
N ASP E 196 21.94 -17.76 35.17
CA ASP E 196 23.38 -17.62 35.36
C ASP E 196 23.95 -16.80 34.21
N GLU E 197 25.03 -16.08 34.49
CA GLU E 197 25.58 -15.14 33.53
C GLU E 197 25.94 -15.72 32.16
N PRO E 198 26.37 -16.98 32.00
CA PRO E 198 26.52 -17.52 30.65
C PRO E 198 25.33 -18.31 30.13
N GLN E 199 24.24 -18.40 30.88
CA GLN E 199 23.06 -19.12 30.42
C GLN E 199 22.45 -18.41 29.22
N ALA E 200 22.41 -19.10 28.09
CA ALA E 200 22.04 -18.50 26.81
C ALA E 200 21.39 -19.58 25.96
N ASN E 201 21.33 -19.37 24.65
CA ASN E 201 20.75 -20.34 23.72
C ASN E 201 21.74 -21.46 23.42
N GLN E 202 22.06 -22.23 24.46
CA GLN E 202 22.80 -23.46 24.26
C GLN E 202 21.92 -24.52 23.60
N ASP E 203 22.56 -25.45 22.92
CA ASP E 203 21.82 -26.43 22.12
C ASP E 203 20.99 -27.37 22.98
N PHE E 204 21.42 -27.66 24.20
CA PHE E 204 20.65 -28.55 25.06
C PHE E 204 19.60 -27.81 25.89
N CYS E 205 19.74 -26.49 26.04
CA CYS E 205 18.76 -25.66 26.72
C CYS E 205 18.42 -24.49 25.79
N PRO E 206 17.59 -24.73 24.78
CA PRO E 206 17.25 -23.67 23.82
C PRO E 206 16.55 -22.50 24.52
N TYR E 207 16.88 -21.29 24.06
CA TYR E 207 16.47 -20.08 24.77
C TYR E 207 14.95 -19.90 24.77
N ASP E 208 14.30 -20.16 23.62
CA ASP E 208 12.85 -20.01 23.54
C ASP E 208 12.14 -21.03 24.43
N LYS E 209 12.62 -22.27 24.44
CA LYS E 209 12.05 -23.28 25.32
C LYS E 209 12.26 -22.91 26.78
N MET E 210 13.44 -22.39 27.11
CA MET E 210 13.71 -21.96 28.48
C MET E 210 12.77 -20.82 28.89
N VAL E 211 12.54 -19.86 28.00
CA VAL E 211 11.66 -18.74 28.31
C VAL E 211 10.23 -19.22 28.53
N ARG E 212 9.74 -20.09 27.64
CA ARG E 212 8.39 -20.61 27.78
C ARG E 212 8.24 -21.45 29.05
N ASN E 213 9.23 -22.29 29.35
CA ASN E 213 9.16 -23.12 30.55
C ASN E 213 9.23 -22.27 31.81
N VAL E 214 10.03 -21.21 31.80
CA VAL E 214 10.09 -20.32 32.94
C VAL E 214 8.77 -19.57 33.10
N LYS E 215 8.13 -19.21 31.99
CA LYS E 215 6.82 -18.59 32.06
C LYS E 215 5.79 -19.52 32.71
N ALA E 216 5.78 -20.79 32.28
CA ALA E 216 4.85 -21.75 32.86
C ALA E 216 5.14 -22.00 34.34
N ALA E 217 6.43 -22.11 34.70
CA ALA E 217 6.80 -22.34 36.09
C ALA E 217 6.46 -21.14 36.96
N MET E 218 6.67 -19.93 36.45
CA MET E 218 6.32 -18.74 37.20
C MET E 218 4.81 -18.62 37.39
N ASP E 219 4.04 -18.96 36.35
CA ASP E 219 2.58 -18.98 36.49
C ASP E 219 2.15 -19.96 37.55
N LYS E 220 2.71 -21.18 37.53
CA LYS E 220 2.37 -22.19 38.53
C LYS E 220 2.74 -21.73 39.93
N ALA E 221 3.94 -21.18 40.11
CA ALA E 221 4.37 -20.75 41.43
C ALA E 221 3.53 -19.58 41.94
N VAL E 222 3.15 -18.66 41.05
CA VAL E 222 2.31 -17.53 41.44
C VAL E 222 0.94 -18.01 41.88
N LYS E 223 0.35 -18.95 41.13
CA LYS E 223 -0.97 -19.45 41.52
C LYS E 223 -0.89 -20.26 42.82
N GLU E 224 0.19 -21.02 43.02
CA GLU E 224 0.30 -21.82 44.25
C GLU E 224 0.52 -20.93 45.47
N THR E 225 1.45 -19.99 45.39
CA THR E 225 1.81 -19.18 46.55
C THR E 225 0.93 -17.94 46.73
N GLY E 226 0.27 -17.49 45.66
CA GLY E 226 -0.44 -16.23 45.75
C GLY E 226 0.45 -15.02 45.82
N ASN E 227 1.72 -15.16 45.44
CA ASN E 227 2.69 -14.08 45.47
C ASN E 227 3.35 -13.96 44.11
N LYS E 228 3.61 -12.72 43.70
CA LYS E 228 4.24 -12.48 42.42
C LYS E 228 5.70 -12.93 42.45
N LYS E 229 6.23 -13.28 41.29
CA LYS E 229 7.60 -13.76 41.17
C LYS E 229 8.28 -13.06 40.00
N VAL E 230 9.60 -12.91 40.12
CA VAL E 230 10.41 -12.23 39.13
C VAL E 230 11.52 -13.16 38.67
N HIS E 231 11.74 -13.22 37.36
CA HIS E 231 12.85 -13.96 36.78
C HIS E 231 13.71 -13.02 35.94
N SER E 232 15.02 -13.04 36.18
CA SER E 232 15.96 -12.23 35.43
C SER E 232 16.56 -13.09 34.31
N PHE E 233 16.26 -12.72 33.07
CA PHE E 233 16.73 -13.46 31.91
C PHE E 233 18.04 -12.88 31.40
N ASN E 234 19.00 -13.76 31.14
CA ASN E 234 20.23 -13.34 30.49
C ASN E 234 19.97 -13.08 29.01
N VAL E 235 20.20 -11.84 28.57
CA VAL E 235 19.99 -11.47 27.18
C VAL E 235 21.31 -11.16 26.48
N SER E 236 22.44 -11.50 27.09
CA SER E 236 23.72 -11.33 26.43
C SER E 236 23.82 -12.28 25.24
N ALA E 237 24.06 -11.72 24.07
CA ALA E 237 24.06 -12.48 22.82
C ALA E 237 25.35 -12.21 22.06
N ALA E 238 25.48 -12.85 20.89
CA ALA E 238 26.63 -12.59 20.04
C ALA E 238 26.61 -11.16 19.51
N ASP E 239 25.42 -10.66 19.14
CA ASP E 239 25.27 -9.34 18.55
C ASP E 239 24.00 -8.69 19.11
N PHE E 240 23.73 -7.48 18.65
CA PHE E 240 22.53 -6.77 19.10
C PHE E 240 21.27 -7.49 18.66
N ASP E 241 21.25 -8.00 17.42
CA ASP E 241 20.03 -8.59 16.87
C ASP E 241 19.58 -9.80 17.68
N THR E 242 20.52 -10.65 18.09
CA THR E 242 20.19 -11.79 18.92
C THR E 242 19.70 -11.34 20.30
N MET E 243 20.33 -10.30 20.87
CA MET E 243 19.92 -9.81 22.18
C MET E 243 18.49 -9.27 22.15
N ILE E 244 18.17 -8.45 21.14
CA ILE E 244 16.82 -7.91 21.03
C ILE E 244 15.83 -9.00 20.66
N GLU E 245 16.24 -10.00 19.89
CA GLU E 245 15.37 -11.13 19.60
C GLU E 245 15.01 -11.88 20.88
N ARG E 246 16.00 -12.11 21.75
CA ARG E 246 15.75 -12.78 23.01
C ARG E 246 14.89 -11.93 23.93
N CYS E 247 15.12 -10.61 23.94
CA CYS E 247 14.31 -9.69 24.73
C CYS E 247 12.85 -9.72 24.27
N GLU E 248 12.62 -9.60 22.96
CA GLU E 248 11.27 -9.65 22.41
C GLU E 248 10.62 -11.01 22.66
N LEU E 249 11.42 -12.07 22.65
CA LEU E 249 10.91 -13.39 23.00
C LEU E 249 10.42 -13.42 24.44
N ILE E 250 11.17 -12.81 25.35
CA ILE E 250 10.73 -12.71 26.74
C ILE E 250 9.45 -11.88 26.85
N ARG E 251 9.39 -10.75 26.12
CA ARG E 251 8.22 -9.88 26.18
C ARG E 251 6.98 -10.57 25.63
N ASN E 252 7.13 -11.27 24.50
CA ASN E 252 6.02 -11.93 23.83
C ASN E 252 5.79 -13.35 24.32
N ALA E 253 6.24 -13.67 25.53
CA ALA E 253 6.03 -14.99 26.11
C ALA E 253 4.53 -15.31 26.28
N GLY E 254 3.78 -14.45 26.96
CA GLY E 254 4.07 -13.17 27.61
C GLY E 254 3.91 -13.14 29.12
N PHE E 255 4.98 -12.72 29.78
CA PHE E 255 4.96 -12.57 31.24
C PHE E 255 4.14 -11.35 31.63
N GLU E 256 3.82 -11.28 32.92
CA GLU E 256 3.27 -10.05 33.46
C GLU E 256 4.34 -8.96 33.47
N PRO E 257 3.98 -7.72 33.19
CA PRO E 257 4.97 -6.63 33.25
C PRO E 257 5.52 -6.47 34.66
N GLY E 258 6.84 -6.54 34.78
CA GLY E 258 7.52 -6.49 36.05
C GLY E 258 7.98 -7.83 36.56
N SER E 259 7.48 -8.93 35.99
CA SER E 259 7.87 -10.26 36.44
C SER E 259 9.16 -10.76 35.82
N TYR E 260 9.69 -10.06 34.80
CA TYR E 260 10.92 -10.46 34.15
C TYR E 260 11.91 -9.30 34.16
N ALA E 261 13.17 -9.61 34.41
CA ALA E 261 14.27 -8.66 34.34
C ALA E 261 15.25 -9.09 33.25
N PHE E 262 15.91 -8.11 32.66
CA PHE E 262 16.89 -8.36 31.61
C PHE E 262 18.28 -8.37 32.23
N LEU E 263 18.94 -9.52 32.17
CA LEU E 263 20.30 -9.65 32.66
C LEU E 263 21.27 -9.51 31.50
N ILE E 264 22.28 -8.66 31.68
CA ILE E 264 23.29 -8.41 30.66
C ILE E 264 24.66 -8.51 31.30
N ASP E 265 25.55 -9.27 30.66
CA ASP E 265 26.93 -9.38 31.12
C ASP E 265 27.64 -8.09 30.72
N GLY E 266 27.62 -7.11 31.63
CA GLY E 266 28.02 -5.75 31.26
C GLY E 266 29.48 -5.64 30.87
N ILE E 267 30.34 -6.44 31.50
CA ILE E 267 31.77 -6.36 31.18
C ILE E 267 32.05 -7.02 29.83
N THR E 268 31.59 -8.26 29.64
CA THR E 268 31.89 -8.98 28.41
C THR E 268 31.02 -8.51 27.25
N ALA E 269 29.70 -8.46 27.45
CA ALA E 269 28.81 -8.00 26.38
C ALA E 269 29.04 -6.53 26.06
N GLY E 270 29.48 -5.74 27.04
CA GLY E 270 29.84 -4.36 26.80
C GLY E 270 28.85 -3.36 27.35
N TRP E 271 29.32 -2.13 27.57
CA TRP E 271 28.46 -1.07 28.08
C TRP E 271 27.44 -0.62 27.04
N MET E 272 27.75 -0.79 25.75
CA MET E 272 26.79 -0.48 24.71
C MET E 272 25.53 -1.33 24.84
N ALA E 273 25.70 -2.61 25.16
CA ALA E 273 24.54 -3.49 25.37
C ALA E 273 23.71 -3.04 26.56
N VAL E 274 24.37 -2.62 27.64
CA VAL E 274 23.66 -2.16 28.83
C VAL E 274 22.85 -0.91 28.51
N GLN E 275 23.48 0.05 27.80
CA GLN E 275 22.76 1.27 27.46
C GLN E 275 21.63 1.00 26.48
N THR E 276 21.84 0.09 25.54
CA THR E 276 20.78 -0.27 24.59
C THR E 276 19.60 -0.91 25.31
N LEU E 277 19.87 -1.80 26.26
CA LEU E 277 18.79 -2.41 27.05
C LEU E 277 18.07 -1.36 27.88
N ARG E 278 18.81 -0.42 28.48
CA ARG E 278 18.19 0.63 29.29
C ARG E 278 17.28 1.51 28.44
N ARG E 279 17.74 1.89 27.25
CA ARG E 279 16.97 2.82 26.42
C ARG E 279 15.80 2.13 25.73
N LYS E 280 16.00 0.91 25.22
CA LYS E 280 14.93 0.21 24.52
C LYS E 280 13.85 -0.27 25.48
N TYR E 281 14.22 -0.64 26.71
CA TYR E 281 13.29 -1.21 27.68
C TYR E 281 13.47 -0.49 29.02
N PRO E 282 13.07 0.78 29.09
CA PRO E 282 13.16 1.49 30.38
C PRO E 282 12.20 0.98 31.44
N ASP E 283 11.16 0.24 31.05
CA ASP E 283 10.19 -0.31 31.98
C ASP E 283 10.60 -1.68 32.51
N VAL E 284 11.78 -2.18 32.13
CA VAL E 284 12.26 -3.49 32.55
C VAL E 284 13.48 -3.29 33.44
N PHE E 285 13.55 -4.08 34.51
CA PHE E 285 14.71 -4.06 35.39
C PHE E 285 15.94 -4.54 34.62
N ILE E 286 16.93 -3.67 34.50
CA ILE E 286 18.16 -3.98 33.78
C ILE E 286 19.14 -4.55 34.79
N HIS E 287 19.47 -5.83 34.64
CA HIS E 287 20.30 -6.56 35.59
C HIS E 287 21.72 -6.55 35.05
N PHE E 288 22.57 -5.72 35.64
CA PHE E 288 23.98 -5.65 35.25
C PHE E 288 24.73 -6.75 35.98
N HIS E 289 25.04 -7.83 35.27
CA HIS E 289 25.98 -8.81 35.77
C HIS E 289 27.39 -8.38 35.37
N ARG E 290 28.31 -8.42 36.32
CA ARG E 290 29.65 -7.87 36.15
C ARG E 290 30.72 -8.94 36.00
N ALA E 291 30.39 -10.07 35.36
CA ALA E 291 31.35 -11.14 35.15
C ALA E 291 32.54 -10.65 34.33
N GLY E 292 33.74 -10.96 34.81
CA GLY E 292 34.96 -10.45 34.22
C GLY E 292 35.45 -9.15 34.81
N HIS E 293 34.72 -8.56 35.76
CA HIS E 293 35.11 -7.28 36.34
C HIS E 293 36.39 -7.37 37.18
N GLY E 294 36.78 -8.58 37.60
CA GLY E 294 37.81 -8.73 38.61
C GLY E 294 39.15 -8.15 38.22
N SER E 295 39.54 -8.33 36.95
CA SER E 295 40.79 -7.76 36.45
C SER E 295 40.81 -6.24 36.58
N PHE E 296 39.65 -5.60 36.45
CA PHE E 296 39.58 -4.17 36.69
C PHE E 296 39.63 -3.85 38.19
N THR E 297 38.97 -4.67 39.01
CA THR E 297 38.63 -4.25 40.37
C THR E 297 39.33 -5.04 41.47
N ARG E 298 40.00 -6.14 41.16
CA ARG E 298 40.65 -6.94 42.19
C ARG E 298 41.78 -6.14 42.84
N PRO E 299 41.87 -6.12 44.17
CA PRO E 299 42.96 -5.38 44.82
C PRO E 299 44.33 -5.93 44.50
N GLU E 300 44.43 -7.21 44.14
CA GLU E 300 45.71 -7.76 43.71
C GLU E 300 46.16 -7.17 42.37
N ASN E 301 45.23 -6.64 41.58
CA ASN E 301 45.56 -6.01 40.32
C ASN E 301 45.81 -4.52 40.54
N PRO E 302 47.05 -4.04 40.43
CA PRO E 302 47.32 -2.61 40.62
C PRO E 302 46.75 -1.73 39.54
N ILE E 303 46.41 -2.27 38.37
CA ILE E 303 45.94 -1.49 37.24
C ILE E 303 44.48 -1.84 36.98
N GLY E 304 43.62 -0.82 37.01
CA GLY E 304 42.19 -1.01 36.80
C GLY E 304 41.41 0.14 37.42
N PHE E 305 40.21 -0.19 37.89
CA PHE E 305 39.38 0.76 38.61
C PHE E 305 38.59 0.00 39.68
N SER E 306 38.21 0.75 40.72
CA SER E 306 37.60 0.14 41.90
C SER E 306 36.19 -0.36 41.58
N VAL E 307 35.66 -1.15 42.52
CA VAL E 307 34.27 -1.59 42.43
C VAL E 307 33.32 -0.41 42.51
N LEU E 308 33.68 0.60 43.32
CA LEU E 308 32.85 1.79 43.45
C LEU E 308 32.70 2.52 42.12
N VAL E 309 33.79 2.66 41.37
CA VAL E 309 33.73 3.32 40.07
C VAL E 309 32.84 2.53 39.12
N LEU E 310 32.99 1.20 39.11
CA LEU E 310 32.18 0.36 38.23
C LEU E 310 30.69 0.47 38.59
N SER E 311 30.38 0.47 39.88
CA SER E 311 28.99 0.62 40.30
C SER E 311 28.44 1.99 39.92
N LYS E 312 29.24 3.04 40.08
CA LYS E 312 28.79 4.39 39.72
C LYS E 312 28.53 4.50 38.23
N PHE E 313 29.41 3.92 37.41
CA PHE E 313 29.19 3.98 35.97
C PHE E 313 28.04 3.09 35.54
N ALA E 314 27.79 1.98 36.23
CA ALA E 314 26.60 1.18 35.95
C ALA E 314 25.34 1.96 36.26
N ARG E 315 25.33 2.69 37.38
CA ARG E 315 24.19 3.55 37.71
C ARG E 315 24.02 4.65 36.68
N LEU E 316 25.12 5.24 36.22
CA LEU E 316 25.04 6.28 35.20
C LEU E 316 24.49 5.75 33.89
N ALA E 317 24.91 4.54 33.50
CA ALA E 317 24.49 3.95 32.22
C ALA E 317 23.01 3.57 32.20
N GLY E 318 22.37 3.47 33.35
CA GLY E 318 20.96 3.14 33.42
C GLY E 318 20.63 1.75 33.91
N ALA E 319 21.62 0.99 34.39
CA ALA E 319 21.34 -0.32 34.95
C ALA E 319 20.46 -0.20 36.18
N SER E 320 19.42 -1.02 36.24
CA SER E 320 18.54 -1.04 37.41
C SER E 320 19.24 -1.62 38.62
N GLY E 321 20.09 -2.63 38.42
CA GLY E 321 20.81 -3.24 39.51
C GLY E 321 22.10 -3.85 39.02
N ILE E 322 23.10 -3.86 39.88
CA ILE E 322 24.41 -4.42 39.56
C ILE E 322 24.91 -5.18 40.78
N HIS E 323 25.61 -6.29 40.54
CA HIS E 323 26.25 -7.02 41.61
C HIS E 323 27.34 -6.16 42.24
N THR E 324 27.40 -6.18 43.58
CA THR E 324 28.35 -5.37 44.31
C THR E 324 29.33 -6.17 45.16
N GLY E 325 29.03 -7.42 45.47
CA GLY E 325 29.93 -8.23 46.25
C GLY E 325 29.40 -8.48 47.65
N THR E 326 29.90 -9.56 48.25
CA THR E 326 29.50 -9.97 49.59
C THR E 326 30.35 -9.33 50.68
N ALA E 327 31.27 -8.43 50.31
CA ALA E 327 32.15 -7.75 51.27
C ALA E 327 33.05 -8.74 52.00
N GLY E 328 33.44 -9.81 51.30
CA GLY E 328 34.29 -10.84 51.87
C GLY E 328 33.56 -11.92 52.63
N VAL E 329 32.24 -11.80 52.82
CA VAL E 329 31.50 -12.85 53.51
C VAL E 329 31.39 -14.09 52.64
N GLY E 330 31.15 -13.90 51.34
CA GLY E 330 31.01 -15.00 50.41
C GLY E 330 32.33 -15.47 49.85
N LYS E 331 32.26 -16.06 48.65
CA LYS E 331 33.43 -16.61 47.99
C LYS E 331 34.12 -15.61 47.06
N MET E 332 33.61 -14.38 46.97
CA MET E 332 34.18 -13.37 46.09
C MET E 332 34.98 -12.35 46.89
N GLN E 333 36.06 -11.86 46.29
CA GLN E 333 36.96 -10.93 46.96
C GLN E 333 36.37 -9.53 46.97
N GLY E 334 36.73 -8.77 48.01
CA GLY E 334 37.40 -9.32 49.18
C GLY E 334 37.19 -8.67 50.53
N SER E 335 36.43 -7.59 50.60
CA SER E 335 36.41 -6.78 51.81
C SER E 335 35.15 -5.94 51.84
N PRO E 336 34.77 -5.42 53.02
CA PRO E 336 33.58 -4.56 53.12
C PRO E 336 33.82 -3.14 52.65
N GLU E 337 35.05 -2.63 52.79
CA GLU E 337 35.34 -1.23 52.49
C GLU E 337 35.12 -0.89 51.02
N GLU E 338 35.22 -1.87 50.13
CA GLU E 338 34.91 -1.63 48.72
C GLU E 338 33.45 -1.94 48.41
N ASP E 339 32.99 -3.14 48.75
CA ASP E 339 31.67 -3.60 48.33
C ASP E 339 30.56 -2.81 49.00
N VAL E 340 30.63 -2.65 50.32
CA VAL E 340 29.58 -1.93 51.05
C VAL E 340 29.57 -0.47 50.65
N VAL E 341 30.74 0.13 50.45
CA VAL E 341 30.81 1.53 50.04
C VAL E 341 30.18 1.71 48.66
N ALA E 342 30.49 0.80 47.72
CA ALA E 342 29.89 0.87 46.39
C ALA E 342 28.38 0.69 46.45
N ALA E 343 27.92 -0.26 47.26
CA ALA E 343 26.48 -0.51 47.39
C ALA E 343 25.77 0.71 47.97
N GLN E 344 26.35 1.33 49.01
CA GLN E 344 25.76 2.53 49.58
C GLN E 344 25.75 3.68 48.58
N ASN E 345 26.84 3.83 47.81
CA ASN E 345 26.91 4.92 46.85
C ASN E 345 25.89 4.76 45.73
N ILE E 346 25.64 3.53 45.28
CA ILE E 346 24.66 3.31 44.23
C ILE E 346 23.23 3.29 44.76
N LEU E 347 23.02 2.94 46.03
CA LEU E 347 21.68 2.89 46.61
C LEU E 347 21.23 4.23 47.18
N ARG E 348 22.16 5.10 47.59
CA ARG E 348 21.83 6.30 48.33
C ARG E 348 21.73 7.51 47.40
N PHE E 349 20.95 8.50 47.86
CA PHE E 349 20.89 9.79 47.19
C PHE E 349 22.19 10.56 47.34
N LYS E 350 22.97 10.29 48.39
CA LYS E 350 24.21 10.99 48.66
C LYS E 350 25.06 10.14 49.59
N ASP E 351 26.32 9.90 49.20
CA ASP E 351 27.21 9.03 49.96
C ASP E 351 28.56 9.71 50.10
N LYS E 352 29.51 9.00 50.74
CA LYS E 352 30.72 9.66 51.23
C LYS E 352 31.64 10.12 50.10
N GLY E 353 32.14 9.19 49.27
CA GLY E 353 32.21 7.74 49.26
C GLY E 353 33.63 7.34 49.64
N HIS E 354 34.45 7.04 48.63
CA HIS E 354 35.87 6.81 48.87
C HIS E 354 36.62 8.14 49.04
N PHE E 355 36.52 9.02 48.04
CA PHE E 355 37.16 10.33 48.11
C PHE E 355 36.25 11.50 47.73
N PHE E 356 35.17 11.26 46.98
CA PHE E 356 34.29 12.32 46.50
C PHE E 356 32.93 12.22 47.15
N GLU E 357 32.41 13.34 47.62
CA GLU E 357 31.03 13.42 48.11
C GLU E 357 30.11 13.47 46.90
N GLN E 358 29.51 12.34 46.56
CA GLN E 358 28.67 12.23 45.38
C GLN E 358 27.21 12.39 45.76
N GLU E 359 26.63 13.54 45.46
CA GLU E 359 25.19 13.73 45.49
C GLU E 359 24.65 13.49 44.09
N TRP E 360 23.69 12.57 43.98
CA TRP E 360 23.15 12.19 42.68
C TRP E 360 21.98 13.07 42.26
N SER E 361 21.89 14.29 42.80
CA SER E 361 20.87 15.23 42.38
C SER E 361 21.34 16.00 41.16
N LYS E 362 20.39 16.31 40.28
CA LYS E 362 20.66 17.11 39.08
C LYS E 362 20.21 18.56 39.24
N ILE E 363 19.91 18.97 40.47
CA ILE E 363 19.40 20.32 40.75
C ILE E 363 20.39 21.06 41.62
N PHE E 364 20.03 22.27 42.04
CA PHE E 364 20.93 23.12 42.82
C PHE E 364 21.34 22.46 44.13
N GLU E 365 22.59 22.73 44.53
CA GLU E 365 23.20 22.01 45.64
C GLU E 365 22.47 22.29 46.96
N GLY E 366 22.11 23.54 47.21
CA GLY E 366 21.48 23.90 48.48
C GLY E 366 19.98 23.98 48.43
N ASP E 367 19.37 23.32 47.44
CA ASP E 367 17.92 23.37 47.29
C ASP E 367 17.25 22.68 48.48
N LYS E 368 16.19 23.31 49.00
CA LYS E 368 15.46 22.75 50.13
C LYS E 368 14.79 21.44 49.74
N ASP E 369 14.28 21.35 48.51
CA ASP E 369 13.70 20.10 48.04
C ASP E 369 14.74 18.99 47.95
N ALA E 370 15.99 19.34 47.59
CA ALA E 370 17.06 18.35 47.59
C ALA E 370 17.34 17.85 49.00
N ILE E 371 17.31 18.75 49.99
CA ILE E 371 17.52 18.36 51.38
C ILE E 371 16.40 17.44 51.84
N THR E 372 15.16 17.77 51.48
CA THR E 372 14.03 16.92 51.84
C THR E 372 14.13 15.55 51.18
N ILE E 373 14.57 15.50 49.93
CA ILE E 373 14.74 14.22 49.23
C ILE E 373 15.84 13.40 49.88
N ALA E 374 16.94 14.05 50.28
CA ALA E 374 18.01 13.33 50.98
C ALA E 374 17.53 12.78 52.31
N GLN E 375 16.76 13.57 53.06
CA GLN E 375 16.23 13.10 54.33
C GLN E 375 15.27 11.93 54.13
N ALA E 376 14.43 12.00 53.10
CA ALA E 376 13.52 10.90 52.80
C ALA E 376 14.28 9.65 52.37
N ASP E 377 15.35 9.82 51.60
CA ASP E 377 16.16 8.68 51.18
C ASP E 377 16.84 8.03 52.37
N THR E 378 17.32 8.84 53.32
CA THR E 378 17.87 8.28 54.55
C THR E 378 16.81 7.56 55.37
N ALA E 379 15.55 7.98 55.26
CA ALA E 379 14.45 7.33 55.97
C ALA E 379 13.85 6.16 55.19
N ARG E 380 14.50 5.74 54.11
CA ARG E 380 14.09 4.60 53.30
C ARG E 380 12.75 4.81 52.60
N HIS E 381 12.36 6.05 52.35
CA HIS E 381 11.18 6.33 51.56
C HIS E 381 11.54 6.36 50.08
N VAL E 382 10.54 6.12 49.23
CA VAL E 382 10.76 6.16 47.79
C VAL E 382 10.85 7.61 47.34
N ILE E 383 11.92 7.94 46.62
CA ILE E 383 12.17 9.29 46.14
C ILE E 383 12.23 9.28 44.62
N LEU E 384 12.17 10.48 44.04
CA LEU E 384 12.32 10.69 42.60
C LEU E 384 11.23 10.01 41.79
N GLU E 385 10.05 9.83 42.38
CA GLU E 385 8.94 9.23 41.66
C GLU E 385 8.23 10.25 40.78
N ASP E 386 7.68 11.30 41.40
CA ASP E 386 7.06 12.39 40.67
C ASP E 386 8.03 13.51 40.33
N ASP E 387 9.26 13.45 40.82
CA ASP E 387 10.27 14.48 40.61
C ASP E 387 11.56 13.85 40.10
N SER E 388 11.44 13.02 39.06
CA SER E 388 12.60 12.32 38.52
C SER E 388 13.65 13.24 37.91
N TRP E 389 13.29 14.49 37.59
CA TRP E 389 14.28 15.44 37.09
C TRP E 389 15.32 15.78 38.15
N ARG E 390 14.98 15.65 39.43
CA ARG E 390 15.83 16.15 40.50
C ARG E 390 17.14 15.38 40.61
N GLY E 391 17.13 14.08 40.36
CA GLY E 391 18.34 13.31 40.57
C GLY E 391 18.30 11.99 39.85
N VAL E 392 19.39 11.25 39.98
CA VAL E 392 19.52 9.94 39.36
C VAL E 392 18.87 8.89 40.25
N LYS E 393 18.05 8.03 39.65
CA LYS E 393 17.41 6.98 40.41
C LYS E 393 18.45 6.00 40.95
N LYS E 394 18.11 5.37 42.07
CA LYS E 394 19.04 4.46 42.72
C LYS E 394 19.27 3.21 41.88
N CYS E 395 20.50 2.70 41.95
CA CYS E 395 20.84 1.42 41.35
C CYS E 395 20.86 0.37 42.44
N CYS E 396 20.08 -0.69 42.26
CA CYS E 396 19.92 -1.69 43.31
C CYS E 396 21.16 -2.56 43.43
N PRO E 397 21.78 -2.64 44.60
CA PRO E 397 22.85 -3.62 44.80
C PRO E 397 22.29 -5.04 44.74
N ILE E 398 23.08 -5.94 44.17
CA ILE E 398 22.73 -7.35 44.09
C ILE E 398 23.86 -8.14 44.70
N ILE E 399 23.53 -9.01 45.67
CA ILE E 399 24.52 -9.68 46.50
C ILE E 399 24.50 -11.16 46.15
N SER E 400 25.63 -11.65 45.66
CA SER E 400 25.76 -13.06 45.28
C SER E 400 27.21 -13.48 45.44
N GLY E 401 27.42 -14.79 45.48
CA GLY E 401 28.76 -15.35 45.51
C GLY E 401 29.11 -16.01 46.83
N GLY E 402 29.02 -17.34 46.87
CA GLY E 402 29.36 -18.08 48.07
C GLY E 402 28.49 -17.76 49.26
N LEU E 403 27.23 -17.46 49.05
CA LEU E 403 26.31 -17.08 50.11
C LEU E 403 25.36 -18.24 50.43
N ASN E 404 25.23 -18.55 51.71
CA ASN E 404 24.24 -19.49 52.21
C ASN E 404 23.34 -18.73 53.17
N PRO E 405 22.24 -19.32 53.66
CA PRO E 405 21.38 -18.60 54.61
C PRO E 405 22.09 -18.23 55.90
N THR E 406 23.05 -19.05 56.36
CA THR E 406 23.77 -18.76 57.58
C THR E 406 24.57 -17.46 57.49
N LEU E 407 24.96 -17.07 56.29
CA LEU E 407 25.69 -15.82 56.07
C LEU E 407 24.76 -14.66 55.74
N LEU E 408 23.44 -14.85 55.77
CA LEU E 408 22.52 -13.76 55.47
C LEU E 408 22.61 -12.66 56.53
N LYS E 409 22.54 -13.05 57.80
CA LYS E 409 22.64 -12.07 58.89
C LYS E 409 23.98 -11.35 58.93
N PRO E 410 25.15 -12.01 58.82
CA PRO E 410 26.42 -11.28 58.87
C PRO E 410 26.58 -10.20 57.79
N PHE E 411 26.19 -10.50 56.55
CA PHE E 411 26.36 -9.51 55.47
C PHE E 411 25.54 -8.26 55.73
N ILE E 412 24.31 -8.43 56.23
CA ILE E 412 23.49 -7.29 56.61
C ILE E 412 24.17 -6.50 57.73
N ASP E 413 24.85 -7.21 58.64
CA ASP E 413 25.61 -6.54 59.69
C ASP E 413 26.74 -5.70 59.11
N VAL E 414 27.24 -6.08 57.94
CA VAL E 414 28.18 -5.23 57.22
C VAL E 414 27.47 -4.30 56.24
N MET E 415 26.27 -4.68 55.79
CA MET E 415 25.58 -3.86 54.79
C MET E 415 24.96 -2.62 55.41
N GLY E 416 24.43 -2.74 56.62
CA GLY E 416 23.77 -1.63 57.27
C GLY E 416 22.38 -1.32 56.78
N ASN E 417 21.79 -2.19 55.96
CA ASN E 417 20.45 -1.98 55.42
C ASN E 417 20.03 -3.28 54.73
N ILE E 418 18.76 -3.31 54.30
CA ILE E 418 18.20 -4.49 53.66
C ILE E 418 17.61 -4.11 52.31
N ASP E 419 18.14 -3.05 51.70
CA ASP E 419 17.66 -2.58 50.40
C ASP E 419 18.57 -3.15 49.31
N PHE E 420 18.34 -4.41 48.98
CA PHE E 420 19.14 -5.09 47.97
C PHE E 420 18.45 -6.37 47.55
N ILE E 421 18.90 -6.92 46.43
CA ILE E 421 18.51 -8.25 45.98
C ILE E 421 19.67 -9.19 46.30
N THR E 422 19.38 -10.26 47.03
CA THR E 422 20.39 -11.26 47.40
C THR E 422 20.04 -12.56 46.69
N THR E 423 20.99 -13.08 45.92
CA THR E 423 20.82 -14.34 45.20
C THR E 423 21.85 -15.35 45.70
N MET E 424 21.36 -16.53 46.08
CA MET E 424 22.22 -17.62 46.55
C MET E 424 21.98 -18.83 45.66
N GLY E 425 22.99 -19.22 44.90
CA GLY E 425 22.89 -20.39 44.06
C GLY E 425 23.23 -21.67 44.79
N ALA E 426 24.43 -21.74 45.36
CA ALA E 426 24.83 -22.89 46.16
C ALA E 426 24.19 -22.87 47.54
N GLY E 427 23.79 -21.71 48.03
CA GLY E 427 23.17 -21.62 49.35
C GLY E 427 21.83 -22.33 49.44
N CYS E 428 21.13 -22.48 48.32
CA CYS E 428 19.82 -23.14 48.29
C CYS E 428 19.85 -24.45 47.52
N HIS E 429 20.49 -24.48 46.35
CA HIS E 429 20.50 -25.69 45.53
C HIS E 429 21.41 -26.77 46.09
N ALA E 430 22.43 -26.39 46.86
CA ALA E 430 23.28 -27.35 47.54
C ALA E 430 22.73 -27.75 48.91
N HIS E 431 21.56 -27.23 49.29
CA HIS E 431 20.90 -27.68 50.50
C HIS E 431 20.55 -29.16 50.37
N PRO E 432 20.78 -29.97 51.41
CA PRO E 432 20.58 -31.42 51.27
C PRO E 432 19.15 -31.84 51.00
N LYS E 433 18.15 -30.99 51.29
CA LYS E 433 16.75 -31.37 51.13
C LYS E 433 16.12 -30.75 49.88
N GLY E 434 16.91 -30.20 48.97
CA GLY E 434 16.42 -29.72 47.70
C GLY E 434 16.33 -28.21 47.62
N THR E 435 15.98 -27.75 46.42
CA THR E 435 15.90 -26.31 46.15
C THR E 435 14.81 -25.64 46.98
N THR E 436 13.65 -26.30 47.10
CA THR E 436 12.58 -25.73 47.91
C THR E 436 12.97 -25.66 49.37
N ALA E 437 13.66 -26.69 49.86
CA ALA E 437 14.17 -26.66 51.24
C ALA E 437 15.17 -25.53 51.42
N GLY E 438 16.05 -25.32 50.43
CA GLY E 438 16.99 -24.21 50.53
C GLY E 438 16.31 -22.85 50.54
N ALA E 439 15.29 -22.68 49.70
CA ALA E 439 14.54 -21.43 49.69
C ALA E 439 13.82 -21.21 51.02
N LYS E 440 13.23 -22.27 51.56
CA LYS E 440 12.56 -22.17 52.86
C LYS E 440 13.55 -21.82 53.96
N ALA E 441 14.75 -22.40 53.92
CA ALA E 441 15.78 -22.08 54.90
C ALA E 441 16.23 -20.63 54.76
N LEU E 442 16.35 -20.14 53.53
CA LEU E 442 16.73 -18.74 53.33
C LEU E 442 15.66 -17.80 53.86
N VAL E 443 14.39 -18.10 53.59
CA VAL E 443 13.30 -17.27 54.13
C VAL E 443 13.27 -17.36 55.65
N GLN E 444 13.58 -18.53 56.20
CA GLN E 444 13.61 -18.70 57.65
C GLN E 444 14.73 -17.86 58.28
N ALA E 445 15.91 -17.85 57.64
CA ALA E 445 17.00 -17.01 58.13
C ALA E 445 16.65 -15.53 58.04
N CYS E 446 15.99 -15.13 56.95
CA CYS E 446 15.57 -13.74 56.81
C CYS E 446 14.56 -13.36 57.88
N GLU E 447 13.61 -14.25 58.17
CA GLU E 447 12.63 -13.98 59.22
C GLU E 447 13.29 -13.94 60.59
N ALA E 448 14.30 -14.80 60.81
CA ALA E 448 15.03 -14.77 62.08
C ALA E 448 15.77 -13.46 62.24
N TYR E 449 16.38 -12.95 61.17
CA TYR E 449 17.03 -11.64 61.24
C TYR E 449 16.01 -10.54 61.49
N GLN E 450 14.85 -10.60 60.83
CA GLN E 450 13.85 -9.56 60.98
C GLN E 450 13.27 -9.54 62.39
N LYS E 451 13.09 -10.71 62.99
CA LYS E 451 12.57 -10.83 64.35
C LYS E 451 13.65 -10.73 65.41
N GLY E 452 14.92 -10.62 65.01
CA GLY E 452 16.02 -10.58 65.96
C GLY E 452 16.40 -11.91 66.56
N ILE E 453 15.80 -13.01 66.09
CA ILE E 453 16.11 -14.33 66.62
C ILE E 453 17.38 -14.86 65.94
N ASP E 454 18.31 -15.35 66.75
CA ASP E 454 19.51 -15.98 66.21
C ASP E 454 19.11 -17.23 65.43
N ILE E 455 19.86 -17.51 64.36
CA ILE E 455 19.51 -18.60 63.45
C ILE E 455 19.60 -19.95 64.16
N LYS E 456 20.53 -20.11 65.10
CA LYS E 456 20.60 -21.34 65.87
C LYS E 456 19.35 -21.53 66.72
N GLU E 457 18.86 -20.46 67.35
CA GLU E 457 17.62 -20.56 68.10
C GLU E 457 16.42 -20.71 67.18
N TYR E 458 16.42 -20.00 66.05
CA TYR E 458 15.28 -20.05 65.13
C TYR E 458 15.13 -21.41 64.48
N ALA E 459 16.23 -22.12 64.23
CA ALA E 459 16.19 -23.41 63.55
C ALA E 459 15.60 -24.52 64.39
N LYS E 460 15.43 -24.31 65.71
CA LYS E 460 14.85 -25.34 66.55
C LYS E 460 13.41 -25.65 66.16
N THR E 461 12.67 -24.66 65.68
CA THR E 461 11.31 -24.85 65.21
C THR E 461 11.20 -24.79 63.70
N HIS E 462 12.34 -24.78 62.98
CA HIS E 462 12.35 -24.66 61.53
C HIS E 462 13.41 -25.62 60.99
N LYS E 463 12.96 -26.75 60.45
CA LYS E 463 13.88 -27.83 60.10
C LYS E 463 14.81 -27.45 58.95
N GLU E 464 14.30 -26.72 57.96
CA GLU E 464 15.12 -26.35 56.80
C GLU E 464 16.27 -25.45 57.21
N LEU E 465 16.03 -24.49 58.11
CA LEU E 465 17.10 -23.63 58.59
C LEU E 465 18.15 -24.42 59.34
N GLU E 466 17.73 -25.38 60.17
CA GLU E 466 18.68 -26.20 60.91
C GLU E 466 19.51 -27.06 59.97
N GLU E 467 18.87 -27.64 58.95
CA GLU E 467 19.61 -28.45 57.98
C GLU E 467 20.59 -27.60 57.19
N ALA E 468 20.19 -26.38 56.82
CA ALA E 468 21.09 -25.48 56.11
C ALA E 468 22.29 -25.10 56.99
N ILE E 469 22.04 -24.84 58.27
CA ILE E 469 23.13 -24.50 59.19
C ILE E 469 24.08 -25.68 59.34
N GLU E 470 23.54 -26.89 59.48
CA GLU E 470 24.37 -28.07 59.64
C GLU E 470 25.20 -28.33 58.39
N PHE E 471 24.63 -28.14 57.21
CA PHE E 471 25.37 -28.39 55.97
C PHE E 471 26.41 -27.31 55.70
N PHE E 472 26.07 -26.05 55.93
CA PHE E 472 26.93 -24.93 55.55
C PHE E 472 27.87 -24.47 56.65
N THR E 473 27.80 -25.07 57.84
CA THR E 473 28.75 -24.79 58.89
C THR E 473 30.01 -25.63 58.78
N LYS E 474 30.08 -26.54 57.83
CA LYS E 474 31.27 -27.37 57.62
C LYS E 474 31.57 -27.49 56.13
N THR F 7 -57.80 -8.17 -45.70
CA THR F 7 -59.10 -7.50 -45.67
C THR F 7 -60.07 -8.23 -44.76
N GLN F 8 -60.51 -9.42 -45.18
CA GLN F 8 -61.41 -10.22 -44.37
C GLN F 8 -60.74 -10.66 -43.07
N LEU F 9 -59.47 -11.06 -43.15
CA LEU F 9 -58.73 -11.42 -41.95
C LEU F 9 -58.58 -10.23 -41.00
N ILE F 10 -58.39 -9.03 -41.57
CA ILE F 10 -58.34 -7.83 -40.75
C ILE F 10 -59.68 -7.59 -40.07
N LYS F 11 -60.78 -7.87 -40.78
CA LYS F 11 -62.11 -7.74 -40.19
C LYS F 11 -62.37 -8.79 -39.12
N THR F 12 -61.67 -9.93 -39.18
CA THR F 12 -61.83 -10.94 -38.15
C THR F 12 -61.09 -10.58 -36.86
N LEU F 13 -60.22 -9.57 -36.90
CA LEU F 13 -59.44 -9.21 -35.73
C LEU F 13 -60.28 -8.46 -34.71
N ASN F 14 -59.92 -8.62 -33.43
CA ASN F 14 -60.54 -7.86 -32.36
C ASN F 14 -59.75 -6.56 -32.15
N ILE F 15 -60.10 -5.81 -31.10
CA ILE F 15 -59.43 -4.53 -30.86
C ILE F 15 -57.99 -4.75 -30.41
N HIS F 16 -57.77 -5.74 -29.56
CA HIS F 16 -56.41 -6.00 -29.06
C HIS F 16 -55.48 -6.44 -30.17
N GLN F 17 -55.96 -7.31 -31.06
CA GLN F 17 -55.11 -7.82 -32.13
C GLN F 17 -54.80 -6.76 -33.17
N LYS F 18 -55.70 -5.78 -33.34
CA LYS F 18 -55.50 -4.77 -34.36
C LYS F 18 -54.31 -3.86 -34.05
N GLY F 19 -53.92 -3.77 -32.78
CA GLY F 19 -52.75 -2.97 -32.42
C GLY F 19 -51.42 -3.60 -32.78
N TYR F 20 -51.44 -4.85 -33.22
CA TYR F 20 -50.23 -5.57 -33.62
C TYR F 20 -50.25 -5.98 -35.08
N VAL F 21 -51.19 -5.43 -35.86
CA VAL F 21 -51.28 -5.69 -37.29
C VAL F 21 -51.32 -4.36 -38.02
N ASN F 22 -50.34 -4.13 -38.90
CA ASN F 22 -50.29 -2.92 -39.71
C ASN F 22 -49.78 -3.31 -41.10
N PHE F 23 -50.71 -3.64 -41.99
CA PHE F 23 -50.34 -3.98 -43.36
C PHE F 23 -49.95 -2.77 -44.19
N ASP F 24 -50.25 -1.56 -43.71
CA ASP F 24 -49.86 -0.32 -44.38
C ASP F 24 -48.64 0.31 -43.73
N LEU F 25 -47.73 -0.50 -43.21
CA LEU F 25 -46.47 0.03 -42.68
C LEU F 25 -45.69 0.64 -43.84
N PRO F 26 -45.34 1.93 -43.78
CA PRO F 26 -44.83 2.59 -44.99
C PRO F 26 -43.46 2.11 -45.42
N ASN F 27 -42.53 1.93 -44.48
CA ASN F 27 -41.17 1.50 -44.80
C ASN F 27 -40.69 0.58 -43.70
N PRO F 28 -40.86 -0.73 -43.86
CA PRO F 28 -40.33 -1.68 -42.86
C PRO F 28 -38.82 -1.64 -42.73
N LYS F 29 -38.11 -1.19 -43.77
CA LYS F 29 -36.65 -1.12 -43.76
C LYS F 29 -36.14 0.29 -43.46
N ASN F 30 -36.93 1.10 -42.76
CA ASN F 30 -36.51 2.47 -42.43
C ASN F 30 -35.41 2.51 -41.36
N GLY F 31 -35.08 1.39 -40.74
CA GLY F 31 -34.07 1.33 -39.71
C GLY F 31 -34.61 1.26 -38.30
N GLU F 32 -35.91 1.45 -38.10
CA GLU F 32 -36.50 1.34 -36.77
C GLU F 32 -36.87 -0.10 -36.42
N TYR F 33 -36.92 -1.00 -37.40
CA TYR F 33 -37.49 -2.32 -37.20
C TYR F 33 -36.52 -3.41 -37.63
N LEU F 34 -36.32 -4.38 -36.75
CA LEU F 34 -35.90 -5.70 -37.18
C LEU F 34 -37.07 -6.40 -37.86
N LEU F 35 -36.81 -7.01 -39.00
CA LEU F 35 -37.85 -7.70 -39.76
C LEU F 35 -37.74 -9.19 -39.53
N ALA F 36 -38.88 -9.85 -39.28
CA ALA F 36 -38.91 -11.27 -39.05
C ALA F 36 -39.99 -11.91 -39.91
N VAL F 37 -39.62 -12.98 -40.62
CA VAL F 37 -40.58 -13.78 -41.37
C VAL F 37 -40.79 -15.08 -40.63
N PHE F 38 -42.04 -15.39 -40.33
CA PHE F 38 -42.42 -16.59 -39.59
C PHE F 38 -43.27 -17.47 -40.48
N HIS F 39 -42.93 -18.76 -40.58
CA HIS F 39 -43.89 -19.75 -41.01
C HIS F 39 -44.81 -20.03 -39.84
N LEU F 40 -46.11 -19.76 -40.03
CA LEU F 40 -47.07 -19.76 -38.94
C LEU F 40 -48.31 -20.55 -39.35
N ILE F 41 -48.65 -21.56 -38.57
CA ILE F 41 -49.91 -22.28 -38.69
C ILE F 41 -50.57 -22.28 -37.32
N SER F 42 -51.78 -21.75 -37.25
CA SER F 42 -52.47 -21.59 -35.98
C SER F 42 -52.87 -22.93 -35.39
N GLY F 43 -52.84 -23.00 -34.06
CA GLY F 43 -53.20 -24.22 -33.35
C GLY F 43 -54.65 -24.64 -33.48
N GLY F 44 -55.58 -23.70 -33.38
CA GLY F 44 -56.99 -24.01 -33.56
C GLY F 44 -57.92 -22.87 -33.23
N LYS F 45 -58.92 -22.66 -34.09
CA LYS F 45 -59.99 -21.68 -33.99
C LYS F 45 -59.51 -20.26 -34.29
N LEU F 46 -58.23 -20.03 -34.52
CA LEU F 46 -57.70 -18.73 -34.92
C LEU F 46 -57.20 -18.80 -36.35
N ASN F 47 -57.53 -17.79 -37.14
CA ASN F 47 -56.99 -17.72 -38.48
C ASN F 47 -55.53 -17.27 -38.44
N ILE F 48 -54.93 -17.16 -39.62
CA ILE F 48 -53.50 -16.84 -39.71
C ILE F 48 -53.22 -15.44 -39.16
N LEU F 49 -54.08 -14.47 -39.48
CA LEU F 49 -53.83 -13.10 -39.07
C LEU F 49 -54.00 -12.93 -37.55
N GLN F 50 -55.00 -13.58 -36.97
CA GLN F 50 -55.20 -13.50 -35.52
C GLN F 50 -54.03 -14.14 -34.78
N ALA F 51 -53.59 -15.32 -35.23
CA ALA F 51 -52.44 -15.98 -34.62
C ALA F 51 -51.18 -15.14 -34.77
N ALA F 52 -50.99 -14.52 -35.93
CA ALA F 52 -49.84 -13.65 -36.13
C ALA F 52 -49.88 -12.44 -35.21
N ALA F 53 -51.07 -11.87 -35.00
CA ALA F 53 -51.22 -10.75 -34.09
C ALA F 53 -50.89 -11.18 -32.65
N GLU F 54 -51.35 -12.35 -32.24
CA GLU F 54 -51.02 -12.86 -30.91
C GLU F 54 -49.52 -13.09 -30.76
N VAL F 55 -48.89 -13.64 -31.80
CA VAL F 55 -47.44 -13.86 -31.76
C VAL F 55 -46.70 -12.54 -31.64
N ALA F 56 -47.12 -11.53 -32.43
CA ALA F 56 -46.46 -10.22 -32.36
C ALA F 56 -46.65 -9.57 -30.99
N ALA F 57 -47.85 -9.70 -30.42
CA ALA F 57 -48.09 -9.15 -29.09
C ALA F 57 -47.24 -9.85 -28.03
N GLU F 58 -47.24 -11.18 -28.06
CA GLU F 58 -46.47 -11.94 -27.08
C GLU F 58 -44.96 -11.77 -27.26
N SER F 59 -44.51 -11.36 -28.45
CA SER F 59 -43.10 -11.18 -28.69
C SER F 59 -42.63 -9.73 -28.67
N SER F 60 -43.53 -8.75 -28.53
CA SER F 60 -43.10 -7.37 -28.39
C SER F 60 -43.53 -6.74 -27.08
N THR F 61 -44.84 -6.57 -26.83
CA THR F 61 -45.30 -5.83 -25.66
C THR F 61 -46.56 -6.38 -25.01
N GLY F 62 -47.32 -7.26 -25.65
CA GLY F 62 -48.68 -7.53 -25.26
C GLY F 62 -48.89 -8.92 -24.67
N THR F 63 -50.16 -9.24 -24.50
CA THR F 63 -50.60 -10.50 -23.91
C THR F 63 -51.83 -10.94 -24.70
N ASN F 64 -52.60 -11.88 -24.17
CA ASN F 64 -53.82 -12.30 -24.84
C ASN F 64 -54.95 -11.27 -24.73
N PHE F 65 -54.80 -10.25 -23.89
CA PHE F 65 -55.81 -9.20 -23.73
C PHE F 65 -55.14 -7.84 -23.76
N ASN F 66 -55.97 -6.80 -23.78
CA ASN F 66 -55.51 -5.43 -23.58
C ASN F 66 -55.45 -5.14 -22.08
N VAL F 67 -54.28 -4.82 -21.58
CA VAL F 67 -54.10 -4.49 -20.17
C VAL F 67 -54.32 -2.99 -19.99
N ASN F 68 -54.92 -2.61 -18.86
CA ASN F 68 -55.23 -1.21 -18.60
C ASN F 68 -54.00 -0.36 -18.31
N THR F 69 -52.84 -0.98 -18.10
CA THR F 69 -51.60 -0.25 -17.92
C THR F 69 -50.95 0.17 -19.23
N GLU F 70 -51.58 -0.13 -20.37
CA GLU F 70 -51.02 0.20 -21.66
C GLU F 70 -51.04 1.71 -21.88
N THR F 71 -49.88 2.27 -22.20
CA THR F 71 -49.73 3.68 -22.51
C THR F 71 -49.63 3.89 -24.02
N PRO F 72 -49.84 5.12 -24.48
CA PRO F 72 -49.59 5.40 -25.91
C PRO F 72 -48.15 5.18 -26.31
N PHE F 73 -47.20 5.43 -25.42
CA PHE F 73 -45.81 5.12 -25.70
C PHE F 73 -45.60 3.61 -25.85
N SER F 74 -46.30 2.82 -25.02
CA SER F 74 -46.21 1.37 -25.11
C SER F 74 -46.68 0.87 -26.48
N LYS F 75 -47.70 1.51 -27.05
CA LYS F 75 -48.21 1.10 -28.36
C LYS F 75 -47.19 1.37 -29.46
N GLU F 76 -46.27 2.31 -29.26
CA GLU F 76 -45.22 2.56 -30.25
C GLU F 76 -44.22 1.41 -30.31
N MET F 77 -44.13 0.62 -29.24
CA MET F 77 -43.23 -0.53 -29.22
C MET F 77 -43.91 -1.81 -29.70
N ASN F 78 -45.16 -1.73 -30.17
CA ASN F 78 -45.86 -2.91 -30.65
C ASN F 78 -45.19 -3.48 -31.89
N ALA F 79 -44.97 -4.79 -31.89
CA ALA F 79 -44.62 -5.48 -33.12
C ALA F 79 -45.87 -5.56 -33.99
N VAL F 80 -45.70 -5.33 -35.29
CA VAL F 80 -46.82 -5.27 -36.22
C VAL F 80 -46.60 -6.26 -37.35
N VAL F 81 -47.64 -7.04 -37.64
CA VAL F 81 -47.66 -7.86 -38.84
C VAL F 81 -47.98 -6.96 -40.03
N TYR F 82 -47.02 -6.82 -40.94
CA TYR F 82 -47.15 -5.88 -42.05
C TYR F 82 -47.29 -6.57 -43.40
N GLN F 83 -47.19 -7.90 -43.45
CA GLN F 83 -47.32 -8.62 -44.70
C GLN F 83 -47.68 -10.06 -44.39
N ILE F 84 -48.49 -10.69 -45.25
CA ILE F 84 -48.86 -12.08 -45.08
C ILE F 84 -48.93 -12.75 -46.44
N ASP F 85 -48.35 -13.95 -46.52
CA ASP F 85 -48.51 -14.84 -47.65
C ASP F 85 -49.44 -15.96 -47.19
N LEU F 86 -50.65 -15.99 -47.73
CA LEU F 86 -51.65 -16.95 -47.28
C LEU F 86 -51.37 -18.35 -47.81
N ASP F 87 -50.85 -18.46 -49.02
CA ASP F 87 -50.55 -19.77 -49.59
C ASP F 87 -49.43 -20.47 -48.83
N GLN F 88 -48.37 -19.72 -48.49
CA GLN F 88 -47.22 -20.28 -47.80
C GLN F 88 -47.33 -20.24 -46.29
N ASN F 89 -48.37 -19.60 -45.76
CA ASN F 89 -48.53 -19.41 -44.31
C ASN F 89 -47.35 -18.64 -43.73
N LEU F 90 -47.01 -17.53 -44.36
CA LEU F 90 -45.89 -16.70 -43.95
C LEU F 90 -46.41 -15.38 -43.42
N VAL F 91 -45.83 -14.92 -42.31
CA VAL F 91 -46.21 -13.65 -41.69
C VAL F 91 -44.95 -12.82 -41.47
N TRP F 92 -45.02 -11.54 -41.83
CA TRP F 92 -43.92 -10.62 -41.62
C TRP F 92 -44.26 -9.73 -40.43
N ILE F 93 -43.32 -9.65 -39.48
CA ILE F 93 -43.50 -8.86 -38.28
C ILE F 93 -42.33 -7.89 -38.17
N ALA F 94 -42.64 -6.62 -37.95
CA ALA F 94 -41.64 -5.59 -37.75
C ALA F 94 -41.53 -5.30 -36.26
N TYR F 95 -40.39 -5.68 -35.67
CA TYR F 95 -40.15 -5.45 -34.26
C TYR F 95 -39.34 -4.18 -34.11
N PRO F 96 -39.86 -3.14 -33.44
CA PRO F 96 -39.01 -1.98 -33.12
C PRO F 96 -37.88 -2.42 -32.21
N TRP F 97 -36.63 -2.22 -32.68
CA TRP F 97 -35.49 -2.72 -31.93
C TRP F 97 -35.18 -1.88 -30.69
N ARG F 98 -35.93 -0.80 -30.46
CA ARG F 98 -35.96 -0.15 -29.16
C ARG F 98 -36.39 -1.11 -28.05
N LEU F 99 -37.19 -2.13 -28.38
CA LEU F 99 -37.59 -3.14 -27.40
C LEU F 99 -36.39 -3.87 -26.81
N PHE F 100 -35.32 -4.01 -27.57
CA PHE F 100 -34.22 -4.89 -27.19
C PHE F 100 -33.33 -4.23 -26.14
N ASP F 101 -32.76 -5.08 -25.27
CA ASP F 101 -31.86 -4.62 -24.23
C ASP F 101 -30.63 -3.95 -24.84
N ARG F 102 -30.27 -2.80 -24.29
CA ARG F 102 -29.13 -2.06 -24.83
C ARG F 102 -27.83 -2.76 -24.48
N GLY F 103 -26.75 -2.34 -25.16
CA GLY F 103 -25.46 -2.96 -24.96
C GLY F 103 -25.21 -4.19 -25.81
N GLY F 104 -25.92 -4.34 -26.93
CA GLY F 104 -25.72 -5.48 -27.80
C GLY F 104 -26.14 -6.81 -27.23
N ASN F 105 -27.32 -6.85 -26.60
CA ASN F 105 -27.84 -8.04 -25.96
C ASN F 105 -28.58 -8.90 -26.98
N VAL F 106 -27.96 -10.00 -27.41
CA VAL F 106 -28.57 -10.85 -28.44
C VAL F 106 -29.59 -11.81 -27.83
N GLN F 107 -29.32 -12.33 -26.63
CA GLN F 107 -30.27 -13.24 -26.01
C GLN F 107 -31.59 -12.54 -25.68
N ASN F 108 -31.54 -11.23 -25.45
CA ASN F 108 -32.77 -10.46 -25.29
C ASN F 108 -33.60 -10.47 -26.58
N ILE F 109 -32.94 -10.33 -27.73
CA ILE F 109 -33.64 -10.42 -29.01
C ILE F 109 -34.27 -11.80 -29.18
N LEU F 110 -33.51 -12.85 -28.86
CA LEU F 110 -34.04 -14.20 -28.99
C LEU F 110 -35.19 -14.43 -28.02
N THR F 111 -35.10 -13.87 -26.82
CA THR F 111 -36.18 -13.96 -25.85
C THR F 111 -37.44 -13.29 -26.38
N TYR F 112 -37.30 -12.14 -27.03
CA TYR F 112 -38.45 -11.50 -27.67
C TYR F 112 -39.03 -12.38 -28.77
N ILE F 113 -38.24 -12.66 -29.81
CA ILE F 113 -38.78 -13.18 -31.07
C ILE F 113 -38.92 -14.69 -31.08
N VAL F 114 -38.01 -15.40 -30.41
CA VAL F 114 -38.07 -16.86 -30.39
C VAL F 114 -38.15 -17.35 -28.95
N GLY F 115 -38.79 -16.55 -28.09
CA GLY F 115 -38.95 -16.91 -26.69
C GLY F 115 -40.30 -17.54 -26.38
N ASN F 116 -41.19 -16.76 -25.76
CA ASN F 116 -42.46 -17.30 -25.28
C ASN F 116 -43.36 -17.76 -26.42
N VAL F 117 -43.22 -17.17 -27.61
CA VAL F 117 -44.11 -17.47 -28.72
C VAL F 117 -44.01 -18.92 -29.14
N LEU F 118 -42.85 -19.54 -28.94
CA LEU F 118 -42.70 -20.96 -29.26
C LEU F 118 -43.59 -21.83 -28.38
N GLY F 119 -43.87 -21.39 -27.16
CA GLY F 119 -44.74 -22.15 -26.26
C GLY F 119 -46.21 -21.89 -26.43
N MET F 120 -46.60 -20.96 -27.30
CA MET F 120 -48.00 -20.60 -27.44
C MET F 120 -48.78 -21.73 -28.09
N LYS F 121 -49.91 -22.09 -27.47
CA LYS F 121 -50.78 -23.10 -28.06
C LYS F 121 -51.64 -22.56 -29.18
N GLU F 122 -51.69 -21.24 -29.37
CA GLU F 122 -52.46 -20.66 -30.46
C GLU F 122 -51.86 -20.94 -31.82
N VAL F 123 -50.59 -21.33 -31.88
CA VAL F 123 -49.91 -21.69 -33.13
C VAL F 123 -49.53 -23.16 -33.06
N SER F 124 -49.80 -23.88 -34.15
CA SER F 124 -49.33 -25.25 -34.27
C SER F 124 -47.96 -25.34 -34.92
N ALA F 125 -47.60 -24.36 -35.75
CA ALA F 125 -46.26 -24.27 -36.31
C ALA F 125 -45.81 -22.82 -36.23
N LEU F 126 -44.60 -22.59 -35.71
CA LEU F 126 -44.05 -21.25 -35.61
C LEU F 126 -42.54 -21.35 -35.81
N LYS F 127 -42.09 -21.08 -37.03
CA LYS F 127 -40.68 -21.20 -37.38
C LYS F 127 -40.18 -19.87 -37.93
N LEU F 128 -39.24 -19.25 -37.23
CA LEU F 128 -38.64 -18.00 -37.69
C LEU F 128 -37.67 -18.32 -38.83
N LEU F 129 -38.11 -18.09 -40.07
CA LEU F 129 -37.30 -18.45 -41.23
C LEU F 129 -36.14 -17.48 -41.44
N ASP F 130 -36.38 -16.18 -41.30
CA ASP F 130 -35.36 -15.19 -41.63
C ASP F 130 -35.59 -13.93 -40.82
N VAL F 131 -34.51 -13.17 -40.63
CA VAL F 131 -34.56 -11.88 -39.96
C VAL F 131 -33.71 -10.90 -40.76
N TRP F 132 -34.05 -9.61 -40.63
CA TRP F 132 -33.32 -8.54 -41.30
C TRP F 132 -32.93 -7.50 -40.26
N PHE F 133 -31.64 -7.17 -40.20
CA PHE F 133 -31.14 -6.18 -39.27
C PHE F 133 -30.93 -4.85 -39.99
N PRO F 134 -31.60 -3.78 -39.60
CA PRO F 134 -31.29 -2.46 -40.17
C PRO F 134 -29.89 -2.03 -39.77
N PRO F 135 -29.25 -1.18 -40.59
CA PRO F 135 -27.90 -0.70 -40.22
C PRO F 135 -27.86 0.04 -38.89
N ALA F 136 -28.90 0.80 -38.57
CA ALA F 136 -28.97 1.46 -37.27
C ALA F 136 -29.01 0.43 -36.14
N MET F 137 -29.73 -0.66 -36.34
CA MET F 137 -29.71 -1.75 -35.36
C MET F 137 -28.36 -2.44 -35.34
N LEU F 138 -27.76 -2.65 -36.52
CA LEU F 138 -26.47 -3.35 -36.59
C LEU F 138 -25.37 -2.55 -35.90
N GLU F 139 -25.49 -1.23 -35.85
CA GLU F 139 -24.52 -0.41 -35.13
C GLU F 139 -24.48 -0.76 -33.64
N GLN F 140 -25.60 -1.16 -33.07
CA GLN F 140 -25.69 -1.45 -31.64
C GLN F 140 -24.95 -2.71 -31.22
N TYR F 141 -24.57 -3.58 -32.15
CA TYR F 141 -24.06 -4.90 -31.82
C TYR F 141 -22.62 -5.06 -32.26
N ASP F 142 -21.90 -5.93 -31.56
CA ASP F 142 -20.46 -6.07 -31.76
C ASP F 142 -20.15 -6.64 -33.14
N GLY F 143 -20.64 -7.84 -33.42
CA GLY F 143 -20.23 -8.56 -34.59
C GLY F 143 -18.87 -9.20 -34.37
N PRO F 144 -18.41 -10.00 -35.34
CA PRO F 144 -17.10 -10.65 -35.16
C PRO F 144 -15.97 -9.64 -35.17
N SER F 145 -14.97 -9.90 -34.32
CA SER F 145 -13.73 -9.14 -34.30
C SER F 145 -12.56 -9.90 -34.88
N TYR F 146 -12.42 -11.17 -34.53
CA TYR F 146 -11.50 -12.09 -35.20
C TYR F 146 -12.27 -12.85 -36.26
N THR F 147 -11.67 -12.99 -37.44
CA THR F 147 -12.39 -13.54 -38.59
C THR F 147 -11.57 -14.67 -39.21
N LEU F 148 -12.16 -15.29 -40.24
CA LEU F 148 -11.46 -16.33 -40.98
C LEU F 148 -10.24 -15.78 -41.71
N ASP F 149 -10.26 -14.51 -42.09
CA ASP F 149 -9.10 -13.92 -42.74
C ASP F 149 -7.91 -13.81 -41.78
N ASP F 150 -8.18 -13.49 -40.51
CA ASP F 150 -7.11 -13.44 -39.53
C ASP F 150 -6.46 -14.80 -39.32
N MET F 151 -7.27 -15.86 -39.20
CA MET F 151 -6.71 -17.19 -39.07
C MET F 151 -6.03 -17.65 -40.34
N ARG F 152 -6.52 -17.20 -41.50
CA ARG F 152 -5.84 -17.50 -42.76
C ARG F 152 -4.47 -16.85 -42.80
N LYS F 153 -4.37 -15.61 -42.32
CA LYS F 153 -3.08 -14.94 -42.25
C LYS F 153 -2.15 -15.63 -41.28
N TYR F 154 -2.67 -16.05 -40.12
CA TYR F 154 -1.83 -16.75 -39.15
C TYR F 154 -1.34 -18.09 -39.69
N LEU F 155 -2.22 -18.85 -40.34
CA LEU F 155 -1.87 -20.16 -40.88
C LEU F 155 -1.16 -20.08 -42.22
N ASN F 156 -1.15 -18.92 -42.87
CA ASN F 156 -0.59 -18.75 -44.21
C ASN F 156 -1.28 -19.68 -45.20
N VAL F 157 -2.59 -19.82 -45.06
CA VAL F 157 -3.39 -20.71 -45.89
C VAL F 157 -4.40 -19.87 -46.65
N TYR F 158 -4.30 -19.89 -47.98
CA TYR F 158 -5.19 -19.15 -48.85
C TYR F 158 -5.57 -20.03 -50.02
N ASP F 159 -6.70 -19.70 -50.65
CA ASP F 159 -7.21 -20.34 -51.87
C ASP F 159 -7.66 -21.77 -51.65
N ARG F 160 -7.83 -22.20 -50.40
CA ARG F 160 -8.40 -23.51 -50.11
C ARG F 160 -9.06 -23.43 -48.74
N PRO F 161 -10.02 -24.32 -48.46
CA PRO F 161 -10.62 -24.35 -47.13
C PRO F 161 -9.59 -24.75 -46.07
N ILE F 162 -9.73 -24.17 -44.89
CA ILE F 162 -8.87 -24.55 -43.78
C ILE F 162 -9.23 -25.97 -43.36
N LEU F 163 -8.26 -26.86 -43.41
CA LEU F 163 -8.52 -28.27 -43.12
C LEU F 163 -8.44 -28.52 -41.62
N GLY F 164 -9.51 -29.09 -41.07
CA GLY F 164 -9.60 -29.28 -39.64
C GLY F 164 -10.03 -30.70 -39.33
N THR F 165 -9.92 -31.03 -38.03
CA THR F 165 -10.33 -32.33 -37.56
C THR F 165 -10.93 -32.19 -36.17
N ILE F 166 -11.76 -33.18 -35.80
CA ILE F 166 -12.24 -33.33 -34.44
C ILE F 166 -11.69 -34.65 -33.92
N ILE F 167 -11.05 -34.60 -32.75
CA ILE F 167 -10.35 -35.76 -32.22
C ILE F 167 -11.39 -36.79 -31.76
N LYS F 168 -11.35 -37.97 -32.37
CA LYS F 168 -12.19 -39.10 -32.03
C LYS F 168 -11.38 -40.18 -31.33
N PRO F 169 -11.90 -40.83 -30.28
CA PRO F 169 -13.27 -40.74 -29.71
C PRO F 169 -13.62 -39.36 -29.14
N LYS F 170 -14.91 -39.06 -29.08
CA LYS F 170 -15.35 -37.75 -28.56
C LYS F 170 -14.95 -37.56 -27.10
N MET F 171 -15.11 -38.61 -26.30
CA MET F 171 -14.70 -38.59 -24.90
C MET F 171 -14.06 -39.92 -24.57
N GLY F 172 -13.22 -39.92 -23.54
CA GLY F 172 -12.55 -41.12 -23.08
C GLY F 172 -11.05 -41.12 -23.29
N LEU F 173 -10.53 -40.25 -24.14
CA LEU F 173 -9.09 -40.12 -24.30
C LEU F 173 -8.51 -39.31 -23.14
N THR F 174 -7.31 -39.69 -22.72
CA THR F 174 -6.59 -38.90 -21.74
C THR F 174 -6.02 -37.65 -22.40
N SER F 175 -5.42 -36.78 -21.57
CA SER F 175 -4.79 -35.58 -22.10
C SER F 175 -3.64 -35.92 -23.05
N ALA F 176 -2.84 -36.92 -22.68
CA ALA F 176 -1.72 -37.32 -23.53
C ALA F 176 -2.22 -37.90 -24.85
N GLU F 177 -3.25 -38.75 -24.80
CA GLU F 177 -3.77 -39.35 -26.03
C GLU F 177 -4.41 -38.30 -26.93
N TYR F 178 -5.15 -37.36 -26.34
CA TYR F 178 -5.73 -36.27 -27.12
C TYR F 178 -4.66 -35.43 -27.78
N ALA F 179 -3.60 -35.09 -27.03
CA ALA F 179 -2.50 -34.33 -27.60
C ALA F 179 -1.81 -35.10 -28.71
N GLU F 180 -1.67 -36.42 -28.53
CA GLU F 180 -1.07 -37.26 -29.56
C GLU F 180 -1.92 -37.26 -30.84
N ALA F 181 -3.24 -37.35 -30.70
CA ALA F 181 -4.11 -37.32 -31.86
C ALA F 181 -4.04 -35.96 -32.56
N ALA F 182 -4.01 -34.87 -31.78
CA ALA F 182 -3.88 -33.54 -32.37
C ALA F 182 -2.57 -33.39 -33.12
N TYR F 183 -1.47 -33.86 -32.54
CA TYR F 183 -0.18 -33.83 -33.24
C TYR F 183 -0.22 -34.69 -34.50
N ASP F 184 -0.86 -35.85 -34.43
CA ASP F 184 -0.91 -36.74 -35.57
C ASP F 184 -1.65 -36.10 -36.73
N PHE F 185 -2.75 -35.41 -36.45
CA PHE F 185 -3.44 -34.68 -37.51
C PHE F 185 -2.61 -33.50 -38.01
N TRP F 186 -1.97 -32.76 -37.10
CA TRP F 186 -1.25 -31.55 -37.47
C TRP F 186 -0.04 -31.87 -38.35
N VAL F 187 0.71 -32.91 -37.99
CA VAL F 187 1.93 -33.25 -38.73
C VAL F 187 1.62 -33.89 -40.07
N GLY F 188 0.38 -34.33 -40.27
CA GLY F 188 -0.05 -34.85 -41.55
C GLY F 188 -0.47 -33.80 -42.55
N GLY F 189 -0.27 -32.53 -42.24
CA GLY F 189 -0.69 -31.43 -43.09
C GLY F 189 -1.95 -30.74 -42.60
N GLY F 190 -2.63 -31.30 -41.61
CA GLY F 190 -3.86 -30.69 -41.13
C GLY F 190 -3.60 -29.38 -40.41
N ASP F 191 -4.52 -28.43 -40.61
CA ASP F 191 -4.38 -27.07 -40.10
C ASP F 191 -5.03 -26.89 -38.72
N PHE F 192 -6.23 -27.41 -38.54
CA PHE F 192 -7.12 -27.02 -37.46
C PHE F 192 -7.51 -28.23 -36.63
N VAL F 193 -7.40 -28.11 -35.32
CA VAL F 193 -7.89 -29.16 -34.42
C VAL F 193 -8.78 -28.52 -33.36
N ASN F 195 -11.37 -29.17 -29.81
CA ASN F 195 -12.00 -29.95 -28.76
C ASN F 195 -13.37 -30.39 -29.25
N ASP F 196 -13.77 -31.62 -28.96
CA ASP F 196 -15.16 -31.97 -29.14
C ASP F 196 -16.01 -31.11 -28.21
N GLU F 197 -17.24 -30.85 -28.66
CA GLU F 197 -18.11 -29.92 -27.94
C GLU F 197 -18.36 -30.25 -26.46
N PRO F 198 -18.38 -31.51 -26.00
CA PRO F 198 -18.42 -31.73 -24.54
C PRO F 198 -17.06 -31.94 -23.90
N GLN F 199 -15.96 -31.89 -24.65
CA GLN F 199 -14.63 -32.07 -24.07
C GLN F 199 -14.33 -30.95 -23.10
N ALA F 200 -14.13 -31.30 -21.84
CA ALA F 200 -14.01 -30.33 -20.76
C ALA F 200 -13.10 -30.93 -19.69
N ASN F 201 -13.16 -30.40 -18.47
CA ASN F 201 -12.35 -30.88 -17.35
C ASN F 201 -12.95 -32.15 -16.76
N GLN F 202 -12.90 -33.22 -17.55
CA GLN F 202 -13.24 -34.54 -17.04
C GLN F 202 -12.09 -35.06 -16.18
N ASP F 203 -12.42 -35.98 -15.27
CA ASP F 203 -11.44 -36.45 -14.30
C ASP F 203 -10.31 -37.25 -14.96
N PHE F 204 -10.59 -37.95 -16.06
CA PHE F 204 -9.56 -38.72 -16.74
C PHE F 204 -8.80 -37.90 -17.77
N CYS F 205 -9.32 -36.75 -18.16
CA CYS F 205 -8.63 -35.81 -19.06
C CYS F 205 -8.72 -34.42 -18.45
N PRO F 206 -7.90 -34.13 -17.45
CA PRO F 206 -7.95 -32.81 -16.80
C PRO F 206 -7.63 -31.69 -17.78
N TYR F 207 -8.35 -30.58 -17.62
CA TYR F 207 -8.33 -29.53 -18.64
C TYR F 207 -6.94 -28.88 -18.75
N ASP F 208 -6.31 -28.59 -17.60
CA ASP F 208 -4.98 -27.99 -17.62
C ASP F 208 -3.96 -28.94 -18.23
N LYS F 209 -4.05 -30.23 -17.91
CA LYS F 209 -3.15 -31.21 -18.52
C LYS F 209 -3.38 -31.29 -20.02
N MET F 210 -4.64 -31.25 -20.44
CA MET F 210 -4.95 -31.26 -21.87
C MET F 210 -4.37 -30.04 -22.58
N VAL F 211 -4.49 -28.87 -21.96
CA VAL F 211 -3.97 -27.64 -22.56
C VAL F 211 -2.45 -27.71 -22.69
N ARG F 212 -1.77 -28.17 -21.63
CA ARG F 212 -0.31 -28.25 -21.69
C ARG F 212 0.15 -29.29 -22.70
N ASN F 213 -0.52 -30.44 -22.76
CA ASN F 213 -0.16 -31.47 -23.73
C ASN F 213 -0.43 -31.00 -25.15
N VAL F 214 -1.52 -30.27 -25.36
CA VAL F 214 -1.82 -29.73 -26.68
C VAL F 214 -0.79 -28.68 -27.08
N LYS F 215 -0.34 -27.87 -26.12
CA LYS F 215 0.71 -26.89 -26.40
C LYS F 215 1.99 -27.59 -26.85
N ALA F 216 2.39 -28.66 -26.12
CA ALA F 216 3.58 -29.40 -26.50
C ALA F 216 3.43 -30.06 -27.87
N ALA F 217 2.26 -30.65 -28.13
CA ALA F 217 2.03 -31.32 -29.41
C ALA F 217 2.03 -30.31 -30.56
N MET F 218 1.42 -29.15 -30.36
CA MET F 218 1.41 -28.14 -31.41
C MET F 218 2.80 -27.57 -31.65
N ASP F 219 3.59 -27.40 -30.59
CA ASP F 219 4.98 -26.97 -30.76
C ASP F 219 5.76 -27.99 -31.59
N LYS F 220 5.62 -29.27 -31.25
CA LYS F 220 6.32 -30.32 -31.99
C LYS F 220 5.88 -30.36 -33.45
N ALA F 221 4.57 -30.26 -33.70
CA ALA F 221 4.06 -30.32 -35.06
C ALA F 221 4.50 -29.11 -35.88
N VAL F 222 4.51 -27.93 -35.25
CA VAL F 222 4.93 -26.72 -35.95
C VAL F 222 6.41 -26.80 -36.29
N LYS F 223 7.24 -27.29 -35.36
CA LYS F 223 8.67 -27.42 -35.68
C LYS F 223 8.90 -28.48 -36.75
N GLU F 224 8.12 -29.55 -36.74
CA GLU F 224 8.35 -30.63 -37.71
C GLU F 224 7.87 -30.25 -39.11
N THR F 225 6.74 -29.56 -39.21
CA THR F 225 6.17 -29.23 -40.50
C THR F 225 6.61 -27.86 -41.03
N GLY F 226 7.03 -26.96 -40.15
CA GLY F 226 7.33 -25.61 -40.57
C GLY F 226 6.10 -24.79 -40.90
N ASN F 227 4.92 -25.22 -40.44
CA ASN F 227 3.67 -24.52 -40.69
C ASN F 227 2.94 -24.31 -39.38
N LYS F 228 2.27 -23.17 -39.26
CA LYS F 228 1.53 -22.86 -38.04
C LYS F 228 0.28 -23.73 -37.94
N LYS F 229 -0.14 -23.97 -36.70
CA LYS F 229 -1.31 -24.80 -36.42
C LYS F 229 -2.20 -24.08 -35.43
N VAL F 230 -3.50 -24.40 -35.51
CA VAL F 230 -4.51 -23.78 -34.66
C VAL F 230 -5.29 -24.88 -33.96
N HIS F 231 -5.48 -24.73 -32.64
CA HIS F 231 -6.32 -25.63 -31.87
C HIS F 231 -7.46 -24.84 -31.23
N SER F 232 -8.68 -25.33 -31.41
CA SER F 232 -9.86 -24.71 -30.82
C SER F 232 -10.18 -25.43 -29.51
N PHE F 233 -10.06 -24.70 -28.40
CA PHE F 233 -10.32 -25.26 -27.08
C PHE F 233 -11.76 -25.02 -26.67
N ASN F 234 -12.41 -26.06 -26.17
CA ASN F 234 -13.74 -25.91 -25.61
C ASN F 234 -13.65 -25.23 -24.25
N VAL F 235 -14.29 -24.08 -24.13
CA VAL F 235 -14.28 -23.31 -22.88
C VAL F 235 -15.66 -23.28 -22.24
N SER F 236 -16.60 -24.08 -22.73
CA SER F 236 -17.91 -24.18 -22.09
C SER F 236 -17.75 -24.80 -20.71
N ALA F 237 -18.19 -24.08 -19.68
CA ALA F 237 -18.02 -24.49 -18.30
C ALA F 237 -19.35 -24.43 -17.59
N ALA F 238 -19.35 -24.84 -16.32
CA ALA F 238 -20.56 -24.73 -15.50
C ALA F 238 -20.96 -23.28 -15.30
N ASP F 239 -19.99 -22.41 -15.05
CA ASP F 239 -20.26 -21.00 -14.78
C ASP F 239 -19.26 -20.14 -15.54
N PHE F 240 -19.41 -18.81 -15.38
CA PHE F 240 -18.49 -17.89 -16.04
C PHE F 240 -17.08 -18.04 -15.50
N ASP F 241 -16.95 -18.23 -14.19
CA ASP F 241 -15.64 -18.26 -13.56
C ASP F 241 -14.80 -19.43 -14.09
N THR F 242 -15.42 -20.59 -14.25
CA THR F 242 -14.70 -21.73 -14.80
C THR F 242 -14.34 -21.50 -16.26
N MET F 243 -15.23 -20.86 -17.03
CA MET F 243 -14.94 -20.60 -18.44
C MET F 243 -13.77 -19.63 -18.58
N ILE F 244 -13.75 -18.57 -17.78
CA ILE F 244 -12.65 -17.62 -17.84
C ILE F 244 -11.36 -18.23 -17.28
N GLU F 245 -11.48 -19.11 -16.28
CA GLU F 245 -10.30 -19.81 -15.79
C GLU F 245 -9.70 -20.69 -16.88
N ARG F 246 -10.55 -21.37 -17.65
CA ARG F 246 -10.04 -22.21 -18.74
C ARG F 246 -9.47 -21.37 -19.87
N CYS F 247 -10.11 -20.24 -20.17
CA CYS F 247 -9.58 -19.31 -21.17
C CYS F 247 -8.21 -18.77 -20.76
N GLU F 248 -8.08 -18.31 -19.52
CA GLU F 248 -6.81 -17.81 -19.03
C GLU F 248 -5.75 -18.90 -18.98
N LEU F 249 -6.17 -20.13 -18.67
CA LEU F 249 -5.25 -21.27 -18.72
C LEU F 249 -4.71 -21.47 -20.13
N ILE F 250 -5.59 -21.34 -21.14
CA ILE F 250 -5.13 -21.43 -22.52
C ILE F 250 -4.18 -20.28 -22.84
N ARG F 251 -4.51 -19.07 -22.40
CA ARG F 251 -3.69 -17.90 -22.70
C ARG F 251 -2.32 -18.00 -22.04
N ASN F 252 -2.27 -18.46 -20.79
CA ASN F 252 -1.03 -18.54 -20.03
C ASN F 252 -0.33 -19.88 -20.22
N ALA F 253 -0.62 -20.59 -21.31
CA ALA F 253 0.06 -21.85 -21.59
C ALA F 253 1.57 -21.68 -21.76
N GLY F 254 2.00 -20.78 -22.65
CA GLY F 254 1.32 -19.87 -23.56
C GLY F 254 1.52 -20.15 -25.03
N PHE F 255 0.40 -20.33 -25.74
CA PHE F 255 0.44 -20.55 -27.18
C PHE F 255 0.83 -19.27 -27.90
N GLU F 256 1.23 -19.42 -29.16
CA GLU F 256 1.39 -18.27 -30.01
C GLU F 256 0.03 -17.59 -30.22
N PRO F 257 -0.02 -16.26 -30.25
CA PRO F 257 -1.28 -15.57 -30.51
C PRO F 257 -1.82 -15.91 -31.90
N GLY F 258 -3.05 -16.43 -31.92
CA GLY F 258 -3.67 -16.91 -33.12
C GLY F 258 -3.64 -18.41 -33.29
N SER F 259 -2.82 -19.12 -32.51
CA SER F 259 -2.73 -20.57 -32.59
C SER F 259 -3.83 -21.29 -31.83
N TYR F 260 -4.59 -20.58 -31.01
CA TYR F 260 -5.68 -21.19 -30.25
C TYR F 260 -6.98 -20.44 -30.51
N ALA F 261 -8.07 -21.21 -30.55
CA ALA F 261 -9.41 -20.65 -30.66
C ALA F 261 -10.22 -21.06 -29.43
N PHE F 262 -11.23 -20.26 -29.12
CA PHE F 262 -12.12 -20.52 -27.99
C PHE F 262 -13.42 -21.12 -28.53
N LEU F 263 -13.67 -22.38 -28.19
CA LEU F 263 -14.89 -23.05 -28.59
C LEU F 263 -15.92 -22.94 -27.48
N ILE F 264 -17.14 -22.54 -27.83
CA ILE F 264 -18.22 -22.39 -26.87
C ILE F 264 -19.45 -23.08 -27.45
N ASP F 265 -20.12 -23.89 -26.62
CA ASP F 265 -21.39 -24.51 -26.98
C ASP F 265 -22.46 -23.43 -26.87
N GLY F 266 -22.73 -22.74 -27.98
CA GLY F 266 -23.55 -21.54 -27.93
C GLY F 266 -24.98 -21.80 -27.51
N ILE F 267 -25.53 -22.95 -27.89
CA ILE F 267 -26.91 -23.27 -27.52
C ILE F 267 -26.98 -23.62 -26.03
N THR F 268 -26.25 -24.66 -25.61
CA THR F 268 -26.34 -25.12 -24.24
C THR F 268 -25.72 -24.13 -23.26
N ALA F 269 -24.50 -23.67 -23.53
CA ALA F 269 -23.86 -22.72 -22.63
C ALA F 269 -24.54 -21.36 -22.65
N GLY F 270 -25.17 -21.02 -23.77
CA GLY F 270 -25.94 -19.80 -23.84
C GLY F 270 -25.27 -18.67 -24.60
N TRP F 271 -26.09 -17.77 -25.14
CA TRP F 271 -25.58 -16.64 -25.89
C TRP F 271 -24.80 -15.66 -25.04
N MET F 272 -25.06 -15.64 -23.72
CA MET F 272 -24.28 -14.80 -22.82
C MET F 272 -22.82 -15.22 -22.80
N ALA F 273 -22.56 -16.53 -22.81
CA ALA F 273 -21.19 -17.02 -22.85
C ALA F 273 -20.50 -16.63 -24.14
N VAL F 274 -21.20 -16.74 -25.27
CA VAL F 274 -20.63 -16.35 -26.56
C VAL F 274 -20.27 -14.87 -26.57
N GLN F 275 -21.18 -14.03 -26.08
CA GLN F 275 -20.92 -12.59 -26.07
C GLN F 275 -19.80 -12.24 -25.09
N THR F 276 -19.75 -12.92 -23.95
CA THR F 276 -18.68 -12.71 -22.99
C THR F 276 -17.32 -13.08 -23.57
N LEU F 277 -17.26 -14.20 -24.29
CA LEU F 277 -16.01 -14.58 -24.96
C LEU F 277 -15.63 -13.56 -26.03
N ARG F 278 -16.62 -13.09 -26.79
CA ARG F 278 -16.34 -12.13 -27.86
C ARG F 278 -15.81 -10.82 -27.29
N ARG F 279 -16.37 -10.35 -26.18
CA ARG F 279 -15.96 -9.07 -25.63
C ARG F 279 -14.67 -9.18 -24.82
N LYS F 280 -14.51 -10.26 -24.05
CA LYS F 280 -13.29 -10.42 -23.26
C LYS F 280 -12.09 -10.72 -24.13
N TYR F 281 -12.27 -11.46 -25.22
CA TYR F 281 -11.17 -11.91 -26.08
C TYR F 281 -11.49 -11.58 -27.53
N PRO F 282 -11.49 -10.30 -27.90
CA PRO F 282 -11.76 -9.94 -29.30
C PRO F 282 -10.66 -10.38 -30.25
N ASP F 283 -9.46 -10.68 -29.76
CA ASP F 283 -8.34 -11.11 -30.59
C ASP F 283 -8.31 -12.62 -30.78
N VAL F 284 -9.29 -13.35 -30.27
CA VAL F 284 -9.32 -14.80 -30.33
C VAL F 284 -10.50 -15.23 -31.19
N PHE F 285 -10.27 -16.21 -32.06
CA PHE F 285 -11.34 -16.80 -32.86
C PHE F 285 -12.38 -17.44 -31.94
N ILE F 286 -13.59 -16.89 -31.95
CA ILE F 286 -14.68 -17.40 -31.14
C ILE F 286 -15.40 -18.48 -31.94
N HIS F 287 -15.23 -19.73 -31.51
CA HIS F 287 -15.76 -20.89 -32.22
C HIS F 287 -17.14 -21.18 -31.64
N PHE F 288 -18.19 -20.85 -32.38
CA PHE F 288 -19.56 -21.13 -31.97
C PHE F 288 -19.86 -22.59 -32.35
N HIS F 289 -19.89 -23.46 -31.35
CA HIS F 289 -20.42 -24.80 -31.55
C HIS F 289 -21.90 -24.78 -31.22
N ARG F 290 -22.72 -25.33 -32.13
CA ARG F 290 -24.17 -25.21 -32.05
C ARG F 290 -24.84 -26.50 -31.58
N ALA F 291 -24.16 -27.29 -30.75
CA ALA F 291 -24.72 -28.53 -30.25
C ALA F 291 -26.00 -28.27 -29.46
N GLY F 292 -27.07 -28.96 -29.82
CA GLY F 292 -28.38 -28.70 -29.27
C GLY F 292 -29.27 -27.84 -30.13
N HIS F 293 -28.76 -27.30 -31.24
CA HIS F 293 -29.55 -26.39 -32.08
C HIS F 293 -30.68 -27.09 -32.81
N GLY F 294 -30.63 -28.43 -32.89
CA GLY F 294 -31.51 -29.16 -33.81
C GLY F 294 -32.98 -28.96 -33.54
N SER F 295 -33.36 -28.94 -32.25
CA SER F 295 -34.75 -28.72 -31.88
C SER F 295 -35.26 -27.37 -32.36
N PHE F 296 -34.37 -26.38 -32.45
CA PHE F 296 -34.76 -25.11 -33.05
C PHE F 296 -34.84 -25.23 -34.58
N THR F 297 -33.89 -25.93 -35.20
CA THR F 297 -33.64 -25.77 -36.62
C THR F 297 -34.06 -26.94 -37.49
N ARG F 298 -34.39 -28.10 -36.91
CA ARG F 298 -34.72 -29.26 -37.71
C ARG F 298 -36.01 -29.01 -38.49
N PRO F 299 -36.05 -29.35 -39.79
CA PRO F 299 -37.30 -29.20 -40.54
C PRO F 299 -38.43 -30.07 -40.02
N GLU F 300 -38.11 -31.19 -39.37
CA GLU F 300 -39.13 -32.01 -38.74
C GLU F 300 -39.84 -31.26 -37.61
N ASN F 301 -39.14 -30.33 -36.96
CA ASN F 301 -39.73 -29.54 -35.90
C ASN F 301 -40.43 -28.32 -36.49
N PRO F 302 -41.76 -28.24 -36.39
CA PRO F 302 -42.46 -27.06 -36.93
C PRO F 302 -42.22 -25.79 -36.13
N ILE F 303 -41.76 -25.88 -34.88
CA ILE F 303 -41.60 -24.73 -34.01
C ILE F 303 -40.12 -24.53 -33.74
N GLY F 304 -39.61 -23.35 -34.07
CA GLY F 304 -38.22 -23.02 -33.85
C GLY F 304 -37.80 -21.85 -34.72
N PHE F 305 -36.58 -21.95 -35.24
CA PHE F 305 -36.08 -20.98 -36.21
C PHE F 305 -35.06 -21.66 -37.11
N SER F 306 -34.88 -21.08 -38.29
CA SER F 306 -34.04 -21.68 -39.32
C SER F 306 -32.57 -21.64 -38.92
N VAL F 307 -31.77 -22.42 -39.64
CA VAL F 307 -30.32 -22.38 -39.47
C VAL F 307 -29.77 -21.03 -39.87
N LEU F 308 -30.39 -20.39 -40.88
CA LEU F 308 -29.96 -19.08 -41.32
C LEU F 308 -30.10 -18.04 -40.22
N VAL F 309 -31.22 -18.07 -39.48
CA VAL F 309 -31.42 -17.14 -38.38
C VAL F 309 -30.38 -17.36 -37.29
N LEU F 310 -30.10 -18.62 -36.96
CA LEU F 310 -29.11 -18.93 -35.94
C LEU F 310 -27.73 -18.44 -36.35
N SER F 311 -27.36 -18.65 -37.62
CA SER F 311 -26.07 -18.18 -38.10
C SER F 311 -25.98 -16.65 -38.08
N LYS F 312 -27.07 -15.98 -38.49
CA LYS F 312 -27.10 -14.52 -38.47
C LYS F 312 -26.95 -13.99 -37.05
N PHE F 313 -27.64 -14.59 -36.09
CA PHE F 313 -27.53 -14.14 -34.71
C PHE F 313 -26.16 -14.46 -34.11
N ALA F 314 -25.55 -15.57 -34.52
CA ALA F 314 -24.18 -15.85 -34.10
C ALA F 314 -23.21 -14.81 -34.63
N ARG F 315 -23.38 -14.41 -35.90
CA ARG F 315 -22.55 -13.36 -36.47
C ARG F 315 -22.77 -12.04 -35.75
N LEU F 316 -24.02 -11.73 -35.41
CA LEU F 316 -24.31 -10.50 -34.67
C LEU F 316 -23.67 -10.53 -33.29
N ALA F 317 -23.74 -11.66 -32.60
CA ALA F 317 -23.20 -11.77 -31.25
C ALA F 317 -21.69 -11.65 -31.18
N GLY F 318 -20.99 -11.84 -32.29
CA GLY F 318 -19.55 -11.71 -32.32
C GLY F 318 -18.77 -13.00 -32.49
N ALA F 319 -19.45 -14.12 -32.76
CA ALA F 319 -18.76 -15.38 -33.00
C ALA F 319 -17.90 -15.27 -34.27
N SER F 320 -16.65 -15.73 -34.18
CA SER F 320 -15.77 -15.71 -35.32
C SER F 320 -16.16 -16.76 -36.35
N GLY F 321 -16.84 -17.83 -35.91
CA GLY F 321 -17.27 -18.88 -36.81
C GLY F 321 -18.27 -19.77 -36.14
N ILE F 322 -19.18 -20.32 -36.94
CA ILE F 322 -20.24 -21.20 -36.44
C ILE F 322 -20.43 -22.34 -37.42
N HIS F 323 -20.71 -23.53 -36.90
CA HIS F 323 -21.05 -24.65 -37.76
C HIS F 323 -22.34 -24.36 -38.51
N THR F 324 -22.36 -24.69 -39.80
CA THR F 324 -23.51 -24.41 -40.65
C THR F 324 -24.14 -25.66 -41.25
N GLY F 325 -23.45 -26.78 -41.27
CA GLY F 325 -24.02 -28.00 -41.81
C GLY F 325 -23.38 -28.39 -43.13
N THR F 326 -23.40 -29.69 -43.43
CA THR F 326 -22.85 -30.22 -44.66
C THR F 326 -23.84 -30.21 -45.81
N ALA F 327 -25.02 -29.61 -45.62
CA ALA F 327 -26.05 -29.53 -46.66
C ALA F 327 -26.51 -30.91 -47.09
N GLY F 328 -26.59 -31.84 -46.14
CA GLY F 328 -27.02 -33.20 -46.41
C GLY F 328 -25.94 -34.14 -46.89
N VAL F 329 -24.74 -33.64 -47.21
CA VAL F 329 -23.65 -34.52 -47.61
C VAL F 329 -23.20 -35.38 -46.46
N GLY F 330 -23.10 -34.80 -45.26
CA GLY F 330 -22.65 -35.51 -44.08
C GLY F 330 -23.79 -36.22 -43.37
N LYS F 331 -23.60 -36.43 -42.07
CA LYS F 331 -24.56 -37.15 -41.25
C LYS F 331 -25.61 -36.24 -40.62
N MET F 332 -25.51 -34.93 -40.79
CA MET F 332 -26.41 -33.99 -40.15
C MET F 332 -27.43 -33.46 -41.15
N GLN F 333 -28.67 -33.31 -40.67
CA GLN F 333 -29.78 -32.83 -41.48
C GLN F 333 -29.56 -31.38 -41.90
N GLY F 334 -30.10 -31.01 -43.07
CA GLY F 334 -30.56 -32.00 -44.03
C GLY F 334 -30.52 -31.67 -45.52
N SER F 335 -30.10 -30.47 -45.90
CA SER F 335 -30.30 -30.03 -47.28
C SER F 335 -29.38 -28.85 -47.56
N PRO F 336 -29.07 -28.61 -48.84
CA PRO F 336 -28.27 -27.43 -49.22
C PRO F 336 -29.01 -26.12 -49.02
N GLU F 337 -30.33 -26.13 -49.22
CA GLU F 337 -31.10 -24.89 -49.27
C GLU F 337 -31.09 -24.13 -47.95
N GLU F 338 -30.84 -24.82 -46.85
CA GLU F 338 -30.69 -24.14 -45.56
C GLU F 338 -29.22 -23.88 -45.24
N ASP F 339 -28.39 -24.92 -45.29
CA ASP F 339 -27.02 -24.83 -44.80
C ASP F 339 -26.18 -23.91 -45.69
N VAL F 340 -26.25 -24.09 -47.01
CA VAL F 340 -25.44 -23.29 -47.91
C VAL F 340 -25.89 -21.84 -47.91
N VAL F 341 -27.20 -21.61 -47.82
CA VAL F 341 -27.71 -20.24 -47.76
C VAL F 341 -27.26 -19.55 -46.48
N ALA F 342 -27.31 -20.26 -45.35
CA ALA F 342 -26.83 -19.68 -44.09
C ALA F 342 -25.34 -19.39 -44.15
N ALA F 343 -24.56 -20.31 -44.72
CA ALA F 343 -23.11 -20.11 -44.82
C ALA F 343 -22.78 -18.92 -45.70
N GLN F 344 -23.48 -18.78 -46.83
CA GLN F 344 -23.24 -17.62 -47.70
C GLN F 344 -23.68 -16.33 -47.03
N ASN F 345 -24.78 -16.37 -46.27
CA ASN F 345 -25.24 -15.16 -45.59
C ASN F 345 -24.26 -14.71 -44.51
N ILE F 346 -23.66 -15.66 -43.79
CA ILE F 346 -22.71 -15.29 -42.75
C ILE F 346 -21.32 -14.98 -43.29
N LEU F 347 -20.96 -15.52 -44.46
CA LEU F 347 -19.65 -15.26 -45.04
C LEU F 347 -19.62 -14.03 -45.94
N ARG F 348 -20.74 -13.65 -46.54
CA ARG F 348 -20.77 -12.61 -47.55
C ARG F 348 -21.07 -11.24 -46.94
N PHE F 349 -20.68 -10.20 -47.67
CA PHE F 349 -21.06 -8.84 -47.32
C PHE F 349 -22.52 -8.56 -47.60
N LYS F 350 -23.14 -9.34 -48.49
CA LYS F 350 -24.54 -9.15 -48.88
C LYS F 350 -25.02 -10.44 -49.54
N ASP F 351 -26.14 -10.97 -49.06
CA ASP F 351 -26.68 -12.23 -49.57
C ASP F 351 -28.18 -12.05 -49.85
N LYS F 352 -28.84 -13.15 -50.23
CA LYS F 352 -30.16 -13.05 -50.85
C LYS F 352 -31.22 -12.62 -49.83
N GLY F 353 -31.45 -13.39 -48.77
CA GLY F 353 -31.04 -14.72 -48.36
C GLY F 353 -32.21 -15.67 -48.56
N HIS F 354 -32.94 -15.95 -47.48
CA HIS F 354 -34.20 -16.68 -47.60
C HIS F 354 -35.33 -15.77 -48.05
N PHE F 355 -35.57 -14.69 -47.30
CA PHE F 355 -36.61 -13.72 -47.66
C PHE F 355 -36.14 -12.27 -47.64
N PHE F 356 -35.09 -11.94 -46.90
CA PHE F 356 -34.62 -10.57 -46.76
C PHE F 356 -33.25 -10.41 -47.42
N GLU F 357 -33.09 -9.33 -48.18
CA GLU F 357 -31.80 -8.95 -48.72
C GLU F 357 -31.00 -8.32 -47.59
N GLN F 358 -30.10 -9.10 -46.98
CA GLN F 358 -29.33 -8.64 -45.83
C GLN F 358 -28.00 -8.08 -46.30
N GLU F 359 -27.87 -6.76 -46.27
CA GLU F 359 -26.58 -6.11 -46.41
C GLU F 359 -26.01 -5.87 -45.03
N TRP F 360 -24.82 -6.41 -44.77
CA TRP F 360 -24.19 -6.28 -43.46
C TRP F 360 -23.38 -4.99 -43.33
N SER F 361 -23.65 -4.00 -44.18
CA SER F 361 -23.02 -2.70 -44.06
C SER F 361 -23.73 -1.86 -43.02
N LYS F 362 -22.96 -1.05 -42.29
CA LYS F 362 -23.48 -0.14 -41.30
C LYS F 362 -23.51 1.30 -41.78
N ILE F 363 -23.26 1.52 -43.08
CA ILE F 363 -23.20 2.84 -43.68
C ILE F 363 -24.36 2.99 -44.65
N PHE F 364 -24.42 4.14 -45.33
CA PHE F 364 -25.51 4.46 -46.24
C PHE F 364 -25.71 3.38 -47.30
N GLU F 365 -26.96 3.25 -47.76
CA GLU F 365 -27.35 2.12 -48.60
C GLU F 365 -26.64 2.13 -49.94
N GLY F 366 -26.56 3.29 -50.59
CA GLY F 366 -25.96 3.36 -51.91
C GLY F 366 -24.60 4.02 -51.94
N ASP F 367 -23.85 3.87 -50.85
CA ASP F 367 -22.52 4.47 -50.77
C ASP F 367 -21.59 3.80 -51.77
N LYS F 368 -20.79 4.62 -52.47
CA LYS F 368 -19.86 4.08 -53.45
C LYS F 368 -18.81 3.19 -52.80
N ASP F 369 -18.34 3.58 -51.61
CA ASP F 369 -17.40 2.74 -50.87
C ASP F 369 -18.04 1.42 -50.47
N ALA F 370 -19.34 1.43 -50.15
CA ALA F 370 -20.03 0.18 -49.86
C ALA F 370 -20.10 -0.72 -51.10
N ILE F 371 -20.33 -0.12 -52.27
CA ILE F 371 -20.36 -0.90 -53.51
C ILE F 371 -18.98 -1.50 -53.79
N THR F 372 -17.92 -0.71 -53.57
CA THR F 372 -16.57 -1.21 -53.76
C THR F 372 -16.25 -2.34 -52.79
N ILE F 373 -16.70 -2.21 -51.54
CA ILE F 373 -16.48 -3.27 -50.55
C ILE F 373 -17.23 -4.54 -50.95
N ALA F 374 -18.46 -4.39 -51.45
CA ALA F 374 -19.22 -5.55 -51.88
C ALA F 374 -18.55 -6.23 -53.08
N GLN F 375 -18.04 -5.44 -54.02
CA GLN F 375 -17.33 -6.02 -55.17
C GLN F 375 -16.07 -6.73 -54.73
N ALA F 376 -15.33 -6.15 -53.77
CA ALA F 376 -14.13 -6.80 -53.26
C ALA F 376 -14.46 -8.09 -52.53
N ASP F 377 -15.54 -8.09 -51.75
CA ASP F 377 -15.95 -9.29 -51.03
C ASP F 377 -16.38 -10.39 -51.99
N THR F 378 -17.07 -10.01 -53.07
CA THR F 378 -17.42 -10.99 -54.11
C THR F 378 -16.16 -11.52 -54.80
N ALA F 379 -15.12 -10.70 -54.91
CA ALA F 379 -13.85 -11.12 -55.49
C ALA F 379 -12.95 -11.84 -54.49
N ARG F 380 -13.44 -12.10 -53.28
CA ARG F 380 -12.73 -12.84 -52.23
C ARG F 380 -11.52 -12.08 -51.68
N HIS F 381 -11.53 -10.75 -51.77
CA HIS F 381 -10.52 -9.95 -51.11
C HIS F 381 -10.92 -9.67 -49.66
N VAL F 382 -9.93 -9.46 -48.81
CA VAL F 382 -10.20 -9.16 -47.41
C VAL F 382 -10.77 -7.75 -47.32
N ILE F 383 -11.91 -7.62 -46.64
CA ILE F 383 -12.62 -6.35 -46.52
C ILE F 383 -12.73 -5.99 -45.04
N LEU F 384 -13.08 -4.73 -44.79
CA LEU F 384 -13.37 -4.23 -43.44
C LEU F 384 -12.16 -4.31 -42.53
N GLU F 385 -10.95 -4.17 -43.08
CA GLU F 385 -9.75 -4.21 -42.25
C GLU F 385 -9.43 -2.83 -41.70
N ASP F 386 -9.24 -1.85 -42.58
CA ASP F 386 -9.02 -0.46 -42.17
C ASP F 386 -10.33 0.33 -42.06
N ASP F 387 -11.46 -0.27 -42.44
CA ASP F 387 -12.75 0.38 -42.46
C ASP F 387 -13.78 -0.47 -41.72
N SER F 388 -13.42 -0.92 -40.51
CA SER F 388 -14.29 -1.81 -39.74
C SER F 388 -15.60 -1.15 -39.31
N TRP F 389 -15.68 0.18 -39.34
CA TRP F 389 -16.94 0.85 -39.05
C TRP F 389 -17.99 0.55 -40.12
N ARG F 390 -17.55 0.23 -41.34
CA ARG F 390 -18.47 0.16 -42.48
C ARG F 390 -19.48 -0.97 -42.37
N GLY F 391 -19.09 -2.10 -41.78
CA GLY F 391 -20.01 -3.22 -41.76
C GLY F 391 -19.56 -4.28 -40.78
N VAL F 392 -20.37 -5.33 -40.71
CA VAL F 392 -20.11 -6.44 -39.79
C VAL F 392 -19.12 -7.40 -40.45
N LYS F 393 -18.09 -7.78 -39.69
CA LYS F 393 -17.11 -8.73 -40.19
C LYS F 393 -17.77 -10.08 -40.43
N LYS F 394 -17.26 -10.80 -41.42
CA LYS F 394 -17.84 -12.08 -41.81
C LYS F 394 -17.68 -13.12 -40.71
N CYS F 395 -18.66 -14.01 -40.61
CA CYS F 395 -18.61 -15.15 -39.70
C CYS F 395 -18.20 -16.39 -40.49
N CYS F 396 -17.17 -17.06 -40.03
CA CYS F 396 -16.62 -18.21 -40.76
C CYS F 396 -17.58 -19.40 -40.70
N PRO F 397 -18.05 -19.91 -41.82
CA PRO F 397 -18.72 -21.20 -41.81
C PRO F 397 -17.77 -22.30 -41.36
N ILE F 398 -18.28 -23.24 -40.58
CA ILE F 398 -17.53 -24.41 -40.15
C ILE F 398 -18.33 -25.64 -40.53
N ILE F 399 -17.72 -26.52 -41.32
CA ILE F 399 -18.41 -27.65 -41.93
C ILE F 399 -17.95 -28.92 -41.25
N SER F 400 -18.87 -29.61 -40.58
CA SER F 400 -18.55 -30.83 -39.85
C SER F 400 -19.77 -31.73 -39.82
N GLY F 401 -19.53 -33.00 -39.51
CA GLY F 401 -20.60 -33.96 -39.35
C GLY F 401 -20.66 -35.00 -40.45
N GLY F 402 -20.13 -36.18 -40.17
CA GLY F 402 -20.17 -37.27 -41.14
C GLY F 402 -19.43 -36.98 -42.44
N LEU F 403 -18.34 -36.24 -42.37
CA LEU F 403 -17.58 -35.85 -43.55
C LEU F 403 -16.28 -36.66 -43.62
N ASN F 404 -16.03 -37.26 -44.78
CA ASN F 404 -14.77 -37.92 -45.07
C ASN F 404 -14.13 -37.19 -46.24
N PRO F 405 -12.87 -37.50 -46.60
CA PRO F 405 -12.25 -36.80 -47.73
C PRO F 405 -12.97 -37.02 -49.06
N THR F 406 -13.59 -38.19 -49.25
CA THR F 406 -14.32 -38.47 -50.48
C THR F 406 -15.48 -37.51 -50.68
N LEU F 407 -16.06 -37.01 -49.59
CA LEU F 407 -17.15 -36.04 -49.66
C LEU F 407 -16.67 -34.60 -49.65
N LEU F 408 -15.35 -34.37 -49.67
CA LEU F 408 -14.85 -33.00 -49.68
C LEU F 408 -15.22 -32.28 -50.98
N LYS F 409 -14.98 -32.94 -52.11
CA LYS F 409 -15.36 -32.36 -53.41
C LYS F 409 -16.85 -32.10 -53.56
N PRO F 410 -17.76 -33.05 -53.23
CA PRO F 410 -19.19 -32.77 -53.40
C PRO F 410 -19.72 -31.56 -52.63
N PHE F 411 -19.31 -31.41 -51.36
CA PHE F 411 -19.85 -30.31 -50.55
C PHE F 411 -19.44 -28.96 -51.12
N ILE F 412 -18.20 -28.84 -51.58
CA ILE F 412 -17.77 -27.60 -52.23
C ILE F 412 -18.58 -27.37 -53.49
N ASP F 413 -18.94 -28.44 -54.19
CA ASP F 413 -19.84 -28.34 -55.34
C ASP F 413 -21.18 -27.75 -54.94
N VAL F 414 -21.63 -28.03 -53.72
CA VAL F 414 -22.80 -27.35 -53.17
C VAL F 414 -22.43 -26.05 -52.47
N MET F 415 -21.19 -25.93 -51.97
CA MET F 415 -20.82 -24.74 -51.21
C MET F 415 -20.59 -23.53 -52.11
N GLY F 416 -20.05 -23.75 -53.31
CA GLY F 416 -19.78 -22.67 -54.23
C GLY F 416 -18.57 -21.82 -53.89
N ASN F 417 -17.76 -22.25 -52.94
CA ASN F 417 -16.56 -21.51 -52.53
C ASN F 417 -15.78 -22.39 -51.56
N ILE F 418 -14.59 -21.92 -51.19
CA ILE F 418 -13.71 -22.65 -50.29
C ILE F 418 -13.35 -21.79 -49.09
N ASP F 419 -14.22 -20.84 -48.75
CA ASP F 419 -14.00 -19.93 -47.62
C ASP F 419 -14.72 -20.50 -46.41
N PHE F 420 -14.10 -21.50 -45.79
CA PHE F 420 -14.68 -22.14 -44.62
C PHE F 420 -13.63 -23.00 -43.94
N ILE F 421 -13.92 -23.40 -42.71
CA ILE F 421 -13.15 -24.39 -41.99
C ILE F 421 -13.92 -25.70 -42.01
N THR F 422 -13.29 -26.76 -42.47
CA THR F 422 -13.90 -28.09 -42.53
C THR F 422 -13.19 -28.98 -41.51
N THR F 423 -13.97 -29.56 -40.60
CA THR F 423 -13.44 -30.46 -39.58
C THR F 423 -14.05 -31.84 -39.78
N MET F 424 -13.19 -32.85 -39.88
CA MET F 424 -13.61 -34.24 -40.06
C MET F 424 -13.05 -35.05 -38.90
N GLY F 425 -13.95 -35.63 -38.09
CA GLY F 425 -13.51 -36.45 -36.99
C GLY F 425 -13.42 -37.92 -37.35
N ALA F 426 -14.50 -38.46 -37.91
CA ALA F 426 -14.48 -39.85 -38.39
C ALA F 426 -13.86 -39.96 -39.77
N GLY F 427 -13.79 -38.86 -40.53
CA GLY F 427 -13.19 -38.90 -41.85
C GLY F 427 -11.70 -39.13 -41.83
N CYS F 428 -11.04 -38.83 -40.72
CA CYS F 428 -9.59 -39.00 -40.57
C CYS F 428 -9.22 -40.01 -39.50
N HIS F 429 -9.85 -39.93 -38.33
CA HIS F 429 -9.50 -40.84 -37.24
C HIS F 429 -10.02 -42.27 -37.48
N ALA F 430 -11.05 -42.43 -38.29
CA ALA F 430 -11.52 -43.75 -38.68
C ALA F 430 -10.83 -44.26 -39.93
N HIS F 431 -9.86 -43.52 -40.46
CA HIS F 431 -9.05 -44.01 -41.56
C HIS F 431 -8.27 -45.25 -41.10
N PRO F 432 -8.20 -46.30 -41.93
CA PRO F 432 -7.57 -47.55 -41.46
C PRO F 432 -6.08 -47.43 -41.17
N LYS F 433 -5.40 -46.41 -41.68
CA LYS F 433 -3.96 -46.26 -41.49
C LYS F 433 -3.60 -45.16 -40.51
N GLY F 434 -4.52 -44.80 -39.61
CA GLY F 434 -4.23 -43.87 -38.54
C GLY F 434 -4.65 -42.44 -38.82
N THR F 435 -4.52 -41.61 -37.78
CA THR F 435 -4.92 -40.21 -37.87
C THR F 435 -4.06 -39.46 -38.88
N THR F 436 -2.75 -39.70 -38.89
CA THR F 436 -1.88 -39.04 -39.85
C THR F 436 -2.21 -39.46 -41.29
N ALA F 437 -2.52 -40.73 -41.49
CA ALA F 437 -2.94 -41.19 -42.81
C ALA F 437 -4.25 -40.53 -43.23
N GLY F 438 -5.19 -40.39 -42.30
CA GLY F 438 -6.44 -39.72 -42.61
C GLY F 438 -6.24 -38.26 -42.96
N ALA F 439 -5.37 -37.57 -42.22
CA ALA F 439 -5.07 -36.18 -42.52
C ALA F 439 -4.40 -36.05 -43.88
N LYS F 440 -3.46 -36.96 -44.20
CA LYS F 440 -2.82 -36.93 -45.51
C LYS F 440 -3.83 -37.20 -46.62
N ALA F 441 -4.78 -38.11 -46.39
CA ALA F 441 -5.82 -38.37 -47.38
C ALA F 441 -6.71 -37.15 -47.58
N LEU F 442 -7.04 -36.45 -46.49
CA LEU F 442 -7.83 -35.22 -46.61
C LEU F 442 -7.09 -34.15 -47.40
N VAL F 443 -5.79 -33.99 -47.13
CA VAL F 443 -4.99 -33.02 -47.87
C VAL F 443 -4.87 -33.43 -49.33
N GLN F 444 -4.79 -34.73 -49.60
CA GLN F 444 -4.71 -35.21 -50.97
C GLN F 444 -6.02 -34.95 -51.72
N ALA F 445 -7.15 -35.16 -51.05
CA ALA F 445 -8.44 -34.85 -51.67
C ALA F 445 -8.58 -33.35 -51.93
N CYS F 446 -8.12 -32.52 -51.00
CA CYS F 446 -8.15 -31.07 -51.20
C CYS F 446 -7.28 -30.67 -52.38
N GLU F 447 -6.08 -31.24 -52.49
CA GLU F 447 -5.21 -30.93 -53.61
C GLU F 447 -5.78 -31.43 -54.92
N ALA F 448 -6.47 -32.58 -54.89
CA ALA F 448 -7.12 -33.08 -56.09
C ALA F 448 -8.23 -32.15 -56.55
N TYR F 449 -9.02 -31.62 -55.61
CA TYR F 449 -10.03 -30.64 -55.97
C TYR F 449 -9.40 -29.36 -56.51
N GLN F 450 -8.31 -28.91 -55.87
CA GLN F 450 -7.65 -27.69 -56.31
C GLN F 450 -7.07 -27.82 -57.71
N LYS F 451 -6.51 -29.00 -58.03
CA LYS F 451 -5.95 -29.25 -59.35
C LYS F 451 -6.98 -29.74 -60.35
N GLY F 452 -8.22 -29.97 -59.93
CA GLY F 452 -9.24 -30.48 -60.81
C GLY F 452 -9.17 -31.98 -61.06
N ILE F 453 -8.26 -32.68 -60.42
CA ILE F 453 -8.11 -34.12 -60.61
C ILE F 453 -9.17 -34.84 -59.80
N ASP F 454 -9.85 -35.80 -60.44
CA ASP F 454 -10.80 -36.64 -59.72
C ASP F 454 -10.08 -37.46 -58.66
N ILE F 455 -10.77 -37.70 -57.54
CA ILE F 455 -10.16 -38.36 -56.40
C ILE F 455 -9.73 -39.78 -56.75
N LYS F 456 -10.51 -40.47 -57.58
CA LYS F 456 -10.12 -41.82 -58.01
C LYS F 456 -8.83 -41.78 -58.83
N GLU F 457 -8.71 -40.81 -59.74
CA GLU F 457 -7.48 -40.66 -60.50
C GLU F 457 -6.34 -40.21 -59.60
N TYR F 458 -6.61 -39.28 -58.68
CA TYR F 458 -5.56 -38.74 -57.83
C TYR F 458 -5.01 -39.78 -56.87
N ALA F 459 -5.85 -40.73 -56.43
CA ALA F 459 -5.44 -41.72 -55.45
C ALA F 459 -4.49 -42.77 -56.03
N LYS F 460 -4.34 -42.83 -57.36
CA LYS F 460 -3.42 -43.80 -57.94
C LYS F 460 -1.98 -43.54 -57.55
N THR F 461 -1.61 -42.26 -57.36
CA THR F 461 -0.28 -41.89 -56.91
C THR F 461 -0.28 -41.44 -55.45
N HIS F 462 -1.37 -41.65 -54.71
CA HIS F 462 -1.49 -41.20 -53.33
C HIS F 462 -2.21 -42.30 -52.55
N LYS F 463 -1.46 -43.05 -51.75
CA LYS F 463 -1.99 -44.24 -51.11
C LYS F 463 -3.05 -43.90 -50.07
N GLU F 464 -2.86 -42.81 -49.32
CA GLU F 464 -3.81 -42.46 -48.27
C GLU F 464 -5.17 -42.10 -48.85
N LEU F 465 -5.20 -41.37 -49.96
CA LEU F 465 -6.47 -41.05 -50.60
C LEU F 465 -7.19 -42.30 -51.09
N GLU F 466 -6.44 -43.24 -51.69
CA GLU F 466 -7.04 -44.48 -52.16
C GLU F 466 -7.59 -45.30 -51.01
N GLU F 467 -6.85 -45.40 -49.89
CA GLU F 467 -7.33 -46.13 -48.73
C GLU F 467 -8.56 -45.48 -48.14
N ALA F 468 -8.58 -44.14 -48.07
CA ALA F 468 -9.75 -43.43 -47.57
C ALA F 468 -10.96 -43.67 -48.47
N ILE F 469 -10.77 -43.65 -49.78
CA ILE F 469 -11.87 -43.92 -50.71
C ILE F 469 -12.39 -45.33 -50.53
N GLU F 470 -11.49 -46.31 -50.41
CA GLU F 470 -11.91 -47.70 -50.24
C GLU F 470 -12.66 -47.90 -48.93
N PHE F 471 -12.21 -47.26 -47.85
CA PHE F 471 -12.88 -47.42 -46.56
C PHE F 471 -14.21 -46.70 -46.52
N PHE F 472 -14.28 -45.49 -47.06
CA PHE F 472 -15.46 -44.64 -46.90
C PHE F 472 -16.45 -44.78 -48.04
N THR F 473 -16.16 -45.59 -49.05
CA THR F 473 -17.13 -45.86 -50.11
C THR F 473 -18.08 -47.01 -49.76
N LYS F 474 -17.89 -47.63 -48.59
CA LYS F 474 -18.78 -48.70 -48.14
C LYS F 474 -19.09 -48.56 -46.66
N THR G 7 -33.10 -59.10 -30.24
CA THR G 7 -32.48 -60.30 -30.79
C THR G 7 -32.10 -60.10 -32.26
N GLN G 8 -33.12 -60.02 -33.12
CA GLN G 8 -32.87 -59.78 -34.54
C GLN G 8 -32.25 -58.40 -34.77
N LEU G 9 -32.72 -57.39 -34.03
CA LEU G 9 -32.15 -56.05 -34.16
C LEU G 9 -30.69 -56.04 -33.70
N ILE G 10 -30.36 -56.84 -32.69
CA ILE G 10 -28.97 -56.97 -32.27
C ILE G 10 -28.14 -57.59 -33.40
N LYS G 11 -28.69 -58.60 -34.07
CA LYS G 11 -28.00 -59.20 -35.21
C LYS G 11 -27.86 -58.24 -36.38
N THR G 12 -28.74 -57.25 -36.50
CA THR G 12 -28.60 -56.26 -37.56
C THR G 12 -27.48 -55.27 -37.29
N LEU G 13 -26.99 -55.19 -36.05
CA LEU G 13 -25.98 -54.20 -35.71
C LEU G 13 -24.61 -54.60 -36.25
N ASN G 14 -23.83 -53.60 -36.65
CA ASN G 14 -22.45 -53.83 -37.08
C ASN G 14 -21.53 -53.77 -35.86
N ILE G 15 -20.22 -53.81 -36.10
CA ILE G 15 -19.25 -53.84 -35.01
C ILE G 15 -19.26 -52.54 -34.23
N HIS G 16 -19.36 -51.41 -34.94
CA HIS G 16 -19.35 -50.11 -34.27
C HIS G 16 -20.56 -49.92 -33.37
N GLN G 17 -21.74 -50.33 -33.84
CA GLN G 17 -22.97 -50.08 -33.10
C GLN G 17 -23.11 -50.99 -31.88
N LYS G 18 -22.56 -52.20 -31.96
CA LYS G 18 -22.68 -53.13 -30.83
C LYS G 18 -21.91 -52.64 -29.61
N GLY G 19 -20.90 -51.79 -29.80
CA GLY G 19 -20.19 -51.22 -28.67
C GLY G 19 -20.99 -50.21 -27.88
N TYR G 20 -22.09 -49.72 -28.45
CA TYR G 20 -22.97 -48.76 -27.79
C TYR G 20 -24.33 -49.36 -27.44
N VAL G 21 -24.44 -50.69 -27.46
CA VAL G 21 -25.67 -51.39 -27.11
C VAL G 21 -25.32 -52.49 -26.12
N ASN G 22 -26.01 -52.51 -24.98
CA ASN G 22 -25.83 -53.54 -23.97
C ASN G 22 -27.18 -53.77 -23.30
N PHE G 23 -27.95 -54.72 -23.82
CA PHE G 23 -29.22 -55.07 -23.22
C PHE G 23 -29.06 -55.92 -21.96
N ASP G 24 -27.85 -56.41 -21.69
CA ASP G 24 -27.56 -57.19 -20.49
C ASP G 24 -26.81 -56.37 -19.46
N LEU G 25 -27.05 -55.06 -19.41
CA LEU G 25 -26.47 -54.22 -18.37
C LEU G 25 -27.01 -54.66 -17.02
N PRO G 26 -26.14 -55.05 -16.07
CA PRO G 26 -26.65 -55.72 -14.86
C PRO G 26 -27.44 -54.81 -13.95
N ASN G 27 -27.02 -53.56 -13.77
CA ASN G 27 -27.72 -52.62 -12.90
C ASN G 27 -27.57 -51.22 -13.46
N PRO G 28 -28.54 -50.76 -14.25
CA PRO G 28 -28.48 -49.36 -14.73
C PRO G 28 -28.54 -48.35 -13.61
N LYS G 29 -29.12 -48.69 -12.47
CA LYS G 29 -29.25 -47.80 -11.34
C LYS G 29 -28.14 -47.98 -10.31
N ASN G 30 -26.99 -48.51 -10.71
CA ASN G 30 -25.88 -48.74 -9.78
C ASN G 30 -25.18 -47.46 -9.34
N GLY G 31 -25.52 -46.32 -9.94
CA GLY G 31 -24.90 -45.05 -9.61
C GLY G 31 -23.78 -44.62 -10.53
N GLU G 32 -23.46 -45.43 -11.54
CA GLU G 32 -22.46 -45.04 -12.53
C GLU G 32 -23.08 -44.33 -13.73
N TYR G 33 -24.38 -44.50 -13.95
CA TYR G 33 -25.02 -44.05 -15.17
C TYR G 33 -26.16 -43.09 -14.87
N LEU G 34 -26.18 -41.97 -15.60
CA LEU G 34 -27.41 -41.24 -15.81
C LEU G 34 -28.25 -41.99 -16.84
N LEU G 35 -29.52 -42.22 -16.53
CA LEU G 35 -30.40 -42.99 -17.39
C LEU G 35 -31.28 -42.04 -18.18
N ALA G 36 -31.36 -42.27 -19.49
CA ALA G 36 -32.15 -41.41 -20.37
C ALA G 36 -33.09 -42.26 -21.21
N VAL G 37 -34.36 -41.88 -21.23
CA VAL G 37 -35.34 -42.52 -22.10
C VAL G 37 -35.62 -41.59 -23.27
N PHE G 38 -35.49 -42.11 -24.48
CA PHE G 38 -35.65 -41.34 -25.71
C PHE G 38 -36.80 -41.93 -26.51
N HIS G 39 -37.73 -41.08 -26.94
CA HIS G 39 -38.62 -41.44 -28.04
C HIS G 39 -37.84 -41.30 -29.32
N LEU G 40 -37.67 -42.41 -30.04
CA LEU G 40 -36.75 -42.47 -31.17
C LEU G 40 -37.46 -43.09 -32.36
N ILE G 41 -37.46 -42.36 -33.47
CA ILE G 41 -37.90 -42.88 -34.78
C ILE G 41 -36.80 -42.54 -35.79
N SER G 42 -36.28 -43.57 -36.45
CA SER G 42 -35.14 -43.40 -37.33
C SER G 42 -35.53 -42.65 -38.60
N GLY G 43 -34.54 -41.97 -39.18
CA GLY G 43 -34.76 -41.17 -40.37
C GLY G 43 -34.91 -41.94 -41.66
N GLY G 44 -34.49 -43.20 -41.70
CA GLY G 44 -34.61 -44.00 -42.90
C GLY G 44 -33.44 -44.92 -43.16
N LYS G 45 -33.74 -46.18 -43.46
CA LYS G 45 -32.82 -47.27 -43.75
C LYS G 45 -32.14 -47.82 -42.50
N LEU G 46 -32.34 -47.22 -41.34
CA LEU G 46 -31.82 -47.73 -40.08
C LEU G 46 -32.98 -48.15 -39.20
N ASN G 47 -32.90 -49.36 -38.64
CA ASN G 47 -33.92 -49.78 -37.68
C ASN G 47 -33.74 -49.03 -36.37
N ILE G 48 -34.64 -49.31 -35.42
CA ILE G 48 -34.69 -48.56 -34.18
C ILE G 48 -33.41 -48.77 -33.37
N LEU G 49 -32.91 -50.01 -33.30
CA LEU G 49 -31.74 -50.29 -32.48
C LEU G 49 -30.47 -49.67 -33.09
N GLN G 50 -30.35 -49.71 -34.42
CA GLN G 50 -29.19 -49.10 -35.06
C GLN G 50 -29.18 -47.58 -34.85
N ALA G 51 -30.35 -46.94 -35.00
CA ALA G 51 -30.44 -45.50 -34.76
C ALA G 51 -30.15 -45.17 -33.31
N ALA G 52 -30.64 -46.00 -32.38
CA ALA G 52 -30.35 -45.78 -30.96
C ALA G 52 -28.86 -45.91 -30.68
N ALA G 53 -28.20 -46.89 -31.31
CA ALA G 53 -26.76 -47.06 -31.14
C ALA G 53 -26.00 -45.85 -31.68
N GLU G 54 -26.40 -45.34 -32.84
CA GLU G 54 -25.77 -44.13 -33.38
C GLU G 54 -25.99 -42.94 -32.45
N VAL G 55 -27.20 -42.81 -31.88
CA VAL G 55 -27.49 -41.72 -30.96
C VAL G 55 -26.61 -41.84 -29.72
N ALA G 56 -26.48 -43.04 -29.17
CA ALA G 56 -25.64 -43.25 -27.99
C ALA G 56 -24.18 -42.96 -28.28
N ALA G 57 -23.69 -43.37 -29.45
CA ALA G 57 -22.31 -43.09 -29.82
C ALA G 57 -22.08 -41.59 -29.97
N GLU G 58 -22.95 -40.91 -30.72
CA GLU G 58 -22.81 -39.47 -30.93
C GLU G 58 -23.02 -38.67 -29.66
N SER G 59 -23.70 -39.24 -28.66
CA SER G 59 -23.96 -38.52 -27.42
C SER G 59 -23.03 -38.94 -26.28
N SER G 60 -22.18 -39.95 -26.45
CA SER G 60 -21.22 -40.29 -25.40
C SER G 60 -19.77 -40.16 -25.86
N THR G 61 -19.33 -40.94 -26.85
CA THR G 61 -17.92 -41.01 -27.19
C THR G 61 -17.61 -41.16 -28.66
N GLY G 62 -18.52 -41.69 -29.49
CA GLY G 62 -18.19 -42.15 -30.82
C GLY G 62 -18.77 -41.30 -31.92
N THR G 63 -18.70 -41.84 -33.13
CA THR G 63 -19.14 -41.18 -34.35
C THR G 63 -19.81 -42.25 -35.21
N ASN G 64 -19.98 -41.97 -36.50
CA ASN G 64 -20.59 -42.94 -37.40
C ASN G 64 -19.65 -44.10 -37.76
N PHE G 65 -18.40 -44.08 -37.32
CA PHE G 65 -17.44 -45.13 -37.58
C PHE G 65 -16.61 -45.40 -36.33
N ASN G 66 -15.96 -46.56 -36.30
CA ASN G 66 -14.94 -46.85 -35.30
C ASN G 66 -13.65 -46.13 -35.70
N VAL G 67 -13.11 -45.35 -34.79
CA VAL G 67 -11.87 -44.63 -35.05
C VAL G 67 -10.70 -45.44 -34.50
N ASN G 68 -9.55 -45.32 -35.14
CA ASN G 68 -8.37 -46.07 -34.74
C ASN G 68 -7.73 -45.55 -33.46
N THR G 69 -8.14 -44.38 -32.98
CA THR G 69 -7.64 -43.85 -31.71
C THR G 69 -8.44 -44.34 -30.51
N GLU G 70 -9.43 -45.19 -30.73
CA GLU G 70 -10.26 -45.69 -29.63
C GLU G 70 -9.43 -46.59 -28.72
N THR G 71 -9.41 -46.25 -27.44
CA THR G 71 -8.72 -47.04 -26.43
C THR G 71 -9.71 -47.92 -25.68
N PRO G 72 -9.22 -48.97 -25.00
CA PRO G 72 -10.12 -49.75 -24.12
C PRO G 72 -10.75 -48.91 -23.03
N PHE G 73 -10.03 -47.92 -22.51
CA PHE G 73 -10.61 -47.01 -21.52
C PHE G 73 -11.72 -46.17 -22.14
N SER G 74 -11.58 -45.81 -23.41
CA SER G 74 -12.61 -45.04 -24.09
C SER G 74 -13.91 -45.82 -24.19
N LYS G 75 -13.81 -47.14 -24.40
CA LYS G 75 -15.02 -47.96 -24.51
C LYS G 75 -15.76 -48.06 -23.19
N GLU G 76 -15.07 -47.86 -22.06
CA GLU G 76 -15.76 -47.84 -20.78
C GLU G 76 -16.69 -46.64 -20.66
N MET G 77 -16.38 -45.54 -21.36
CA MET G 77 -17.21 -44.35 -21.35
C MET G 77 -18.34 -44.39 -22.36
N ASN G 78 -18.50 -45.51 -23.08
CA ASN G 78 -19.55 -45.64 -24.07
C ASN G 78 -20.93 -45.57 -23.41
N ALA G 79 -21.82 -44.78 -24.00
CA ALA G 79 -23.24 -44.92 -23.68
C ALA G 79 -23.77 -46.20 -24.30
N VAL G 80 -24.73 -46.83 -23.62
CA VAL G 80 -25.25 -48.12 -24.06
C VAL G 80 -26.77 -48.07 -24.03
N VAL G 81 -27.38 -48.59 -25.10
CA VAL G 81 -28.81 -48.86 -25.11
C VAL G 81 -29.05 -50.15 -24.35
N TYR G 82 -29.67 -50.06 -23.18
CA TYR G 82 -29.88 -51.22 -22.32
C TYR G 82 -31.32 -51.71 -22.33
N GLN G 83 -32.22 -51.03 -23.04
CA GLN G 83 -33.62 -51.44 -23.07
C GLN G 83 -34.29 -50.75 -24.24
N ILE G 84 -35.23 -51.44 -24.88
CA ILE G 84 -36.01 -50.86 -25.98
C ILE G 84 -37.45 -51.33 -25.89
N ASP G 85 -38.37 -50.39 -26.05
CA ASP G 85 -39.78 -50.69 -26.24
C ASP G 85 -40.08 -50.46 -27.72
N LEU G 86 -40.37 -51.55 -28.44
CA LEU G 86 -40.55 -51.47 -29.89
C LEU G 86 -41.89 -50.86 -30.25
N ASP G 87 -42.93 -51.11 -29.45
CA ASP G 87 -44.25 -50.57 -29.76
C ASP G 87 -44.28 -49.06 -29.58
N GLN G 88 -43.65 -48.56 -28.52
CA GLN G 88 -43.63 -47.13 -28.23
C GLN G 88 -42.46 -46.40 -28.86
N ASN G 89 -41.52 -47.12 -29.48
CA ASN G 89 -40.30 -46.52 -30.03
C ASN G 89 -39.50 -45.82 -28.95
N LEU G 90 -39.30 -46.51 -27.82
CA LEU G 90 -38.57 -45.96 -26.69
C LEU G 90 -37.24 -46.67 -26.55
N VAL G 91 -36.18 -45.90 -26.31
CA VAL G 91 -34.84 -46.45 -26.14
C VAL G 91 -34.26 -45.92 -24.83
N TRP G 92 -33.76 -46.82 -24.00
CA TRP G 92 -33.10 -46.45 -22.76
C TRP G 92 -31.59 -46.48 -22.98
N ILE G 93 -30.93 -45.38 -22.62
CA ILE G 93 -29.48 -45.25 -22.79
C ILE G 93 -28.88 -44.91 -21.43
N ALA G 94 -27.84 -45.63 -21.06
CA ALA G 94 -27.12 -45.38 -19.82
C ALA G 94 -25.83 -44.63 -20.14
N TYR G 95 -25.77 -43.36 -19.72
CA TYR G 95 -24.60 -42.53 -19.95
C TYR G 95 -23.74 -42.57 -18.71
N PRO G 96 -22.50 -43.08 -18.79
CA PRO G 96 -21.59 -42.94 -17.64
C PRO G 96 -21.34 -41.46 -17.36
N TRP G 97 -21.72 -41.02 -16.16
CA TRP G 97 -21.62 -39.61 -15.84
C TRP G 97 -20.18 -39.15 -15.59
N ARG G 98 -19.22 -40.08 -15.61
CA ARG G 98 -17.81 -39.73 -15.76
C ARG G 98 -17.56 -38.93 -17.04
N LEU G 99 -18.37 -39.14 -18.09
CA LEU G 99 -18.26 -38.36 -19.31
C LEU G 99 -18.46 -36.87 -19.06
N PHE G 100 -19.31 -36.52 -18.09
CA PHE G 100 -19.71 -35.14 -17.90
C PHE G 100 -18.60 -34.31 -17.27
N ASP G 101 -18.57 -33.03 -17.63
CA ASP G 101 -17.58 -32.10 -17.09
C ASP G 101 -17.70 -32.00 -15.58
N ARG G 102 -16.56 -32.04 -14.90
CA ARG G 102 -16.55 -31.98 -13.45
C ARG G 102 -16.92 -30.57 -12.98
N GLY G 103 -17.21 -30.46 -11.68
CA GLY G 103 -17.62 -29.19 -11.12
C GLY G 103 -19.06 -28.82 -11.34
N GLY G 104 -19.94 -29.81 -11.51
CA GLY G 104 -21.36 -29.55 -11.66
C GLY G 104 -21.76 -28.79 -12.90
N ASN G 105 -21.21 -29.17 -14.06
CA ASN G 105 -21.51 -28.51 -15.32
C ASN G 105 -22.75 -29.17 -15.93
N VAL G 106 -23.86 -28.43 -15.94
CA VAL G 106 -25.11 -28.98 -16.47
C VAL G 106 -25.20 -28.80 -17.98
N GLN G 107 -24.67 -27.68 -18.50
CA GLN G 107 -24.65 -27.47 -19.94
C GLN G 107 -23.85 -28.55 -20.65
N ASN G 108 -22.82 -29.09 -20.00
CA ASN G 108 -22.06 -30.18 -20.59
C ASN G 108 -22.92 -31.44 -20.72
N ILE G 109 -23.76 -31.71 -19.71
CA ILE G 109 -24.69 -32.84 -19.79
C ILE G 109 -25.67 -32.63 -20.94
N LEU G 110 -26.21 -31.42 -21.07
CA LEU G 110 -27.14 -31.14 -22.16
C LEU G 110 -26.46 -31.24 -23.52
N THR G 111 -25.18 -30.83 -23.59
CA THR G 111 -24.41 -30.98 -24.82
C THR G 111 -24.25 -32.44 -25.18
N TYR G 112 -23.98 -33.29 -24.18
CA TYR G 112 -23.88 -34.73 -24.44
C TYR G 112 -25.21 -35.30 -24.93
N ILE G 113 -26.26 -35.16 -24.14
CA ILE G 113 -27.46 -35.99 -24.34
C ILE G 113 -28.48 -35.33 -25.26
N VAL G 114 -28.56 -34.00 -25.26
CA VAL G 114 -29.50 -33.30 -26.12
C VAL G 114 -28.76 -32.30 -27.00
N GLY G 115 -27.50 -32.62 -27.33
CA GLY G 115 -26.71 -31.76 -28.18
C GLY G 115 -26.72 -32.15 -29.64
N ASN G 116 -25.61 -32.74 -30.12
CA ASN G 116 -25.46 -33.05 -31.53
C ASN G 116 -26.49 -34.06 -32.03
N VAL G 117 -26.97 -34.93 -31.13
CA VAL G 117 -27.88 -36.01 -31.53
C VAL G 117 -29.18 -35.47 -32.11
N LEU G 118 -29.59 -34.27 -31.68
CA LEU G 118 -30.80 -33.67 -32.23
C LEU G 118 -30.64 -33.33 -33.70
N GLY G 119 -29.41 -33.03 -34.13
CA GLY G 119 -29.17 -32.70 -35.53
C GLY G 119 -28.97 -33.88 -36.46
N MET G 120 -28.91 -35.09 -35.92
CA MET G 120 -28.61 -36.26 -36.73
C MET G 120 -29.77 -36.58 -37.67
N LYS G 121 -29.45 -36.76 -38.95
CA LYS G 121 -30.48 -37.12 -39.93
C LYS G 121 -30.86 -38.59 -39.85
N GLU G 122 -30.10 -39.41 -39.12
CA GLU G 122 -30.43 -40.81 -38.97
C GLU G 122 -31.70 -41.03 -38.14
N VAL G 123 -32.10 -40.04 -37.35
CA VAL G 123 -33.33 -40.09 -36.57
C VAL G 123 -34.30 -39.06 -37.14
N SER G 124 -35.56 -39.47 -37.31
CA SER G 124 -36.60 -38.54 -37.70
C SER G 124 -37.33 -37.96 -36.51
N ALA G 125 -37.28 -38.63 -35.36
CA ALA G 125 -37.82 -38.11 -34.12
C ALA G 125 -36.90 -38.52 -32.99
N LEU G 126 -36.47 -37.55 -32.18
CA LEU G 126 -35.60 -37.84 -31.05
C LEU G 126 -36.00 -36.89 -29.92
N LYS G 127 -36.74 -37.41 -28.95
CA LYS G 127 -37.25 -36.61 -27.84
C LYS G 127 -36.82 -37.24 -26.52
N LEU G 128 -36.00 -36.54 -25.76
CA LEU G 128 -35.60 -37.00 -24.44
C LEU G 128 -36.78 -36.83 -23.49
N LEU G 129 -37.44 -37.94 -23.16
CA LEU G 129 -38.66 -37.87 -22.35
C LEU G 129 -38.35 -37.74 -20.87
N ASP G 130 -37.36 -38.48 -20.37
CA ASP G 130 -37.07 -38.49 -18.95
C ASP G 130 -35.61 -38.87 -18.74
N VAL G 131 -35.07 -38.47 -17.59
CA VAL G 131 -33.72 -38.82 -17.17
C VAL G 131 -33.77 -39.25 -15.71
N TRP G 132 -32.78 -40.04 -15.30
CA TRP G 132 -32.63 -40.47 -13.92
C TRP G 132 -31.22 -40.14 -13.46
N PHE G 133 -31.12 -39.42 -12.34
CA PHE G 133 -29.83 -39.05 -11.78
C PHE G 133 -29.52 -39.97 -10.61
N PRO G 134 -28.43 -40.73 -10.64
CA PRO G 134 -28.03 -41.50 -9.46
C PRO G 134 -27.61 -40.57 -8.33
N PRO G 135 -27.73 -41.02 -7.08
CA PRO G 135 -27.30 -40.17 -5.95
C PRO G 135 -25.83 -39.80 -6.00
N ALA G 136 -24.98 -40.71 -6.49
CA ALA G 136 -23.57 -40.39 -6.68
C ALA G 136 -23.38 -39.27 -7.69
N MET G 137 -24.18 -39.28 -8.76
CA MET G 137 -24.12 -38.17 -9.71
C MET G 137 -24.73 -36.91 -9.11
N LEU G 138 -25.81 -37.05 -8.33
CA LEU G 138 -26.45 -35.89 -7.72
C LEU G 138 -25.54 -35.20 -6.71
N GLU G 139 -24.60 -35.95 -6.13
CA GLU G 139 -23.61 -35.34 -5.23
C GLU G 139 -22.73 -34.33 -5.94
N GLN G 140 -22.54 -34.47 -7.26
CA GLN G 140 -21.65 -33.60 -8.02
C GLN G 140 -22.24 -32.22 -8.28
N TYR G 141 -23.54 -32.02 -8.11
CA TYR G 141 -24.20 -30.81 -8.60
C TYR G 141 -24.79 -30.03 -7.44
N ASP G 142 -24.92 -28.71 -7.66
CA ASP G 142 -25.30 -27.80 -6.57
C ASP G 142 -26.72 -28.07 -6.09
N GLY G 143 -27.68 -28.12 -7.01
CA GLY G 143 -29.07 -28.12 -6.65
C GLY G 143 -29.50 -26.75 -6.17
N PRO G 144 -30.78 -26.59 -5.82
CA PRO G 144 -31.23 -25.31 -5.31
C PRO G 144 -30.76 -25.08 -3.89
N SER G 145 -30.39 -23.83 -3.60
CA SER G 145 -30.03 -23.42 -2.24
C SER G 145 -31.09 -22.55 -1.59
N TYR G 146 -31.65 -21.60 -2.33
CA TYR G 146 -32.83 -20.86 -1.89
C TYR G 146 -34.05 -21.52 -2.52
N THR G 147 -35.10 -21.71 -1.72
CA THR G 147 -36.23 -22.51 -2.14
C THR G 147 -37.53 -21.74 -1.91
N LEU G 148 -38.64 -22.36 -2.34
CA LEU G 148 -39.95 -21.77 -2.11
C LEU G 148 -40.27 -21.69 -0.63
N ASP G 149 -39.69 -22.57 0.18
CA ASP G 149 -39.90 -22.50 1.63
C ASP G 149 -39.29 -21.23 2.22
N ASP G 150 -38.11 -20.83 1.73
CA ASP G 150 -37.48 -19.60 2.21
C ASP G 150 -38.32 -18.38 1.86
N MET G 151 -38.84 -18.33 0.64
CA MET G 151 -39.70 -17.21 0.25
C MET G 151 -41.03 -17.25 0.98
N ARG G 152 -41.53 -18.44 1.30
CA ARG G 152 -42.74 -18.55 2.11
C ARG G 152 -42.50 -18.01 3.52
N LYS G 153 -41.33 -18.29 4.08
CA LYS G 153 -40.98 -17.74 5.38
C LYS G 153 -40.85 -16.22 5.32
N TYR G 154 -40.20 -15.71 4.27
CA TYR G 154 -40.01 -14.26 4.16
C TYR G 154 -41.34 -13.53 3.95
N LEU G 155 -42.23 -14.10 3.14
CA LEU G 155 -43.52 -13.49 2.88
C LEU G 155 -44.55 -13.78 3.95
N ASN G 156 -44.27 -14.74 4.84
CA ASN G 156 -45.25 -15.20 5.84
C ASN G 156 -46.51 -15.73 5.16
N VAL G 157 -46.33 -16.41 4.02
CA VAL G 157 -47.43 -16.92 3.22
C VAL G 157 -47.34 -18.44 3.25
N TYR G 158 -48.30 -19.07 3.93
CA TYR G 158 -48.38 -20.52 4.01
C TYR G 158 -49.80 -20.96 3.70
N ASP G 159 -49.92 -22.22 3.28
CA ASP G 159 -51.19 -22.88 3.01
C ASP G 159 -51.91 -22.32 1.78
N ARG G 160 -51.22 -21.55 0.94
CA ARG G 160 -51.79 -21.08 -0.31
C ARG G 160 -50.65 -20.82 -1.27
N PRO G 161 -50.91 -20.87 -2.58
CA PRO G 161 -49.87 -20.51 -3.54
C PRO G 161 -49.49 -19.05 -3.42
N ILE G 162 -48.20 -18.76 -3.64
CA ILE G 162 -47.74 -17.38 -3.60
C ILE G 162 -48.33 -16.65 -4.80
N LEU G 163 -49.15 -15.64 -4.53
CA LEU G 163 -49.80 -14.89 -5.60
C LEU G 163 -48.82 -13.94 -6.25
N GLY G 164 -48.72 -14.02 -7.58
CA GLY G 164 -47.76 -13.22 -8.31
C GLY G 164 -48.39 -12.64 -9.55
N THR G 165 -47.63 -11.73 -10.18
CA THR G 165 -48.11 -11.06 -11.38
C THR G 165 -46.92 -10.74 -12.27
N ILE G 166 -47.21 -10.54 -13.55
CA ILE G 166 -46.24 -10.02 -14.51
C ILE G 166 -46.77 -8.67 -14.98
N ILE G 167 -45.92 -7.65 -14.92
CA ILE G 167 -46.35 -6.28 -15.21
C ILE G 167 -46.60 -6.16 -16.72
N LYS G 168 -47.86 -6.09 -17.10
CA LYS G 168 -48.19 -5.83 -18.50
C LYS G 168 -48.47 -4.35 -18.71
N PRO G 169 -48.09 -3.76 -19.85
CA PRO G 169 -47.46 -4.37 -21.05
C PRO G 169 -46.09 -4.97 -20.80
N LYS G 170 -45.69 -5.94 -21.61
CA LYS G 170 -44.40 -6.59 -21.43
C LYS G 170 -43.24 -5.61 -21.59
N MET G 171 -43.33 -4.75 -22.61
CA MET G 171 -42.33 -3.71 -22.83
C MET G 171 -43.05 -2.42 -23.19
N GLY G 172 -42.36 -1.30 -23.00
CA GLY G 172 -42.90 0.01 -23.31
C GLY G 172 -43.21 0.87 -22.12
N LEU G 173 -43.24 0.31 -20.92
CA LEU G 173 -43.44 1.11 -19.71
C LEU G 173 -42.13 1.73 -19.27
N THR G 174 -42.22 2.96 -18.75
CA THR G 174 -41.08 3.58 -18.13
C THR G 174 -40.80 2.94 -16.78
N SER G 175 -39.69 3.34 -16.15
CA SER G 175 -39.37 2.84 -14.81
C SER G 175 -40.43 3.25 -13.81
N ALA G 176 -40.93 4.50 -13.92
CA ALA G 176 -41.95 4.98 -12.99
C ALA G 176 -43.26 4.23 -13.18
N GLU G 177 -43.67 4.02 -14.43
CA GLU G 177 -44.91 3.29 -14.69
C GLU G 177 -44.80 1.84 -14.24
N TYR G 178 -43.65 1.21 -14.47
CA TYR G 178 -43.43 -0.16 -14.03
C TYR G 178 -43.50 -0.26 -12.51
N ALA G 179 -42.83 0.66 -11.81
CA ALA G 179 -42.88 0.66 -10.35
C ALA G 179 -44.30 0.92 -9.86
N GLU G 180 -45.04 1.78 -10.55
CA GLU G 180 -46.43 2.05 -10.17
C GLU G 180 -47.30 0.81 -10.32
N ALA G 181 -47.14 0.07 -11.41
CA ALA G 181 -47.90 -1.16 -11.59
C ALA G 181 -47.52 -2.21 -10.54
N ALA G 182 -46.22 -2.30 -10.23
CA ALA G 182 -45.78 -3.25 -9.20
C ALA G 182 -46.36 -2.89 -7.84
N TYR G 183 -46.37 -1.60 -7.49
CA TYR G 183 -46.98 -1.16 -6.24
C TYR G 183 -48.48 -1.44 -6.25
N ASP G 184 -49.14 -1.23 -7.39
CA ASP G 184 -50.58 -1.47 -7.48
C ASP G 184 -50.91 -2.93 -7.21
N PHE G 185 -50.11 -3.85 -7.77
CA PHE G 185 -50.32 -5.26 -7.46
C PHE G 185 -49.99 -5.58 -6.00
N TRP G 186 -48.90 -5.02 -5.49
CA TRP G 186 -48.44 -5.36 -4.14
C TRP G 186 -49.45 -4.89 -3.08
N VAL G 187 -49.88 -3.64 -3.18
CA VAL G 187 -50.82 -3.08 -2.21
C VAL G 187 -52.19 -3.71 -2.31
N GLY G 188 -52.52 -4.34 -3.44
CA GLY G 188 -53.78 -5.01 -3.63
C GLY G 188 -53.86 -6.38 -3.00
N GLY G 189 -52.80 -6.84 -2.36
CA GLY G 189 -52.75 -8.15 -1.73
C GLY G 189 -51.81 -9.13 -2.40
N GLY G 190 -51.29 -8.79 -3.58
CA GLY G 190 -50.37 -9.70 -4.26
C GLY G 190 -49.00 -9.67 -3.61
N ASP G 191 -48.34 -10.82 -3.60
CA ASP G 191 -47.06 -10.98 -2.92
C ASP G 191 -45.87 -10.86 -3.86
N PHE G 192 -46.02 -11.30 -5.11
CA PHE G 192 -44.90 -11.53 -6.00
C PHE G 192 -45.07 -10.72 -7.28
N VAL G 193 -44.02 -10.00 -7.67
CA VAL G 193 -44.00 -9.30 -8.95
C VAL G 193 -42.71 -9.63 -9.67
N ASN G 195 -40.16 -9.16 -13.25
CA ASN G 195 -39.82 -8.61 -14.54
C ASN G 195 -40.35 -9.53 -15.62
N ASP G 196 -40.89 -8.97 -16.70
CA ASP G 196 -41.10 -9.78 -17.88
C ASP G 196 -39.74 -10.26 -18.39
N GLU G 197 -39.75 -11.42 -19.04
CA GLU G 197 -38.50 -12.05 -19.43
C GLU G 197 -37.59 -11.21 -20.33
N PRO G 198 -38.06 -10.41 -21.29
CA PRO G 198 -37.13 -9.53 -22.02
C PRO G 198 -36.91 -8.17 -21.38
N GLN G 199 -37.50 -7.88 -20.23
CA GLN G 199 -37.37 -6.57 -19.63
C GLN G 199 -35.95 -6.40 -19.09
N ALA G 200 -35.26 -5.37 -19.58
CA ALA G 200 -33.84 -5.18 -19.32
C ALA G 200 -33.56 -3.68 -19.36
N ASN G 201 -32.29 -3.31 -19.54
CA ASN G 201 -31.89 -1.91 -19.57
C ASN G 201 -32.18 -1.30 -20.95
N GLN G 202 -33.48 -1.17 -21.23
CA GLN G 202 -33.93 -0.45 -22.41
C GLN G 202 -33.78 1.05 -22.19
N ASP G 203 -33.70 1.80 -23.30
CA ASP G 203 -33.43 3.23 -23.21
C ASP G 203 -34.57 4.00 -22.56
N PHE G 204 -35.82 3.61 -22.81
CA PHE G 204 -36.96 4.27 -22.20
C PHE G 204 -37.25 3.81 -20.78
N CYS G 205 -36.72 2.65 -20.38
CA CYS G 205 -36.85 2.13 -19.02
C CYS G 205 -35.48 1.71 -18.53
N PRO G 206 -34.64 2.67 -18.13
CA PRO G 206 -33.28 2.34 -17.68
C PRO G 206 -33.30 1.44 -16.45
N TYR G 207 -32.37 0.49 -16.42
CA TYR G 207 -32.41 -0.59 -15.44
C TYR G 207 -32.21 -0.06 -14.02
N ASP G 208 -31.26 0.86 -13.83
CA ASP G 208 -31.02 1.41 -12.50
C ASP G 208 -32.21 2.21 -12.00
N LYS G 209 -32.82 3.02 -12.87
CA LYS G 209 -34.02 3.76 -12.49
C LYS G 209 -35.16 2.81 -12.16
N MET G 210 -35.31 1.74 -12.95
CA MET G 210 -36.35 0.76 -12.68
C MET G 210 -36.14 0.09 -11.33
N VAL G 211 -34.89 -0.26 -11.02
CA VAL G 211 -34.59 -0.92 -9.74
C VAL G 211 -34.89 0.03 -8.57
N ARG G 212 -34.47 1.30 -8.69
CA ARG G 212 -34.72 2.25 -7.61
C ARG G 212 -36.21 2.52 -7.43
N ASN G 213 -36.94 2.69 -8.54
CA ASN G 213 -38.38 2.93 -8.44
C ASN G 213 -39.10 1.72 -7.88
N VAL G 214 -38.68 0.51 -8.26
CA VAL G 214 -39.28 -0.69 -7.71
C VAL G 214 -38.99 -0.81 -6.23
N LYS G 215 -37.79 -0.41 -5.80
CA LYS G 215 -37.47 -0.40 -4.38
C LYS G 215 -38.38 0.54 -3.61
N ALA G 216 -38.58 1.75 -4.14
CA ALA G 216 -39.47 2.71 -3.49
C ALA G 216 -40.90 2.21 -3.46
N ALA G 217 -41.38 1.62 -4.56
CA ALA G 217 -42.74 1.10 -4.60
C ALA G 217 -42.93 -0.06 -3.65
N MET G 218 -41.93 -0.94 -3.55
CA MET G 218 -42.02 -2.05 -2.61
C MET G 218 -42.01 -1.55 -1.17
N ASP G 219 -41.19 -0.54 -0.87
CA ASP G 219 -41.20 0.05 0.47
C ASP G 219 -42.57 0.63 0.80
N LYS G 220 -43.16 1.38 -0.14
CA LYS G 220 -44.48 1.96 0.09
C LYS G 220 -45.53 0.87 0.28
N ALA G 221 -45.50 -0.18 -0.54
CA ALA G 221 -46.47 -1.25 -0.43
C ALA G 221 -46.33 -2.00 0.90
N VAL G 222 -45.09 -2.23 1.34
CA VAL G 222 -44.88 -2.91 2.61
C VAL G 222 -45.38 -2.07 3.77
N LYS G 223 -45.13 -0.75 3.75
CA LYS G 223 -45.65 0.11 4.81
C LYS G 223 -47.18 0.16 4.81
N GLU G 224 -47.79 0.25 3.62
CA GLU G 224 -49.24 0.36 3.57
C GLU G 224 -49.93 -0.94 3.97
N THR G 225 -49.42 -2.08 3.51
CA THR G 225 -50.07 -3.36 3.76
C THR G 225 -49.60 -4.04 5.03
N GLY G 226 -48.41 -3.72 5.53
CA GLY G 226 -47.85 -4.45 6.63
C GLY G 226 -47.46 -5.88 6.29
N ASN G 227 -47.24 -6.17 5.00
CA ASN G 227 -46.85 -7.48 4.54
C ASN G 227 -45.63 -7.36 3.63
N LYS G 228 -44.72 -8.31 3.75
CA LYS G 228 -43.52 -8.29 2.93
C LYS G 228 -43.87 -8.59 1.46
N LYS G 229 -43.04 -8.07 0.56
CA LYS G 229 -43.26 -8.23 -0.87
C LYS G 229 -41.96 -8.67 -1.52
N VAL G 230 -42.10 -9.40 -2.62
CA VAL G 230 -40.97 -9.93 -3.38
C VAL G 230 -41.08 -9.49 -4.83
N HIS G 231 -39.98 -8.99 -5.38
CA HIS G 231 -39.88 -8.65 -6.79
C HIS G 231 -38.78 -9.49 -7.43
N SER G 232 -39.09 -10.08 -8.59
CA SER G 232 -38.12 -10.87 -9.34
C SER G 232 -37.56 -10.01 -10.47
N PHE G 233 -36.27 -9.71 -10.39
CA PHE G 233 -35.63 -8.85 -11.38
C PHE G 233 -34.98 -9.69 -12.47
N ASN G 234 -35.26 -9.34 -13.72
CA ASN G 234 -34.58 -9.98 -14.84
C ASN G 234 -33.15 -9.48 -14.92
N VAL G 235 -32.19 -10.40 -14.81
CA VAL G 235 -30.77 -10.05 -14.84
C VAL G 235 -30.09 -10.63 -16.07
N SER G 236 -30.85 -11.17 -17.02
CA SER G 236 -30.28 -11.62 -18.28
C SER G 236 -29.72 -10.44 -19.06
N ALA G 237 -28.42 -10.48 -19.34
CA ALA G 237 -27.73 -9.39 -20.01
C ALA G 237 -27.01 -9.92 -21.24
N ALA G 238 -26.26 -9.04 -21.91
CA ALA G 238 -25.49 -9.48 -23.07
C ALA G 238 -24.35 -10.39 -22.65
N ASP G 239 -23.70 -10.10 -21.53
CA ASP G 239 -22.56 -10.88 -21.05
C ASP G 239 -22.68 -11.07 -19.54
N PHE G 240 -21.68 -11.73 -18.97
CA PHE G 240 -21.67 -11.95 -17.52
C PHE G 240 -21.54 -10.64 -16.77
N ASP G 241 -20.68 -9.73 -17.25
CA ASP G 241 -20.37 -8.52 -16.51
C ASP G 241 -21.61 -7.64 -16.35
N THR G 242 -22.41 -7.51 -17.40
CA THR G 242 -23.64 -6.74 -17.29
C THR G 242 -24.64 -7.42 -16.34
N MET G 243 -24.73 -8.74 -16.40
CA MET G 243 -25.65 -9.46 -15.51
C MET G 243 -25.26 -9.28 -14.05
N ILE G 244 -23.97 -9.39 -13.74
CA ILE G 244 -23.53 -9.22 -12.37
C ILE G 244 -23.63 -7.77 -11.94
N GLU G 245 -23.42 -6.82 -12.86
CA GLU G 245 -23.62 -5.41 -12.52
C GLU G 245 -25.07 -5.13 -12.19
N ARG G 246 -26.01 -5.77 -12.91
CA ARG G 246 -27.43 -5.57 -12.62
C ARG G 246 -27.80 -6.25 -11.30
N CYS G 247 -27.23 -7.44 -11.04
CA CYS G 247 -27.46 -8.10 -9.77
C CYS G 247 -26.94 -7.26 -8.60
N GLU G 248 -25.74 -6.71 -8.74
CA GLU G 248 -25.16 -5.87 -7.70
C GLU G 248 -25.97 -4.58 -7.53
N LEU G 249 -26.50 -4.05 -8.63
CA LEU G 249 -27.38 -2.88 -8.56
C LEU G 249 -28.61 -3.20 -7.73
N ILE G 250 -29.19 -4.39 -7.92
CA ILE G 250 -30.30 -4.81 -7.08
C ILE G 250 -29.86 -4.95 -5.62
N ARG G 251 -28.68 -5.55 -5.41
CA ARG G 251 -28.18 -5.78 -4.05
C ARG G 251 -27.92 -4.48 -3.33
N ASN G 252 -27.29 -3.51 -4.00
CA ASN G 252 -26.94 -2.23 -3.41
C ASN G 252 -28.03 -1.19 -3.56
N ALA G 253 -29.28 -1.62 -3.74
CA ALA G 253 -30.40 -0.68 -3.85
C ALA G 253 -30.59 0.15 -2.58
N GLY G 254 -30.70 -0.49 -1.42
CA GLY G 254 -30.69 -1.90 -1.06
C GLY G 254 -32.00 -2.45 -0.52
N PHE G 255 -32.50 -3.51 -1.14
CA PHE G 255 -33.71 -4.16 -0.70
C PHE G 255 -33.48 -4.93 0.60
N GLU G 256 -34.57 -5.30 1.25
CA GLU G 256 -34.48 -6.27 2.32
C GLU G 256 -34.05 -7.62 1.73
N PRO G 257 -33.19 -8.37 2.42
CA PRO G 257 -32.83 -9.71 1.95
C PRO G 257 -34.04 -10.62 1.89
N GLY G 258 -34.21 -11.29 0.74
CA GLY G 258 -35.37 -12.11 0.49
C GLY G 258 -36.47 -11.41 -0.28
N SER G 259 -36.44 -10.08 -0.36
CA SER G 259 -37.47 -9.33 -1.06
C SER G 259 -37.25 -9.27 -2.58
N TYR G 260 -36.08 -9.67 -3.05
CA TYR G 260 -35.77 -9.64 -4.48
C TYR G 260 -35.31 -11.02 -4.93
N ALA G 261 -35.74 -11.40 -6.13
CA ALA G 261 -35.31 -12.63 -6.78
C ALA G 261 -34.64 -12.28 -8.10
N PHE G 262 -33.72 -13.14 -8.52
CA PHE G 262 -32.97 -12.94 -9.75
C PHE G 262 -33.61 -13.78 -10.85
N LEU G 263 -34.20 -13.12 -11.84
CA LEU G 263 -34.79 -13.79 -12.98
C LEU G 263 -33.76 -13.90 -14.10
N ILE G 264 -33.59 -15.11 -14.62
CA ILE G 264 -32.66 -15.38 -15.70
C ILE G 264 -33.39 -16.16 -16.78
N ASP G 265 -33.22 -15.73 -18.03
CA ASP G 265 -33.74 -16.47 -19.18
C ASP G 265 -32.81 -17.66 -19.40
N GLY G 266 -33.16 -18.80 -18.80
CA GLY G 266 -32.25 -19.93 -18.76
C GLY G 266 -31.94 -20.50 -20.13
N ILE G 267 -32.92 -20.44 -21.05
CA ILE G 267 -32.70 -20.97 -22.39
C ILE G 267 -31.85 -20.02 -23.22
N THR G 268 -32.34 -18.79 -23.42
CA THR G 268 -31.64 -17.83 -24.26
C THR G 268 -30.31 -17.39 -23.66
N ALA G 269 -30.34 -16.96 -22.38
CA ALA G 269 -29.09 -16.52 -21.75
C ALA G 269 -28.16 -17.69 -21.50
N GLY G 270 -28.70 -18.89 -21.30
CA GLY G 270 -27.89 -20.07 -21.19
C GLY G 270 -27.84 -20.66 -19.79
N TRP G 271 -27.45 -21.93 -19.71
CA TRP G 271 -27.34 -22.60 -18.41
C TRP G 271 -26.15 -22.10 -17.62
N MET G 272 -25.13 -21.57 -18.28
CA MET G 272 -24.00 -20.98 -17.58
C MET G 272 -24.44 -19.80 -16.72
N ALA G 273 -25.36 -18.97 -17.25
CA ALA G 273 -25.87 -17.85 -16.48
C ALA G 273 -26.63 -18.33 -15.25
N VAL G 274 -27.45 -19.37 -15.40
CA VAL G 274 -28.20 -19.91 -14.28
C VAL G 274 -27.26 -20.45 -13.21
N GLN G 275 -26.25 -21.21 -13.62
CA GLN G 275 -25.29 -21.76 -12.66
C GLN G 275 -24.49 -20.66 -11.98
N THR G 276 -24.07 -19.64 -12.74
CA THR G 276 -23.33 -18.52 -12.15
C THR G 276 -24.18 -17.77 -11.15
N LEU G 277 -25.46 -17.54 -11.46
CA LEU G 277 -26.36 -16.89 -10.52
C LEU G 277 -26.55 -17.73 -9.26
N ARG G 278 -26.69 -19.05 -9.42
CA ARG G 278 -26.86 -19.92 -8.27
C ARG G 278 -25.62 -19.92 -7.38
N ARG G 279 -24.43 -19.96 -7.97
CA ARG G 279 -23.21 -20.05 -7.17
C ARG G 279 -22.83 -18.70 -6.56
N LYS G 280 -23.00 -17.62 -7.31
CA LYS G 280 -22.68 -16.29 -6.77
C LYS G 280 -23.68 -15.86 -5.71
N TYR G 281 -24.95 -16.19 -5.88
CA TYR G 281 -26.02 -15.74 -4.99
C TYR G 281 -26.85 -16.94 -4.55
N PRO G 282 -26.28 -17.80 -3.71
CA PRO G 282 -27.06 -18.93 -3.17
C PRO G 282 -28.17 -18.51 -2.23
N ASP G 283 -28.10 -17.30 -1.68
CA ASP G 283 -29.13 -16.78 -0.77
C ASP G 283 -30.24 -16.05 -1.50
N VAL G 284 -30.20 -16.01 -2.83
CA VAL G 284 -31.20 -15.30 -3.63
C VAL G 284 -32.00 -16.32 -4.42
N PHE G 285 -33.31 -16.12 -4.47
CA PHE G 285 -34.19 -16.98 -5.26
C PHE G 285 -33.86 -16.83 -6.73
N ILE G 286 -33.38 -17.90 -7.35
CA ILE G 286 -33.03 -17.90 -8.76
C ILE G 286 -34.27 -18.27 -9.55
N HIS G 287 -34.80 -17.30 -10.29
CA HIS G 287 -36.03 -17.48 -11.07
C HIS G 287 -35.60 -17.90 -12.47
N PHE G 288 -35.81 -19.19 -12.79
CA PHE G 288 -35.50 -19.71 -14.11
C PHE G 288 -36.69 -19.43 -15.02
N HIS G 289 -36.56 -18.41 -15.88
CA HIS G 289 -37.51 -18.22 -16.97
C HIS G 289 -37.07 -19.05 -18.15
N ARG G 290 -37.99 -19.85 -18.69
CA ARG G 290 -37.68 -20.83 -19.72
C ARG G 290 -38.09 -20.37 -21.12
N ALA G 291 -38.05 -19.06 -21.37
CA ALA G 291 -38.44 -18.52 -22.68
C ALA G 291 -37.55 -19.10 -23.78
N GLY G 292 -38.19 -19.55 -24.86
CA GLY G 292 -37.51 -20.26 -25.92
C GLY G 292 -37.49 -21.77 -25.77
N HIS G 293 -38.01 -22.31 -24.66
CA HIS G 293 -37.98 -23.74 -24.40
C HIS G 293 -38.84 -24.54 -25.36
N GLY G 294 -39.80 -23.88 -26.03
CA GLY G 294 -40.86 -24.60 -26.73
C GLY G 294 -40.35 -25.50 -27.84
N SER G 295 -39.33 -25.05 -28.58
CA SER G 295 -38.75 -25.86 -29.64
C SER G 295 -38.17 -27.16 -29.10
N PHE G 296 -37.68 -27.14 -27.86
CA PHE G 296 -37.27 -28.39 -27.22
C PHE G 296 -38.48 -29.21 -26.77
N THR G 297 -39.50 -28.54 -26.22
CA THR G 297 -40.49 -29.23 -25.40
C THR G 297 -41.87 -29.35 -26.02
N ARG G 298 -42.15 -28.65 -27.11
CA ARG G 298 -43.47 -28.71 -27.71
C ARG G 298 -43.77 -30.11 -28.22
N PRO G 299 -44.95 -30.67 -27.95
CA PRO G 299 -45.28 -32.00 -28.49
C PRO G 299 -45.33 -32.04 -30.00
N GLU G 300 -45.62 -30.91 -30.65
CA GLU G 300 -45.61 -30.86 -32.11
C GLU G 300 -44.20 -31.01 -32.65
N ASN G 301 -43.18 -30.74 -31.84
CA ASN G 301 -41.79 -30.90 -32.24
C ASN G 301 -41.33 -32.32 -31.92
N PRO G 302 -41.09 -33.16 -32.93
CA PRO G 302 -40.60 -34.51 -32.65
C PRO G 302 -39.20 -34.56 -32.07
N ILE G 303 -38.40 -33.50 -32.21
CA ILE G 303 -37.02 -33.49 -31.76
C ILE G 303 -36.86 -32.46 -30.66
N GLY G 304 -36.36 -32.90 -29.51
CA GLY G 304 -36.16 -32.02 -28.36
C GLY G 304 -36.09 -32.85 -27.09
N PHE G 305 -36.53 -32.23 -25.99
CA PHE G 305 -36.67 -32.93 -24.73
C PHE G 305 -37.92 -32.44 -24.02
N SER G 306 -38.47 -33.31 -23.17
CA SER G 306 -39.72 -33.04 -22.50
C SER G 306 -39.56 -31.89 -21.49
N VAL G 307 -40.70 -31.36 -21.05
CA VAL G 307 -40.72 -30.32 -20.04
C VAL G 307 -40.18 -30.87 -18.72
N LEU G 308 -40.47 -32.14 -18.43
CA LEU G 308 -39.99 -32.75 -17.21
C LEU G 308 -38.46 -32.78 -17.15
N VAL G 309 -37.83 -33.10 -18.29
CA VAL G 309 -36.37 -33.12 -18.35
C VAL G 309 -35.80 -31.73 -18.10
N LEU G 310 -36.42 -30.70 -18.72
CA LEU G 310 -35.97 -29.33 -18.52
C LEU G 310 -36.11 -28.90 -17.06
N SER G 311 -37.23 -29.26 -16.43
CA SER G 311 -37.42 -28.93 -15.03
C SER G 311 -36.41 -29.65 -14.14
N LYS G 312 -36.14 -30.92 -14.42
CA LYS G 312 -35.16 -31.67 -13.64
C LYS G 312 -33.76 -31.08 -13.78
N PHE G 313 -33.37 -30.70 -14.99
CA PHE G 313 -32.07 -30.10 -15.17
C PHE G 313 -31.99 -28.71 -14.56
N ALA G 314 -33.10 -27.97 -14.55
CA ALA G 314 -33.13 -26.69 -13.85
C ALA G 314 -32.93 -26.88 -12.34
N ARG G 315 -33.59 -27.90 -11.77
CA ARG G 315 -33.41 -28.19 -10.36
C ARG G 315 -31.98 -28.62 -10.06
N LEU G 316 -31.39 -29.43 -10.95
CA LEU G 316 -29.99 -29.82 -10.78
C LEU G 316 -29.06 -28.62 -10.86
N ALA G 317 -29.31 -27.70 -11.79
CA ALA G 317 -28.47 -26.54 -11.98
C ALA G 317 -28.52 -25.55 -10.82
N GLY G 318 -29.52 -25.64 -9.96
CA GLY G 318 -29.61 -24.76 -8.81
C GLY G 318 -30.66 -23.68 -8.88
N ALA G 319 -31.53 -23.70 -9.90
CA ALA G 319 -32.59 -22.71 -9.99
C ALA G 319 -33.57 -22.89 -8.83
N SER G 320 -33.91 -21.78 -8.18
CA SER G 320 -34.86 -21.84 -7.07
C SER G 320 -36.27 -22.13 -7.56
N GLY G 321 -36.60 -21.72 -8.78
CA GLY G 321 -37.91 -21.99 -9.35
C GLY G 321 -37.87 -21.85 -10.84
N ILE G 322 -38.74 -22.60 -11.51
CA ILE G 322 -38.81 -22.60 -12.97
C ILE G 322 -40.28 -22.68 -13.38
N HIS G 323 -40.61 -21.99 -14.46
CA HIS G 323 -41.94 -22.09 -15.03
C HIS G 323 -42.19 -23.52 -15.51
N THR G 324 -43.37 -24.05 -15.20
CA THR G 324 -43.72 -25.42 -15.56
C THR G 324 -44.91 -25.54 -16.50
N GLY G 325 -45.71 -24.51 -16.64
CA GLY G 325 -46.85 -24.56 -17.53
C GLY G 325 -48.16 -24.71 -16.77
N THR G 326 -49.22 -24.20 -17.37
CA THR G 326 -50.55 -24.24 -16.77
C THR G 326 -51.29 -25.54 -17.05
N ALA G 327 -50.61 -26.53 -17.64
CA ALA G 327 -51.20 -27.84 -17.91
C ALA G 327 -52.37 -27.73 -18.89
N GLY G 328 -52.30 -26.76 -19.81
CA GLY G 328 -53.34 -26.52 -20.77
C GLY G 328 -54.45 -25.59 -20.30
N VAL G 329 -54.45 -25.20 -19.03
CA VAL G 329 -55.46 -24.27 -18.54
C VAL G 329 -55.23 -22.88 -19.12
N GLY G 330 -53.97 -22.46 -19.19
CA GLY G 330 -53.62 -21.16 -19.71
C GLY G 330 -53.46 -21.15 -21.22
N LYS G 331 -52.70 -20.18 -21.70
CA LYS G 331 -52.48 -19.99 -23.13
C LYS G 331 -51.29 -20.78 -23.67
N MET G 332 -50.53 -21.45 -22.81
CA MET G 332 -49.32 -22.16 -23.22
C MET G 332 -49.60 -23.66 -23.32
N GLN G 333 -49.01 -24.28 -24.35
CA GLN G 333 -49.19 -25.69 -24.61
C GLN G 333 -48.56 -26.54 -23.50
N GLY G 334 -49.14 -27.72 -23.27
CA GLY G 334 -50.46 -28.06 -23.80
C GLY G 334 -51.33 -29.05 -23.06
N SER G 335 -50.92 -29.51 -21.88
CA SER G 335 -51.65 -30.61 -21.25
C SER G 335 -51.16 -30.78 -19.82
N PRO G 336 -51.91 -31.49 -18.98
CA PRO G 336 -51.49 -31.72 -17.60
C PRO G 336 -50.42 -32.79 -17.46
N GLU G 337 -50.42 -33.77 -18.37
CA GLU G 337 -49.56 -34.95 -18.22
C GLU G 337 -48.07 -34.58 -18.25
N GLU G 338 -47.72 -33.48 -18.92
CA GLU G 338 -46.33 -33.02 -18.90
C GLU G 338 -46.08 -32.00 -17.79
N ASP G 339 -46.91 -30.95 -17.74
CA ASP G 339 -46.65 -29.84 -16.83
C ASP G 339 -46.79 -30.24 -15.37
N VAL G 340 -47.90 -30.91 -15.03
CA VAL G 340 -48.14 -31.30 -13.64
C VAL G 340 -47.11 -32.33 -13.19
N VAL G 341 -46.74 -33.25 -14.08
CA VAL G 341 -45.75 -34.27 -13.74
C VAL G 341 -44.40 -33.62 -13.48
N ALA G 342 -44.00 -32.66 -14.34
CA ALA G 342 -42.74 -31.95 -14.13
C ALA G 342 -42.76 -31.15 -12.83
N ALA G 343 -43.88 -30.48 -12.55
CA ALA G 343 -43.99 -29.69 -11.33
C ALA G 343 -43.90 -30.57 -10.08
N GLN G 344 -44.57 -31.72 -10.11
CA GLN G 344 -44.49 -32.64 -8.99
C GLN G 344 -43.08 -33.21 -8.84
N ASN G 345 -42.41 -33.50 -9.95
CA ASN G 345 -41.05 -34.05 -9.88
C ASN G 345 -40.08 -33.03 -9.30
N ILE G 346 -40.22 -31.76 -9.67
CA ILE G 346 -39.32 -30.74 -9.14
C ILE G 346 -39.67 -30.32 -7.71
N LEU G 347 -40.95 -30.38 -7.33
CA LEU G 347 -41.37 -29.98 -6.00
C LEU G 347 -41.20 -31.08 -4.95
N ARG G 348 -41.20 -32.34 -5.36
CA ARG G 348 -41.27 -33.46 -4.43
C ARG G 348 -39.89 -34.04 -4.15
N PHE G 349 -39.77 -34.67 -2.98
CA PHE G 349 -38.58 -35.44 -2.64
C PHE G 349 -38.47 -36.72 -3.48
N LYS G 350 -39.60 -37.21 -4.00
CA LYS G 350 -39.63 -38.43 -4.79
C LYS G 350 -40.90 -38.42 -5.62
N ASP G 351 -40.77 -38.70 -6.92
CA ASP G 351 -41.91 -38.67 -7.84
C ASP G 351 -41.85 -39.88 -8.75
N LYS G 352 -42.79 -39.96 -9.70
CA LYS G 352 -43.04 -41.22 -10.40
C LYS G 352 -41.89 -41.58 -11.35
N GLY G 353 -41.61 -40.75 -12.35
CA GLY G 353 -42.25 -39.58 -12.95
C GLY G 353 -42.89 -40.00 -14.26
N HIS G 354 -42.18 -39.75 -15.37
CA HIS G 354 -42.63 -40.27 -16.66
C HIS G 354 -42.23 -41.73 -16.84
N PHE G 355 -40.93 -42.02 -16.71
CA PHE G 355 -40.43 -43.39 -16.81
C PHE G 355 -39.51 -43.80 -15.67
N PHE G 356 -38.88 -42.86 -14.98
CA PHE G 356 -37.89 -43.15 -13.95
C PHE G 356 -38.42 -42.72 -12.59
N GLU G 357 -38.23 -43.58 -11.59
CA GLU G 357 -38.54 -43.23 -10.21
C GLU G 357 -37.38 -42.41 -9.67
N GLN G 358 -37.54 -41.10 -9.65
CA GLN G 358 -36.48 -40.19 -9.24
C GLN G 358 -36.66 -39.84 -7.76
N GLU G 359 -35.81 -40.41 -6.92
CA GLU G 359 -35.64 -39.94 -5.56
C GLU G 359 -34.48 -38.95 -5.55
N TRP G 360 -34.73 -37.75 -5.04
CA TRP G 360 -33.72 -36.70 -5.02
C TRP G 360 -32.84 -36.77 -3.78
N SER G 361 -32.79 -37.92 -3.12
CA SER G 361 -31.91 -38.12 -1.98
C SER G 361 -30.49 -38.43 -2.45
N LYS G 362 -29.52 -37.90 -1.72
CA LYS G 362 -28.11 -38.18 -1.97
C LYS G 362 -27.53 -39.18 -0.97
N ILE G 363 -28.40 -39.82 -0.17
CA ILE G 363 -27.98 -40.79 0.84
C ILE G 363 -28.48 -42.16 0.43
N PHE G 364 -28.24 -43.17 1.28
CA PHE G 364 -28.55 -44.56 0.95
C PHE G 364 -30.03 -44.74 0.65
N GLU G 365 -30.31 -45.73 -0.21
CA GLU G 365 -31.64 -45.88 -0.80
C GLU G 365 -32.70 -46.19 0.25
N GLY G 366 -32.39 -47.09 1.18
CA GLY G 366 -33.38 -47.50 2.17
C GLY G 366 -33.13 -46.94 3.54
N ASP G 367 -32.55 -45.74 3.61
CA ASP G 367 -32.26 -45.12 4.90
C ASP G 367 -33.56 -44.74 5.61
N LYS G 368 -33.62 -45.00 6.92
CA LYS G 368 -34.81 -44.66 7.69
C LYS G 368 -35.03 -43.15 7.72
N ASP G 369 -33.95 -42.38 7.82
CA ASP G 369 -34.07 -40.93 7.76
C ASP G 369 -34.57 -40.47 6.40
N ALA G 370 -34.19 -41.15 5.33
CA ALA G 370 -34.73 -40.83 4.01
C ALA G 370 -36.22 -41.10 3.94
N ILE G 371 -36.67 -42.20 4.55
CA ILE G 371 -38.10 -42.50 4.59
C ILE G 371 -38.86 -41.45 5.39
N THR G 372 -38.29 -41.03 6.52
CA THR G 372 -38.91 -39.98 7.32
C THR G 372 -38.98 -38.67 6.55
N ILE G 373 -37.91 -38.34 5.81
CA ILE G 373 -37.91 -37.11 5.01
C ILE G 373 -38.97 -37.19 3.91
N ALA G 374 -39.09 -38.35 3.27
CA ALA G 374 -40.12 -38.51 2.23
C ALA G 374 -41.52 -38.38 2.81
N GLN G 375 -41.76 -38.97 3.98
CA GLN G 375 -43.06 -38.84 4.63
C GLN G 375 -43.35 -37.40 5.02
N ALA G 376 -42.35 -36.69 5.53
CA ALA G 376 -42.53 -35.29 5.89
C ALA G 376 -42.80 -34.43 4.65
N ASP G 377 -42.10 -34.72 3.55
CA ASP G 377 -42.31 -33.96 2.33
C ASP G 377 -43.69 -34.21 1.75
N THR G 378 -44.18 -35.45 1.85
CA THR G 378 -45.55 -35.74 1.44
C THR G 378 -46.56 -35.01 2.31
N ALA G 379 -46.24 -34.79 3.59
CA ALA G 379 -47.10 -34.06 4.51
C ALA G 379 -46.93 -32.55 4.40
N ARG G 380 -46.13 -32.08 3.45
CA ARG G 380 -45.93 -30.66 3.16
C ARG G 380 -45.14 -29.94 4.25
N HIS G 381 -44.35 -30.65 5.03
CA HIS G 381 -43.44 -30.02 5.96
C HIS G 381 -42.14 -29.63 5.25
N VAL G 382 -41.42 -28.67 5.84
CA VAL G 382 -40.15 -28.23 5.27
C VAL G 382 -39.07 -29.25 5.61
N ILE G 383 -38.39 -29.75 4.57
CA ILE G 383 -37.36 -30.76 4.72
C ILE G 383 -36.03 -30.19 4.26
N LEU G 384 -34.96 -30.91 4.60
CA LEU G 384 -33.61 -30.61 4.13
C LEU G 384 -33.09 -29.28 4.67
N GLU G 385 -33.61 -28.83 5.80
CA GLU G 385 -33.13 -27.57 6.39
C GLU G 385 -31.84 -27.78 7.16
N ASP G 386 -31.87 -28.65 8.16
CA ASP G 386 -30.67 -29.00 8.93
C ASP G 386 -29.96 -30.23 8.36
N ASP G 387 -30.49 -30.84 7.30
CA ASP G 387 -29.94 -32.04 6.69
C ASP G 387 -29.86 -31.88 5.19
N SER G 388 -29.28 -30.77 4.74
CA SER G 388 -29.20 -30.47 3.31
C SER G 388 -28.32 -31.46 2.55
N TRP G 389 -27.43 -32.19 3.24
CA TRP G 389 -26.64 -33.20 2.56
C TRP G 389 -27.50 -34.34 2.04
N ARG G 390 -28.65 -34.59 2.68
CA ARG G 390 -29.43 -35.79 2.38
C ARG G 390 -29.99 -35.80 0.97
N GLY G 391 -30.34 -34.64 0.42
CA GLY G 391 -30.98 -34.63 -0.88
C GLY G 391 -30.96 -33.25 -1.49
N VAL G 392 -31.47 -33.19 -2.72
CA VAL G 392 -31.55 -31.93 -3.45
C VAL G 392 -32.79 -31.16 -3.00
N LYS G 393 -32.61 -29.87 -2.76
CA LYS G 393 -33.74 -29.02 -2.36
C LYS G 393 -34.75 -28.93 -3.49
N LYS G 394 -36.00 -28.68 -3.12
CA LYS G 394 -37.08 -28.63 -4.10
C LYS G 394 -36.94 -27.41 -5.00
N CYS G 395 -37.38 -27.56 -6.25
CA CYS G 395 -37.47 -26.46 -7.19
C CYS G 395 -38.92 -26.04 -7.31
N CYS G 396 -39.20 -24.78 -7.02
CA CYS G 396 -40.56 -24.29 -6.98
C CYS G 396 -41.13 -24.19 -8.39
N PRO G 397 -42.26 -24.82 -8.70
CA PRO G 397 -42.93 -24.55 -9.97
C PRO G 397 -43.50 -23.15 -9.99
N ILE G 398 -43.41 -22.50 -11.16
CA ILE G 398 -43.96 -21.16 -11.36
C ILE G 398 -44.97 -21.26 -12.48
N ILE G 399 -46.21 -20.88 -12.19
CA ILE G 399 -47.35 -21.09 -13.08
C ILE G 399 -47.72 -19.75 -13.70
N SER G 400 -47.60 -19.65 -15.02
CA SER G 400 -47.89 -18.42 -15.74
C SER G 400 -48.33 -18.75 -17.15
N GLY G 401 -48.98 -17.77 -17.78
CA GLY G 401 -49.36 -17.89 -19.18
C GLY G 401 -50.87 -17.99 -19.38
N GLY G 402 -51.49 -16.87 -19.74
CA GLY G 402 -52.92 -16.87 -20.03
C GLY G 402 -53.78 -17.18 -18.82
N LEU G 403 -53.28 -16.96 -17.61
CA LEU G 403 -53.99 -17.29 -16.39
C LEU G 403 -54.75 -16.06 -15.88
N ASN G 404 -56.01 -16.28 -15.50
CA ASN G 404 -56.81 -15.27 -14.83
C ASN G 404 -57.33 -15.88 -13.53
N PRO G 405 -57.94 -15.10 -12.64
CA PRO G 405 -58.43 -15.67 -11.37
C PRO G 405 -59.47 -16.76 -11.55
N THR G 406 -60.30 -16.67 -12.60
CA THR G 406 -61.32 -17.68 -12.84
C THR G 406 -60.71 -19.06 -13.10
N LEU G 407 -59.50 -19.11 -13.65
CA LEU G 407 -58.79 -20.36 -13.87
C LEU G 407 -57.88 -20.75 -12.71
N LEU G 408 -57.90 -19.99 -11.61
CA LEU G 408 -57.10 -20.38 -10.45
C LEU G 408 -57.61 -21.69 -9.86
N LYS G 409 -58.92 -21.82 -9.72
CA LYS G 409 -59.51 -23.06 -9.20
C LYS G 409 -59.23 -24.28 -10.08
N PRO G 410 -59.42 -24.23 -11.40
CA PRO G 410 -59.17 -25.43 -12.23
C PRO G 410 -57.73 -25.94 -12.18
N PHE G 411 -56.75 -25.04 -12.26
CA PHE G 411 -55.35 -25.49 -12.33
C PHE G 411 -54.94 -26.23 -11.08
N ILE G 412 -55.34 -25.73 -9.91
CA ILE G 412 -55.06 -26.45 -8.67
C ILE G 412 -55.75 -27.80 -8.68
N ASP G 413 -56.96 -27.87 -9.28
CA ASP G 413 -57.63 -29.15 -9.46
C ASP G 413 -56.79 -30.10 -10.31
N VAL G 414 -56.03 -29.56 -11.27
CA VAL G 414 -55.04 -30.36 -11.98
C VAL G 414 -53.71 -30.40 -11.26
N MET G 415 -53.39 -29.39 -10.45
CA MET G 415 -52.07 -29.34 -9.81
C MET G 415 -51.98 -30.31 -8.64
N GLY G 416 -53.06 -30.50 -7.91
CA GLY G 416 -53.07 -31.39 -6.76
C GLY G 416 -52.41 -30.83 -5.52
N ASN G 417 -52.03 -29.56 -5.52
CA ASN G 417 -51.38 -28.93 -4.38
C ASN G 417 -51.32 -27.42 -4.64
N ILE G 418 -50.86 -26.68 -3.64
CA ILE G 418 -50.79 -25.23 -3.74
C ILE G 418 -49.37 -24.75 -3.43
N ASP G 419 -48.38 -25.61 -3.68
CA ASP G 419 -46.97 -25.28 -3.43
C ASP G 419 -46.36 -24.78 -4.74
N PHE G 420 -46.71 -23.55 -5.11
CA PHE G 420 -46.20 -22.96 -6.34
C PHE G 420 -46.37 -21.45 -6.28
N ILE G 421 -45.65 -20.77 -7.17
CA ILE G 421 -45.83 -19.35 -7.40
C ILE G 421 -46.61 -19.19 -8.70
N THR G 422 -47.74 -18.49 -8.64
CA THR G 422 -48.59 -18.26 -9.79
C THR G 422 -48.54 -16.78 -10.14
N THR G 423 -48.20 -16.48 -11.38
CA THR G 423 -48.13 -15.10 -11.87
C THR G 423 -49.13 -14.92 -13.01
N MET G 424 -49.97 -13.89 -12.89
CA MET G 424 -50.98 -13.58 -13.90
C MET G 424 -50.75 -12.15 -14.37
N GLY G 425 -50.21 -12.00 -15.57
CA GLY G 425 -50.01 -10.68 -16.14
C GLY G 425 -51.29 -10.10 -16.70
N ALA G 426 -51.86 -10.76 -17.71
CA ALA G 426 -53.13 -10.33 -18.28
C ALA G 426 -54.30 -10.58 -17.35
N GLY G 427 -54.22 -11.60 -16.48
CA GLY G 427 -55.30 -11.89 -15.57
C GLY G 427 -55.59 -10.79 -14.57
N CYS G 428 -54.61 -9.95 -14.28
CA CYS G 428 -54.77 -8.83 -13.36
C CYS G 428 -54.74 -7.47 -14.05
N HIS G 429 -53.75 -7.24 -14.91
CA HIS G 429 -53.61 -5.93 -15.55
C HIS G 429 -54.67 -5.68 -16.61
N ALA G 430 -55.27 -6.73 -17.17
CA ALA G 430 -56.37 -6.57 -18.10
C ALA G 430 -57.72 -6.55 -17.40
N HIS G 431 -57.73 -6.58 -16.07
CA HIS G 431 -58.96 -6.41 -15.31
C HIS G 431 -59.53 -5.03 -15.59
N PRO G 432 -60.85 -4.90 -15.77
CA PRO G 432 -61.42 -3.59 -16.17
C PRO G 432 -61.25 -2.49 -15.13
N LYS G 433 -61.00 -2.83 -13.86
CA LYS G 433 -60.89 -1.84 -12.80
C LYS G 433 -59.47 -1.64 -12.32
N GLY G 434 -58.48 -1.91 -13.17
CA GLY G 434 -57.10 -1.62 -12.86
C GLY G 434 -56.34 -2.80 -12.26
N THR G 435 -55.04 -2.58 -12.09
CA THR G 435 -54.16 -3.63 -11.57
C THR G 435 -54.51 -4.01 -10.14
N THR G 436 -54.82 -3.02 -9.31
CA THR G 436 -55.18 -3.32 -7.92
C THR G 436 -56.48 -4.11 -7.85
N ALA G 437 -57.44 -3.78 -8.71
CA ALA G 437 -58.67 -4.56 -8.78
C ALA G 437 -58.41 -5.99 -9.21
N GLY G 438 -57.51 -6.18 -10.18
CA GLY G 438 -57.16 -7.52 -10.60
C GLY G 438 -56.47 -8.32 -9.50
N ALA G 439 -55.57 -7.68 -8.76
CA ALA G 439 -54.92 -8.33 -7.63
C ALA G 439 -55.93 -8.71 -6.56
N LYS G 440 -56.87 -7.81 -6.26
CA LYS G 440 -57.92 -8.12 -5.29
C LYS G 440 -58.79 -9.27 -5.75
N ALA G 441 -59.10 -9.31 -7.05
CA ALA G 441 -59.89 -10.42 -7.60
C ALA G 441 -59.13 -11.73 -7.50
N LEU G 442 -57.81 -11.71 -7.75
CA LEU G 442 -57.02 -12.92 -7.62
C LEU G 442 -56.97 -13.41 -6.18
N VAL G 443 -56.79 -12.49 -5.23
CA VAL G 443 -56.81 -12.88 -3.82
C VAL G 443 -58.18 -13.39 -3.42
N GLN G 444 -59.24 -12.81 -3.98
CA GLN G 444 -60.60 -13.28 -3.69
C GLN G 444 -60.81 -14.68 -4.22
N ALA G 445 -60.32 -14.97 -5.43
CA ALA G 445 -60.42 -16.33 -5.97
C ALA G 445 -59.62 -17.31 -5.12
N CYS G 446 -58.43 -16.92 -4.68
CA CYS G 446 -57.63 -17.78 -3.81
C CYS G 446 -58.35 -18.05 -2.49
N GLU G 447 -58.96 -17.03 -1.91
CA GLU G 447 -59.69 -17.22 -0.66
C GLU G 447 -60.94 -18.08 -0.87
N ALA G 448 -61.57 -17.94 -2.04
CA ALA G 448 -62.72 -18.80 -2.35
C ALA G 448 -62.30 -20.25 -2.47
N TYR G 449 -61.15 -20.51 -3.11
CA TYR G 449 -60.63 -21.87 -3.15
C TYR G 449 -60.28 -22.39 -1.76
N GLN G 450 -59.67 -21.54 -0.93
CA GLN G 450 -59.27 -21.96 0.42
C GLN G 450 -60.50 -22.27 1.28
N LYS G 451 -61.57 -21.51 1.12
CA LYS G 451 -62.80 -21.72 1.87
C LYS G 451 -63.76 -22.69 1.19
N GLY G 452 -63.43 -23.16 -0.02
CA GLY G 452 -64.28 -24.07 -0.74
C GLY G 452 -65.49 -23.44 -1.41
N ILE G 453 -65.59 -22.12 -1.40
CA ILE G 453 -66.72 -21.44 -2.02
C ILE G 453 -66.43 -21.27 -3.51
N ASP G 454 -67.44 -21.55 -4.34
CA ASP G 454 -67.32 -21.33 -5.77
C ASP G 454 -67.15 -19.84 -6.05
N ILE G 455 -66.41 -19.53 -7.12
CA ILE G 455 -66.09 -18.14 -7.44
C ILE G 455 -67.36 -17.36 -7.80
N LYS G 456 -68.32 -18.01 -8.45
CA LYS G 456 -69.59 -17.35 -8.75
C LYS G 456 -70.34 -16.97 -7.48
N GLU G 457 -70.38 -17.88 -6.51
CA GLU G 457 -70.99 -17.55 -5.22
C GLU G 457 -70.16 -16.52 -4.46
N TYR G 458 -68.83 -16.66 -4.51
CA TYR G 458 -67.96 -15.77 -3.74
C TYR G 458 -68.01 -14.34 -4.25
N ALA G 459 -68.19 -14.15 -5.55
CA ALA G 459 -68.17 -12.82 -6.16
C ALA G 459 -69.39 -11.98 -5.79
N LYS G 460 -70.44 -12.59 -5.23
CA LYS G 460 -71.62 -11.83 -4.85
C LYS G 460 -71.30 -10.81 -3.76
N THR G 461 -70.33 -11.11 -2.89
CA THR G 461 -69.89 -10.20 -1.84
C THR G 461 -68.53 -9.59 -2.13
N HIS G 462 -67.98 -9.82 -3.31
CA HIS G 462 -66.64 -9.33 -3.68
C HIS G 462 -66.72 -8.81 -5.12
N LYS G 463 -66.71 -7.48 -5.27
CA LYS G 463 -66.95 -6.87 -6.57
C LYS G 463 -65.83 -7.18 -7.56
N GLU G 464 -64.58 -7.17 -7.09
CA GLU G 464 -63.44 -7.39 -8.00
C GLU G 464 -63.49 -8.79 -8.61
N LEU G 465 -63.82 -9.81 -7.80
CA LEU G 465 -63.93 -11.16 -8.33
C LEU G 465 -65.05 -11.26 -9.36
N GLU G 466 -66.19 -10.63 -9.10
CA GLU G 466 -67.30 -10.66 -10.04
C GLU G 466 -66.93 -9.97 -11.36
N GLU G 467 -66.27 -8.82 -11.27
CA GLU G 467 -65.84 -8.12 -12.48
C GLU G 467 -64.82 -8.93 -13.26
N ALA G 468 -63.89 -9.59 -12.55
CA ALA G 468 -62.92 -10.44 -13.22
C ALA G 468 -63.60 -11.61 -13.92
N ILE G 469 -64.58 -12.23 -13.27
CA ILE G 469 -65.31 -13.34 -13.88
C ILE G 469 -66.06 -12.86 -15.12
N GLU G 470 -66.71 -11.70 -15.03
CA GLU G 470 -67.47 -11.17 -16.16
C GLU G 470 -66.55 -10.85 -17.33
N PHE G 471 -65.37 -10.27 -17.05
CA PHE G 471 -64.46 -9.93 -18.13
C PHE G 471 -63.80 -11.16 -18.75
N PHE G 472 -63.41 -12.13 -17.93
CA PHE G 472 -62.62 -13.26 -18.39
C PHE G 472 -63.45 -14.47 -18.80
N THR G 473 -64.77 -14.42 -18.63
CA THR G 473 -65.62 -15.50 -19.10
C THR G 473 -66.02 -15.34 -20.58
N LYS G 474 -65.59 -14.27 -21.23
CA LYS G 474 -65.87 -14.05 -22.64
C LYS G 474 -64.65 -13.50 -23.36
N THR H 7 -12.07 -72.78 -8.92
CA THR H 7 -13.38 -73.42 -8.90
C THR H 7 -13.76 -73.83 -7.48
N GLN H 8 -13.00 -74.77 -6.92
CA GLN H 8 -13.28 -75.22 -5.56
C GLN H 8 -13.04 -74.11 -4.54
N LEU H 9 -11.98 -73.32 -4.75
CA LEU H 9 -11.72 -72.20 -3.84
C LEU H 9 -12.81 -71.15 -3.93
N ILE H 10 -13.40 -70.97 -5.12
CA ILE H 10 -14.46 -69.99 -5.29
C ILE H 10 -15.68 -70.38 -4.48
N LYS H 11 -16.01 -71.68 -4.44
CA LYS H 11 -17.14 -72.14 -3.65
C LYS H 11 -16.89 -72.05 -2.15
N THR H 12 -15.63 -71.95 -1.73
CA THR H 12 -15.33 -71.77 -0.31
C THR H 12 -15.60 -70.34 0.15
N LEU H 13 -15.72 -69.39 -0.77
CA LEU H 13 -15.93 -68.00 -0.40
C LEU H 13 -17.33 -67.78 0.14
N ASN H 14 -17.43 -66.89 1.12
CA ASN H 14 -18.73 -66.47 1.63
C ASN H 14 -19.27 -65.37 0.73
N ILE H 15 -20.40 -64.77 1.11
CA ILE H 15 -21.03 -63.75 0.28
C ILE H 15 -20.17 -62.49 0.23
N HIS H 16 -19.57 -62.11 1.36
CA HIS H 16 -18.73 -60.92 1.38
C HIS H 16 -17.49 -61.08 0.52
N GLN H 17 -16.85 -62.25 0.57
CA GLN H 17 -15.60 -62.44 -0.15
C GLN H 17 -15.83 -62.54 -1.65
N LYS H 18 -17.01 -62.97 -2.08
CA LYS H 18 -17.28 -63.11 -3.51
C LYS H 18 -17.35 -61.76 -4.21
N GLY H 19 -17.67 -60.69 -3.47
CA GLY H 19 -17.74 -59.37 -4.07
C GLY H 19 -16.40 -58.77 -4.39
N TYR H 20 -15.31 -59.35 -3.88
CA TYR H 20 -13.96 -58.89 -4.14
C TYR H 20 -13.16 -59.89 -4.97
N VAL H 21 -13.83 -60.85 -5.59
CA VAL H 21 -13.17 -61.85 -6.42
C VAL H 21 -13.91 -61.92 -7.75
N ASN H 22 -13.17 -61.76 -8.84
CA ASN H 22 -13.72 -61.86 -10.20
C ASN H 22 -12.64 -62.44 -11.10
N PHE H 23 -12.66 -63.76 -11.27
CA PHE H 23 -11.71 -64.41 -12.17
C PHE H 23 -12.11 -64.26 -13.63
N ASP H 24 -13.29 -63.73 -13.91
CA ASP H 24 -13.76 -63.48 -15.27
C ASP H 24 -13.73 -61.99 -15.62
N LEU H 25 -12.81 -61.24 -15.03
CA LEU H 25 -12.63 -59.85 -15.40
C LEU H 25 -12.20 -59.78 -16.85
N PRO H 26 -12.94 -59.09 -17.73
CA PRO H 26 -12.69 -59.24 -19.17
C PRO H 26 -11.36 -58.66 -19.63
N ASN H 27 -11.03 -57.46 -19.20
CA ASN H 27 -9.78 -56.80 -19.60
C ASN H 27 -9.21 -56.09 -18.38
N PRO H 28 -8.30 -56.74 -17.64
CA PRO H 28 -7.67 -56.05 -16.51
C PRO H 28 -6.82 -54.85 -16.92
N LYS H 29 -6.37 -54.79 -18.18
CA LYS H 29 -5.59 -53.68 -18.69
C LYS H 29 -6.42 -52.69 -19.50
N ASN H 30 -7.71 -52.59 -19.22
CA ASN H 30 -8.58 -51.67 -19.96
C ASN H 30 -8.33 -50.21 -19.61
N GLY H 31 -7.54 -49.92 -18.58
CA GLY H 31 -7.28 -48.57 -18.15
C GLY H 31 -8.02 -48.16 -16.90
N GLU H 32 -9.05 -48.89 -16.50
CA GLU H 32 -9.77 -48.60 -15.27
C GLU H 32 -9.03 -49.07 -14.02
N TYR H 33 -8.12 -50.04 -14.15
CA TYR H 33 -7.55 -50.73 -13.01
C TYR H 33 -6.03 -50.58 -12.99
N LEU H 34 -5.51 -50.14 -11.85
CA LEU H 34 -4.15 -50.48 -11.48
C LEU H 34 -4.09 -51.97 -11.15
N LEU H 35 -3.02 -52.63 -11.54
CA LEU H 35 -2.89 -54.06 -11.37
C LEU H 35 -1.81 -54.35 -10.34
N ALA H 36 -2.08 -55.28 -9.42
CA ALA H 36 -1.12 -55.59 -8.38
C ALA H 36 -1.00 -57.11 -8.24
N VAL H 37 0.23 -57.60 -8.18
CA VAL H 37 0.49 -59.01 -7.93
C VAL H 37 1.08 -59.14 -6.52
N PHE H 38 0.45 -59.98 -5.70
CA PHE H 38 0.85 -60.19 -4.32
C PHE H 38 1.30 -61.63 -4.14
N HIS H 39 2.46 -61.81 -3.50
CA HIS H 39 2.79 -63.09 -2.91
C HIS H 39 2.04 -63.20 -1.59
N LEU H 40 1.10 -64.15 -1.51
CA LEU H 40 0.18 -64.24 -0.40
C LEU H 40 0.23 -65.64 0.19
N ILE H 41 0.50 -65.72 1.48
CA ILE H 41 0.36 -66.94 2.28
C ILE H 41 -0.52 -66.63 3.47
N SER H 42 -1.61 -67.39 3.62
CA SER H 42 -2.61 -67.10 4.62
C SER H 42 -2.08 -67.36 6.03
N GLY H 43 -2.57 -66.57 6.99
CA GLY H 43 -2.14 -66.68 8.36
C GLY H 43 -2.73 -67.85 9.14
N GLY H 44 -3.73 -68.52 8.58
CA GLY H 44 -4.31 -69.67 9.25
C GLY H 44 -5.82 -69.74 9.17
N LYS H 45 -6.33 -70.91 8.77
CA LYS H 45 -7.73 -71.29 8.65
C LYS H 45 -8.40 -70.67 7.42
N LEU H 46 -7.72 -69.82 6.67
CA LEU H 46 -8.23 -69.29 5.41
C LEU H 46 -7.38 -69.83 4.26
N ASN H 47 -8.04 -70.20 3.17
CA ASN H 47 -7.29 -70.63 2.00
C ASN H 47 -6.74 -69.40 1.28
N ILE H 48 -6.11 -69.64 0.12
CA ILE H 48 -5.46 -68.56 -0.61
C ILE H 48 -6.49 -67.57 -1.13
N LEU H 49 -7.61 -68.06 -1.66
CA LEU H 49 -8.58 -67.17 -2.29
C LEU H 49 -9.34 -66.35 -1.26
N GLN H 50 -9.69 -66.95 -0.13
CA GLN H 50 -10.36 -66.19 0.93
C GLN H 50 -9.47 -65.10 1.47
N ALA H 51 -8.20 -65.42 1.72
CA ALA H 51 -7.24 -64.42 2.19
C ALA H 51 -7.05 -63.31 1.16
N ALA H 52 -6.99 -63.69 -0.12
CA ALA H 52 -6.87 -62.69 -1.18
C ALA H 52 -8.09 -61.79 -1.23
N ALA H 53 -9.28 -62.36 -1.04
CA ALA H 53 -10.50 -61.55 -1.01
C ALA H 53 -10.51 -60.58 0.16
N GLU H 54 -10.07 -61.05 1.34
CA GLU H 54 -9.96 -60.15 2.49
C GLU H 54 -8.95 -59.05 2.24
N VAL H 55 -7.83 -59.38 1.59
CA VAL H 55 -6.83 -58.37 1.26
C VAL H 55 -7.39 -57.33 0.30
N ALA H 56 -8.12 -57.78 -0.72
CA ALA H 56 -8.71 -56.87 -1.69
C ALA H 56 -9.76 -55.97 -1.03
N ALA H 57 -10.58 -56.54 -0.15
CA ALA H 57 -11.58 -55.75 0.55
C ALA H 57 -10.92 -54.71 1.46
N GLU H 58 -9.96 -55.14 2.27
CA GLU H 58 -9.27 -54.22 3.18
C GLU H 58 -8.46 -53.17 2.43
N SER H 59 -8.07 -53.44 1.19
CA SER H 59 -7.26 -52.49 0.44
C SER H 59 -8.06 -51.66 -0.55
N SER H 60 -9.34 -51.95 -0.78
CA SER H 60 -10.15 -51.11 -1.67
C SER H 60 -11.32 -50.45 -0.97
N THR H 61 -12.29 -51.22 -0.46
CA THR H 61 -13.53 -50.62 0.04
C THR H 61 -14.11 -51.28 1.28
N GLY H 62 -13.69 -52.49 1.65
CA GLY H 62 -14.43 -53.30 2.59
C GLY H 62 -13.69 -53.60 3.88
N THR H 63 -14.36 -54.37 4.72
CA THR H 63 -13.86 -54.78 6.02
C THR H 63 -14.08 -56.30 6.09
N ASN H 64 -13.91 -56.90 7.27
CA ASN H 64 -14.10 -58.33 7.40
C ASN H 64 -15.55 -58.79 7.22
N PHE H 65 -16.52 -57.87 7.21
CA PHE H 65 -17.92 -58.20 7.01
C PHE H 65 -18.52 -57.30 5.93
N ASN H 66 -19.75 -57.64 5.52
CA ASN H 66 -20.54 -56.76 4.69
C ASN H 66 -21.25 -55.74 5.59
N VAL H 67 -21.11 -54.48 5.26
CA VAL H 67 -21.75 -53.41 6.03
C VAL H 67 -23.03 -52.99 5.32
N ASN H 68 -24.04 -52.61 6.12
CA ASN H 68 -25.33 -52.22 5.58
C ASN H 68 -25.30 -50.88 4.85
N THR H 69 -24.22 -50.10 5.00
CA THR H 69 -24.08 -48.85 4.27
C THR H 69 -23.54 -49.06 2.85
N GLU H 70 -23.28 -50.30 2.45
CA GLU H 70 -22.73 -50.57 1.13
C GLU H 70 -23.75 -50.26 0.05
N THR H 71 -23.37 -49.39 -0.87
CA THR H 71 -24.20 -49.03 -2.02
C THR H 71 -23.75 -49.83 -3.24
N PRO H 72 -24.61 -49.91 -4.27
CA PRO H 72 -24.17 -50.52 -5.53
C PRO H 72 -23.01 -49.76 -6.17
N PHE H 73 -22.96 -48.44 -5.99
CA PHE H 73 -21.82 -47.66 -6.47
C PHE H 73 -20.54 -48.05 -5.74
N SER H 74 -20.64 -48.35 -4.44
CA SER H 74 -19.48 -48.74 -3.66
C SER H 74 -18.89 -50.06 -4.16
N LYS H 75 -19.75 -51.00 -4.59
CA LYS H 75 -19.27 -52.26 -5.10
C LYS H 75 -18.50 -52.09 -6.41
N GLU H 76 -18.78 -51.02 -7.16
CA GLU H 76 -18.02 -50.77 -8.38
C GLU H 76 -16.56 -50.40 -8.07
N MET H 77 -16.31 -49.84 -6.91
CA MET H 77 -14.95 -49.52 -6.48
C MET H 77 -14.26 -50.68 -5.80
N ASN H 78 -14.91 -51.85 -5.74
CA ASN H 78 -14.30 -53.03 -5.14
C ASN H 78 -13.06 -53.46 -5.93
N ALA H 79 -11.97 -53.72 -5.19
CA ALA H 79 -10.86 -54.44 -5.79
C ALA H 79 -11.24 -55.91 -5.94
N VAL H 80 -10.84 -56.51 -7.06
CA VAL H 80 -11.21 -57.88 -7.37
C VAL H 80 -9.95 -58.69 -7.64
N VAL H 81 -9.90 -59.87 -7.02
CA VAL H 81 -8.89 -60.86 -7.38
C VAL H 81 -9.31 -61.51 -8.68
N TYR H 82 -8.50 -61.36 -9.72
CA TYR H 82 -8.84 -61.82 -11.05
C TYR H 82 -7.95 -62.94 -11.56
N GLN H 83 -6.98 -63.39 -10.76
CA GLN H 83 -6.08 -64.44 -11.19
C GLN H 83 -5.33 -64.95 -9.97
N ILE H 84 -5.07 -66.26 -9.92
CA ILE H 84 -4.30 -66.84 -8.84
C ILE H 84 -3.41 -67.95 -9.40
N ASP H 85 -2.14 -67.92 -9.00
CA ASP H 85 -1.21 -69.01 -9.20
C ASP H 85 -1.10 -69.74 -7.87
N LEU H 86 -1.61 -70.98 -7.83
CA LEU H 86 -1.67 -71.73 -6.59
C LEU H 86 -0.30 -72.25 -6.18
N ASP H 87 0.52 -72.68 -7.14
CA ASP H 87 1.84 -73.21 -6.82
C ASP H 87 2.74 -72.12 -6.23
N GLN H 88 2.71 -70.92 -6.81
CA GLN H 88 3.55 -69.82 -6.36
C GLN H 88 2.90 -68.97 -5.29
N ASN H 89 1.62 -69.20 -4.98
CA ASN H 89 0.88 -68.38 -4.01
C ASN H 89 0.83 -66.92 -4.45
N LEU H 90 0.48 -66.71 -5.72
CA LEU H 90 0.41 -65.38 -6.30
C LEU H 90 -1.04 -65.02 -6.55
N VAL H 91 -1.43 -63.81 -6.18
CA VAL H 91 -2.79 -63.31 -6.36
C VAL H 91 -2.73 -61.99 -7.11
N TRP H 92 -3.50 -61.88 -8.19
CA TRP H 92 -3.62 -60.65 -8.95
C TRP H 92 -4.88 -59.92 -8.51
N ILE H 93 -4.76 -58.62 -8.24
CA ILE H 93 -5.86 -57.80 -7.78
C ILE H 93 -5.92 -56.57 -8.66
N ALA H 94 -7.11 -56.26 -9.16
CA ALA H 94 -7.35 -55.07 -9.96
C ALA H 94 -8.00 -54.01 -9.08
N TYR H 95 -7.27 -52.93 -8.82
CA TYR H 95 -7.78 -51.82 -8.04
C TYR H 95 -8.27 -50.75 -8.99
N PRO H 96 -9.56 -50.41 -9.00
CA PRO H 96 -10.00 -49.23 -9.76
C PRO H 96 -9.31 -47.98 -9.22
N TRP H 97 -8.60 -47.28 -10.10
CA TRP H 97 -7.81 -46.14 -9.63
C TRP H 97 -8.68 -44.92 -9.33
N ARG H 98 -9.99 -45.01 -9.61
CA ARG H 98 -10.96 -44.07 -9.05
C ARG H 98 -10.91 -44.03 -7.53
N LEU H 99 -10.55 -45.15 -6.89
CA LEU H 99 -10.37 -45.18 -5.44
C LEU H 99 -9.33 -44.17 -4.97
N PHE H 100 -8.27 -43.96 -5.75
CA PHE H 100 -7.13 -43.20 -5.29
C PHE H 100 -7.45 -41.71 -5.24
N ASP H 101 -6.80 -41.02 -4.30
CA ASP H 101 -7.00 -39.58 -4.14
C ASP H 101 -6.57 -38.84 -5.41
N ARG H 102 -7.33 -37.81 -5.77
CA ARG H 102 -7.05 -37.08 -6.98
C ARG H 102 -5.87 -36.12 -6.76
N GLY H 103 -5.35 -35.59 -7.86
CA GLY H 103 -4.20 -34.71 -7.79
C GLY H 103 -2.86 -35.40 -7.71
N GLY H 104 -2.76 -36.64 -8.18
CA GLY H 104 -1.51 -37.36 -8.17
C GLY H 104 -0.97 -37.70 -6.79
N ASN H 105 -1.84 -38.20 -5.91
CA ASN H 105 -1.45 -38.55 -4.55
C ASN H 105 -0.95 -39.99 -4.55
N VAL H 106 0.36 -40.15 -4.39
CA VAL H 106 0.97 -41.49 -4.38
C VAL H 106 0.85 -42.15 -3.02
N GLN H 107 0.96 -41.37 -1.94
CA GLN H 107 0.82 -41.94 -0.60
C GLN H 107 -0.57 -42.53 -0.38
N ASN H 108 -1.58 -41.97 -1.04
CA ASN H 108 -2.92 -42.56 -0.97
C ASN H 108 -2.94 -43.94 -1.61
N ILE H 109 -2.23 -44.10 -2.73
CA ILE H 109 -2.12 -45.41 -3.37
C ILE H 109 -1.43 -46.40 -2.43
N LEU H 110 -0.33 -45.96 -1.82
CA LEU H 110 0.38 -46.84 -0.90
C LEU H 110 -0.46 -47.19 0.32
N THR H 111 -1.26 -46.24 0.81
CA THR H 111 -2.17 -46.51 1.91
C THR H 111 -3.22 -47.54 1.52
N TYR H 112 -3.72 -47.46 0.28
CA TYR H 112 -4.66 -48.47 -0.20
C TYR H 112 -4.00 -49.84 -0.28
N ILE H 113 -2.92 -49.97 -1.05
CA ILE H 113 -2.46 -51.28 -1.48
C ILE H 113 -1.42 -51.87 -0.55
N VAL H 114 -0.59 -51.03 0.08
CA VAL H 114 0.43 -51.54 0.99
C VAL H 114 0.24 -50.90 2.36
N GLY H 115 -1.02 -50.60 2.70
CA GLY H 115 -1.34 -49.99 3.97
C GLY H 115 -1.79 -50.99 5.03
N ASN H 116 -3.10 -51.00 5.31
CA ASN H 116 -3.64 -51.81 6.38
C ASN H 116 -3.45 -53.31 6.15
N VAL H 117 -3.36 -53.72 4.88
CA VAL H 117 -3.29 -55.14 4.55
C VAL H 117 -2.03 -55.80 5.11
N LEU H 118 -0.96 -55.01 5.27
CA LEU H 118 0.26 -55.54 5.87
C LEU H 118 0.05 -55.94 7.32
N GLY H 119 -0.86 -55.28 8.02
CA GLY H 119 -1.14 -55.61 9.40
C GLY H 119 -2.12 -56.74 9.62
N MET H 120 -2.78 -57.21 8.56
CA MET H 120 -3.83 -58.20 8.71
C MET H 120 -3.25 -59.54 9.14
N LYS H 121 -3.79 -60.09 10.24
CA LYS H 121 -3.32 -61.38 10.74
C LYS H 121 -3.82 -62.55 9.89
N GLU H 122 -4.77 -62.31 8.99
CA GLU H 122 -5.25 -63.38 8.12
C GLU H 122 -4.18 -63.84 7.13
N VAL H 123 -3.19 -63.01 6.85
CA VAL H 123 -2.10 -63.35 5.95
C VAL H 123 -0.83 -63.50 6.78
N SER H 124 -0.09 -64.59 6.51
CA SER H 124 1.23 -64.77 7.11
C SER H 124 2.33 -64.18 6.25
N ALA H 125 2.09 -64.07 4.94
CA ALA H 125 3.02 -63.38 4.04
C ALA H 125 2.20 -62.60 3.03
N LEU H 126 2.55 -61.32 2.84
CA LEU H 126 1.83 -60.48 1.89
C LEU H 126 2.85 -59.48 1.32
N LYS H 127 3.41 -59.81 0.15
CA LYS H 127 4.44 -58.98 -0.47
C LYS H 127 3.97 -58.54 -1.85
N LEU H 128 3.83 -57.23 -2.04
CA LEU H 128 3.44 -56.68 -3.33
C LEU H 128 4.63 -56.74 -4.28
N LEU H 129 4.64 -57.76 -5.14
CA LEU H 129 5.78 -57.99 -6.02
C LEU H 129 5.84 -56.97 -7.15
N ASP H 130 4.70 -56.66 -7.77
CA ASP H 130 4.71 -55.80 -8.95
C ASP H 130 3.36 -55.11 -9.09
N VAL H 131 3.38 -53.94 -9.73
CA VAL H 131 2.19 -53.19 -10.04
C VAL H 131 2.23 -52.79 -11.50
N TRP H 132 1.05 -52.56 -12.09
CA TRP H 132 0.92 -52.11 -13.46
C TRP H 132 0.02 -50.88 -13.50
N PHE H 133 0.58 -49.77 -13.99
CA PHE H 133 -0.19 -48.53 -14.11
C PHE H 133 -0.75 -48.42 -15.51
N PRO H 134 -2.07 -48.29 -15.68
CA PRO H 134 -2.62 -48.02 -17.01
C PRO H 134 -2.23 -46.63 -17.47
N PRO H 135 -2.22 -46.38 -18.78
CA PRO H 135 -1.91 -45.01 -19.27
C PRO H 135 -2.88 -43.96 -18.76
N ALA H 136 -4.16 -44.32 -18.63
CA ALA H 136 -5.14 -43.37 -18.09
C ALA H 136 -4.82 -43.02 -16.65
N MET H 137 -4.34 -43.99 -15.87
CA MET H 137 -3.91 -43.68 -14.51
C MET H 137 -2.59 -42.91 -14.51
N LEU H 138 -1.67 -43.26 -15.42
CA LEU H 138 -0.39 -42.57 -15.49
C LEU H 138 -0.54 -41.10 -15.86
N GLU H 139 -1.60 -40.76 -16.59
CA GLU H 139 -1.88 -39.36 -16.91
C GLU H 139 -2.14 -38.53 -15.65
N GLN H 140 -2.67 -39.15 -14.59
CA GLN H 140 -3.03 -38.43 -13.38
C GLN H 140 -1.85 -38.02 -12.52
N TYR H 141 -0.64 -38.51 -12.83
CA TYR H 141 0.49 -38.34 -11.92
C TYR H 141 1.62 -37.58 -12.59
N ASP H 142 2.42 -36.90 -11.77
CA ASP H 142 3.41 -35.96 -12.29
C ASP H 142 4.52 -36.67 -13.06
N GLY H 143 5.11 -37.70 -12.46
CA GLY H 143 6.28 -38.32 -13.02
C GLY H 143 7.49 -37.42 -12.84
N PRO H 144 8.66 -37.89 -13.25
CA PRO H 144 9.87 -37.05 -13.15
C PRO H 144 9.81 -35.90 -14.14
N SER H 145 10.36 -34.76 -13.73
CA SER H 145 10.52 -33.61 -14.60
C SER H 145 11.97 -33.32 -14.94
N TYR H 146 12.85 -33.30 -13.95
CA TYR H 146 14.29 -33.26 -14.15
C TYR H 146 14.80 -34.71 -14.16
N THR H 147 15.63 -35.04 -15.14
CA THR H 147 16.00 -36.43 -15.38
C THR H 147 17.52 -36.57 -15.41
N LEU H 148 17.96 -37.81 -15.55
CA LEU H 148 19.40 -38.09 -15.65
C LEU H 148 19.99 -37.49 -16.91
N ASP H 149 19.19 -37.34 -17.97
CA ASP H 149 19.69 -36.70 -19.18
C ASP H 149 19.96 -35.22 -18.96
N ASP H 150 19.13 -34.55 -18.15
CA ASP H 150 19.37 -33.15 -17.83
C ASP H 150 20.68 -32.98 -17.07
N MET H 151 20.94 -33.84 -16.09
CA MET H 151 22.20 -33.76 -15.36
C MET H 151 23.37 -34.18 -16.22
N ARG H 152 23.16 -35.09 -17.16
CA ARG H 152 24.21 -35.45 -18.11
C ARG H 152 24.56 -34.26 -18.99
N LYS H 153 23.55 -33.51 -19.43
CA LYS H 153 23.80 -32.32 -20.23
C LYS H 153 24.51 -31.24 -19.42
N TYR H 154 24.09 -31.04 -18.17
CA TYR H 154 24.74 -30.04 -17.32
C TYR H 154 26.19 -30.41 -17.02
N LEU H 155 26.45 -31.68 -16.73
CA LEU H 155 27.79 -32.14 -16.41
C LEU H 155 28.65 -32.40 -17.65
N ASN H 156 28.03 -32.47 -18.83
CA ASN H 156 28.73 -32.84 -20.06
C ASN H 156 29.33 -34.25 -19.93
N VAL H 157 28.61 -35.13 -19.25
CA VAL H 157 29.05 -36.50 -19.03
C VAL H 157 28.14 -37.42 -19.84
N TYR H 158 28.72 -38.12 -20.81
CA TYR H 158 27.98 -39.04 -21.66
C TYR H 158 28.80 -40.31 -21.84
N ASP H 159 28.09 -41.40 -22.11
CA ASP H 159 28.64 -42.71 -22.44
C ASP H 159 29.31 -43.41 -21.26
N ARG H 160 29.19 -42.86 -20.05
CA ARG H 160 29.67 -43.51 -18.85
C ARG H 160 28.72 -43.16 -17.72
N PRO H 161 28.67 -43.99 -16.66
CA PRO H 161 27.86 -43.64 -15.50
C PRO H 161 28.40 -42.39 -14.82
N ILE H 162 27.49 -41.59 -14.27
CA ILE H 162 27.91 -40.41 -13.53
C ILE H 162 28.59 -40.85 -12.24
N LEU H 163 29.82 -40.41 -12.04
CA LEU H 163 30.60 -40.85 -10.90
C LEU H 163 30.31 -39.98 -9.69
N GLY H 164 29.90 -40.63 -8.60
CA GLY H 164 29.52 -39.91 -7.41
C GLY H 164 30.13 -40.54 -6.18
N THR H 165 29.95 -39.85 -5.05
CA THR H 165 30.47 -40.33 -3.79
C THR H 165 29.57 -39.85 -2.65
N ILE H 166 29.61 -40.57 -1.54
CA ILE H 166 29.02 -40.13 -0.29
C ILE H 166 30.16 -39.73 0.64
N ILE H 167 30.06 -38.55 1.23
CA ILE H 167 31.12 -38.04 2.09
C ILE H 167 31.13 -38.85 3.37
N LYS H 168 32.20 -39.62 3.59
CA LYS H 168 32.43 -40.35 4.82
C LYS H 168 33.44 -39.62 5.69
N PRO H 169 33.26 -39.57 7.02
CA PRO H 169 32.21 -40.21 7.85
C PRO H 169 30.79 -39.72 7.55
N LYS H 170 29.79 -40.54 7.85
CA LYS H 170 28.40 -40.16 7.59
C LYS H 170 28.01 -38.93 8.41
N MET H 171 28.40 -38.90 9.68
CA MET H 171 28.11 -37.76 10.55
C MET H 171 29.34 -37.50 11.40
N GLY H 172 29.47 -36.25 11.84
CA GLY H 172 30.57 -35.85 12.71
C GLY H 172 31.54 -34.88 12.07
N LEU H 173 31.49 -34.69 10.76
CA LEU H 173 32.33 -33.69 10.11
C LEU H 173 31.70 -32.31 10.24
N THR H 174 32.55 -31.30 10.38
CA THR H 174 32.07 -29.92 10.36
C THR H 174 31.73 -29.51 8.93
N SER H 175 31.17 -28.31 8.80
CA SER H 175 30.85 -27.80 7.47
C SER H 175 32.09 -27.63 6.61
N ALA H 176 33.17 -27.13 7.21
CA ALA H 176 34.42 -26.96 6.48
C ALA H 176 35.01 -28.30 6.06
N GLU H 177 34.98 -29.28 6.96
CA GLU H 177 35.50 -30.61 6.63
C GLU H 177 34.67 -31.27 5.53
N TYR H 178 33.35 -31.16 5.61
CA TYR H 178 32.49 -31.73 4.58
C TYR H 178 32.74 -31.07 3.23
N ALA H 179 32.88 -29.73 3.22
CA ALA H 179 33.18 -29.02 1.98
C ALA H 179 34.54 -29.43 1.43
N GLU H 180 35.51 -29.64 2.31
CA GLU H 180 36.84 -30.07 1.87
C GLU H 180 36.78 -31.47 1.25
N ALA H 181 36.00 -32.37 1.84
CA ALA H 181 35.86 -33.70 1.27
C ALA H 181 35.16 -33.65 -0.08
N ALA H 182 34.12 -32.82 -0.20
CA ALA H 182 33.43 -32.66 -1.47
C ALA H 182 34.35 -32.10 -2.55
N TYR H 183 35.16 -31.09 -2.19
CA TYR H 183 36.15 -30.55 -3.13
C TYR H 183 37.17 -31.61 -3.52
N ASP H 184 37.62 -32.41 -2.54
CA ASP H 184 38.62 -33.43 -2.83
C ASP H 184 38.09 -34.46 -3.82
N PHE H 185 36.83 -34.86 -3.67
CA PHE H 185 36.25 -35.75 -4.66
C PHE H 185 36.08 -35.07 -6.01
N TRP H 186 35.57 -33.84 -6.03
CA TRP H 186 35.27 -33.15 -7.29
C TRP H 186 36.54 -32.89 -8.10
N VAL H 187 37.58 -32.39 -7.45
CA VAL H 187 38.82 -32.06 -8.15
C VAL H 187 39.56 -33.32 -8.60
N GLY H 188 39.26 -34.46 -8.00
CA GLY H 188 39.83 -35.72 -8.42
C GLY H 188 39.21 -36.34 -9.65
N GLY H 189 38.19 -35.70 -10.21
CA GLY H 189 37.50 -36.20 -11.39
C GLY H 189 36.06 -36.59 -11.15
N GLY H 190 35.67 -36.80 -9.89
CA GLY H 190 34.29 -37.17 -9.61
C GLY H 190 33.33 -36.04 -9.92
N ASP H 191 32.14 -36.41 -10.38
CA ASP H 191 31.15 -35.43 -10.83
C ASP H 191 30.10 -35.10 -9.78
N PHE H 192 29.79 -36.06 -8.91
CA PHE H 192 28.58 -35.99 -8.08
C PHE H 192 28.95 -36.20 -6.61
N VAL H 193 28.47 -35.31 -5.76
CA VAL H 193 28.61 -35.50 -4.32
C VAL H 193 27.24 -35.38 -3.67
N ASN H 195 24.90 -35.43 0.05
CA ASN H 195 24.73 -35.49 1.49
C ASN H 195 24.43 -36.93 1.89
N ASP H 196 25.01 -37.39 2.98
CA ASP H 196 24.52 -38.63 3.58
C ASP H 196 23.08 -38.42 4.02
N GLU H 197 22.30 -39.50 3.98
CA GLU H 197 20.85 -39.39 4.22
C GLU H 197 20.45 -38.77 5.56
N PRO H 198 21.21 -38.90 6.66
CA PRO H 198 20.84 -38.11 7.85
C PRO H 198 21.60 -36.80 8.01
N GLN H 199 22.42 -36.39 7.04
CA GLN H 199 23.13 -35.13 7.13
C GLN H 199 22.14 -33.98 7.04
N ALA H 200 22.07 -33.19 8.11
CA ALA H 200 21.05 -32.16 8.25
C ALA H 200 21.66 -31.03 9.08
N ASN H 201 20.80 -30.17 9.66
CA ASN H 201 21.26 -29.05 10.47
C ASN H 201 21.63 -29.52 11.88
N GLN H 202 22.68 -30.32 11.94
CA GLN H 202 23.27 -30.69 13.21
C GLN H 202 24.04 -29.49 13.78
N ASP H 203 24.20 -29.49 15.12
CA ASP H 203 24.77 -28.32 15.78
C ASP H 203 26.25 -28.13 15.44
N PHE H 204 26.97 -29.21 15.16
CA PHE H 204 28.38 -29.09 14.82
C PHE H 204 28.61 -28.86 13.32
N CYS H 205 27.62 -29.18 12.49
CA CYS H 205 27.67 -28.91 11.06
C CYS H 205 26.39 -28.18 10.67
N PRO H 206 26.33 -26.87 10.93
CA PRO H 206 25.12 -26.11 10.61
C PRO H 206 24.82 -26.11 9.12
N TYR H 207 23.53 -26.19 8.79
CA TYR H 207 23.12 -26.43 7.41
C TYR H 207 23.50 -25.28 6.50
N ASP H 208 23.31 -24.04 6.95
CA ASP H 208 23.64 -22.89 6.12
C ASP H 208 25.16 -22.80 5.89
N LYS H 209 25.96 -23.07 6.92
CA LYS H 209 27.40 -23.08 6.74
C LYS H 209 27.83 -24.19 5.80
N MET H 210 27.20 -25.36 5.92
CA MET H 210 27.51 -26.47 5.01
C MET H 210 27.17 -26.10 3.57
N VAL H 211 26.02 -25.45 3.35
CA VAL H 211 25.62 -25.07 2.00
C VAL H 211 26.60 -24.06 1.42
N ARG H 212 26.98 -23.05 2.21
CA ARG H 212 27.92 -22.03 1.73
C ARG H 212 29.29 -22.63 1.45
N ASN H 213 29.78 -23.51 2.34
CA ASN H 213 31.07 -24.12 2.15
C ASN H 213 31.07 -25.05 0.94
N VAL H 214 29.96 -25.75 0.71
CA VAL H 214 29.85 -26.60 -0.47
C VAL H 214 29.82 -25.76 -1.73
N LYS H 215 29.16 -24.60 -1.68
CA LYS H 215 29.17 -23.68 -2.81
C LYS H 215 30.59 -23.22 -3.14
N ALA H 216 31.34 -22.82 -2.11
CA ALA H 216 32.72 -22.38 -2.33
C ALA H 216 33.59 -23.51 -2.85
N ALA H 217 33.44 -24.71 -2.30
CA ALA H 217 34.24 -25.85 -2.74
C ALA H 217 33.90 -26.24 -4.17
N MET H 218 32.62 -26.19 -4.54
CA MET H 218 32.22 -26.51 -5.89
C MET H 218 32.73 -25.47 -6.88
N ASP H 219 32.71 -24.20 -6.49
CA ASP H 219 33.27 -23.15 -7.34
C ASP H 219 34.76 -23.38 -7.57
N LYS H 220 35.49 -23.70 -6.49
CA LYS H 220 36.92 -23.96 -6.61
C LYS H 220 37.19 -25.18 -7.48
N ALA H 221 36.44 -26.26 -7.29
CA ALA H 221 36.66 -27.47 -8.07
C ALA H 221 36.32 -27.26 -9.53
N VAL H 222 35.26 -26.51 -9.82
CA VAL H 222 34.89 -26.23 -11.20
C VAL H 222 35.95 -25.38 -11.87
N LYS H 223 36.46 -24.37 -11.16
CA LYS H 223 37.51 -23.52 -11.75
C LYS H 223 38.79 -24.31 -11.97
N GLU H 224 39.14 -25.22 -11.05
CA GLU H 224 40.38 -25.97 -11.20
C GLU H 224 40.28 -27.01 -12.30
N THR H 225 39.19 -27.77 -12.34
CA THR H 225 39.06 -28.86 -13.30
C THR H 225 38.51 -28.42 -14.65
N GLY H 226 37.83 -27.28 -14.71
CA GLY H 226 37.15 -26.90 -15.93
C GLY H 226 35.95 -27.77 -16.26
N ASN H 227 35.40 -28.46 -15.26
CA ASN H 227 34.26 -29.34 -15.44
C ASN H 227 33.21 -29.00 -14.39
N LYS H 228 31.95 -29.05 -14.80
CA LYS H 228 30.86 -28.77 -13.86
C LYS H 228 30.73 -29.88 -12.84
N LYS H 229 30.21 -29.53 -11.67
CA LYS H 229 30.04 -30.48 -10.57
C LYS H 229 28.65 -30.34 -9.99
N VAL H 230 28.15 -31.45 -9.44
CA VAL H 230 26.81 -31.52 -8.88
C VAL H 230 26.91 -32.00 -7.44
N HIS H 231 26.16 -31.34 -6.55
CA HIS H 231 26.05 -31.76 -5.16
C HIS H 231 24.58 -31.98 -4.82
N SER H 232 24.28 -33.13 -4.22
CA SER H 232 22.92 -33.46 -3.81
C SER H 232 22.77 -33.14 -2.33
N PHE H 233 21.93 -32.17 -2.01
CA PHE H 233 21.72 -31.73 -0.64
C PHE H 233 20.54 -32.48 -0.03
N ASN H 234 20.74 -32.98 1.20
CA ASN H 234 19.65 -33.56 1.96
C ASN H 234 18.75 -32.46 2.49
N VAL H 235 17.47 -32.48 2.10
CA VAL H 235 16.52 -31.47 2.52
C VAL H 235 15.46 -32.04 3.45
N SER H 236 15.62 -33.29 3.89
CA SER H 236 14.68 -33.88 4.83
C SER H 236 14.78 -33.16 6.17
N ALA H 237 13.67 -32.57 6.60
CA ALA H 237 13.62 -31.75 7.80
C ALA H 237 12.55 -32.29 8.73
N ALA H 238 12.38 -31.61 9.87
CA ALA H 238 11.34 -32.00 10.81
C ALA H 238 9.95 -31.77 10.22
N ASP H 239 9.79 -30.70 9.44
CA ASP H 239 8.51 -30.33 8.87
C ASP H 239 8.72 -29.74 7.49
N PHE H 240 7.62 -29.36 6.84
CA PHE H 240 7.69 -28.77 5.51
C PHE H 240 8.48 -27.46 5.53
N ASP H 241 8.22 -26.61 6.54
CA ASP H 241 8.79 -25.28 6.56
C ASP H 241 10.31 -25.33 6.62
N THR H 242 10.86 -26.23 7.43
CA THR H 242 12.30 -26.38 7.49
C THR H 242 12.86 -26.91 6.18
N MET H 243 12.15 -27.86 5.54
CA MET H 243 12.61 -28.42 4.27
C MET H 243 12.66 -27.34 3.19
N ILE H 244 11.61 -26.54 3.07
CA ILE H 244 11.59 -25.49 2.06
C ILE H 244 12.57 -24.37 2.41
N GLU H 245 12.78 -24.11 3.71
CA GLU H 245 13.80 -23.15 4.10
C GLU H 245 15.19 -23.61 3.67
N ARG H 246 15.48 -24.90 3.86
CA ARG H 246 16.78 -25.43 3.45
C ARG H 246 16.89 -25.44 1.92
N CYS H 247 15.80 -25.75 1.22
CA CYS H 247 15.80 -25.71 -0.24
C CYS H 247 16.08 -24.29 -0.74
N GLU H 248 15.37 -23.31 -0.21
CA GLU H 248 15.59 -21.91 -0.60
C GLU H 248 16.99 -21.44 -0.23
N LEU H 249 17.53 -21.96 0.88
CA LEU H 249 18.91 -21.67 1.24
C LEU H 249 19.87 -22.18 0.19
N ILE H 250 19.63 -23.39 -0.32
CA ILE H 250 20.45 -23.91 -1.40
C ILE H 250 20.28 -23.06 -2.66
N ARG H 251 19.04 -22.66 -2.97
CA ARG H 251 18.77 -21.87 -4.16
C ARG H 251 19.45 -20.51 -4.10
N ASN H 252 19.37 -19.84 -2.95
CA ASN H 252 19.91 -18.50 -2.77
C ASN H 252 21.36 -18.52 -2.27
N ALA H 253 22.08 -19.60 -2.53
CA ALA H 253 23.49 -19.68 -2.13
C ALA H 253 24.35 -18.61 -2.82
N GLY H 254 24.30 -18.53 -4.16
CA GLY H 254 23.56 -19.27 -5.17
C GLY H 254 24.39 -20.11 -6.12
N PHE H 255 24.05 -21.38 -6.20
CA PHE H 255 24.73 -22.30 -7.12
C PHE H 255 24.28 -22.02 -8.55
N GLU H 256 25.01 -22.60 -9.50
CA GLU H 256 24.54 -22.63 -10.87
C GLU H 256 23.33 -23.56 -10.96
N PRO H 257 22.35 -23.23 -11.80
CA PRO H 257 21.21 -24.14 -11.99
C PRO H 257 21.65 -25.47 -12.58
N GLY H 258 21.31 -26.55 -11.88
CA GLY H 258 21.73 -27.88 -12.26
C GLY H 258 22.88 -28.43 -11.44
N SER H 259 23.60 -27.57 -10.72
CA SER H 259 24.74 -28.01 -9.91
C SER H 259 24.31 -28.60 -8.57
N TYR H 260 23.07 -28.41 -8.15
CA TYR H 260 22.59 -28.94 -6.88
C TYR H 260 21.36 -29.81 -7.10
N ALA H 261 21.31 -30.91 -6.36
CA ALA H 261 20.16 -31.80 -6.34
C ALA H 261 19.57 -31.84 -4.94
N PHE H 262 18.27 -32.06 -4.86
CA PHE H 262 17.55 -32.13 -3.59
C PHE H 262 17.42 -33.60 -3.19
N LEU H 263 18.06 -33.97 -2.09
CA LEU H 263 17.96 -35.32 -1.55
C LEU H 263 16.90 -35.35 -0.47
N ILE H 264 15.99 -36.31 -0.57
CA ILE H 264 14.90 -36.46 0.38
C ILE H 264 14.85 -37.91 0.83
N ASP H 265 14.79 -38.13 2.14
CA ASP H 265 14.65 -39.47 2.70
C ASP H 265 13.20 -39.89 2.50
N GLY H 266 12.93 -40.54 1.38
CA GLY H 266 11.56 -40.75 0.95
C GLY H 266 10.76 -41.64 1.89
N ILE H 267 11.41 -42.65 2.47
CA ILE H 267 10.70 -43.57 3.36
C ILE H 267 10.39 -42.87 4.69
N THR H 268 11.39 -42.24 5.30
CA THR H 268 11.20 -41.63 6.61
C THR H 268 10.51 -40.28 6.51
N ALA H 269 11.03 -39.38 5.67
CA ALA H 269 10.40 -38.07 5.51
C ALA H 269 9.02 -38.19 4.89
N GLY H 270 8.79 -39.22 4.08
CA GLY H 270 7.47 -39.48 3.53
C GLY H 270 7.33 -39.15 2.06
N TRP H 271 6.35 -39.78 1.42
CA TRP H 271 6.08 -39.54 0.01
C TRP H 271 5.52 -38.14 -0.22
N MET H 272 4.87 -37.55 0.78
CA MET H 272 4.41 -36.17 0.67
C MET H 272 5.56 -35.22 0.46
N ALA H 273 6.68 -35.43 1.16
CA ALA H 273 7.85 -34.59 0.97
C ALA H 273 8.42 -34.73 -0.43
N VAL H 274 8.45 -35.97 -0.95
CA VAL H 274 8.96 -36.20 -2.30
C VAL H 274 8.10 -35.48 -3.33
N GLN H 275 6.78 -35.61 -3.20
CA GLN H 275 5.88 -34.96 -4.16
C GLN H 275 5.97 -33.44 -4.04
N THR H 276 6.10 -32.92 -2.81
CA THR H 276 6.24 -31.48 -2.61
C THR H 276 7.52 -30.97 -3.26
N LEU H 277 8.63 -31.69 -3.09
CA LEU H 277 9.87 -31.30 -3.73
C LEU H 277 9.77 -31.35 -5.24
N ARG H 278 9.11 -32.39 -5.78
CA ARG H 278 8.95 -32.51 -7.22
C ARG H 278 8.12 -31.36 -7.79
N ARG H 279 7.03 -30.99 -7.10
CA ARG H 279 6.15 -29.97 -7.64
C ARG H 279 6.70 -28.56 -7.44
N LYS H 280 7.29 -28.29 -6.27
CA LYS H 280 7.84 -26.96 -6.01
C LYS H 280 9.09 -26.68 -6.84
N TYR H 281 9.90 -27.71 -7.09
CA TYR H 281 11.18 -27.55 -7.78
C TYR H 281 11.28 -28.59 -8.90
N PRO H 282 10.48 -28.45 -9.96
CA PRO H 282 10.56 -29.39 -11.08
C PRO H 282 11.86 -29.27 -11.88
N ASP H 283 12.58 -28.16 -11.74
CA ASP H 283 13.84 -27.94 -12.44
C ASP H 283 15.04 -28.46 -11.66
N VAL H 284 14.82 -29.09 -10.51
CA VAL H 284 15.89 -29.60 -9.67
C VAL H 284 15.81 -31.12 -9.63
N PHE H 285 16.97 -31.77 -9.69
CA PHE H 285 17.02 -33.22 -9.57
C PHE H 285 16.55 -33.65 -8.19
N ILE H 286 15.48 -34.42 -8.14
CA ILE H 286 14.91 -34.90 -6.89
C ILE H 286 15.55 -36.24 -6.58
N HIS H 287 16.39 -36.26 -5.54
CA HIS H 287 17.15 -37.45 -5.16
C HIS H 287 16.33 -38.19 -4.10
N PHE H 288 15.72 -39.30 -4.51
CA PHE H 288 14.96 -40.15 -3.59
C PHE H 288 15.94 -41.08 -2.89
N HIS H 289 16.25 -40.79 -1.63
CA HIS H 289 16.99 -41.72 -0.80
C HIS H 289 15.99 -42.61 -0.06
N ARG H 290 16.22 -43.92 -0.11
CA ARG H 290 15.25 -44.90 0.35
C ARG H 290 15.63 -45.52 1.69
N ALA H 291 16.28 -44.76 2.57
CA ALA H 291 16.66 -45.26 3.89
C ALA H 291 15.44 -45.72 4.68
N GLY H 292 15.52 -46.92 5.25
CA GLY H 292 14.40 -47.53 5.91
C GLY H 292 13.53 -48.40 5.02
N HIS H 293 13.83 -48.49 3.73
CA HIS H 293 13.02 -49.27 2.80
C HIS H 293 13.10 -50.77 3.07
N GLY H 294 14.13 -51.23 3.80
CA GLY H 294 14.44 -52.65 3.86
C GLY H 294 13.32 -53.49 4.44
N SER H 295 12.64 -52.98 5.48
CA SER H 295 11.50 -53.69 6.07
C SER H 295 10.40 -53.92 5.05
N PHE H 296 10.23 -53.00 4.10
CA PHE H 296 9.28 -53.23 3.03
C PHE H 296 9.82 -54.24 2.02
N THR H 297 11.11 -54.18 1.72
CA THR H 297 11.63 -54.82 0.51
C THR H 297 12.59 -55.98 0.74
N ARG H 298 13.05 -56.19 1.98
CA ARG H 298 13.98 -57.27 2.25
C ARG H 298 13.34 -58.62 1.97
N PRO H 299 14.01 -59.52 1.26
CA PRO H 299 13.43 -60.85 1.02
C PRO H 299 13.21 -61.66 2.28
N GLU H 300 13.96 -61.37 3.34
CA GLU H 300 13.72 -62.02 4.62
C GLU H 300 12.38 -61.63 5.21
N ASN H 301 11.86 -60.45 4.84
CA ASN H 301 10.59 -59.97 5.32
C ASN H 301 9.47 -60.45 4.40
N PRO H 302 8.61 -61.38 4.85
CA PRO H 302 7.52 -61.84 3.99
C PRO H 302 6.44 -60.81 3.74
N ILE H 303 6.35 -59.76 4.56
CA ILE H 303 5.30 -58.75 4.43
C ILE H 303 5.95 -57.44 4.01
N GLY H 304 5.49 -56.90 2.88
CA GLY H 304 6.01 -55.65 2.36
C GLY H 304 5.72 -55.55 0.87
N PHE H 305 6.62 -54.86 0.17
CA PHE H 305 6.56 -54.76 -1.28
C PHE H 305 7.98 -54.75 -1.83
N SER H 306 8.10 -55.17 -3.09
CA SER H 306 9.40 -55.38 -3.70
C SER H 306 10.11 -54.05 -3.95
N VAL H 307 11.40 -54.15 -4.27
CA VAL H 307 12.18 -52.97 -4.63
C VAL H 307 11.65 -52.40 -5.95
N LEU H 308 11.20 -53.27 -6.86
CA LEU H 308 10.65 -52.81 -8.13
C LEU H 308 9.41 -51.95 -7.93
N VAL H 309 8.53 -52.34 -7.02
CA VAL H 309 7.33 -51.56 -6.75
C VAL H 309 7.70 -50.20 -6.16
N LEU H 310 8.66 -50.18 -5.25
CA LEU H 310 9.11 -48.91 -4.66
C LEU H 310 9.73 -48.00 -5.70
N SER H 311 10.53 -48.56 -6.60
CA SER H 311 11.13 -47.77 -7.67
C SER H 311 10.06 -47.22 -8.61
N LYS H 312 9.07 -48.05 -8.95
CA LYS H 312 7.99 -47.60 -9.83
C LYS H 312 7.18 -46.48 -9.18
N PHE H 313 6.90 -46.59 -7.89
CA PHE H 313 6.15 -45.53 -7.22
C PHE H 313 6.99 -44.28 -7.04
N ALA H 314 8.31 -44.42 -6.86
CA ALA H 314 9.17 -43.25 -6.83
C ALA H 314 9.17 -42.53 -8.17
N ARG H 315 9.22 -43.29 -9.27
CA ARG H 315 9.13 -42.69 -10.59
C ARG H 315 7.79 -42.01 -10.82
N LEU H 316 6.71 -42.64 -10.33
CA LEU H 316 5.38 -42.04 -10.45
C LEU H 316 5.28 -40.74 -9.67
N ALA H 317 5.85 -40.71 -8.46
CA ALA H 317 5.76 -39.53 -7.60
C ALA H 317 6.54 -38.35 -8.14
N GLY H 318 7.49 -38.56 -9.04
CA GLY H 318 8.25 -37.48 -9.61
C GLY H 318 9.70 -37.41 -9.22
N ALA H 319 10.21 -38.41 -8.50
CA ALA H 319 11.62 -38.42 -8.13
C ALA H 319 12.50 -38.52 -9.37
N SER H 320 13.52 -37.67 -9.45
CA SER H 320 14.45 -37.73 -10.56
C SER H 320 15.31 -38.97 -10.51
N GLY H 321 15.69 -39.41 -9.31
CA GLY H 321 16.49 -40.61 -9.17
C GLY H 321 16.26 -41.23 -7.82
N ILE H 322 16.36 -42.56 -7.78
CA ILE H 322 16.19 -43.32 -6.54
C ILE H 322 17.26 -44.39 -6.47
N HIS H 323 17.73 -44.67 -5.26
CA HIS H 323 18.65 -45.78 -5.06
C HIS H 323 17.96 -47.09 -5.40
N THR H 324 18.68 -47.98 -6.09
CA THR H 324 18.12 -49.25 -6.51
C THR H 324 18.87 -50.46 -5.97
N GLY H 325 20.11 -50.30 -5.53
CA GLY H 325 20.86 -51.41 -4.97
C GLY H 325 21.98 -51.85 -5.89
N THR H 326 22.97 -52.49 -5.30
CA THR H 326 24.13 -53.00 -6.04
C THR H 326 23.92 -54.41 -6.57
N ALA H 327 22.72 -54.97 -6.42
CA ALA H 327 22.39 -56.30 -6.93
C ALA H 327 23.25 -57.37 -6.25
N GLY H 328 23.59 -57.15 -4.98
CA GLY H 328 24.38 -58.09 -4.22
C GLY H 328 25.87 -57.91 -4.36
N VAL H 329 26.34 -57.05 -5.25
CA VAL H 329 27.78 -56.79 -5.36
C VAL H 329 28.28 -56.02 -4.16
N GLY H 330 27.49 -55.05 -3.67
CA GLY H 330 27.86 -54.23 -2.55
C GLY H 330 27.50 -54.85 -1.22
N LYS H 331 27.28 -53.99 -0.23
CA LYS H 331 26.98 -54.41 1.12
C LYS H 331 25.48 -54.48 1.41
N MET H 332 24.63 -54.16 0.44
CA MET H 332 23.19 -54.17 0.64
C MET H 332 22.57 -55.39 -0.02
N GLN H 333 21.53 -55.91 0.61
CA GLN H 333 20.82 -57.09 0.12
C GLN H 333 20.01 -56.76 -1.14
N GLY H 334 19.86 -57.76 -2.00
CA GLY H 334 20.64 -58.98 -1.93
C GLY H 334 20.94 -59.73 -3.22
N SER H 335 20.45 -59.26 -4.36
CA SER H 335 20.49 -60.08 -5.57
C SER H 335 20.29 -59.19 -6.79
N PRO H 336 20.62 -59.69 -7.98
CA PRO H 336 20.42 -58.90 -9.21
C PRO H 336 18.97 -58.91 -9.69
N GLU H 337 18.24 -60.00 -9.41
CA GLU H 337 16.90 -60.18 -9.98
C GLU H 337 15.93 -59.11 -9.50
N GLU H 338 16.16 -58.53 -8.32
CA GLU H 338 15.32 -57.44 -7.85
C GLU H 338 15.89 -56.07 -8.26
N ASP H 339 17.16 -55.82 -7.92
CA ASP H 339 17.73 -54.49 -8.10
C ASP H 339 17.87 -54.13 -9.58
N VAL H 340 18.43 -55.04 -10.38
CA VAL H 340 18.64 -54.76 -11.80
C VAL H 340 17.31 -54.62 -12.52
N VAL H 341 16.32 -55.46 -12.15
CA VAL H 341 15.01 -55.38 -12.77
C VAL H 341 14.34 -54.05 -12.44
N ALA H 342 14.44 -53.62 -11.18
CA ALA H 342 13.87 -52.32 -10.80
C ALA H 342 14.57 -51.18 -11.52
N ALA H 343 15.91 -51.24 -11.63
CA ALA H 343 16.64 -50.19 -12.31
C ALA H 343 16.26 -50.11 -13.79
N GLN H 344 16.14 -51.27 -14.45
CA GLN H 344 15.73 -51.29 -15.84
C GLN H 344 14.31 -50.76 -16.02
N ASN H 345 13.42 -51.13 -15.10
CA ASN H 345 12.03 -50.68 -15.21
C ASN H 345 11.92 -49.17 -15.02
N ILE H 346 12.71 -48.60 -14.11
CA ILE H 346 12.64 -47.15 -13.91
C ILE H 346 13.42 -46.36 -14.96
N LEU H 347 14.46 -46.96 -15.56
CA LEU H 347 15.26 -46.28 -16.56
C LEU H 347 14.70 -46.41 -17.98
N ARG H 348 13.91 -47.45 -18.25
CA ARG H 348 13.49 -47.77 -19.60
C ARG H 348 12.09 -47.24 -19.90
N PHE H 349 11.82 -47.04 -21.18
CA PHE H 349 10.48 -46.70 -21.65
C PHE H 349 9.53 -47.88 -21.52
N LYS H 350 10.05 -49.10 -21.52
CA LYS H 350 9.22 -50.31 -21.46
C LYS H 350 10.10 -51.46 -20.99
N ASP H 351 9.63 -52.22 -20.00
CA ASP H 351 10.41 -53.29 -19.40
C ASP H 351 9.50 -54.50 -19.19
N LYS H 352 10.04 -55.55 -18.56
CA LYS H 352 9.39 -56.86 -18.60
C LYS H 352 8.12 -56.88 -17.75
N GLY H 353 8.21 -56.64 -16.44
CA GLY H 353 9.29 -56.54 -15.48
C GLY H 353 9.33 -57.83 -14.68
N HIS H 354 8.74 -57.81 -13.48
CA HIS H 354 8.57 -59.04 -12.72
C HIS H 354 7.38 -59.84 -13.24
N PHE H 355 6.20 -59.23 -13.30
CA PHE H 355 5.00 -59.88 -13.81
C PHE H 355 4.22 -59.05 -14.82
N PHE H 356 4.36 -57.73 -14.83
CA PHE H 356 3.58 -56.86 -15.69
C PHE H 356 4.48 -56.19 -16.73
N GLU H 357 4.05 -56.22 -17.98
CA GLU H 357 4.72 -55.47 -19.04
C GLU H 357 4.32 -54.02 -18.90
N GLN H 358 5.23 -53.20 -18.37
CA GLN H 358 4.94 -51.80 -18.06
C GLN H 358 5.56 -50.90 -19.12
N GLU H 359 4.72 -50.41 -20.03
CA GLU H 359 5.10 -49.31 -20.90
C GLU H 359 4.72 -48.00 -20.21
N TRP H 360 5.69 -47.10 -20.08
CA TRP H 360 5.46 -45.83 -19.41
C TRP H 360 4.95 -44.76 -20.36
N SER H 361 4.33 -45.15 -21.47
CA SER H 361 3.72 -44.21 -22.39
C SER H 361 2.32 -43.84 -21.91
N LYS H 362 1.95 -42.58 -22.11
CA LYS H 362 0.62 -42.09 -21.80
C LYS H 362 -0.26 -41.95 -23.03
N ILE H 363 0.17 -42.53 -24.16
CA ILE H 363 -0.55 -42.42 -25.43
C ILE H 363 -1.03 -43.81 -25.85
N PHE H 364 -1.61 -43.90 -27.04
CA PHE H 364 -2.19 -45.15 -27.51
C PHE H 364 -1.15 -46.27 -27.60
N GLU H 365 -1.60 -47.50 -27.38
CA GLU H 365 -0.69 -48.62 -27.21
C GLU H 365 0.12 -48.91 -28.47
N GLY H 366 -0.54 -48.88 -29.63
CA GLY H 366 0.14 -49.24 -30.87
C GLY H 366 0.53 -48.05 -31.72
N ASP H 367 0.73 -46.89 -31.09
CA ASP H 367 1.09 -45.69 -31.81
C ASP H 367 2.48 -45.84 -32.43
N LYS H 368 2.62 -45.42 -33.68
CA LYS H 368 3.91 -45.50 -34.37
C LYS H 368 4.95 -44.62 -33.69
N ASP H 369 4.54 -43.46 -33.21
CA ASP H 369 5.45 -42.59 -32.46
C ASP H 369 5.90 -43.26 -31.16
N ALA H 370 5.01 -44.01 -30.52
CA ALA H 370 5.41 -44.76 -29.32
C ALA H 370 6.44 -45.82 -29.66
N ILE H 371 6.29 -46.50 -30.79
CA ILE H 371 7.27 -47.50 -31.21
C ILE H 371 8.62 -46.84 -31.51
N THR H 372 8.59 -45.68 -32.18
CA THR H 372 9.83 -44.95 -32.44
C THR H 372 10.49 -44.49 -31.16
N ILE H 373 9.70 -44.04 -30.19
CA ILE H 373 10.26 -43.61 -28.91
C ILE H 373 10.88 -44.80 -28.17
N ALA H 374 10.22 -45.96 -28.22
CA ALA H 374 10.77 -47.15 -27.59
C ALA H 374 12.09 -47.56 -28.24
N GLN H 375 12.14 -47.52 -29.57
CA GLN H 375 13.38 -47.85 -30.27
C GLN H 375 14.49 -46.86 -29.93
N ALA H 376 14.16 -45.57 -29.85
CA ALA H 376 15.16 -44.57 -29.49
C ALA H 376 15.64 -44.76 -28.05
N ASP H 377 14.73 -45.10 -27.14
CA ASP H 377 15.11 -45.33 -25.75
C ASP H 377 16.01 -46.56 -25.62
N THR H 378 15.71 -47.61 -26.40
CA THR H 378 16.60 -48.77 -26.42
C THR H 378 17.96 -48.42 -27.00
N ALA H 379 18.01 -47.47 -27.93
CA ALA H 379 19.27 -47.02 -28.51
C ALA H 379 19.97 -45.96 -27.66
N ARG H 380 19.48 -45.70 -26.45
CA ARG H 380 20.09 -44.78 -25.49
C ARG H 380 20.02 -43.33 -25.94
N HIS H 381 19.09 -42.99 -26.83
CA HIS H 381 18.85 -41.59 -27.16
C HIS H 381 17.92 -40.95 -26.15
N VAL H 382 17.97 -39.62 -26.08
CA VAL H 382 17.10 -38.88 -25.17
C VAL H 382 15.70 -38.79 -25.76
N ILE H 383 14.71 -39.22 -24.98
CA ILE H 383 13.32 -39.24 -25.43
C ILE H 383 12.49 -38.33 -24.52
N LEU H 384 11.28 -38.02 -24.99
CA LEU H 384 10.30 -37.27 -24.21
C LEU H 384 10.76 -35.85 -23.91
N GLU H 385 11.63 -35.29 -24.76
CA GLU H 385 12.07 -33.91 -24.57
C GLU H 385 11.05 -32.93 -25.12
N ASP H 386 10.77 -33.01 -26.41
CA ASP H 386 9.75 -32.17 -27.05
C ASP H 386 8.37 -32.80 -27.02
N ASP H 387 8.25 -34.05 -26.59
CA ASP H 387 7.00 -34.79 -26.57
C ASP H 387 6.77 -35.41 -25.20
N SER H 388 6.90 -34.59 -24.15
CA SER H 388 6.76 -35.06 -22.78
C SER H 388 5.37 -35.58 -22.46
N TRP H 389 4.36 -35.22 -23.26
CA TRP H 389 3.02 -35.76 -23.03
C TRP H 389 2.97 -37.26 -23.29
N ARG H 390 3.87 -37.78 -24.12
CA ARG H 390 3.77 -39.17 -24.59
C ARG H 390 3.95 -40.18 -23.46
N GLY H 391 4.83 -39.89 -22.50
CA GLY H 391 5.11 -40.89 -21.49
C GLY H 391 5.77 -40.27 -20.27
N VAL H 392 6.05 -41.15 -19.31
CA VAL H 392 6.68 -40.72 -18.06
C VAL H 392 8.19 -40.69 -18.26
N LYS H 393 8.81 -39.60 -17.82
CA LYS H 393 10.26 -39.48 -17.92
C LYS H 393 10.95 -40.54 -17.05
N LYS H 394 12.14 -40.92 -17.47
CA LYS H 394 12.88 -41.97 -16.77
C LYS H 394 13.32 -41.49 -15.39
N CYS H 395 13.32 -42.43 -14.44
CA CYS H 395 13.86 -42.19 -13.11
C CYS H 395 15.25 -42.81 -13.05
N CYS H 396 16.24 -42.00 -12.72
CA CYS H 396 17.62 -42.45 -12.77
C CYS H 396 17.95 -43.40 -11.63
N PRO H 397 18.42 -44.60 -11.91
CA PRO H 397 18.92 -45.46 -10.83
C PRO H 397 20.16 -44.86 -10.20
N ILE H 398 20.29 -45.03 -8.89
CA ILE H 398 21.46 -44.58 -8.14
C ILE H 398 22.02 -45.78 -7.39
N ILE H 399 23.31 -46.04 -7.58
CA ILE H 399 23.94 -47.25 -7.09
C ILE H 399 24.91 -46.89 -5.98
N SER H 400 24.65 -47.39 -4.77
CA SER H 400 25.48 -47.13 -3.61
C SER H 400 25.40 -48.30 -2.65
N GLY H 401 26.37 -48.36 -1.74
CA GLY H 401 26.35 -49.36 -0.69
C GLY H 401 27.42 -50.42 -0.84
N GLY H 402 28.51 -50.28 -0.09
CA GLY H 402 29.57 -51.28 -0.13
C GLY H 402 30.31 -51.33 -1.46
N LEU H 403 30.28 -50.25 -2.23
CA LEU H 403 30.86 -50.22 -3.56
C LEU H 403 32.25 -49.58 -3.51
N ASN H 404 33.21 -50.24 -4.13
CA ASN H 404 34.56 -49.71 -4.32
C ASN H 404 34.84 -49.72 -5.82
N PRO H 405 35.95 -49.12 -6.29
CA PRO H 405 36.23 -49.14 -7.74
C PRO H 405 36.39 -50.53 -8.32
N THR H 406 36.93 -51.47 -7.54
CA THR H 406 37.13 -52.84 -8.04
C THR H 406 35.82 -53.51 -8.40
N LEU H 407 34.72 -53.11 -7.76
CA LEU H 407 33.40 -53.66 -8.05
C LEU H 407 32.63 -52.83 -9.07
N LEU H 408 33.26 -51.81 -9.67
CA LEU H 408 32.57 -51.00 -10.67
C LEU H 408 32.24 -51.84 -11.91
N LYS H 409 33.24 -52.54 -12.44
CA LYS H 409 33.01 -53.39 -13.60
C LYS H 409 32.02 -54.52 -13.36
N PRO H 410 32.08 -55.29 -12.27
CA PRO H 410 31.10 -56.38 -12.08
C PRO H 410 29.64 -55.92 -12.04
N PHE H 411 29.35 -54.81 -11.36
CA PHE H 411 27.96 -54.34 -11.28
C PHE H 411 27.42 -53.98 -12.66
N ILE H 412 28.24 -53.32 -13.48
CA ILE H 412 27.85 -53.04 -14.86
C ILE H 412 27.62 -54.35 -15.60
N ASP H 413 28.43 -55.37 -15.31
CA ASP H 413 28.21 -56.69 -15.90
C ASP H 413 26.85 -57.25 -15.51
N VAL H 414 26.35 -56.89 -14.32
CA VAL H 414 24.98 -57.22 -13.97
C VAL H 414 24.00 -56.12 -14.37
N MET H 415 24.48 -54.87 -14.53
CA MET H 415 23.57 -53.77 -14.85
C MET H 415 23.12 -53.81 -16.30
N GLY H 416 24.02 -54.16 -17.21
CA GLY H 416 23.70 -54.17 -18.62
C GLY H 416 23.69 -52.82 -19.29
N ASN H 417 24.10 -51.77 -18.59
CA ASN H 417 24.12 -50.41 -19.13
C ASN H 417 24.92 -49.54 -18.18
N ILE H 418 25.14 -48.29 -18.59
CA ILE H 418 25.92 -47.34 -17.78
C ILE H 418 25.10 -46.08 -17.57
N ASP H 419 23.78 -46.20 -17.61
CA ASP H 419 22.87 -45.06 -17.44
C ASP H 419 22.42 -45.00 -15.99
N PHE H 420 23.35 -44.62 -15.11
CA PHE H 420 23.03 -44.54 -13.68
C PHE H 420 24.02 -43.59 -13.02
N ILE H 421 23.65 -43.17 -11.81
CA ILE H 421 24.57 -42.44 -10.93
C ILE H 421 25.10 -43.44 -9.91
N THR H 422 26.42 -43.54 -9.82
CA THR H 422 27.07 -44.44 -8.87
C THR H 422 27.78 -43.59 -7.82
N THR H 423 27.52 -43.89 -6.55
CA THR H 423 28.13 -43.20 -5.42
C THR H 423 28.84 -44.20 -4.53
N MET H 424 30.11 -43.93 -4.23
CA MET H 424 30.92 -44.78 -3.36
C MET H 424 31.47 -43.92 -2.24
N GLY H 425 31.00 -44.16 -1.01
CA GLY H 425 31.50 -43.43 0.13
C GLY H 425 32.75 -44.04 0.71
N ALA H 426 32.66 -45.32 1.10
CA ALA H 426 33.81 -46.04 1.60
C ALA H 426 34.77 -46.45 0.49
N GLY H 427 34.28 -46.61 -0.74
CA GLY H 427 35.14 -46.98 -1.85
C GLY H 427 36.15 -45.93 -2.23
N CYS H 428 35.90 -44.67 -1.87
CA CYS H 428 36.80 -43.57 -2.18
C CYS H 428 37.41 -42.95 -0.94
N HIS H 429 36.64 -42.79 0.13
CA HIS H 429 37.14 -42.15 1.34
C HIS H 429 37.96 -43.10 2.20
N ALA H 430 37.77 -44.40 2.08
CA ALA H 430 38.61 -45.37 2.76
C ALA H 430 39.82 -45.76 1.94
N HIS H 431 40.02 -45.15 0.77
CA HIS H 431 41.23 -45.35 0.01
C HIS H 431 42.42 -44.86 0.82
N PRO H 432 43.54 -45.59 0.85
CA PRO H 432 44.65 -45.22 1.74
C PRO H 432 45.32 -43.88 1.40
N LYS H 433 45.14 -43.37 0.18
CA LYS H 433 45.80 -42.15 -0.25
C LYS H 433 44.86 -40.94 -0.31
N GLY H 434 43.73 -41.01 0.39
CA GLY H 434 42.84 -39.87 0.50
C GLY H 434 41.66 -39.90 -0.45
N THR H 435 40.78 -38.92 -0.26
CA THR H 435 39.55 -38.85 -1.07
C THR H 435 39.86 -38.59 -2.54
N THR H 436 40.82 -37.72 -2.82
CA THR H 436 41.17 -37.46 -4.21
C THR H 436 41.78 -38.68 -4.87
N ALA H 437 42.59 -39.43 -4.11
CA ALA H 437 43.13 -40.70 -4.63
C ALA H 437 42.02 -41.69 -4.91
N GLY H 438 41.02 -41.77 -4.03
CA GLY H 438 39.89 -42.66 -4.27
C GLY H 438 39.09 -42.26 -5.50
N ALA H 439 38.86 -40.96 -5.68
CA ALA H 439 38.15 -40.49 -6.87
C ALA H 439 38.94 -40.78 -8.12
N LYS H 440 40.26 -40.59 -8.08
CA LYS H 440 41.10 -40.90 -9.23
C LYS H 440 41.08 -42.40 -9.54
N ALA H 441 41.09 -43.23 -8.51
CA ALA H 441 41.01 -44.68 -8.72
C ALA H 441 39.66 -45.07 -9.32
N LEU H 442 38.58 -44.44 -8.86
CA LEU H 442 37.27 -44.72 -9.43
C LEU H 442 37.20 -44.31 -10.91
N VAL H 443 37.75 -43.14 -11.23
CA VAL H 443 37.77 -42.70 -12.62
C VAL H 443 38.65 -43.62 -13.47
N GLN H 444 39.74 -44.11 -12.89
CA GLN H 444 40.62 -45.04 -13.61
C GLN H 444 39.91 -46.36 -13.87
N ALA H 445 39.15 -46.86 -12.90
CA ALA H 445 38.39 -48.09 -13.10
C ALA H 445 37.31 -47.88 -14.16
N CYS H 446 36.65 -46.73 -14.15
CA CYS H 446 35.64 -46.44 -15.16
C CYS H 446 36.26 -46.36 -16.55
N GLU H 447 37.43 -45.73 -16.67
CA GLU H 447 38.11 -45.66 -17.96
C GLU H 447 38.59 -47.03 -18.41
N ALA H 448 39.01 -47.87 -17.46
CA ALA H 448 39.41 -49.23 -17.80
C ALA H 448 38.23 -50.03 -18.33
N TYR H 449 37.06 -49.87 -17.72
CA TYR H 449 35.86 -50.52 -18.23
C TYR H 449 35.49 -49.98 -19.61
N GLN H 450 35.60 -48.66 -19.80
CA GLN H 450 35.25 -48.06 -21.08
C GLN H 450 36.17 -48.53 -22.20
N LYS H 451 37.47 -48.65 -21.91
CA LYS H 451 38.45 -49.12 -22.88
C LYS H 451 38.55 -50.63 -22.94
N GLY H 452 37.85 -51.35 -22.08
CA GLY H 452 37.92 -52.80 -22.04
C GLY H 452 39.13 -53.36 -21.34
N ILE H 453 39.97 -52.52 -20.74
CA ILE H 453 41.16 -52.98 -20.04
C ILE H 453 40.77 -53.49 -18.67
N ASP H 454 41.27 -54.67 -18.31
CA ASP H 454 41.07 -55.19 -16.97
C ASP H 454 41.73 -54.28 -15.95
N ILE H 455 41.13 -54.18 -14.76
CA ILE H 455 41.60 -53.24 -13.75
C ILE H 455 42.99 -53.61 -13.26
N LYS H 456 43.31 -54.91 -13.20
CA LYS H 456 44.66 -55.32 -12.82
C LYS H 456 45.68 -54.86 -13.86
N GLU H 457 45.36 -55.01 -15.14
CA GLU H 457 46.25 -54.51 -16.19
C GLU H 457 46.28 -52.99 -16.19
N TYR H 458 45.13 -52.35 -15.99
CA TYR H 458 45.06 -50.89 -16.06
C TYR H 458 45.82 -50.23 -14.92
N ALA H 459 45.87 -50.86 -13.75
CA ALA H 459 46.51 -50.28 -12.57
C ALA H 459 48.02 -50.26 -12.65
N LYS H 460 48.62 -50.95 -13.64
CA LYS H 460 50.07 -50.94 -13.77
C LYS H 460 50.59 -49.55 -14.12
N THR H 461 49.81 -48.76 -14.85
CA THR H 461 50.16 -47.40 -15.20
C THR H 461 49.35 -46.37 -14.43
N HIS H 462 48.58 -46.79 -13.43
CA HIS H 462 47.72 -45.89 -12.66
C HIS H 462 47.82 -46.30 -11.19
N LYS H 463 48.54 -45.49 -10.40
CA LYS H 463 48.88 -45.88 -9.04
C LYS H 463 47.64 -45.92 -8.14
N GLU H 464 46.72 -44.98 -8.32
CA GLU H 464 45.53 -44.93 -7.46
C GLU H 464 44.66 -46.16 -7.64
N LEU H 465 44.49 -46.62 -8.89
CA LEU H 465 43.72 -47.84 -9.14
C LEU H 465 44.38 -49.05 -8.49
N GLU H 466 45.70 -49.16 -8.59
CA GLU H 466 46.41 -50.27 -7.98
C GLU H 466 46.29 -50.25 -6.46
N GLU H 467 46.41 -49.07 -5.85
CA GLU H 467 46.26 -48.95 -4.40
C GLU H 467 44.84 -49.30 -3.97
N ALA H 468 43.84 -48.85 -4.74
CA ALA H 468 42.46 -49.19 -4.44
C ALA H 468 42.23 -50.70 -4.53
N ILE H 469 42.78 -51.34 -5.56
CA ILE H 469 42.65 -52.79 -5.70
C ILE H 469 43.30 -53.51 -4.54
N GLU H 470 44.51 -53.07 -4.15
CA GLU H 470 45.22 -53.71 -3.05
C GLU H 470 44.45 -53.55 -1.74
N PHE H 471 43.88 -52.38 -1.49
CA PHE H 471 43.16 -52.16 -0.25
C PHE H 471 41.82 -52.89 -0.22
N PHE H 472 41.08 -52.89 -1.33
CA PHE H 472 39.72 -53.39 -1.35
C PHE H 472 39.63 -54.87 -1.76
N THR H 473 40.75 -55.51 -2.10
CA THR H 473 40.75 -56.93 -2.36
C THR H 473 40.93 -57.76 -1.11
N LYS H 474 41.10 -57.13 0.05
CA LYS H 474 41.24 -57.83 1.31
C LYS H 474 40.45 -57.14 2.41
N THR I 7 34.03 -60.97 25.42
CA THR I 7 35.48 -61.01 25.48
C THR I 7 36.05 -61.65 24.22
N GLN I 8 35.65 -62.88 23.94
CA GLN I 8 36.09 -63.55 22.72
C GLN I 8 35.57 -62.83 21.48
N LEU I 9 34.31 -62.37 21.54
CA LEU I 9 33.75 -61.62 20.42
C LEU I 9 34.48 -60.29 20.22
N ILE I 10 34.94 -59.68 21.31
CA ILE I 10 35.66 -58.42 21.21
C ILE I 10 36.99 -58.63 20.49
N LYS I 11 37.65 -59.76 20.72
CA LYS I 11 38.89 -60.06 20.03
C LYS I 11 38.68 -60.40 18.57
N THR I 12 37.45 -60.75 18.18
CA THR I 12 37.15 -61.02 16.78
C THR I 12 36.95 -59.75 15.98
N LEU I 13 36.87 -58.59 16.65
CA LEU I 13 36.62 -57.34 15.97
C LEU I 13 37.89 -56.76 15.38
N ASN I 14 37.77 -56.18 14.19
CA ASN I 14 38.88 -55.48 13.57
C ASN I 14 38.98 -54.07 14.16
N ILE I 15 39.88 -53.26 13.62
CA ILE I 15 40.09 -51.91 14.15
C ILE I 15 38.87 -51.03 13.90
N HIS I 16 38.25 -51.17 12.72
CA HIS I 16 37.09 -50.34 12.39
C HIS I 16 35.91 -50.65 13.30
N GLN I 17 35.65 -51.93 13.56
CA GLN I 17 34.51 -52.31 14.38
C GLN I 17 34.74 -51.98 15.85
N LYS I 18 36.00 -51.88 16.27
CA LYS I 18 36.31 -51.60 17.67
C LYS I 18 35.85 -50.21 18.08
N GLY I 19 35.82 -49.26 17.15
CA GLY I 19 35.41 -47.91 17.48
C GLY I 19 33.92 -47.74 17.66
N TYR I 20 33.13 -48.77 17.35
CA TYR I 20 31.68 -48.74 17.54
C TYR I 20 31.22 -49.74 18.59
N VAL I 21 32.14 -50.27 19.39
CA VAL I 21 31.82 -51.20 20.47
C VAL I 21 32.46 -50.69 21.75
N ASN I 22 31.65 -50.46 22.78
CA ASN I 22 32.14 -50.01 24.09
C ASN I 22 31.27 -50.70 25.15
N PHE I 23 31.72 -51.86 25.61
CA PHE I 23 31.01 -52.57 26.66
C PHE I 23 31.29 -51.98 28.05
N ASP I 24 32.25 -51.06 28.15
CA ASP I 24 32.54 -50.36 29.40
C ASP I 24 32.00 -48.94 29.39
N LEU I 25 30.91 -48.69 28.67
CA LEU I 25 30.27 -47.39 28.69
C LEU I 25 29.77 -47.11 30.09
N PRO I 26 30.21 -46.02 30.74
CA PRO I 26 29.93 -45.88 32.18
C PRO I 26 28.48 -45.65 32.51
N ASN I 27 27.79 -44.79 31.76
CA ASN I 27 26.40 -44.45 32.03
C ASN I 27 25.67 -44.23 30.71
N PRO I 28 25.03 -45.27 30.18
CA PRO I 28 24.23 -45.09 28.96
C PRO I 28 23.05 -44.13 29.14
N LYS I 29 22.59 -43.94 30.38
CA LYS I 29 21.48 -43.05 30.68
C LYS I 29 21.95 -41.70 31.21
N ASN I 30 23.16 -41.27 30.85
CA ASN I 30 23.70 -40.01 31.33
C ASN I 30 23.04 -38.80 30.67
N GLY I 31 22.21 -38.99 29.65
CA GLY I 31 21.58 -37.90 28.94
C GLY I 31 22.20 -37.58 27.60
N GLU I 32 23.35 -38.18 27.28
CA GLU I 32 23.98 -37.97 25.99
C GLU I 32 23.49 -38.93 24.92
N TYR I 33 22.89 -40.06 25.31
CA TYR I 33 22.63 -41.16 24.39
C TYR I 33 21.16 -41.54 24.37
N LEU I 34 20.58 -41.57 23.18
CA LEU I 34 19.42 -42.41 22.95
C LEU I 34 19.85 -43.86 23.00
N LEU I 35 19.05 -44.71 23.62
CA LEU I 35 19.40 -46.12 23.78
C LEU I 35 18.48 -46.96 22.91
N ALA I 36 19.07 -47.91 22.19
CA ALA I 36 18.31 -48.77 21.29
C ALA I 36 18.67 -50.23 21.53
N VAL I 37 17.65 -51.06 21.66
CA VAL I 37 17.83 -52.50 21.76
C VAL I 37 17.39 -53.13 20.45
N PHE I 38 18.29 -53.89 19.83
CA PHE I 38 18.05 -54.54 18.55
C PHE I 38 18.09 -56.04 18.73
N HIS I 39 17.07 -56.74 18.22
CA HIS I 39 17.20 -58.16 17.96
C HIS I 39 18.00 -58.32 16.68
N LEU I 40 19.18 -58.92 16.79
CA LEU I 40 20.14 -58.96 15.68
C LEU I 40 20.58 -60.39 15.45
N ILE I 41 20.39 -60.86 14.22
CA ILE I 41 20.95 -62.12 13.75
C ILE I 41 21.73 -61.82 12.47
N SER I 42 23.02 -62.16 12.49
CA SER I 42 23.91 -61.78 11.40
C SER I 42 23.57 -62.56 10.12
N GLY I 43 23.83 -61.92 8.98
CA GLY I 43 23.51 -62.49 7.69
C GLY I 43 24.45 -63.57 7.19
N GLY I 44 25.59 -63.76 7.85
CA GLY I 44 26.51 -64.81 7.45
C GLY I 44 27.97 -64.42 7.48
N LYS I 45 28.78 -65.24 8.14
CA LYS I 45 30.23 -65.12 8.30
C LYS I 45 30.62 -64.04 9.32
N LEU I 46 29.67 -63.28 9.86
CA LEU I 46 29.93 -62.33 10.92
C LEU I 46 29.26 -62.80 12.20
N ASN I 47 29.97 -62.72 13.31
CA ASN I 47 29.36 -63.04 14.59
C ASN I 47 28.45 -61.89 15.02
N ILE I 48 27.83 -62.05 16.19
CA ILE I 48 26.84 -61.08 16.66
C ILE I 48 27.49 -59.72 16.93
N LEU I 49 28.67 -59.72 17.54
CA LEU I 49 29.30 -58.44 17.90
C LEU I 49 29.79 -57.70 16.65
N GLN I 50 30.33 -58.43 15.67
CA GLN I 50 30.78 -57.78 14.44
C GLN I 50 29.61 -57.17 13.67
N ALA I 51 28.51 -57.91 13.57
CA ALA I 51 27.31 -57.39 12.90
C ALA I 51 26.74 -56.19 13.65
N ALA I 52 26.76 -56.25 14.99
CA ALA I 52 26.27 -55.12 15.78
C ALA I 52 27.15 -53.89 15.58
N ALA I 53 28.47 -54.08 15.50
CA ALA I 53 29.38 -52.97 15.25
C ALA I 53 29.13 -52.36 13.87
N GLU I 54 28.92 -53.21 12.86
CA GLU I 54 28.60 -52.69 11.52
C GLU I 54 27.28 -51.94 11.53
N VAL I 55 26.28 -52.45 12.25
CA VAL I 55 24.99 -51.76 12.34
C VAL I 55 25.14 -50.41 13.01
N ALA I 56 25.92 -50.35 14.11
CA ALA I 56 26.13 -49.09 14.81
C ALA I 56 26.88 -48.09 13.93
N ALA I 57 27.89 -48.55 13.19
CA ALA I 57 28.61 -47.67 12.28
C ALA I 57 27.70 -47.15 11.18
N GLU I 58 26.94 -48.04 10.53
CA GLU I 58 26.06 -47.61 9.45
C GLU I 58 24.90 -46.77 9.94
N SER I 59 24.58 -46.81 11.24
CA SER I 59 23.48 -46.03 11.77
C SER I 59 23.92 -44.78 12.53
N SER I 60 25.23 -44.58 12.75
CA SER I 60 25.68 -43.34 13.38
C SER I 60 26.60 -42.52 12.50
N THR I 61 27.79 -43.03 12.15
CA THR I 61 28.80 -42.23 11.47
C THR I 61 29.60 -42.94 10.40
N GLY I 62 29.61 -44.27 10.35
CA GLY I 62 30.60 -45.01 9.63
C GLY I 62 30.06 -45.81 8.45
N THR I 63 30.93 -46.67 7.94
CA THR I 63 30.67 -47.50 6.77
C THR I 63 31.28 -48.87 7.06
N ASN I 64 31.49 -49.67 6.03
CA ASN I 64 32.15 -50.96 6.20
C ASN I 64 33.68 -50.83 6.27
N PHE I 65 34.22 -49.62 6.30
CA PHE I 65 35.65 -49.39 6.38
C PHE I 65 35.92 -48.10 7.17
N ASN I 66 37.17 -47.97 7.62
CA ASN I 66 37.63 -46.69 8.17
C ASN I 66 38.00 -45.77 7.02
N VAL I 67 37.45 -44.57 7.01
CA VAL I 67 37.76 -43.60 5.97
C VAL I 67 38.84 -42.65 6.48
N ASN I 68 39.60 -42.08 5.54
CA ASN I 68 40.70 -41.21 5.89
C ASN I 68 40.25 -39.80 6.27
N THR I 69 38.97 -39.48 6.09
CA THR I 69 38.42 -38.20 6.52
C THR I 69 37.91 -38.24 7.95
N GLU I 70 38.11 -39.35 8.66
CA GLU I 70 37.59 -39.49 10.02
C GLU I 70 38.39 -38.61 10.97
N THR I 71 37.70 -37.71 11.66
CA THR I 71 38.30 -36.84 12.65
C THR I 71 38.07 -37.39 14.05
N PRO I 72 38.87 -36.97 15.03
CA PRO I 72 38.57 -37.36 16.42
C PRO I 72 37.22 -36.87 16.90
N PHE I 73 36.75 -35.71 16.41
CA PHE I 73 35.39 -35.27 16.72
C PHE I 73 34.35 -36.22 16.15
N SER I 74 34.63 -36.79 14.97
CA SER I 74 33.72 -37.74 14.37
C SER I 74 33.58 -39.01 15.22
N LYS I 75 34.69 -39.43 15.84
CA LYS I 75 34.64 -40.64 16.66
C LYS I 75 33.82 -40.44 17.92
N GLU I 76 33.65 -39.19 18.37
CA GLU I 76 32.81 -38.93 19.54
C GLU I 76 31.34 -39.15 19.21
N MET I 77 30.97 -39.02 17.94
CA MET I 77 29.59 -39.26 17.52
C MET I 77 29.33 -40.72 17.15
N ASN I 78 30.31 -41.60 17.36
CA ASN I 78 30.13 -43.01 17.06
C ASN I 78 29.07 -43.63 17.97
N ALA I 79 28.14 -44.35 17.36
CA ALA I 79 27.27 -45.23 18.13
C ALA I 79 28.09 -46.42 18.61
N VAL I 80 27.89 -46.80 19.87
CA VAL I 80 28.68 -47.86 20.49
C VAL I 80 27.74 -48.93 21.02
N VAL I 81 28.06 -50.19 20.71
CA VAL I 81 27.38 -51.33 21.32
C VAL I 81 27.93 -51.47 22.74
N TYR I 82 27.05 -51.29 23.73
CA TYR I 82 27.45 -51.29 25.13
C TYR I 82 26.96 -52.51 25.90
N GLN I 83 26.21 -53.40 25.26
CA GLN I 83 25.66 -54.57 25.96
C GLN I 83 25.20 -55.56 24.92
N ILE I 84 25.36 -56.85 25.21
CA ILE I 84 24.89 -57.90 24.31
C ILE I 84 24.35 -59.06 25.15
N ASP I 85 23.17 -59.54 24.78
CA ASP I 85 22.61 -60.78 25.28
C ASP I 85 22.78 -61.82 24.18
N LEU I 86 23.68 -62.78 24.40
CA LEU I 86 24.00 -63.76 23.39
C LEU I 86 22.87 -64.76 23.18
N ASP I 87 22.19 -65.17 24.26
CA ASP I 87 21.11 -66.13 24.15
C ASP I 87 19.94 -65.58 23.34
N GLN I 88 19.56 -64.33 23.60
CA GLN I 88 18.44 -63.70 22.93
C GLN I 88 18.82 -62.99 21.64
N ASN I 89 20.13 -62.88 21.35
CA ASN I 89 20.61 -62.14 20.19
C ASN I 89 20.18 -60.67 20.27
N LEU I 90 20.39 -60.07 21.42
CA LEU I 90 20.04 -58.67 21.66
C LEU I 90 21.30 -57.83 21.76
N VAL I 91 21.29 -56.67 21.10
CA VAL I 91 22.41 -55.75 21.12
C VAL I 91 21.91 -54.38 21.55
N TRP I 92 22.60 -53.76 22.50
CA TRP I 92 22.28 -52.42 22.96
C TRP I 92 23.25 -51.45 22.34
N ILE I 93 22.71 -50.41 21.68
CA ILE I 93 23.52 -49.40 21.03
C ILE I 93 23.14 -48.03 21.60
N ALA I 94 24.15 -47.28 22.01
CA ALA I 94 23.95 -45.92 22.49
C ALA I 94 24.29 -44.96 21.36
N TYR I 95 23.30 -44.21 20.91
CA TYR I 95 23.48 -43.22 19.86
C TYR I 95 23.56 -41.85 20.49
N PRO I 96 24.67 -41.13 20.36
CA PRO I 96 24.69 -39.72 20.77
C PRO I 96 23.65 -38.94 19.98
N TRP I 97 22.71 -38.31 20.69
CA TRP I 97 21.62 -37.62 20.00
C TRP I 97 22.07 -36.30 19.39
N ARG I 98 23.33 -35.91 19.61
CA ARG I 98 23.97 -34.88 18.78
C ARG I 98 23.94 -35.22 17.30
N LEU I 99 23.96 -36.52 16.96
CA LEU I 99 23.87 -36.95 15.57
C LEU I 99 22.57 -36.48 14.91
N PHE I 100 21.51 -36.35 15.68
CA PHE I 100 20.19 -36.10 15.12
C PHE I 100 20.02 -34.65 14.69
N ASP I 101 19.23 -34.45 13.65
CA ASP I 101 18.97 -33.11 13.14
C ASP I 101 18.28 -32.25 14.19
N ARG I 102 18.72 -31.00 14.28
CA ARG I 102 18.19 -30.10 15.29
C ARG I 102 16.77 -29.68 14.93
N GLY I 103 16.07 -29.11 15.90
CA GLY I 103 14.70 -28.70 15.68
C GLY I 103 13.66 -29.79 15.80
N GLY I 104 13.95 -30.85 16.55
CA GLY I 104 12.99 -31.92 16.76
C GLY I 104 12.63 -32.72 15.51
N ASN I 105 13.64 -33.13 14.75
CA ASN I 105 13.43 -33.92 13.54
C ASN I 105 13.39 -35.41 13.92
N VAL I 106 12.19 -36.00 13.87
CA VAL I 106 12.03 -37.41 14.21
C VAL I 106 12.39 -38.31 13.03
N GLN I 107 12.07 -37.88 11.81
CA GLN I 107 12.44 -38.63 10.61
C GLN I 107 13.95 -38.80 10.51
N ASN I 108 14.72 -37.80 10.96
CA ASN I 108 16.17 -37.94 10.97
C ASN I 108 16.62 -39.06 11.91
N ILE I 109 15.98 -39.16 13.08
CA ILE I 109 16.29 -40.25 14.01
C ILE I 109 15.97 -41.60 13.37
N LEU I 110 14.81 -41.70 12.73
CA LEU I 110 14.43 -42.94 12.08
C LEU I 110 15.38 -43.28 10.94
N THR I 111 15.83 -42.28 10.19
CA THR I 111 16.82 -42.48 9.14
C THR I 111 18.12 -43.03 9.71
N TYR I 112 18.55 -42.51 10.86
CA TYR I 112 19.74 -43.05 11.52
C TYR I 112 19.54 -44.50 11.94
N ILE I 113 18.56 -44.75 12.81
CA ILE I 113 18.53 -46.02 13.55
C ILE I 113 17.75 -47.11 12.84
N VAL I 114 16.73 -46.73 12.06
CA VAL I 114 15.95 -47.72 11.32
C VAL I 114 15.98 -47.39 9.84
N GLY I 115 17.09 -46.81 9.37
CA GLY I 115 17.22 -46.46 7.98
C GLY I 115 18.01 -47.47 7.17
N ASN I 116 19.26 -47.13 6.86
CA ASN I 116 20.07 -47.96 5.98
C ASN I 116 20.38 -49.32 6.59
N VAL I 117 20.35 -49.43 7.91
CA VAL I 117 20.72 -50.67 8.59
C VAL I 117 19.76 -51.80 8.23
N LEU I 118 18.51 -51.48 7.92
CA LEU I 118 17.55 -52.51 7.53
C LEU I 118 17.93 -53.18 6.22
N GLY I 119 18.54 -52.43 5.30
CA GLY I 119 18.96 -52.99 4.03
C GLY I 119 20.28 -53.73 4.04
N MET I 120 21.02 -53.70 5.15
CA MET I 120 22.33 -54.31 5.20
C MET I 120 22.21 -55.83 5.12
N LYS I 121 23.00 -56.43 4.21
CA LYS I 121 23.01 -57.88 4.07
C LYS I 121 23.83 -58.57 5.16
N GLU I 122 24.58 -57.81 5.96
CA GLU I 122 25.37 -58.40 7.03
C GLU I 122 24.49 -58.91 8.17
N VAL I 123 23.24 -58.47 8.24
CA VAL I 123 22.28 -58.93 9.25
C VAL I 123 21.15 -59.64 8.54
N SER I 124 20.77 -60.81 9.06
CA SER I 124 19.60 -61.51 8.56
C SER I 124 18.33 -61.13 9.31
N ALA I 125 18.46 -60.70 10.56
CA ALA I 125 17.35 -60.15 11.30
C ALA I 125 17.83 -58.91 12.05
N LEU I 126 17.09 -57.81 11.94
CA LEU I 126 17.45 -56.57 12.63
C LEU I 126 16.16 -55.86 12.99
N LYS I 127 15.69 -56.06 14.23
CA LYS I 127 14.42 -55.49 14.68
C LYS I 127 14.69 -54.58 15.88
N LEU I 128 14.35 -53.30 15.74
CA LEU I 128 14.49 -52.36 16.85
C LEU I 128 13.34 -52.58 17.83
N LEU I 129 13.62 -53.30 18.91
CA LEU I 129 12.57 -53.67 19.86
C LEU I 129 12.14 -52.50 20.72
N ASP I 130 13.08 -51.69 21.20
CA ASP I 130 12.75 -50.60 22.11
C ASP I 130 13.82 -49.52 22.02
N VAL I 131 13.43 -48.31 22.40
CA VAL I 131 14.34 -47.17 22.47
C VAL I 131 14.11 -46.44 23.78
N TRP I 132 15.13 -45.69 24.22
CA TRP I 132 15.07 -44.93 25.46
C TRP I 132 15.53 -43.51 25.18
N PHE I 133 14.64 -42.53 25.43
CA PHE I 133 14.97 -41.13 25.24
C PHE I 133 15.38 -40.52 26.56
N PRO I 134 16.59 -39.98 26.68
CA PRO I 134 16.96 -39.25 27.89
C PRO I 134 16.17 -37.95 28.00
N PRO I 135 16.02 -37.40 29.20
CA PRO I 135 15.28 -36.13 29.35
C PRO I 135 15.90 -34.98 28.56
N ALA I 136 17.23 -34.93 28.48
CA ALA I 136 17.89 -33.89 27.71
C ALA I 136 17.53 -33.99 26.24
N MET I 137 17.46 -35.21 25.70
CA MET I 137 17.00 -35.40 24.33
C MET I 137 15.51 -35.08 24.21
N LEU I 138 14.71 -35.49 25.20
CA LEU I 138 13.27 -35.26 25.15
C LEU I 138 12.93 -33.78 25.15
N GLU I 139 13.79 -32.94 25.73
CA GLU I 139 13.58 -31.49 25.68
C GLU I 139 13.63 -30.97 24.25
N GLN I 140 14.37 -31.64 23.36
CA GLN I 140 14.55 -31.19 21.99
C GLN I 140 13.31 -31.37 21.12
N TYR I 141 12.30 -32.11 21.57
CA TYR I 141 11.21 -32.52 20.71
C TYR I 141 9.87 -32.03 21.26
N ASP I 142 8.90 -31.89 20.36
CA ASP I 142 7.63 -31.27 20.71
C ASP I 142 6.84 -32.12 21.70
N GLY I 143 6.54 -33.36 21.30
CA GLY I 143 5.58 -34.17 22.04
C GLY I 143 4.17 -33.72 21.72
N PRO I 144 3.17 -34.42 22.23
CA PRO I 144 1.79 -34.03 21.96
C PRO I 144 1.45 -32.70 22.63
N SER I 145 0.63 -31.92 21.95
CA SER I 145 0.08 -30.68 22.51
C SER I 145 -1.41 -30.79 22.80
N TYR I 146 -2.16 -31.45 21.93
CA TYR I 146 -3.55 -31.83 22.19
C TYR I 146 -3.56 -33.29 22.58
N THR I 147 -4.30 -33.62 23.64
CA THR I 147 -4.23 -34.95 24.24
C THR I 147 -5.64 -35.53 24.35
N LEU I 148 -5.69 -36.78 24.80
CA LEU I 148 -6.97 -37.44 25.04
C LEU I 148 -7.77 -36.74 26.14
N ASP I 149 -7.08 -36.10 27.09
CA ASP I 149 -7.77 -35.36 28.13
C ASP I 149 -8.52 -34.16 27.56
N ASP I 150 -7.92 -33.46 26.59
CA ASP I 150 -8.59 -32.32 25.97
C ASP I 150 -9.85 -32.77 25.22
N MET I 151 -9.77 -33.89 24.49
CA MET I 151 -10.95 -34.39 23.80
C MET I 151 -11.98 -34.94 24.78
N ARG I 152 -11.52 -35.48 25.92
CA ARG I 152 -12.45 -35.90 26.96
C ARG I 152 -13.19 -34.71 27.56
N LYS I 153 -12.49 -33.58 27.70
CA LYS I 153 -13.14 -32.38 28.22
C LYS I 153 -14.12 -31.81 27.20
N TYR I 154 -13.76 -31.80 25.92
CA TYR I 154 -14.67 -31.31 24.89
C TYR I 154 -15.90 -32.20 24.77
N LEU I 155 -15.70 -33.52 24.81
CA LEU I 155 -16.79 -34.48 24.70
C LEU I 155 -17.57 -34.66 26.00
N ASN I 156 -17.01 -34.21 27.13
CA ASN I 156 -17.61 -34.47 28.44
C ASN I 156 -17.74 -35.96 28.69
N VAL I 157 -16.74 -36.72 28.24
CA VAL I 157 -16.72 -38.17 28.35
C VAL I 157 -15.60 -38.55 29.30
N TYR I 158 -15.97 -39.15 30.43
CA TYR I 158 -14.99 -39.59 31.42
C TYR I 158 -15.38 -40.97 31.93
N ASP I 159 -14.39 -41.70 32.42
CA ASP I 159 -14.52 -42.99 33.08
C ASP I 159 -14.90 -44.12 32.13
N ARG I 160 -14.92 -43.87 30.82
CA ARG I 160 -15.13 -44.92 29.84
C ARG I 160 -14.31 -44.57 28.60
N PRO I 161 -13.95 -45.57 27.79
CA PRO I 161 -13.25 -45.27 26.54
C PRO I 161 -14.14 -44.48 25.59
N ILE I 162 -13.50 -43.57 24.85
CA ILE I 162 -14.25 -42.79 23.87
C ILE I 162 -14.68 -43.71 22.75
N LEU I 163 -15.99 -43.79 22.52
CA LEU I 163 -16.53 -44.70 21.53
C LEU I 163 -16.45 -44.09 20.14
N GLY I 164 -15.82 -44.81 19.22
CA GLY I 164 -15.60 -44.30 17.89
C GLY I 164 -15.99 -45.31 16.85
N THR I 165 -16.04 -44.85 15.60
CA THR I 165 -16.37 -45.72 14.48
C THR I 165 -15.58 -45.28 13.26
N ILE I 166 -15.43 -46.21 12.33
CA ILE I 166 -14.89 -45.93 11.01
C ILE I 166 -16.00 -46.20 10.00
N ILE I 167 -16.28 -45.22 9.14
CA ILE I 167 -17.41 -45.30 8.23
C ILE I 167 -17.10 -46.35 7.16
N LYS I 168 -17.83 -47.46 7.20
CA LYS I 168 -17.75 -48.48 6.18
C LYS I 168 -18.92 -48.34 5.20
N PRO I 169 -18.72 -48.55 3.90
CA PRO I 169 -17.49 -48.99 3.20
C PRO I 169 -16.33 -48.01 3.30
N LYS I 170 -15.10 -48.50 3.19
CA LYS I 170 -13.92 -47.65 3.30
C LYS I 170 -13.89 -46.61 2.18
N MET I 171 -14.23 -47.02 0.96
CA MET I 171 -14.30 -46.12 -0.18
C MET I 171 -15.55 -46.44 -0.97
N GLY I 172 -16.01 -45.46 -1.75
CA GLY I 172 -17.16 -45.63 -2.61
C GLY I 172 -18.40 -44.88 -2.19
N LEU I 173 -18.47 -44.42 -0.95
CA LEU I 173 -19.59 -43.60 -0.51
C LEU I 173 -19.43 -42.18 -1.01
N THR I 174 -20.55 -41.56 -1.35
CA THR I 174 -20.55 -40.15 -1.68
C THR I 174 -20.40 -39.32 -0.40
N SER I 175 -20.25 -38.00 -0.57
CA SER I 175 -20.14 -37.12 0.58
C SER I 175 -21.41 -37.14 1.41
N ALA I 176 -22.58 -37.17 0.76
CA ALA I 176 -23.85 -37.22 1.47
C ALA I 176 -23.99 -38.54 2.23
N GLU I 177 -23.65 -39.65 1.58
CA GLU I 177 -23.76 -40.95 2.24
C GLU I 177 -22.80 -41.06 3.42
N TYR I 178 -21.56 -40.56 3.25
CA TYR I 178 -20.60 -40.59 4.35
C TYR I 178 -21.08 -39.74 5.52
N ALA I 179 -21.59 -38.54 5.24
CA ALA I 179 -22.12 -37.69 6.30
C ALA I 179 -23.32 -38.32 6.98
N GLU I 180 -24.16 -39.02 6.20
CA GLU I 180 -25.31 -39.70 6.78
C GLU I 180 -24.88 -40.83 7.71
N ALA I 181 -23.86 -41.60 7.32
CA ALA I 181 -23.35 -42.65 8.19
C ALA I 181 -22.74 -42.07 9.46
N ALA I 182 -22.00 -40.97 9.33
CA ALA I 182 -21.42 -40.31 10.49
C ALA I 182 -22.51 -39.81 11.44
N TYR I 183 -23.57 -39.20 10.90
CA TYR I 183 -24.68 -38.77 11.73
C TYR I 183 -25.36 -39.96 12.39
N ASP I 184 -25.52 -41.07 11.65
CA ASP I 184 -26.18 -42.24 12.22
C ASP I 184 -25.40 -42.79 13.40
N PHE I 185 -24.06 -42.81 13.30
CA PHE I 185 -23.27 -43.23 14.44
C PHE I 185 -23.36 -42.22 15.58
N TRP I 186 -23.29 -40.92 15.27
CA TRP I 186 -23.24 -39.90 16.31
C TRP I 186 -24.54 -39.84 17.10
N VAL I 187 -25.68 -39.84 16.41
CA VAL I 187 -26.97 -39.76 17.08
C VAL I 187 -27.30 -41.04 17.83
N GLY I 188 -26.65 -42.15 17.50
CA GLY I 188 -26.83 -43.39 18.22
C GLY I 188 -26.09 -43.50 19.53
N GLY I 189 -25.31 -42.47 19.90
CA GLY I 189 -24.55 -42.46 21.12
C GLY I 189 -23.05 -42.39 20.94
N GLY I 190 -22.54 -42.77 19.77
CA GLY I 190 -21.11 -42.73 19.55
C GLY I 190 -20.58 -41.30 19.53
N ASP I 191 -19.36 -41.14 20.04
CA ASP I 191 -18.77 -39.81 20.17
C ASP I 191 -17.85 -39.45 19.01
N PHE I 192 -17.14 -40.43 18.44
CA PHE I 192 -16.01 -40.17 17.57
C PHE I 192 -16.23 -40.85 16.22
N VAL I 193 -16.05 -40.09 15.15
CA VAL I 193 -16.08 -40.65 13.80
C VAL I 193 -14.81 -40.24 13.07
N ASN I 195 -12.42 -40.44 9.38
CA ASN I 195 -12.18 -40.80 7.99
C ASN I 195 -11.46 -42.13 7.94
N ASP I 196 -11.86 -43.00 7.02
CA ASP I 196 -11.01 -44.14 6.71
C ASP I 196 -9.69 -43.61 6.16
N GLU I 197 -8.61 -44.37 6.38
CA GLU I 197 -7.27 -43.86 6.11
C GLU I 197 -7.03 -43.41 4.67
N PRO I 198 -7.48 -44.10 3.62
CA PRO I 198 -7.41 -43.50 2.28
C PRO I 198 -8.64 -42.67 1.89
N GLN I 199 -9.17 -41.84 2.77
CA GLN I 199 -10.33 -41.02 2.43
C GLN I 199 -9.88 -39.59 2.16
N ALA I 200 -10.04 -39.16 0.92
CA ALA I 200 -9.45 -37.91 0.46
C ALA I 200 -10.36 -37.34 -0.61
N ASN I 201 -9.83 -36.42 -1.43
CA ASN I 201 -10.60 -35.76 -2.48
C ASN I 201 -10.74 -36.68 -3.70
N GLN I 202 -11.50 -37.76 -3.50
CA GLN I 202 -11.89 -38.60 -4.62
C GLN I 202 -12.95 -37.89 -5.44
N ASP I 203 -13.05 -38.29 -6.72
CA ASP I 203 -13.96 -37.58 -7.63
C ASP I 203 -15.43 -37.80 -7.25
N PHE I 204 -15.78 -38.96 -6.70
CA PHE I 204 -17.17 -39.21 -6.32
C PHE I 204 -17.48 -38.73 -4.91
N CYS I 205 -16.47 -38.50 -4.07
CA CYS I 205 -16.65 -37.94 -2.73
C CYS I 205 -15.67 -36.78 -2.57
N PRO I 206 -15.99 -35.63 -3.15
CA PRO I 206 -15.08 -34.47 -3.05
C PRO I 206 -14.87 -34.03 -1.62
N TYR I 207 -13.65 -33.60 -1.32
CA TYR I 207 -13.25 -33.35 0.06
C TYR I 207 -14.03 -32.18 0.66
N ASP I 208 -14.22 -31.10 -0.12
CA ASP I 208 -14.95 -29.95 0.39
C ASP I 208 -16.41 -30.30 0.69
N LYS I 209 -17.05 -31.05 -0.23
CA LYS I 209 -18.43 -31.47 0.00
C LYS I 209 -18.52 -32.39 1.20
N MET I 210 -17.55 -33.30 1.36
CA MET I 210 -17.53 -34.20 2.50
C MET I 210 -17.38 -33.41 3.80
N VAL I 211 -16.52 -32.39 3.81
CA VAL I 211 -16.32 -31.59 5.02
C VAL I 211 -17.60 -30.83 5.37
N ARG I 212 -18.22 -30.19 4.37
CA ARG I 212 -19.44 -29.43 4.64
C ARG I 212 -20.58 -30.34 5.10
N ASN I 213 -20.75 -31.49 4.45
CA ASN I 213 -21.80 -32.41 4.85
C ASN I 213 -21.55 -33.00 6.23
N VAL I 214 -20.28 -33.25 6.56
CA VAL I 214 -19.95 -33.74 7.90
C VAL I 214 -20.22 -32.66 8.94
N LYS I 215 -19.96 -31.40 8.60
CA LYS I 215 -20.29 -30.30 9.51
C LYS I 215 -21.78 -30.24 9.77
N ALA I 216 -22.58 -30.34 8.72
CA ALA I 216 -24.04 -30.32 8.89
C ALA I 216 -24.53 -31.51 9.70
N ALA I 217 -23.99 -32.71 9.41
CA ALA I 217 -24.39 -33.90 10.15
C ALA I 217 -23.99 -33.81 11.62
N MET I 218 -22.80 -33.27 11.90
CA MET I 218 -22.38 -33.11 13.28
C MET I 218 -23.25 -32.11 14.01
N ASP I 219 -23.62 -31.01 13.35
CA ASP I 219 -24.52 -30.04 13.97
C ASP I 219 -25.88 -30.68 14.29
N LYS I 220 -26.41 -31.46 13.35
CA LYS I 220 -27.70 -32.13 13.59
C LYS I 220 -27.60 -33.14 14.72
N ALA I 221 -26.53 -33.93 14.75
CA ALA I 221 -26.37 -34.92 15.81
C ALA I 221 -26.17 -34.27 17.17
N VAL I 222 -25.41 -33.17 17.22
CA VAL I 222 -25.19 -32.47 18.48
C VAL I 222 -26.49 -31.87 18.99
N LYS I 223 -27.29 -31.28 18.10
CA LYS I 223 -28.57 -30.73 18.53
C LYS I 223 -29.53 -31.82 18.98
N GLU I 224 -29.57 -32.96 18.27
CA GLU I 224 -30.52 -34.01 18.63
C GLU I 224 -30.12 -34.70 19.93
N THR I 225 -28.84 -34.99 20.12
CA THR I 225 -28.39 -35.72 21.30
C THR I 225 -28.07 -34.82 22.49
N GLY I 226 -27.78 -33.54 22.25
CA GLY I 226 -27.32 -32.67 23.31
C GLY I 226 -25.92 -32.99 23.78
N ASN I 227 -25.14 -33.72 22.99
CA ASN I 227 -23.78 -34.10 23.33
C ASN I 227 -22.85 -33.70 22.20
N LYS I 228 -21.64 -33.29 22.56
CA LYS I 228 -20.66 -32.90 21.56
C LYS I 228 -20.15 -34.11 20.79
N LYS I 229 -19.67 -33.87 19.58
CA LYS I 229 -19.19 -34.93 18.71
C LYS I 229 -17.87 -34.51 18.08
N VAL I 230 -17.05 -35.51 17.76
CA VAL I 230 -15.74 -35.29 17.15
C VAL I 230 -15.66 -36.10 15.87
N HIS I 231 -15.13 -35.48 14.82
CA HIS I 231 -14.82 -36.17 13.57
C HIS I 231 -13.35 -35.99 13.25
N SER I 232 -12.67 -37.10 12.95
CA SER I 232 -11.26 -37.07 12.55
C SER I 232 -11.21 -37.08 11.03
N PHE I 233 -10.73 -35.98 10.45
CA PHE I 233 -10.63 -35.85 9.00
C PHE I 233 -9.26 -36.33 8.53
N ASN I 234 -9.25 -37.15 7.49
CA ASN I 234 -7.99 -37.55 6.87
C ASN I 234 -7.45 -36.39 6.05
N VAL I 235 -6.28 -35.90 6.42
CA VAL I 235 -5.66 -34.77 5.75
C VAL I 235 -4.43 -35.18 4.95
N SER I 236 -4.20 -36.48 4.78
CA SER I 236 -3.12 -36.94 3.94
C SER I 236 -3.40 -36.56 2.49
N ALA I 237 -2.39 -35.98 1.84
CA ALA I 237 -2.55 -35.47 0.48
C ALA I 237 -1.31 -35.82 -0.33
N ALA I 238 -1.27 -35.30 -1.56
CA ALA I 238 -0.11 -35.53 -2.42
C ALA I 238 1.09 -34.73 -1.93
N ASP I 239 0.86 -33.48 -1.50
CA ASP I 239 1.92 -32.60 -1.07
C ASP I 239 1.46 -31.83 0.16
N PHE I 240 2.34 -30.98 0.69
CA PHE I 240 2.02 -30.17 1.85
C PHE I 240 0.88 -29.21 1.55
N ASP I 241 0.90 -28.62 0.35
CA ASP I 241 -0.07 -27.58 0.02
C ASP I 241 -1.49 -28.12 0.03
N THR I 242 -1.69 -29.32 -0.51
CA THR I 242 -3.02 -29.93 -0.49
C THR I 242 -3.43 -30.29 0.93
N MET I 243 -2.48 -30.76 1.75
CA MET I 243 -2.78 -31.09 3.13
C MET I 243 -3.23 -29.86 3.92
N ILE I 244 -2.50 -28.76 3.77
CA ILE I 244 -2.87 -27.53 4.48
C ILE I 244 -4.14 -26.93 3.90
N GLU I 245 -4.37 -27.08 2.59
CA GLU I 245 -5.64 -26.65 2.00
C GLU I 245 -6.81 -27.40 2.62
N ARG I 246 -6.67 -28.72 2.79
CA ARG I 246 -7.73 -29.51 3.39
C ARG I 246 -7.90 -29.19 4.86
N CYS I 247 -6.79 -28.96 5.57
CA CYS I 247 -6.84 -28.56 6.97
C CYS I 247 -7.57 -27.23 7.13
N GLU I 248 -7.20 -26.22 6.32
CA GLU I 248 -7.85 -24.92 6.40
C GLU I 248 -9.31 -25.02 5.99
N LEU I 249 -9.63 -25.92 5.05
CA LEU I 249 -11.02 -26.16 4.69
C LEU I 249 -11.80 -26.68 5.90
N ILE I 250 -11.20 -27.60 6.67
CA ILE I 250 -11.87 -28.08 7.88
C ILE I 250 -12.00 -26.96 8.89
N ARG I 251 -10.95 -26.16 9.07
CA ARG I 251 -10.97 -25.07 10.04
C ARG I 251 -12.00 -24.01 9.66
N ASN I 252 -12.08 -23.68 8.37
CA ASN I 252 -13.00 -22.65 7.88
C ASN I 252 -14.35 -23.22 7.48
N ALA I 253 -14.73 -24.38 8.02
CA ALA I 253 -16.02 -24.99 7.71
C ALA I 253 -17.19 -24.11 8.16
N GLY I 254 -17.23 -23.69 9.43
CA GLY I 254 -16.35 -23.91 10.57
C GLY I 254 -16.93 -24.71 11.70
N PHE I 255 -16.18 -25.74 12.11
CA PHE I 255 -16.58 -26.56 13.24
C PHE I 255 -16.28 -25.84 14.56
N GLU I 256 -16.88 -26.35 15.63
CA GLU I 256 -16.46 -25.93 16.96
C GLU I 256 -15.04 -26.42 17.21
N PRO I 257 -14.22 -25.62 17.89
CA PRO I 257 -12.86 -26.09 18.27
C PRO I 257 -12.95 -27.33 19.16
N GLY I 258 -12.20 -28.35 18.77
CA GLY I 258 -12.21 -29.63 19.45
C GLY I 258 -13.12 -30.67 18.81
N SER I 259 -14.04 -30.25 17.95
CA SER I 259 -14.96 -31.18 17.31
C SER I 259 -14.35 -31.90 16.10
N TYR I 260 -13.19 -31.46 15.64
CA TYR I 260 -12.53 -32.09 14.51
C TYR I 260 -11.10 -32.43 14.86
N ALA I 261 -10.64 -33.58 14.36
CA ALA I 261 -9.26 -34.00 14.50
C ALA I 261 -8.66 -34.18 13.12
N PHE I 262 -7.33 -34.04 13.03
CA PHE I 262 -6.61 -34.21 11.79
C PHE I 262 -5.99 -35.60 11.76
N LEU I 263 -6.44 -36.41 10.81
CA LEU I 263 -5.88 -37.75 10.62
C LEU I 263 -4.85 -37.70 9.50
N ILE I 264 -3.68 -38.25 9.77
CA ILE I 264 -2.58 -38.29 8.81
C ILE I 264 -2.04 -39.71 8.76
N ASP I 265 -1.87 -40.23 7.54
CA ASP I 265 -1.25 -41.54 7.35
C ASP I 265 0.24 -41.38 7.57
N GLY I 266 0.68 -41.58 8.82
CA GLY I 266 2.05 -41.24 9.18
C GLY I 266 3.10 -42.04 8.45
N ILE I 267 2.84 -43.33 8.22
CA ILE I 267 3.82 -44.16 7.54
C ILE I 267 3.94 -43.76 6.07
N THR I 268 2.79 -43.60 5.39
CA THR I 268 2.82 -43.31 3.95
C THR I 268 3.02 -41.82 3.67
N ALA I 269 2.20 -40.96 4.29
CA ALA I 269 2.38 -39.53 4.10
C ALA I 269 3.71 -39.05 4.65
N GLY I 270 4.20 -39.69 5.70
CA GLY I 270 5.52 -39.38 6.22
C GLY I 270 5.52 -38.70 7.57
N TRP I 271 6.62 -38.86 8.31
CA TRP I 271 6.76 -38.22 9.61
C TRP I 271 6.84 -36.70 9.50
N MET I 272 7.29 -36.19 8.36
CA MET I 272 7.31 -34.75 8.15
C MET I 272 5.88 -34.19 8.17
N ALA I 273 4.93 -34.90 7.56
CA ALA I 273 3.54 -34.45 7.59
C ALA I 273 2.99 -34.45 9.01
N VAL I 274 3.34 -35.48 9.80
CA VAL I 274 2.86 -35.56 11.17
C VAL I 274 3.42 -34.40 12.00
N GLN I 275 4.72 -34.12 11.85
CA GLN I 275 5.32 -33.03 12.60
C GLN I 275 4.77 -31.68 12.14
N THR I 276 4.53 -31.53 10.84
CA THR I 276 3.96 -30.29 10.32
C THR I 276 2.55 -30.06 10.85
N LEU I 277 1.74 -31.12 10.93
CA LEU I 277 0.40 -30.99 11.50
C LEU I 277 0.47 -30.68 12.99
N ARG I 278 1.43 -31.31 13.70
CA ARG I 278 1.60 -31.04 15.12
C ARG I 278 1.97 -29.57 15.37
N ARG I 279 2.88 -29.02 14.55
CA ARG I 279 3.36 -27.67 14.80
C ARG I 279 2.38 -26.61 14.29
N LYS I 280 1.79 -26.82 13.12
CA LYS I 280 0.86 -25.84 12.57
C LYS I 280 -0.44 -25.79 13.35
N TYR I 281 -0.89 -26.92 13.88
CA TYR I 281 -2.17 -27.01 14.59
C TYR I 281 -1.96 -27.73 15.92
N PRO I 282 -1.28 -27.07 16.87
CA PRO I 282 -1.10 -27.69 18.20
C PRO I 282 -2.38 -27.80 19.00
N ASP I 283 -3.42 -27.04 18.64
CA ASP I 283 -4.70 -27.07 19.34
C ASP I 283 -5.66 -28.11 18.76
N VAL I 284 -5.21 -28.90 17.79
CA VAL I 284 -6.05 -29.89 17.12
C VAL I 284 -5.49 -31.27 17.41
N PHE I 285 -6.39 -32.22 17.71
CA PHE I 285 -6.00 -33.61 17.90
C PHE I 285 -5.40 -34.16 16.62
N ILE I 286 -4.12 -34.54 16.67
CA ILE I 286 -3.43 -35.10 15.52
C ILE I 286 -3.59 -36.61 15.57
N HIS I 287 -4.37 -37.15 14.64
CA HIS I 287 -4.67 -38.58 14.57
C HIS I 287 -3.59 -39.22 13.71
N PHE I 288 -2.71 -40.00 14.34
CA PHE I 288 -1.67 -40.73 13.63
C PHE I 288 -2.26 -42.07 13.19
N HIS I 289 -2.60 -42.19 11.92
CA HIS I 289 -2.95 -43.48 11.35
C HIS I 289 -1.68 -44.15 10.85
N ARG I 290 -1.50 -45.42 11.22
CA ARG I 290 -0.26 -46.14 10.98
C ARG I 290 -0.38 -47.14 9.83
N ALA I 291 -1.18 -46.84 8.82
CA ALA I 291 -1.34 -47.75 7.68
C ALA I 291 -0.01 -47.97 6.97
N GLY I 292 0.31 -49.23 6.70
CA GLY I 292 1.60 -49.60 6.17
C GLY I 292 2.66 -49.91 7.20
N HIS I 293 2.34 -49.79 8.49
CA HIS I 293 3.32 -50.02 9.55
C HIS I 293 3.75 -51.48 9.63
N GLY I 294 2.94 -52.41 9.09
CA GLY I 294 3.12 -53.83 9.38
C GLY I 294 4.46 -54.38 8.95
N SER I 295 4.97 -53.92 7.81
CA SER I 295 6.28 -54.37 7.33
C SER I 295 7.38 -54.02 8.32
N PHE I 296 7.24 -52.90 9.04
CA PHE I 296 8.17 -52.61 10.13
C PHE I 296 7.90 -53.48 11.34
N THR I 297 6.62 -53.69 11.69
CA THR I 297 6.26 -54.13 13.02
C THR I 297 5.74 -55.56 13.10
N ARG I 298 5.47 -56.22 11.98
CA ARG I 298 4.94 -57.57 12.04
C ARG I 298 5.98 -58.52 12.61
N PRO I 299 5.60 -59.41 13.53
CA PRO I 299 6.56 -60.39 14.07
C PRO I 299 7.12 -61.31 13.02
N GLU I 300 6.35 -61.59 11.95
CA GLU I 300 6.86 -62.42 10.87
C GLU I 300 7.99 -61.72 10.11
N ASN I 301 8.06 -60.40 10.17
CA ASN I 301 9.13 -59.65 9.52
C ASN I 301 10.30 -59.51 10.48
N PRO I 302 11.41 -60.20 10.22
CA PRO I 302 12.57 -60.08 11.13
C PRO I 302 13.25 -58.73 11.09
N ILE I 303 13.02 -57.92 10.06
CA ILE I 303 13.70 -56.64 9.88
C ILE I 303 12.67 -55.51 10.02
N GLY I 304 12.90 -54.62 10.96
CA GLY I 304 12.01 -53.51 11.19
C GLY I 304 12.17 -52.96 12.60
N PHE I 305 11.07 -52.44 13.13
CA PHE I 305 11.02 -51.99 14.52
C PHE I 305 9.67 -52.33 15.10
N SER I 306 9.63 -52.46 16.43
CA SER I 306 8.45 -52.91 17.13
C SER I 306 7.36 -51.85 17.09
N VAL I 307 6.15 -52.27 17.47
CA VAL I 307 5.03 -51.34 17.60
C VAL I 307 5.30 -50.33 18.72
N LEU I 308 5.99 -50.77 19.78
CA LEU I 308 6.31 -49.88 20.89
C LEU I 308 7.21 -48.73 20.43
N VAL I 309 8.21 -49.03 19.60
CA VAL I 309 9.08 -47.99 19.06
C VAL I 309 8.30 -47.01 18.20
N LEU I 310 7.41 -47.54 17.36
CA LEU I 310 6.57 -46.68 16.52
C LEU I 310 5.70 -45.76 17.35
N SER I 311 5.07 -46.29 18.40
CA SER I 311 4.24 -45.48 19.28
C SER I 311 5.06 -44.43 20.01
N LYS I 312 6.24 -44.80 20.49
CA LYS I 312 7.10 -43.85 21.19
C LYS I 312 7.54 -42.72 20.26
N PHE I 313 7.89 -43.03 19.02
CA PHE I 313 8.31 -41.99 18.09
C PHE I 313 7.12 -41.14 17.65
N ALA I 314 5.92 -41.73 17.56
CA ALA I 314 4.74 -40.93 17.28
C ALA I 314 4.45 -39.95 18.41
N ARG I 315 4.59 -40.40 19.66
CA ARG I 315 4.40 -39.51 20.80
C ARG I 315 5.46 -38.42 20.82
N LEU I 316 6.71 -38.76 20.48
CA LEU I 316 7.77 -37.76 20.41
C LEU I 316 7.49 -36.73 19.32
N ALA I 317 6.99 -37.18 18.17
CA ALA I 317 6.73 -36.29 17.04
C ALA I 317 5.57 -35.33 17.29
N GLY I 318 4.75 -35.58 18.31
CA GLY I 318 3.65 -34.70 18.61
C GLY I 318 2.28 -35.21 18.25
N ALA I 319 2.16 -36.47 17.82
CA ALA I 319 0.85 -37.03 17.51
C ALA I 319 -0.01 -37.12 18.76
N SER I 320 -1.27 -36.68 18.65
CA SER I 320 -2.18 -36.74 19.79
C SER I 320 -2.61 -38.17 20.08
N GLY I 321 -2.75 -38.99 19.04
CA GLY I 321 -3.12 -40.38 19.22
C GLY I 321 -2.68 -41.20 18.03
N ILE I 322 -2.33 -42.46 18.30
CA ILE I 322 -1.88 -43.39 17.28
C ILE I 322 -2.56 -44.73 17.51
N HIS I 323 -2.91 -45.40 16.43
CA HIS I 323 -3.42 -46.77 16.54
C HIS I 323 -2.35 -47.66 17.14
N THR I 324 -2.77 -48.52 18.06
CA THR I 324 -1.84 -49.41 18.75
C THR I 324 -2.16 -50.89 18.58
N GLY I 325 -3.36 -51.24 18.13
CA GLY I 325 -3.68 -52.63 17.89
C GLY I 325 -4.67 -53.14 18.92
N THR I 326 -5.41 -54.18 18.53
CA THR I 326 -6.39 -54.83 19.40
C THR I 326 -5.77 -55.94 20.24
N ALA I 327 -4.44 -56.11 20.19
CA ALA I 327 -3.73 -57.12 20.97
C ALA I 327 -4.18 -58.53 20.60
N GLY I 328 -4.52 -58.72 19.33
CA GLY I 328 -4.96 -60.01 18.83
C GLY I 328 -6.44 -60.28 18.98
N VAL I 329 -7.19 -59.43 19.68
CA VAL I 329 -8.62 -59.61 19.78
C VAL I 329 -9.29 -59.34 18.44
N GLY I 330 -8.80 -58.35 17.70
CA GLY I 330 -9.35 -57.98 16.42
C GLY I 330 -8.74 -58.77 15.28
N LYS I 331 -8.75 -58.16 14.10
CA LYS I 331 -8.28 -58.79 12.88
C LYS I 331 -6.83 -58.46 12.54
N MET I 332 -6.15 -57.69 13.38
CA MET I 332 -4.77 -57.30 13.12
C MET I 332 -3.82 -58.06 14.04
N GLN I 333 -2.61 -58.32 13.54
CA GLN I 333 -1.60 -58.98 14.35
C GLN I 333 -1.17 -58.06 15.49
N GLY I 334 -1.52 -58.45 16.72
CA GLY I 334 -2.11 -59.76 16.98
C GLY I 334 -1.72 -60.37 18.31
N SER I 335 -0.80 -59.73 19.02
CA SER I 335 -0.38 -60.23 20.34
C SER I 335 -0.56 -59.11 21.35
N PRO I 336 -0.85 -59.46 22.60
CA PRO I 336 -1.05 -58.42 23.63
C PRO I 336 0.26 -57.83 24.13
N GLU I 337 1.32 -58.64 24.11
CA GLU I 337 2.61 -58.22 24.66
C GLU I 337 3.20 -57.05 23.91
N GLU I 338 2.85 -56.88 22.64
CA GLU I 338 3.30 -55.71 21.88
C GLU I 338 2.31 -54.56 21.99
N ASP I 339 1.04 -54.81 21.67
CA ASP I 339 0.06 -53.74 21.56
C ASP I 339 -0.22 -53.10 22.92
N VAL I 340 -0.49 -53.92 23.93
CA VAL I 340 -0.83 -53.37 25.24
C VAL I 340 0.38 -52.67 25.86
N VAL I 341 1.57 -53.22 25.66
CA VAL I 341 2.78 -52.59 26.18
C VAL I 341 3.00 -51.24 25.51
N ALA I 342 2.82 -51.17 24.19
CA ALA I 342 2.97 -49.89 23.49
C ALA I 342 1.94 -48.88 23.95
N ALA I 343 0.68 -49.32 24.13
CA ALA I 343 -0.38 -48.42 24.57
C ALA I 343 -0.10 -47.88 25.97
N GLN I 344 0.34 -48.75 26.88
CA GLN I 344 0.67 -48.29 28.22
C GLN I 344 1.89 -47.38 28.22
N ASN I 345 2.86 -47.64 27.34
CA ASN I 345 4.05 -46.79 27.27
C ASN I 345 3.70 -45.39 26.75
N ILE I 346 2.81 -45.29 25.77
CA ILE I 346 2.46 -43.98 25.25
C ILE I 346 1.41 -43.26 26.09
N LEU I 347 0.62 -43.99 26.88
CA LEU I 347 -0.41 -43.38 27.70
C LEU I 347 0.08 -43.01 29.10
N ARG I 348 1.12 -43.68 29.61
CA ARG I 348 1.55 -43.51 30.98
C ARG I 348 2.68 -42.50 31.09
N PHE I 349 2.83 -41.93 32.28
CA PHE I 349 3.97 -41.07 32.58
C PHE I 349 5.25 -41.88 32.70
N LYS I 350 5.15 -43.17 33.01
CA LYS I 350 6.31 -44.04 33.18
C LYS I 350 5.85 -45.48 33.01
N ASP I 351 6.59 -46.24 32.20
CA ASP I 351 6.22 -47.63 31.90
C ASP I 351 7.49 -48.48 31.92
N LYS I 352 7.33 -49.78 31.63
CA LYS I 352 8.38 -50.75 31.97
C LYS I 352 9.61 -50.59 31.09
N GLY I 353 9.48 -50.71 29.77
CA GLY I 353 8.43 -51.19 28.89
C GLY I 353 8.83 -52.58 28.40
N HIS I 354 9.41 -52.64 27.19
CA HIS I 354 9.99 -53.89 26.73
C HIS I 354 11.36 -54.14 27.37
N PHE I 355 12.29 -53.21 27.20
CA PHE I 355 13.62 -53.31 27.80
C PHE I 355 14.05 -52.07 28.57
N PHE I 356 13.50 -50.90 28.26
CA PHE I 356 13.94 -49.65 28.86
C PHE I 356 12.84 -49.08 29.73
N GLU I 357 13.23 -48.61 30.92
CA GLU I 357 12.30 -47.91 31.80
C GLU I 357 12.20 -46.48 31.32
N GLN I 358 11.13 -46.18 30.58
CA GLN I 358 10.94 -44.87 29.98
C GLN I 358 10.03 -44.03 30.85
N GLU I 359 10.61 -43.04 31.53
CA GLU I 359 9.84 -41.99 32.16
C GLU I 359 9.80 -40.80 31.21
N TRP I 360 8.59 -40.38 30.84
CA TRP I 360 8.44 -39.25 29.93
C TRP I 360 8.47 -37.92 30.66
N SER I 361 9.48 -37.70 31.49
CA SER I 361 9.66 -36.44 32.20
C SER I 361 10.90 -35.73 31.69
N LYS I 362 10.84 -34.41 31.63
CA LYS I 362 11.96 -33.59 31.19
C LYS I 362 12.65 -32.89 32.35
N ILE I 363 12.33 -33.28 33.58
CA ILE I 363 12.90 -32.68 34.78
C ILE I 363 13.77 -33.73 35.49
N PHE I 364 14.33 -33.35 36.64
CA PHE I 364 15.25 -34.22 37.37
C PHE I 364 14.59 -35.55 37.73
N GLU I 365 15.44 -36.59 37.81
CA GLU I 365 14.94 -37.95 37.94
C GLU I 365 14.20 -38.17 39.26
N GLY I 366 14.75 -37.68 40.36
CA GLY I 366 14.17 -37.93 41.66
C GLY I 366 13.39 -36.76 42.23
N ASP I 367 12.89 -35.89 41.35
CA ASP I 367 12.15 -34.72 41.79
C ASP I 367 10.85 -35.13 42.47
N LYS I 368 10.53 -34.49 43.59
CA LYS I 368 9.31 -34.83 44.33
C LYS I 368 8.07 -34.49 43.50
N ASP I 369 8.11 -33.40 42.75
CA ASP I 369 6.99 -33.07 41.87
C ASP I 369 6.83 -34.12 40.77
N ALA I 370 7.94 -34.68 40.29
CA ALA I 370 7.85 -35.77 39.31
C ALA I 370 7.19 -37.00 39.92
N ILE I 371 7.51 -37.29 41.18
CA ILE I 371 6.87 -38.43 41.86
C ILE I 371 5.38 -38.18 42.04
N THR I 372 5.01 -36.95 42.40
CA THR I 372 3.59 -36.61 42.54
C THR I 372 2.87 -36.71 41.20
N ILE I 373 3.51 -36.27 40.12
CA ILE I 373 2.91 -36.37 38.80
C ILE I 373 2.74 -37.83 38.40
N ALA I 374 3.72 -38.67 38.69
CA ALA I 374 3.60 -40.09 38.38
C ALA I 374 2.49 -40.74 39.18
N GLN I 375 2.35 -40.38 40.46
CA GLN I 375 1.28 -40.93 41.27
C GLN I 375 -0.09 -40.47 40.78
N ALA I 376 -0.19 -39.20 40.36
CA ALA I 376 -1.46 -38.71 39.82
C ALA I 376 -1.79 -39.38 38.50
N ASP I 377 -0.78 -39.61 37.64
CA ASP I 377 -1.02 -40.29 36.37
C ASP I 377 -1.45 -41.72 36.59
N THR I 378 -0.88 -42.40 37.59
CA THR I 378 -1.33 -43.74 37.94
C THR I 378 -2.76 -43.72 38.47
N ALA I 379 -3.16 -42.62 39.13
CA ALA I 379 -4.51 -42.46 39.63
C ALA I 379 -5.49 -41.96 38.57
N ARG I 380 -5.04 -41.82 37.32
CA ARG I 380 -5.87 -41.43 36.19
C ARG I 380 -6.32 -39.98 36.26
N HIS I 381 -5.61 -39.13 36.99
CA HIS I 381 -5.88 -37.70 36.96
C HIS I 381 -5.17 -37.06 35.78
N VAL I 382 -5.63 -35.85 35.42
CA VAL I 382 -5.00 -35.11 34.33
C VAL I 382 -3.72 -34.47 34.84
N ILE I 383 -2.62 -34.70 34.13
CA ILE I 383 -1.31 -34.20 34.52
C ILE I 383 -0.76 -33.31 33.41
N LEU I 384 0.26 -32.53 33.76
CA LEU I 384 1.02 -31.73 32.81
C LEU I 384 0.17 -30.62 32.19
N GLU I 385 -0.86 -30.16 32.91
CA GLU I 385 -1.68 -29.06 32.40
C GLU I 385 -1.02 -27.71 32.67
N ASP I 386 -0.79 -27.39 33.94
CA ASP I 386 -0.09 -26.17 34.33
C ASP I 386 1.43 -26.36 34.36
N ASP I 387 1.91 -27.58 34.19
CA ASP I 387 3.33 -27.91 34.29
C ASP I 387 3.76 -28.73 33.08
N SER I 388 3.43 -28.25 31.88
CA SER I 388 3.75 -28.97 30.66
C SER I 388 5.25 -29.08 30.40
N TRP I 389 6.06 -28.23 31.04
CA TRP I 389 7.51 -28.36 30.90
C TRP I 389 8.02 -29.66 31.51
N ARG I 390 7.32 -30.18 32.52
CA ARG I 390 7.83 -31.30 33.32
C ARG I 390 8.01 -32.57 32.50
N GLY I 391 7.15 -32.81 31.53
CA GLY I 391 7.23 -34.06 30.80
C GLY I 391 6.48 -33.98 29.48
N VAL I 392 6.49 -35.10 28.77
CA VAL I 392 5.82 -35.22 27.49
C VAL I 392 4.38 -35.65 27.72
N LYS I 393 3.45 -34.96 27.06
CA LYS I 393 2.04 -35.29 27.18
C LYS I 393 1.78 -36.68 26.62
N LYS I 394 0.76 -37.33 27.16
CA LYS I 394 0.43 -38.69 26.75
C LYS I 394 -0.10 -38.73 25.33
N CYS I 395 0.22 -39.81 24.62
CA CYS I 395 -0.32 -40.09 23.31
C CYS I 395 -1.46 -41.09 23.45
N CYS I 396 -2.63 -40.73 22.96
CA CYS I 396 -3.83 -41.55 23.17
C CYS I 396 -3.76 -42.80 22.31
N PRO I 397 -3.86 -43.99 22.89
CA PRO I 397 -4.01 -45.20 22.06
C PRO I 397 -5.36 -45.20 21.36
N ILE I 398 -5.36 -45.65 20.12
CA ILE I 398 -6.58 -45.75 19.32
C ILE I 398 -6.71 -47.20 18.88
N ILE I 399 -7.81 -47.84 19.29
CA ILE I 399 -8.00 -49.28 19.14
C ILE I 399 -8.99 -49.51 18.00
N SER I 400 -8.52 -50.16 16.93
CA SER I 400 -9.35 -50.44 15.77
C SER I 400 -8.85 -51.70 15.10
N GLY I 401 -9.73 -52.29 14.28
CA GLY I 401 -9.37 -53.45 13.49
C GLY I 401 -10.08 -54.72 13.88
N GLY I 402 -11.13 -55.07 13.14
CA GLY I 402 -11.87 -56.29 13.42
C GLY I 402 -12.54 -56.31 14.78
N LEU I 403 -12.97 -55.16 15.26
CA LEU I 403 -13.56 -55.04 16.59
C LEU I 403 -15.08 -54.88 16.48
N ASN I 404 -15.80 -55.67 17.27
CA ASN I 404 -17.24 -55.55 17.40
C ASN I 404 -17.56 -55.30 18.86
N PRO I 405 -18.81 -54.99 19.22
CA PRO I 405 -19.12 -54.76 20.65
C PRO I 405 -18.85 -55.96 21.54
N THR I 406 -19.03 -57.18 21.02
CA THR I 406 -18.82 -58.38 21.82
C THR I 406 -17.38 -58.51 22.29
N LEU I 407 -16.43 -57.96 21.53
CA LEU I 407 -15.03 -57.97 21.91
C LEU I 407 -14.59 -56.73 22.66
N LEU I 408 -15.53 -55.85 23.04
CA LEU I 408 -15.16 -54.66 23.79
C LEU I 408 -14.67 -55.03 25.19
N LYS I 409 -15.41 -55.89 25.88
CA LYS I 409 -14.99 -56.34 27.21
C LYS I 409 -13.67 -57.09 27.21
N PRO I 410 -13.41 -58.07 26.32
CA PRO I 410 -12.12 -58.79 26.37
C PRO I 410 -10.90 -57.90 26.18
N PHE I 411 -10.95 -56.95 25.26
CA PHE I 411 -9.78 -56.10 25.02
C PHE I 411 -9.42 -55.27 26.24
N ILE I 412 -10.43 -54.73 26.93
CA ILE I 412 -10.18 -54.01 28.18
C ILE I 412 -9.56 -54.94 29.20
N ASP I 413 -9.97 -56.21 29.21
CA ASP I 413 -9.35 -57.19 30.09
C ASP I 413 -7.88 -57.40 29.76
N VAL I 414 -7.49 -57.16 28.51
CA VAL I 414 -6.08 -57.10 28.16
C VAL I 414 -5.52 -55.70 28.24
N MET I 415 -6.37 -54.67 28.12
CA MET I 415 -5.87 -53.29 28.11
C MET I 415 -5.51 -52.82 29.51
N GLY I 416 -6.29 -53.22 30.51
CA GLY I 416 -6.03 -52.81 31.88
C GLY I 416 -6.53 -51.43 32.24
N ASN I 417 -7.22 -50.75 31.33
CA ASN I 417 -7.75 -49.42 31.59
C ASN I 417 -8.70 -49.06 30.44
N ILE I 418 -9.32 -47.89 30.55
CA ILE I 418 -10.30 -47.44 29.56
C ILE I 418 -9.89 -46.07 29.03
N ASP I 419 -8.59 -45.78 29.05
CA ASP I 419 -8.07 -44.51 28.55
C ASP I 419 -7.61 -44.70 27.11
N PHE I 420 -8.57 -44.68 26.20
CA PHE I 420 -8.27 -44.87 24.78
C PHE I 420 -9.50 -44.52 23.96
N ILE I 421 -9.27 -44.30 22.67
CA ILE I 421 -10.33 -44.16 21.69
C ILE I 421 -10.45 -45.47 20.94
N THR I 422 -11.66 -46.06 20.94
CA THR I 422 -11.92 -47.31 20.26
C THR I 422 -12.86 -47.05 19.09
N THR I 423 -12.40 -47.34 17.89
CA THR I 423 -13.18 -47.16 16.67
C THR I 423 -13.51 -48.52 16.07
N MET I 424 -14.79 -48.74 15.78
CA MET I 424 -15.26 -50.00 15.19
C MET I 424 -16.00 -49.66 13.90
N GLY I 425 -15.43 -50.07 12.77
CA GLY I 425 -16.06 -49.84 11.50
C GLY I 425 -17.05 -50.94 11.12
N ALA I 426 -16.56 -52.18 11.07
CA ALA I 426 -17.44 -53.32 10.80
C ALA I 426 -18.26 -53.73 12.01
N GLY I 427 -17.81 -53.38 13.21
CA GLY I 427 -18.56 -53.74 14.40
C GLY I 427 -19.89 -53.02 14.53
N CYS I 428 -20.05 -51.88 13.86
CA CYS I 428 -21.28 -51.10 13.90
C CYS I 428 -21.98 -51.04 12.56
N HIS I 429 -21.25 -50.76 11.48
CA HIS I 429 -21.88 -50.63 10.16
C HIS I 429 -22.32 -51.97 9.59
N ALA I 430 -21.71 -53.06 10.03
CA ALA I 430 -22.15 -54.40 9.62
C ALA I 430 -23.22 -54.96 10.55
N HIS I 431 -23.67 -54.19 11.52
CA HIS I 431 -24.79 -54.61 12.35
C HIS I 431 -26.04 -54.74 11.49
N PRO I 432 -26.85 -55.79 11.67
CA PRO I 432 -27.98 -56.02 10.76
C PRO I 432 -29.06 -54.95 10.82
N LYS I 433 -29.10 -54.12 11.87
CA LYS I 433 -30.15 -53.12 12.01
C LYS I 433 -29.64 -51.70 11.76
N GLY I 434 -28.55 -51.55 11.03
CA GLY I 434 -28.07 -50.24 10.62
C GLY I 434 -26.95 -49.70 11.49
N THR I 435 -26.42 -48.56 11.04
CA THR I 435 -25.31 -47.92 11.75
C THR I 435 -25.73 -47.45 13.15
N THR I 436 -26.93 -46.87 13.26
CA THR I 436 -27.40 -46.42 14.57
C THR I 436 -27.60 -47.60 15.52
N ALA I 437 -28.11 -48.71 15.00
CA ALA I 437 -28.25 -49.91 15.82
C ALA I 437 -26.89 -50.42 16.29
N GLY I 438 -25.89 -50.40 15.41
CA GLY I 438 -24.55 -50.82 15.79
C GLY I 438 -23.94 -49.91 16.85
N ALA I 439 -24.13 -48.60 16.70
CA ALA I 439 -23.65 -47.66 17.71
C ALA I 439 -24.34 -47.88 19.04
N LYS I 440 -25.66 -48.11 19.01
CA LYS I 440 -26.39 -48.39 20.24
C LYS I 440 -25.91 -49.68 20.90
N ALA I 441 -25.62 -50.70 20.09
CA ALA I 441 -25.10 -51.96 20.64
C ALA I 441 -23.72 -51.75 21.26
N LEU I 442 -22.87 -50.95 20.62
CA LEU I 442 -21.55 -50.67 21.19
C LEU I 442 -21.68 -49.91 22.50
N VAL I 443 -22.57 -48.92 22.55
CA VAL I 443 -22.79 -48.18 23.80
C VAL I 443 -23.36 -49.09 24.87
N GLN I 444 -24.24 -50.02 24.49
CA GLN I 444 -24.80 -50.96 25.46
C GLN I 444 -23.73 -51.89 26.01
N ALA I 445 -22.82 -52.34 25.15
CA ALA I 445 -21.70 -53.16 25.62
C ALA I 445 -20.81 -52.35 26.57
N CYS I 446 -20.59 -51.07 26.25
CA CYS I 446 -19.80 -50.22 27.14
C CYS I 446 -20.46 -50.06 28.51
N GLU I 447 -21.77 -49.84 28.53
CA GLU I 447 -22.48 -49.72 29.80
C GLU I 447 -22.49 -51.05 30.56
N ALA I 448 -22.57 -52.17 29.83
CA ALA I 448 -22.51 -53.47 30.48
C ALA I 448 -21.16 -53.70 31.14
N TYR I 449 -20.08 -53.32 30.46
CA TYR I 449 -18.75 -53.41 31.07
C TYR I 449 -18.63 -52.47 32.27
N GLN I 450 -19.16 -51.26 32.15
CA GLN I 450 -19.05 -50.28 33.23
C GLN I 450 -19.82 -50.73 34.46
N LYS I 451 -20.98 -51.37 34.27
CA LYS I 451 -21.79 -51.85 35.37
C LYS I 451 -21.41 -53.26 35.82
N GLY I 452 -20.47 -53.90 35.13
CA GLY I 452 -20.11 -55.28 35.43
C GLY I 452 -21.08 -56.32 34.92
N ILE I 453 -22.09 -55.91 34.16
CA ILE I 453 -23.07 -56.85 33.62
C ILE I 453 -22.49 -57.53 32.39
N ASP I 454 -22.59 -58.86 32.36
CA ASP I 454 -22.18 -59.60 31.17
C ASP I 454 -23.06 -59.22 29.99
N ILE I 455 -22.47 -59.20 28.80
CA ILE I 455 -23.18 -58.74 27.61
C ILE I 455 -24.36 -59.65 27.28
N LYS I 456 -24.22 -60.96 27.53
CA LYS I 456 -25.34 -61.87 27.31
C LYS I 456 -26.51 -61.54 28.24
N GLU I 457 -26.22 -61.25 29.50
CA GLU I 457 -27.29 -60.84 30.42
C GLU I 457 -27.80 -59.44 30.09
N TYR I 458 -26.89 -58.53 29.73
CA TYR I 458 -27.28 -57.15 29.46
C TYR I 458 -28.16 -57.04 28.22
N ALA I 459 -27.94 -57.91 27.23
CA ALA I 459 -28.69 -57.84 25.97
C ALA I 459 -30.14 -58.28 26.11
N LYS I 460 -30.52 -58.89 27.24
CA LYS I 460 -31.91 -59.31 27.42
C LYS I 460 -32.86 -58.12 27.45
N THR I 461 -32.40 -56.98 27.97
CA THR I 461 -33.18 -55.76 27.98
C THR I 461 -32.68 -54.73 26.97
N HIS I 462 -31.80 -55.13 26.05
CA HIS I 462 -31.21 -54.22 25.07
C HIS I 462 -31.13 -54.96 23.74
N LYS I 463 -32.04 -54.63 22.83
CA LYS I 463 -32.19 -55.39 21.59
C LYS I 463 -30.96 -55.27 20.69
N GLU I 464 -30.39 -54.06 20.59
CA GLU I 464 -29.26 -53.84 19.70
C GLU I 464 -28.04 -54.67 20.12
N LEU I 465 -27.78 -54.74 21.43
CA LEU I 465 -26.66 -55.54 21.93
C LEU I 465 -26.88 -57.02 21.63
N GLU I 466 -28.10 -57.52 21.82
CA GLU I 466 -28.39 -58.93 21.54
C GLU I 466 -28.25 -59.23 20.05
N GLU I 467 -28.73 -58.34 19.19
CA GLU I 467 -28.58 -58.54 17.75
C GLU I 467 -27.12 -58.51 17.34
N ALA I 468 -26.33 -57.61 17.92
CA ALA I 468 -24.91 -57.55 17.63
C ALA I 468 -24.22 -58.84 18.08
N ILE I 469 -24.58 -59.36 19.26
CA ILE I 469 -24.01 -60.61 19.74
C ILE I 469 -24.34 -61.76 18.80
N GLU I 470 -25.61 -61.83 18.39
CA GLU I 470 -26.04 -62.91 17.49
C GLU I 470 -25.33 -62.83 16.14
N PHE I 471 -25.12 -61.63 15.63
CA PHE I 471 -24.48 -61.49 14.33
C PHE I 471 -22.97 -61.73 14.41
N PHE I 472 -22.32 -61.26 15.47
CA PHE I 472 -20.87 -61.30 15.57
C PHE I 472 -20.34 -62.55 16.29
N THR I 473 -21.22 -63.41 16.81
CA THR I 473 -20.78 -64.66 17.40
C THR I 473 -20.62 -65.77 16.37
N LYS I 474 -20.93 -65.51 15.10
CA LYS I 474 -20.76 -66.49 14.05
C LYS I 474 -20.20 -65.84 12.78
N THR J 7 48.92 -36.63 42.07
CA THR J 7 48.63 -37.80 42.88
C THR J 7 48.23 -37.39 44.30
N GLN J 8 49.18 -36.79 45.02
CA GLN J 8 48.89 -36.31 46.36
C GLN J 8 47.87 -35.18 46.33
N LEU J 9 47.95 -34.30 45.34
CA LEU J 9 46.96 -33.23 45.21
C LEU J 9 45.59 -33.78 44.87
N ILE J 10 45.54 -34.88 44.12
CA ILE J 10 44.27 -35.50 43.77
C ILE J 10 43.58 -36.04 45.02
N LYS J 11 44.36 -36.57 45.96
CA LYS J 11 43.80 -37.08 47.20
C LYS J 11 43.36 -35.96 48.14
N THR J 12 43.84 -34.74 47.93
CA THR J 12 43.39 -33.62 48.74
C THR J 12 42.05 -33.07 48.27
N LEU J 13 41.54 -33.52 47.13
CA LEU J 13 40.29 -33.02 46.59
C LEU J 13 39.10 -33.71 47.26
N ASN J 14 38.02 -32.94 47.42
CA ASN J 14 36.77 -33.49 47.92
C ASN J 14 35.97 -34.05 46.74
N ILE J 15 34.73 -34.47 47.01
CA ILE J 15 33.90 -35.06 45.97
C ILE J 15 33.53 -34.03 44.92
N HIS J 16 33.25 -32.79 45.35
CA HIS J 16 32.86 -31.74 44.41
C HIS J 16 34.00 -31.40 43.46
N GLN J 17 35.22 -31.29 43.97
CA GLN J 17 36.35 -30.88 43.14
C GLN J 17 36.80 -32.00 42.21
N LYS J 18 36.57 -33.26 42.59
CA LYS J 18 37.00 -34.38 41.75
C LYS J 18 36.23 -34.44 40.44
N GLY J 19 35.01 -33.92 40.42
CA GLY J 19 34.23 -33.92 39.19
C GLY J 19 34.68 -32.89 38.17
N TYR J 20 35.57 -31.98 38.56
CA TYR J 20 36.12 -30.97 37.67
C TYR J 20 37.62 -31.17 37.43
N VAL J 21 38.15 -32.34 37.78
CA VAL J 21 39.56 -32.66 37.58
C VAL J 21 39.63 -34.03 36.91
N ASN J 22 40.32 -34.09 35.77
CA ASN J 22 40.52 -35.35 35.03
C ASN J 22 41.90 -35.28 34.38
N PHE J 23 42.90 -35.81 35.08
CA PHE J 23 44.26 -35.84 34.53
C PHE J 23 44.44 -36.98 33.53
N ASP J 24 43.46 -37.87 33.41
CA ASP J 24 43.49 -38.95 32.42
C ASP J 24 42.55 -38.68 31.25
N LEU J 25 42.34 -37.40 30.92
CA LEU J 25 41.57 -37.04 29.74
C LEU J 25 42.28 -37.56 28.51
N PRO J 26 41.63 -38.40 27.69
CA PRO J 26 42.39 -39.12 26.64
C PRO J 26 42.88 -38.22 25.53
N ASN J 27 42.05 -37.30 25.05
CA ASN J 27 42.41 -36.43 23.93
C ASN J 27 41.79 -35.06 24.16
N PRO J 28 42.53 -34.13 24.77
CA PRO J 28 42.02 -32.76 24.90
C PRO J 28 41.81 -32.06 23.57
N LYS J 29 42.49 -32.51 22.51
CA LYS J 29 42.37 -31.93 21.19
C LYS J 29 41.42 -32.71 20.30
N ASN J 30 40.49 -33.47 20.89
CA ASN J 30 39.58 -34.31 20.12
C ASN J 30 38.51 -33.51 19.37
N GLY J 31 38.39 -32.22 19.63
CA GLY J 31 37.38 -31.39 19.00
C GLY J 31 36.19 -31.06 19.89
N GLU J 32 36.11 -31.66 21.07
CA GLU J 32 35.03 -31.36 22.00
C GLU J 32 35.36 -30.22 22.95
N TYR J 33 36.64 -29.88 23.11
CA TYR J 33 37.08 -28.99 24.18
C TYR J 33 37.87 -27.81 23.64
N LEU J 34 37.46 -26.62 24.03
CA LEU J 34 38.38 -25.49 24.06
C LEU J 34 39.39 -25.73 25.17
N LEU J 35 40.65 -25.44 24.91
CA LEU J 35 41.71 -25.68 25.87
C LEU J 35 42.21 -24.35 26.42
N ALA J 36 42.34 -24.26 27.75
CA ALA J 36 42.77 -23.03 28.38
C ALA J 36 43.91 -23.32 29.35
N VAL J 37 44.98 -22.54 29.26
CA VAL J 37 46.08 -22.62 30.21
C VAL J 37 46.01 -21.39 31.10
N PHE J 38 45.97 -21.62 32.42
CA PHE J 38 45.87 -20.57 33.42
C PHE J 38 47.11 -20.58 34.28
N HIS J 39 47.73 -19.42 34.45
CA HIS J 39 48.64 -19.22 35.57
C HIS J 39 47.79 -19.02 36.82
N LEU J 40 47.93 -19.93 37.77
CA LEU J 40 47.04 -19.98 38.93
C LEU J 40 47.87 -20.05 40.21
N ILE J 41 47.66 -19.07 41.09
CA ILE J 41 48.18 -19.09 42.45
C ILE J 41 47.00 -18.92 43.39
N SER J 42 46.82 -19.90 44.28
CA SER J 42 45.65 -19.93 45.14
C SER J 42 45.69 -18.80 46.17
N GLY J 43 44.50 -18.40 46.63
CA GLY J 43 44.38 -17.28 47.54
C GLY J 43 44.42 -17.61 49.01
N GLY J 44 44.85 -18.82 49.37
CA GLY J 44 44.98 -19.16 50.78
C GLY J 44 44.20 -20.38 51.22
N LYS J 45 44.91 -21.35 51.79
CA LYS J 45 44.40 -22.59 52.38
C LYS J 45 43.99 -23.62 51.32
N LEU J 46 44.02 -23.28 50.04
CA LEU J 46 43.76 -24.22 48.97
C LEU J 46 45.04 -24.46 48.18
N ASN J 47 45.33 -25.73 47.89
CA ASN J 47 46.46 -26.03 47.02
C ASN J 47 46.12 -25.70 45.58
N ILE J 48 47.07 -25.95 44.69
CA ILE J 48 46.91 -25.58 43.29
C ILE J 48 45.77 -26.36 42.63
N LEU J 49 45.69 -27.66 42.91
CA LEU J 49 44.67 -28.49 42.26
C LEU J 49 43.28 -28.15 42.76
N GLN J 50 43.14 -27.87 44.06
CA GLN J 50 41.83 -27.50 44.60
C GLN J 50 41.35 -26.18 44.00
N ALA J 51 42.24 -25.18 43.94
CA ALA J 51 41.88 -23.90 43.34
C ALA J 51 41.56 -24.06 41.86
N ALA J 52 42.30 -24.90 41.16
CA ALA J 52 42.01 -25.16 39.75
C ALA J 52 40.66 -25.81 39.56
N ALA J 53 40.32 -26.76 40.44
CA ALA J 53 39.00 -27.39 40.37
C ALA J 53 37.89 -26.39 40.64
N GLU J 54 38.07 -25.51 41.62
CA GLU J 54 37.08 -24.47 41.87
C GLU J 54 36.95 -23.52 40.69
N VAL J 55 38.07 -23.16 40.06
CA VAL J 55 38.02 -22.29 38.89
C VAL J 55 37.29 -22.96 37.75
N ALA J 56 37.56 -24.25 37.51
CA ALA J 56 36.88 -24.99 36.45
C ALA J 56 35.38 -25.10 36.71
N ALA J 57 35.01 -25.35 37.97
CA ALA J 57 33.59 -25.42 38.32
C ALA J 57 32.90 -24.07 38.11
N GLU J 58 33.51 -22.99 38.63
CA GLU J 58 32.92 -21.66 38.50
C GLU J 58 32.93 -21.16 37.07
N SER J 59 33.75 -21.74 36.19
CA SER J 59 33.81 -21.31 34.82
C SER J 59 33.10 -22.24 33.84
N SER J 60 32.62 -23.40 34.29
CA SER J 60 31.83 -24.26 33.40
C SER J 60 30.42 -24.50 33.90
N THR J 61 30.23 -25.15 35.05
CA THR J 61 28.91 -25.59 35.46
C THR J 61 28.60 -25.45 36.94
N GLY J 62 29.61 -25.41 37.82
CA GLY J 62 29.40 -25.62 39.23
C GLY J 62 29.58 -24.39 40.09
N THR J 63 29.77 -24.64 41.38
CA THR J 63 29.86 -23.61 42.41
C THR J 63 30.85 -24.15 43.45
N ASN J 64 30.84 -23.58 44.64
CA ASN J 64 31.69 -24.09 45.71
C ASN J 64 31.14 -25.36 46.36
N PHE J 65 29.92 -25.78 46.00
CA PHE J 65 29.32 -27.00 46.52
C PHE J 65 28.65 -27.76 45.38
N ASN J 66 28.45 -29.07 45.61
CA ASN J 66 27.59 -29.87 44.74
C ASN J 66 26.14 -29.52 45.05
N VAL J 67 25.36 -29.27 44.02
CA VAL J 67 23.94 -28.96 44.19
C VAL J 67 23.12 -30.20 43.90
N ASN J 68 21.92 -30.24 44.47
CA ASN J 68 21.05 -31.40 44.31
C ASN J 68 20.34 -31.41 42.95
N THR J 69 20.38 -30.32 42.21
CA THR J 69 19.82 -30.27 40.86
C THR J 69 20.79 -30.77 39.81
N GLU J 70 21.98 -31.23 40.21
CA GLU J 70 22.98 -31.68 39.25
C GLU J 70 22.53 -32.97 38.60
N THR J 71 22.48 -32.97 37.28
CA THR J 71 22.12 -34.14 36.48
C THR J 71 23.38 -34.78 35.90
N PRO J 72 23.29 -36.06 35.52
CA PRO J 72 24.43 -36.68 34.81
C PRO J 72 24.76 -35.98 33.50
N PHE J 73 23.78 -35.41 32.81
CA PHE J 73 24.06 -34.61 31.64
C PHE J 73 24.84 -33.35 32.00
N SER J 74 24.56 -32.77 33.16
CA SER J 74 25.30 -31.59 33.61
C SER J 74 26.77 -31.91 33.85
N LYS J 75 27.05 -33.11 34.36
CA LYS J 75 28.43 -33.50 34.62
C LYS J 75 29.24 -33.65 33.34
N GLU J 76 28.57 -33.95 32.22
CA GLU J 76 29.27 -34.05 30.95
C GLU J 76 29.78 -32.68 30.49
N MET J 77 29.12 -31.61 30.92
CA MET J 77 29.55 -30.26 30.59
C MET J 77 30.58 -29.70 31.56
N ASN J 78 31.03 -30.51 32.52
CA ASN J 78 32.03 -30.05 33.48
C ASN J 78 33.35 -29.74 32.79
N ALA J 79 33.90 -28.57 33.09
CA ALA J 79 35.28 -28.30 32.75
C ALA J 79 36.19 -29.12 33.66
N VAL J 80 37.22 -29.72 33.08
CA VAL J 80 38.10 -30.62 33.81
C VAL J 80 39.54 -30.12 33.69
N VAL J 81 40.22 -30.06 34.82
CA VAL J 81 41.66 -29.82 34.84
C VAL J 81 42.35 -31.12 34.41
N TYR J 82 43.05 -31.07 33.27
CA TYR J 82 43.66 -32.26 32.70
C TYR J 82 45.18 -32.26 32.76
N GLN J 83 45.78 -31.20 33.29
CA GLN J 83 47.23 -31.11 33.33
C GLN J 83 47.61 -29.99 34.30
N ILE J 84 48.71 -30.18 35.02
CA ILE J 84 49.21 -29.16 35.94
C ILE J 84 50.73 -29.16 35.92
N ASP J 85 51.30 -27.98 35.75
CA ASP J 85 52.73 -27.74 35.94
C ASP J 85 52.89 -27.09 37.31
N LEU J 86 53.46 -27.84 38.25
CA LEU J 86 53.55 -27.37 39.63
C LEU J 86 54.60 -26.28 39.79
N ASP J 87 55.71 -26.39 39.08
CA ASP J 87 56.77 -25.38 39.19
C ASP J 87 56.31 -24.02 38.67
N GLN J 88 55.62 -24.00 37.54
CA GLN J 88 55.17 -22.76 36.93
C GLN J 88 53.79 -22.33 37.40
N ASN J 89 53.10 -23.15 38.20
CA ASN J 89 51.74 -22.87 38.64
C ASN J 89 50.80 -22.73 37.45
N LEU J 90 50.88 -23.67 36.52
CA LEU J 90 50.05 -23.67 35.32
C LEU J 90 49.02 -24.79 35.42
N VAL J 91 47.78 -24.48 35.05
CA VAL J 91 46.69 -25.44 35.06
C VAL J 91 46.03 -25.45 33.70
N TRP J 92 45.82 -26.64 33.14
CA TRP J 92 45.14 -26.81 31.86
C TRP J 92 43.71 -27.25 32.13
N ILE J 93 42.76 -26.53 31.56
CA ILE J 93 41.34 -26.82 31.72
C ILE J 93 40.73 -27.02 30.34
N ALA J 94 40.02 -28.13 30.16
CA ALA J 94 39.29 -28.41 28.95
C ALA J 94 37.83 -28.04 29.16
N TYR J 95 37.35 -27.06 28.41
CA TYR J 95 35.97 -26.63 28.48
C TYR J 95 35.21 -27.22 27.31
N PRO J 96 34.20 -28.06 27.53
CA PRO J 96 33.34 -28.47 26.41
C PRO J 96 32.65 -27.25 25.82
N TRP J 97 32.88 -27.02 24.52
CA TRP J 97 32.37 -25.81 23.89
C TRP J 97 30.86 -25.87 23.64
N ARG J 98 30.24 -27.02 23.94
CA ARG J 98 28.78 -27.07 24.08
C ARG J 98 28.27 -26.10 25.14
N LEU J 99 29.08 -25.79 26.15
CA LEU J 99 28.71 -24.81 27.17
C LEU J 99 28.41 -23.45 26.56
N PHE J 100 29.10 -23.09 25.47
CA PHE J 100 29.05 -21.74 24.94
C PHE J 100 27.76 -21.49 24.18
N ASP J 101 27.30 -20.24 24.22
CA ASP J 101 26.09 -19.84 23.52
C ASP J 101 26.24 -20.05 22.02
N ARG J 102 25.21 -20.61 21.39
CA ARG J 102 25.26 -20.91 19.97
C ARG J 102 25.17 -19.61 19.16
N GLY J 103 25.51 -19.72 17.89
CA GLY J 103 25.52 -18.55 17.03
C GLY J 103 26.78 -17.72 17.08
N GLY J 104 27.91 -18.32 17.46
CA GLY J 104 29.17 -17.60 17.51
C GLY J 104 29.23 -16.49 18.53
N ASN J 105 28.80 -16.76 19.75
CA ASN J 105 28.81 -15.78 20.83
C ASN J 105 30.17 -15.82 21.53
N VAL J 106 30.98 -14.78 21.32
CA VAL J 106 32.32 -14.72 21.90
C VAL J 106 32.27 -14.19 23.33
N GLN J 107 31.40 -13.21 23.60
CA GLN J 107 31.25 -12.70 24.96
C GLN J 107 30.79 -13.79 25.92
N ASN J 108 30.01 -14.76 25.43
CA ASN J 108 29.64 -15.90 26.27
C ASN J 108 30.85 -16.72 26.67
N ILE J 109 31.78 -16.95 25.74
CA ILE J 109 33.00 -17.67 26.06
C ILE J 109 33.82 -16.90 27.09
N LEU J 110 33.94 -15.58 26.90
CA LEU J 110 34.69 -14.76 27.85
C LEU J 110 34.02 -14.77 29.22
N THR J 111 32.69 -14.74 29.25
CA THR J 111 31.96 -14.82 30.51
C THR J 111 32.23 -16.13 31.23
N TYR J 112 32.29 -17.24 30.47
CA TYR J 112 32.65 -18.52 31.06
C TYR J 112 34.07 -18.50 31.63
N ILE J 113 35.07 -18.27 30.77
CA ILE J 113 36.44 -18.59 31.14
C ILE J 113 37.18 -17.43 31.81
N VAL J 114 36.82 -16.19 31.47
CA VAL J 114 37.47 -15.04 32.10
C VAL J 114 36.41 -14.16 32.75
N GLY J 115 35.32 -14.76 33.22
CA GLY J 115 34.26 -14.03 33.87
C GLY J 115 34.38 -14.03 35.38
N ASN J 116 33.49 -14.79 36.04
CA ASN J 116 33.40 -14.75 37.50
C ASN J 116 34.65 -15.31 38.18
N VAL J 117 35.44 -16.12 37.45
CA VAL J 117 36.62 -16.73 38.05
C VAL J 117 37.64 -15.69 38.46
N LEU J 118 37.68 -14.55 37.77
CA LEU J 118 38.61 -13.49 38.13
C LEU J 118 38.29 -12.88 39.49
N GLY J 119 37.02 -12.86 39.86
CA GLY J 119 36.62 -12.31 41.15
C GLY J 119 36.75 -13.26 42.33
N MET J 120 37.08 -14.52 42.07
CA MET J 120 37.13 -15.52 43.15
C MET J 120 38.29 -15.23 44.09
N LYS J 121 38.02 -15.22 45.39
CA LYS J 121 39.08 -15.01 46.37
C LYS J 121 39.90 -16.27 46.62
N GLU J 122 39.47 -17.42 46.10
CA GLU J 122 40.23 -18.65 46.27
C GLU J 122 41.54 -18.63 45.50
N VAL J 123 41.67 -17.76 44.50
CA VAL J 123 42.90 -17.60 43.73
C VAL J 123 43.44 -16.21 43.97
N SER J 124 44.75 -16.11 44.20
CA SER J 124 45.42 -14.82 44.28
C SER J 124 45.93 -14.36 42.91
N ALA J 125 46.25 -15.29 42.02
CA ALA J 125 46.60 -14.97 40.64
C ALA J 125 45.86 -15.92 39.72
N LEU J 126 45.20 -15.37 38.70
CA LEU J 126 44.49 -16.20 37.72
C LEU J 126 44.56 -15.49 36.38
N LYS J 127 45.54 -15.90 35.56
CA LYS J 127 45.77 -15.26 34.27
C LYS J 127 45.62 -16.30 33.17
N LEU J 128 44.67 -16.08 32.26
CA LEU J 128 44.49 -16.96 31.11
C LEU J 128 45.57 -16.67 30.09
N LEU J 129 46.62 -17.50 30.07
CA LEU J 129 47.77 -17.25 29.22
C LEU J 129 47.48 -17.57 27.76
N ASP J 130 46.78 -18.66 27.48
CA ASP J 130 46.55 -19.07 26.11
C ASP J 130 45.30 -19.94 26.05
N VAL J 131 44.69 -20.00 24.87
CA VAL J 131 43.54 -20.86 24.61
C VAL J 131 43.77 -21.57 23.28
N TRP J 132 43.09 -22.71 23.11
CA TRP J 132 43.17 -23.50 21.90
C TRP J 132 41.77 -23.79 21.39
N PHE J 133 41.49 -23.38 20.15
CA PHE J 133 40.19 -23.61 19.55
C PHE J 133 40.24 -24.83 18.64
N PRO J 134 39.47 -25.87 18.91
CA PRO J 134 39.39 -27.00 17.99
C PRO J 134 38.72 -26.58 16.69
N PRO J 135 39.01 -27.27 15.58
CA PRO J 135 38.36 -26.91 14.30
C PRO J 135 36.85 -27.00 14.34
N ALA J 136 36.30 -27.99 15.06
CA ALA J 136 34.86 -28.12 15.19
C ALA J 136 34.27 -26.90 15.89
N MET J 137 34.97 -26.37 16.91
CA MET J 137 34.53 -25.15 17.56
C MET J 137 34.75 -23.94 16.66
N LEU J 138 35.87 -23.91 15.93
CA LEU J 138 36.16 -22.78 15.05
C LEU J 138 35.15 -22.65 13.93
N GLU J 139 34.52 -23.76 13.53
CA GLU J 139 33.46 -23.69 12.53
C GLU J 139 32.25 -22.89 13.03
N GLN J 140 32.04 -22.84 14.35
CA GLN J 140 30.90 -22.16 14.93
C GLN J 140 31.01 -20.64 14.88
N TYR J 141 32.16 -20.08 14.54
CA TYR J 141 32.39 -18.66 14.70
C TYR J 141 32.77 -18.03 13.37
N ASP J 142 32.44 -16.73 13.25
CA ASP J 142 32.56 -16.05 11.96
C ASP J 142 34.01 -15.94 11.51
N GLY J 143 34.88 -15.43 12.37
CA GLY J 143 36.22 -15.06 11.98
C GLY J 143 36.19 -13.79 11.15
N PRO J 144 37.36 -13.29 10.77
CA PRO J 144 37.40 -12.08 9.95
C PRO J 144 36.86 -12.35 8.55
N SER J 145 36.18 -11.35 8.00
CA SER J 145 35.73 -11.38 6.61
C SER J 145 36.49 -10.41 5.72
N TYR J 146 36.75 -9.20 6.21
CA TYR J 146 37.66 -8.27 5.56
C TYR J 146 39.01 -8.38 6.26
N THR J 147 40.08 -8.44 5.47
CA THR J 147 41.40 -8.74 6.01
C THR J 147 42.40 -7.68 5.55
N LEU J 148 43.62 -7.81 6.05
CA LEU J 148 44.69 -6.89 5.64
C LEU J 148 45.01 -7.04 4.16
N ASP J 149 44.78 -8.22 3.58
CA ASP J 149 45.01 -8.40 2.15
C ASP J 149 44.04 -7.58 1.32
N ASP J 150 42.77 -7.50 1.75
CA ASP J 150 41.80 -6.68 1.04
C ASP J 150 42.18 -5.20 1.07
N MET J 151 42.62 -4.72 2.23
CA MET J 151 43.08 -3.33 2.33
C MET J 151 44.35 -3.11 1.53
N ARG J 152 45.23 -4.12 1.46
CA ARG J 152 46.44 -4.01 0.65
C ARG J 152 46.08 -3.93 -0.83
N LYS J 153 45.05 -4.65 -1.25
CA LYS J 153 44.61 -4.59 -2.64
C LYS J 153 43.96 -3.25 -2.95
N TYR J 154 43.14 -2.73 -2.03
CA TYR J 154 42.51 -1.43 -2.25
C TYR J 154 43.55 -0.31 -2.28
N LEU J 155 44.53 -0.36 -1.38
CA LEU J 155 45.57 0.66 -1.32
C LEU J 155 46.68 0.44 -2.34
N ASN J 156 46.76 -0.75 -2.95
CA ASN J 156 47.87 -1.10 -3.83
C ASN J 156 49.20 -1.02 -3.11
N VAL J 157 49.20 -1.42 -1.84
CA VAL J 157 50.38 -1.37 -0.98
C VAL J 157 50.79 -2.79 -0.67
N TYR J 158 51.98 -3.18 -1.13
CA TYR J 158 52.51 -4.51 -0.90
C TYR J 158 53.98 -4.40 -0.52
N ASP J 159 54.48 -5.44 0.15
CA ASP J 159 55.89 -5.60 0.52
C ASP J 159 56.36 -4.59 1.56
N ARG J 160 55.44 -3.90 2.24
CA ARG J 160 55.80 -2.98 3.31
C ARG J 160 54.60 -2.85 4.22
N PRO J 161 54.82 -2.49 5.49
CA PRO J 161 53.69 -2.25 6.39
C PRO J 161 52.87 -1.06 5.92
N ILE J 162 51.56 -1.15 6.12
CA ILE J 162 50.68 -0.04 5.78
C ILE J 162 50.95 1.10 6.76
N LEU J 163 51.31 2.26 6.23
CA LEU J 163 51.67 3.39 7.07
C LEU J 163 50.42 4.13 7.51
N GLY J 164 50.29 4.32 8.82
CA GLY J 164 49.11 4.94 9.37
C GLY J 164 49.48 5.96 10.42
N THR J 165 48.47 6.74 10.82
CA THR J 165 48.67 7.77 11.83
C THR J 165 47.40 7.89 12.67
N ILE J 166 47.57 8.39 13.89
CA ILE J 166 46.47 8.81 14.74
C ILE J 166 46.53 10.33 14.84
N ILE J 167 45.40 10.98 14.56
CA ILE J 167 45.37 12.44 14.51
C ILE J 167 45.50 12.97 15.94
N LYS J 168 46.63 13.60 16.24
CA LYS J 168 46.86 14.28 17.50
C LYS J 168 46.63 15.78 17.34
N PRO J 169 46.01 16.46 18.33
CA PRO J 169 45.55 15.98 19.65
C PRO J 169 44.46 14.93 19.59
N LYS J 170 44.36 14.12 20.65
CA LYS J 170 43.35 13.06 20.69
C LYS J 170 41.94 13.65 20.64
N MET J 171 41.70 14.72 21.38
CA MET J 171 40.41 15.39 21.38
C MET J 171 40.65 16.90 21.43
N GLY J 172 39.65 17.64 20.96
CA GLY J 172 39.72 19.09 20.96
C GLY J 172 39.80 19.72 19.60
N LEU J 173 40.15 18.96 18.56
CA LEU J 173 40.14 19.48 17.21
C LEU J 173 38.71 19.53 16.68
N THR J 174 38.43 20.57 15.89
CA THR J 174 37.16 20.63 15.20
C THR J 174 37.15 19.63 14.04
N SER J 175 35.99 19.49 13.40
CA SER J 175 35.89 18.60 12.25
C SER J 175 36.78 19.06 11.12
N ALA J 176 36.84 20.38 10.88
CA ALA J 176 37.70 20.91 9.83
C ALA J 176 39.18 20.68 10.14
N GLU J 177 39.58 20.92 11.39
CA GLU J 177 40.98 20.71 11.77
C GLU J 177 41.36 19.24 11.69
N TYR J 178 40.47 18.35 12.12
CA TYR J 178 40.73 16.91 12.03
C TYR J 178 40.87 16.48 10.57
N ALA J 179 39.97 16.94 9.71
CA ALA J 179 40.05 16.61 8.30
C ALA J 179 41.32 17.16 7.67
N GLU J 180 41.74 18.37 8.09
CA GLU J 180 42.96 18.96 7.57
C GLU J 180 44.18 18.14 7.98
N ALA J 181 44.21 17.67 9.24
CA ALA J 181 45.32 16.83 9.68
C ALA J 181 45.34 15.50 8.94
N ALA J 182 44.16 14.91 8.71
CA ALA J 182 44.08 13.67 7.95
C ALA J 182 44.57 13.86 6.53
N TYR J 183 44.17 14.96 5.88
CA TYR J 183 44.67 15.25 4.54
C TYR J 183 46.17 15.47 4.55
N ASP J 184 46.68 16.16 5.56
CA ASP J 184 48.12 16.43 5.64
C ASP J 184 48.91 15.13 5.73
N PHE J 185 48.42 14.18 6.52
CA PHE J 185 49.08 12.88 6.55
C PHE J 185 48.93 12.14 5.22
N TRP J 186 47.73 12.17 4.63
CA TRP J 186 47.47 11.37 3.43
C TRP J 186 48.29 11.86 2.24
N VAL J 187 48.34 13.18 2.04
CA VAL J 187 49.07 13.72 0.89
C VAL J 187 50.58 13.68 1.11
N GLY J 188 51.03 13.42 2.33
CA GLY J 188 52.43 13.25 2.61
C GLY J 188 52.98 11.87 2.36
N GLY J 189 52.15 10.94 1.89
CA GLY J 189 52.55 9.58 1.62
C GLY J 189 51.85 8.54 2.46
N GLY J 190 51.38 8.91 3.65
CA GLY J 190 50.71 7.94 4.52
C GLY J 190 49.41 7.45 3.91
N ASP J 191 49.11 6.17 4.16
CA ASP J 191 47.95 5.51 3.56
C ASP J 191 46.75 5.48 4.49
N PHE J 192 46.97 5.39 5.80
CA PHE J 192 45.92 5.04 6.75
C PHE J 192 45.78 6.12 7.81
N VAL J 193 44.56 6.55 8.05
CA VAL J 193 44.27 7.48 9.13
C VAL J 193 43.13 6.92 9.98
N ASN J 195 40.47 7.46 13.45
CA ASN J 195 39.91 8.18 14.60
C ASN J 195 40.65 7.74 15.85
N ASP J 196 40.95 8.69 16.72
CA ASP J 196 41.38 8.31 18.06
C ASP J 196 40.24 7.58 18.74
N GLU J 197 40.58 6.67 19.65
CA GLU J 197 39.60 5.75 20.22
C GLU J 197 38.40 6.41 20.90
N PRO J 198 38.48 7.59 21.53
CA PRO J 198 37.26 8.24 21.99
C PRO J 198 36.67 9.29 21.04
N GLN J 199 37.22 9.43 19.83
CA GLN J 199 36.70 10.41 18.88
C GLN J 199 35.29 10.02 18.45
N ALA J 200 34.32 10.86 18.77
CA ALA J 200 32.91 10.54 18.61
C ALA J 200 32.16 11.84 18.32
N ASN J 201 30.85 11.83 18.51
CA ASN J 201 30.00 12.99 18.26
C ASN J 201 30.09 13.98 19.43
N GLN J 202 31.28 14.54 19.61
CA GLN J 202 31.46 15.64 20.54
C GLN J 202 30.83 16.91 19.98
N ASP J 203 30.48 17.83 20.88
CA ASP J 203 29.75 19.02 20.46
C ASP J 203 30.61 19.94 19.60
N PHE J 204 31.92 19.98 19.82
CA PHE J 204 32.79 20.83 19.03
C PHE J 204 33.29 20.15 17.75
N CYS J 205 33.21 18.82 17.69
CA CYS J 205 33.55 18.06 16.49
C CYS J 205 32.41 17.10 16.18
N PRO J 206 31.32 17.60 15.61
CA PRO J 206 30.17 16.74 15.32
C PRO J 206 30.52 15.63 14.34
N TYR J 207 29.92 14.46 14.56
CA TYR J 207 30.32 13.26 13.82
C TYR J 207 30.01 13.39 12.33
N ASP J 208 28.83 13.91 11.99
CA ASP J 208 28.47 14.05 10.57
C ASP J 208 29.39 15.04 9.87
N LYS J 209 29.70 16.16 10.51
CA LYS J 209 30.62 17.13 9.92
C LYS J 209 32.01 16.54 9.77
N MET J 210 32.46 15.78 10.77
CA MET J 210 33.77 15.13 10.69
C MET J 210 33.81 14.13 9.54
N VAL J 211 32.72 13.37 9.36
CA VAL J 211 32.67 12.37 8.29
C VAL J 211 32.72 13.05 6.93
N ARG J 212 31.91 14.09 6.73
CA ARG J 212 31.88 14.78 5.45
C ARG J 212 33.21 15.48 5.16
N ASN J 213 33.81 16.11 6.18
CA ASN J 213 35.09 16.78 5.98
C ASN J 213 36.19 15.77 5.69
N VAL J 214 36.15 14.61 6.34
CA VAL J 214 37.13 13.56 6.07
C VAL J 214 36.94 13.02 4.66
N LYS J 215 35.70 12.92 4.19
CA LYS J 215 35.45 12.50 2.82
C LYS J 215 36.06 13.48 1.83
N ALA J 216 35.84 14.78 2.06
CA ALA J 216 36.41 15.80 1.17
C ALA J 216 37.94 15.78 1.21
N ALA J 217 38.52 15.65 2.40
CA ALA J 217 39.98 15.61 2.53
C ALA J 217 40.56 14.38 1.85
N MET J 218 39.89 13.23 1.98
CA MET J 218 40.37 12.02 1.34
C MET J 218 40.26 12.12 -0.17
N ASP J 219 39.19 12.73 -0.68
CA ASP J 219 39.08 12.95 -2.12
C ASP J 219 40.21 13.84 -2.62
N LYS J 220 40.49 14.92 -1.90
CA LYS J 220 41.57 15.83 -2.29
C LYS J 220 42.93 15.13 -2.25
N ALA J 221 43.19 14.36 -1.20
CA ALA J 221 44.47 13.66 -1.08
C ALA J 221 44.63 12.60 -2.17
N VAL J 222 43.54 11.87 -2.46
CA VAL J 222 43.59 10.84 -3.50
C VAL J 222 43.85 11.47 -4.86
N LYS J 223 43.18 12.60 -5.15
CA LYS J 223 43.42 13.27 -6.43
C LYS J 223 44.83 13.81 -6.52
N GLU J 224 45.35 14.41 -5.44
CA GLU J 224 46.68 15.01 -5.50
C GLU J 224 47.78 13.95 -5.59
N THR J 225 47.67 12.86 -4.81
CA THR J 225 48.72 11.85 -4.77
C THR J 225 48.53 10.76 -5.81
N GLY J 226 47.34 10.60 -6.37
CA GLY J 226 47.08 9.49 -7.25
C GLY J 226 47.13 8.14 -6.59
N ASN J 227 46.93 8.09 -5.27
CA ASN J 227 46.95 6.86 -4.50
C ASN J 227 45.72 6.81 -3.60
N LYS J 228 45.19 5.61 -3.41
CA LYS J 228 44.02 5.44 -2.56
C LYS J 228 44.38 5.65 -1.09
N LYS J 229 43.38 6.03 -0.29
CA LYS J 229 43.57 6.30 1.12
C LYS J 229 42.46 5.65 1.91
N VAL J 230 42.78 5.28 3.15
CA VAL J 230 41.84 4.63 4.06
C VAL J 230 41.75 5.44 5.34
N HIS J 231 40.53 5.64 5.82
CA HIS J 231 40.29 6.25 7.12
C HIS J 231 39.47 5.30 7.99
N SER J 232 39.93 5.06 9.20
CA SER J 232 39.23 4.23 10.16
C SER J 232 38.39 5.13 11.06
N PHE J 233 37.07 5.02 10.96
CA PHE J 233 36.16 5.85 11.73
C PHE J 233 35.80 5.14 13.04
N ASN J 234 35.88 5.88 14.14
CA ASN J 234 35.43 5.35 15.42
C ASN J 234 33.90 5.33 15.44
N VAL J 235 33.32 4.14 15.57
CA VAL J 235 31.88 3.98 15.56
C VAL J 235 31.35 3.55 16.93
N SER J 236 32.19 3.60 17.96
CA SER J 236 31.72 3.32 19.31
C SER J 236 30.76 4.41 19.77
N ALA J 237 29.60 4.01 20.25
CA ALA J 237 28.54 4.94 20.63
C ALA J 237 27.95 4.52 21.97
N ALA J 238 26.89 5.20 22.39
CA ALA J 238 26.23 4.86 23.64
C ALA J 238 25.45 3.56 23.51
N ASP J 239 24.81 3.35 22.36
CA ASP J 239 23.98 2.17 22.12
C ASP J 239 24.20 1.70 20.69
N PHE J 240 23.52 0.61 20.34
CA PHE J 240 23.64 0.05 19.00
C PHE J 240 23.11 1.03 17.95
N ASP J 241 22.00 1.69 18.27
CA ASP J 241 21.35 2.56 17.29
C ASP J 241 22.26 3.71 16.87
N THR J 242 22.95 4.31 17.82
CA THR J 242 23.89 5.39 17.49
C THR J 242 25.06 4.86 16.67
N MET J 243 25.56 3.66 17.02
CA MET J 243 26.68 3.08 16.28
C MET J 243 26.30 2.80 14.83
N ILE J 244 25.12 2.21 14.62
CA ILE J 244 24.67 1.91 13.26
C ILE J 244 24.32 3.19 12.51
N GLU J 245 23.78 4.20 13.19
CA GLU J 245 23.55 5.48 12.55
C GLU J 245 24.85 6.11 12.06
N ARG J 246 25.90 6.03 12.89
CA ARG J 246 27.20 6.56 12.49
C ARG J 246 27.81 5.75 11.36
N CYS J 247 27.66 4.43 11.42
CA CYS J 247 28.13 3.56 10.33
C CYS J 247 27.43 3.90 9.02
N GLU J 248 26.10 4.00 9.05
CA GLU J 248 25.36 4.32 7.84
C GLU J 248 25.69 5.73 7.34
N LEU J 249 25.98 6.64 8.26
CA LEU J 249 26.45 7.96 7.87
C LEU J 249 27.76 7.87 7.11
N ILE J 250 28.68 7.01 7.57
CA ILE J 250 29.93 6.80 6.85
C ILE J 250 29.67 6.18 5.49
N ARG J 251 28.79 5.18 5.43
CA ARG J 251 28.50 4.49 4.17
C ARG J 251 27.86 5.43 3.16
N ASN J 252 26.91 6.25 3.60
CA ASN J 252 26.19 7.17 2.74
C ASN J 252 26.88 8.53 2.65
N ALA J 253 28.20 8.58 2.88
CA ALA J 253 28.94 9.84 2.77
C ALA J 253 28.91 10.40 1.35
N GLY J 254 29.29 9.62 0.34
CA GLY J 254 29.74 8.24 0.27
C GLY J 254 31.18 8.03 -0.16
N PHE J 255 31.93 7.30 0.67
CA PHE J 255 33.30 6.95 0.34
C PHE J 255 33.34 5.84 -0.70
N GLU J 256 34.52 5.68 -1.31
CA GLU J 256 34.77 4.49 -2.10
C GLU J 256 34.77 3.27 -1.19
N PRO J 257 34.24 2.13 -1.65
CA PRO J 257 34.31 0.91 -0.84
C PRO J 257 35.76 0.48 -0.61
N GLY J 258 36.11 0.29 0.67
CA GLY J 258 37.45 -0.03 1.06
C GLY J 258 38.25 1.14 1.60
N SER J 259 37.79 2.37 1.35
CA SER J 259 38.50 3.55 1.82
C SER J 259 38.19 3.91 3.27
N TYR J 260 37.20 3.26 3.88
CA TYR J 260 36.84 3.52 5.26
C TYR J 260 36.81 2.22 6.05
N ALA J 261 37.23 2.30 7.31
CA ALA J 261 37.17 1.19 8.23
C ALA J 261 36.36 1.61 9.45
N PHE J 262 35.75 0.62 10.11
CA PHE J 262 34.96 0.85 11.30
C PHE J 262 35.81 0.50 12.52
N LEU J 263 36.13 1.51 13.32
CA LEU J 263 36.88 1.31 14.56
C LEU J 263 35.89 1.22 15.71
N ILE J 264 36.05 0.19 16.53
CA ILE J 264 35.16 -0.05 17.66
C ILE J 264 36.02 -0.24 18.91
N ASP J 265 35.65 0.43 19.99
CA ASP J 265 36.33 0.29 21.27
C ASP J 265 35.90 -1.05 21.86
N GLY J 266 36.63 -2.11 21.52
CA GLY J 266 36.16 -3.46 21.79
C GLY J 266 36.00 -3.77 23.26
N ILE J 267 36.95 -3.32 24.09
CA ILE J 267 36.86 -3.59 25.53
C ILE J 267 35.71 -2.80 26.15
N THR J 268 35.61 -1.51 25.83
CA THR J 268 34.61 -0.66 26.48
C THR J 268 33.24 -0.79 25.82
N ALA J 269 33.18 -0.62 24.49
CA ALA J 269 31.91 -0.77 23.79
C ALA J 269 31.39 -2.19 23.89
N GLY J 270 32.28 -3.18 23.96
CA GLY J 270 31.87 -4.55 24.18
C GLY J 270 32.05 -5.46 22.98
N TRP J 271 32.21 -6.76 23.25
CA TRP J 271 32.36 -7.73 22.19
C TRP J 271 31.11 -7.88 21.33
N MET J 272 29.94 -7.57 21.89
CA MET J 272 28.72 -7.56 21.10
C MET J 272 28.79 -6.53 19.98
N ALA J 273 29.36 -5.35 20.27
CA ALA J 273 29.51 -4.34 19.22
C ALA J 273 30.45 -4.82 18.12
N VAL J 274 31.54 -5.51 18.51
CA VAL J 274 32.48 -6.01 17.51
C VAL J 274 31.82 -7.06 16.63
N GLN J 275 31.08 -7.99 17.24
CA GLN J 275 30.40 -9.01 16.45
C GLN J 275 29.31 -8.41 15.57
N THR J 276 28.59 -7.42 16.09
CA THR J 276 27.56 -6.75 15.30
C THR J 276 28.16 -6.03 14.10
N LEU J 277 29.29 -5.35 14.30
CA LEU J 277 29.94 -4.69 13.18
C LEU J 277 30.48 -5.69 12.18
N ARG J 278 31.02 -6.82 12.66
CA ARG J 278 31.52 -7.84 11.75
C ARG J 278 30.40 -8.43 10.91
N ARG J 279 29.24 -8.69 11.51
CA ARG J 279 28.16 -9.35 10.77
C ARG J 279 27.39 -8.38 9.90
N LYS J 280 27.13 -7.16 10.38
CA LYS J 280 26.39 -6.19 9.59
C LYS J 280 27.23 -5.68 8.42
N TYR J 281 28.54 -5.55 8.59
CA TYR J 281 29.42 -4.99 7.58
C TYR J 281 30.61 -5.92 7.38
N PRO J 282 30.39 -7.11 6.79
CA PRO J 282 31.51 -8.01 6.51
C PRO J 282 32.45 -7.49 5.44
N ASP J 283 32.02 -6.54 4.61
CA ASP J 283 32.86 -5.96 3.57
C ASP J 283 33.69 -4.79 4.07
N VAL J 284 33.59 -4.44 5.34
CA VAL J 284 34.31 -3.30 5.92
C VAL J 284 35.36 -3.82 6.89
N PHE J 285 36.55 -3.23 6.83
CA PHE J 285 37.60 -3.54 7.80
C PHE J 285 37.14 -3.14 9.19
N ILE J 286 36.97 -4.12 10.07
CA ILE J 286 36.57 -3.88 11.45
C ILE J 286 37.83 -3.66 12.27
N HIS J 287 38.01 -2.45 12.76
CA HIS J 287 39.20 -2.06 13.51
C HIS J 287 38.87 -2.25 14.98
N PHE J 288 39.47 -3.27 15.59
CA PHE J 288 39.32 -3.54 17.01
C PHE J 288 40.34 -2.69 17.76
N HIS J 289 39.87 -1.60 18.37
CA HIS J 289 40.69 -0.85 19.30
C HIS J 289 40.50 -1.44 20.69
N ARG J 290 41.61 -1.70 21.38
CA ARG J 290 41.61 -2.45 22.64
C ARG J 290 41.80 -1.55 23.85
N ALA J 291 41.31 -0.31 23.80
CA ALA J 291 41.46 0.61 24.92
C ALA J 291 40.78 0.06 26.17
N GLY J 292 41.50 0.09 27.30
CA GLY J 292 41.05 -0.53 28.53
C GLY J 292 41.48 -1.97 28.71
N HIS J 293 42.20 -2.54 27.74
CA HIS J 293 42.61 -3.94 27.83
C HIS J 293 43.64 -4.19 28.93
N GLY J 294 44.31 -3.13 29.40
CA GLY J 294 45.51 -3.29 30.22
C GLY J 294 45.25 -4.04 31.51
N SER J 295 44.13 -3.75 32.18
CA SER J 295 43.77 -4.45 33.41
C SER J 295 43.65 -5.95 33.19
N PHE J 296 43.21 -6.37 32.00
CA PHE J 296 43.24 -7.79 31.68
C PHE J 296 44.66 -8.28 31.39
N THR J 297 45.45 -7.50 30.65
CA THR J 297 46.63 -8.02 29.99
C THR J 297 47.95 -7.55 30.56
N ARG J 298 47.96 -6.57 31.46
CA ARG J 298 49.22 -6.07 31.99
C ARG J 298 49.91 -7.14 32.82
N PRO J 299 51.21 -7.36 32.65
CA PRO J 299 51.91 -8.36 33.48
C PRO J 299 51.89 -8.03 34.96
N GLU J 300 51.78 -6.75 35.32
CA GLU J 300 51.68 -6.38 36.73
C GLU J 300 50.36 -6.84 37.34
N ASN J 301 49.35 -7.09 36.51
CA ASN J 301 48.06 -7.56 36.98
C ASN J 301 48.04 -9.08 36.99
N PRO J 302 48.06 -9.73 38.16
CA PRO J 302 48.05 -11.20 38.19
C PRO J 302 46.75 -11.82 37.72
N ILE J 303 45.64 -11.07 37.68
CA ILE J 303 44.34 -11.59 37.30
C ILE J 303 43.92 -10.97 35.98
N GLY J 304 43.62 -11.82 35.01
CA GLY J 304 43.20 -11.36 33.69
C GLY J 304 43.48 -12.43 32.65
N PHE J 305 43.74 -11.96 31.43
CA PHE J 305 44.15 -12.83 30.35
C PHE J 305 45.19 -12.12 29.49
N SER J 306 46.00 -12.91 28.80
CA SER J 306 47.13 -12.39 28.05
C SER J 306 46.66 -11.62 26.82
N VAL J 307 47.61 -10.89 26.22
CA VAL J 307 47.35 -10.21 24.96
C VAL J 307 47.08 -11.21 23.86
N LEU J 308 47.75 -12.37 23.91
CA LEU J 308 47.53 -13.41 22.91
C LEU J 308 46.10 -13.92 22.93
N VAL J 309 45.55 -14.14 24.11
CA VAL J 309 44.17 -14.60 24.22
C VAL J 309 43.21 -13.55 23.68
N LEU J 310 43.44 -12.27 24.01
CA LEU J 310 42.60 -11.19 23.52
C LEU J 310 42.65 -11.10 21.99
N SER J 311 43.84 -11.22 21.42
CA SER J 311 43.98 -11.19 19.96
C SER J 311 43.28 -12.38 19.31
N LYS J 312 43.42 -13.58 19.90
CA LYS J 312 42.77 -14.75 19.36
C LYS J 312 41.25 -14.61 19.40
N PHE J 313 40.71 -14.09 20.50
CA PHE J 313 39.26 -13.92 20.59
C PHE J 313 38.77 -12.81 19.66
N ALA J 314 39.59 -11.78 19.45
CA ALA J 314 39.23 -10.75 18.47
C ALA J 314 39.18 -11.33 17.06
N ARG J 315 40.14 -12.18 16.72
CA ARG J 315 40.13 -12.84 15.42
C ARG J 315 38.93 -13.77 15.29
N LEU J 316 38.59 -14.48 16.36
CA LEU J 316 37.41 -15.36 16.34
C LEU J 316 36.12 -14.54 16.15
N ALA J 317 36.03 -13.39 16.82
CA ALA J 317 34.84 -12.56 16.76
C ALA J 317 34.63 -11.91 15.40
N GLY J 318 35.64 -11.89 14.54
CA GLY J 318 35.52 -11.31 13.22
C GLY J 318 36.19 -9.98 13.02
N ALA J 319 36.97 -9.49 13.98
CA ALA J 319 37.69 -8.24 13.81
C ALA J 319 38.71 -8.36 12.70
N SER J 320 38.74 -7.37 11.81
CA SER J 320 39.71 -7.38 10.72
C SER J 320 41.12 -7.10 11.23
N GLY J 321 41.25 -6.26 12.25
CA GLY J 321 42.55 -5.97 12.83
C GLY J 321 42.40 -5.47 14.24
N ILE J 322 43.40 -5.78 15.06
CA ILE J 322 43.41 -5.40 16.46
C ILE J 322 44.79 -4.89 16.82
N HIS J 323 44.85 -3.89 17.69
CA HIS J 323 46.14 -3.44 18.21
C HIS J 323 46.79 -4.56 19.00
N THR J 324 48.09 -4.75 18.78
CA THR J 324 48.84 -5.81 19.43
C THR J 324 49.98 -5.33 20.31
N GLY J 325 50.41 -4.09 20.17
CA GLY J 325 51.47 -3.57 21.01
C GLY J 325 52.76 -3.39 20.24
N THR J 326 53.61 -2.49 20.73
CA THR J 326 54.89 -2.21 20.12
C THR J 326 56.01 -3.13 20.64
N ALA J 327 55.65 -4.13 21.45
CA ALA J 327 56.63 -5.07 22.00
C ALA J 327 57.67 -4.37 22.88
N GLY J 328 57.21 -3.35 23.62
CA GLY J 328 58.08 -2.58 24.48
C GLY J 328 58.92 -1.53 23.77
N VAL J 329 58.76 -1.36 22.46
CA VAL J 329 59.51 -0.34 21.75
C VAL J 329 58.86 1.03 21.93
N GLY J 330 57.54 1.07 21.98
CA GLY J 330 56.79 2.29 22.16
C GLY J 330 56.56 2.63 23.62
N LYS J 331 55.45 3.33 23.87
CA LYS J 331 55.11 3.77 25.21
C LYS J 331 54.20 2.79 25.95
N MET J 332 53.80 1.69 25.31
CA MET J 332 52.89 0.74 25.92
C MET J 332 53.63 -0.51 26.40
N GLN J 333 53.18 -1.05 27.53
CA GLN J 333 53.77 -2.23 28.11
C GLN J 333 53.50 -3.47 27.25
N GLY J 334 54.44 -4.42 27.28
CA GLY J 334 55.76 -4.19 27.84
C GLY J 334 56.94 -4.96 27.29
N SER J 335 56.73 -5.84 26.32
CA SER J 335 57.76 -6.78 25.94
C SER J 335 57.42 -7.40 24.60
N PRO J 336 58.39 -8.02 23.93
CA PRO J 336 58.12 -8.67 22.63
C PRO J 336 57.47 -10.03 22.76
N GLU J 337 57.74 -10.73 23.88
CA GLU J 337 57.28 -12.11 24.04
C GLU J 337 55.77 -12.22 24.05
N GLU J 338 55.07 -11.16 24.46
CA GLU J 338 53.61 -11.16 24.40
C GLU J 338 53.10 -10.58 23.08
N ASP J 339 53.56 -9.37 22.74
CA ASP J 339 52.98 -8.65 21.61
C ASP J 339 53.32 -9.33 20.28
N VAL J 340 54.58 -9.68 20.08
CA VAL J 340 54.98 -10.29 18.81
C VAL J 340 54.37 -11.68 18.67
N VAL J 341 54.28 -12.43 19.77
CA VAL J 341 53.66 -13.74 19.73
C VAL J 341 52.18 -13.63 19.38
N ALA J 342 51.47 -12.66 19.97
CA ALA J 342 50.07 -12.45 19.64
C ALA J 342 49.89 -12.03 18.18
N ALA J 343 50.76 -11.14 17.70
CA ALA J 343 50.66 -10.68 16.31
C ALA J 343 50.91 -11.83 15.34
N GLN J 344 51.90 -12.67 15.61
CA GLN J 344 52.17 -13.81 14.74
C GLN J 344 51.03 -14.82 14.81
N ASN J 345 50.42 -14.99 16.00
CA ASN J 345 49.34 -15.96 16.13
C ASN J 345 48.09 -15.49 15.38
N ILE J 346 47.82 -14.19 15.37
CA ILE J 346 46.63 -13.70 14.66
C ILE J 346 46.89 -13.48 13.17
N LEU J 347 48.15 -13.30 12.76
CA LEU J 347 48.48 -13.10 11.36
C LEU J 347 48.75 -14.40 10.61
N ARG J 348 49.20 -15.44 11.30
CA ARG J 348 49.65 -16.66 10.65
C ARG J 348 48.52 -17.70 10.57
N PHE J 349 48.67 -18.60 9.59
CA PHE J 349 47.77 -19.75 9.49
C PHE J 349 48.01 -20.75 10.61
N LYS J 350 49.20 -20.74 11.21
CA LYS J 350 49.58 -21.68 12.26
C LYS J 350 50.76 -21.08 13.02
N ASP J 351 50.66 -21.06 14.36
CA ASP J 351 51.69 -20.46 15.19
C ASP J 351 51.96 -21.38 16.39
N LYS J 352 52.87 -20.94 17.27
CA LYS J 352 53.46 -21.85 18.24
C LYS J 352 52.46 -22.30 19.30
N GLY J 353 51.89 -21.38 20.07
CA GLY J 353 52.10 -19.97 20.33
C GLY J 353 52.76 -19.82 21.69
N HIS J 354 51.96 -19.51 22.71
CA HIS J 354 52.47 -19.53 24.08
C HIS J 354 52.54 -20.97 24.61
N PHE J 355 51.42 -21.68 24.61
CA PHE J 355 51.37 -23.07 25.06
C PHE J 355 50.69 -24.01 24.09
N PHE J 356 49.80 -23.52 23.22
CA PHE J 356 49.05 -24.37 22.31
C PHE J 356 49.47 -24.11 20.87
N GLU J 357 49.61 -25.19 20.11
CA GLU J 357 49.84 -25.09 18.66
C GLU J 357 48.49 -24.84 18.00
N GLN J 358 48.23 -23.59 17.64
CA GLN J 358 46.94 -23.19 17.08
C GLN J 358 47.04 -23.13 15.56
N GLU J 359 46.40 -24.09 14.91
CA GLU J 359 46.14 -24.00 13.48
C GLU J 359 44.73 -23.49 13.28
N TRP J 360 44.61 -22.41 12.50
CA TRP J 360 43.31 -21.78 12.27
C TRP J 360 42.56 -22.41 11.10
N SER J 361 42.92 -23.62 10.71
CA SER J 361 42.19 -24.36 9.69
C SER J 361 40.93 -24.98 10.29
N LYS J 362 39.88 -25.03 9.48
CA LYS J 362 38.62 -25.68 9.86
C LYS J 362 38.43 -27.02 9.16
N ILE J 363 39.48 -27.53 8.53
CA ILE J 363 39.42 -28.78 7.78
C ILE J 363 40.29 -29.81 8.48
N PHE J 364 40.39 -31.01 7.89
CA PHE J 364 41.12 -32.12 8.49
C PHE J 364 42.58 -31.74 8.79
N GLU J 365 43.11 -32.35 9.86
CA GLU J 365 44.40 -31.92 10.40
C GLU J 365 45.54 -32.15 9.42
N GLY J 366 45.56 -33.30 8.76
CA GLY J 366 46.66 -33.64 7.88
C GLY J 366 46.34 -33.50 6.40
N ASP J 367 45.37 -32.64 6.09
CA ASP J 367 44.98 -32.44 4.70
C ASP J 367 46.12 -31.81 3.89
N LYS J 368 46.36 -32.34 2.70
CA LYS J 368 47.44 -31.83 1.86
C LYS J 368 47.17 -30.39 1.43
N ASP J 369 45.91 -30.05 1.19
CA ASP J 369 45.57 -28.67 0.88
C ASP J 369 45.84 -27.75 2.06
N ALA J 370 45.63 -28.24 3.29
CA ALA J 370 45.98 -27.45 4.46
C ALA J 370 47.48 -27.21 4.53
N ILE J 371 48.28 -28.23 4.19
CA ILE J 371 49.74 -28.07 4.17
C ILE J 371 50.14 -27.05 3.11
N THR J 372 49.50 -27.10 1.93
CA THR J 372 49.80 -26.13 0.89
C THR J 372 49.42 -24.72 1.32
N ILE J 373 48.28 -24.57 2.00
CA ILE J 373 47.87 -23.26 2.49
C ILE J 373 48.84 -22.74 3.53
N ALA J 374 49.32 -23.62 4.42
CA ALA J 374 50.29 -23.21 5.43
C ALA J 374 51.60 -22.78 4.78
N GLN J 375 52.05 -23.52 3.75
CA GLN J 375 53.27 -23.13 3.05
C GLN J 375 53.10 -21.80 2.32
N ALA J 376 51.94 -21.58 1.72
CA ALA J 376 51.68 -20.31 1.04
C ALA J 376 51.63 -19.16 2.04
N ASP J 377 51.02 -19.38 3.21
CA ASP J 377 50.96 -18.35 4.24
C ASP J 377 52.36 -18.03 4.76
N THR J 378 53.20 -19.05 4.92
CA THR J 378 54.60 -18.80 5.30
C THR J 378 55.34 -18.03 4.21
N ALA J 379 54.95 -18.20 2.95
CA ALA J 379 55.55 -17.48 1.84
C ALA J 379 54.92 -16.11 1.61
N ARG J 380 54.03 -15.68 2.51
CA ARG J 380 53.38 -14.37 2.45
C ARG J 380 52.45 -14.21 1.25
N HIS J 381 51.91 -15.31 0.73
CA HIS J 381 50.90 -15.23 -0.30
C HIS J 381 49.52 -15.08 0.33
N VAL J 382 48.56 -14.60 -0.47
CA VAL J 382 47.19 -14.47 0.00
C VAL J 382 46.53 -15.85 0.00
N ILE J 383 45.91 -16.22 1.12
CA ILE J 383 45.30 -17.52 1.28
C ILE J 383 43.83 -17.33 1.66
N LEU J 384 43.06 -18.42 1.52
CA LEU J 384 41.66 -18.48 1.94
C LEU J 384 40.77 -17.54 1.13
N GLU J 385 41.17 -17.21 -0.09
CA GLU J 385 40.35 -16.37 -0.95
C GLU J 385 39.22 -17.16 -1.59
N ASP J 386 39.58 -18.17 -2.39
CA ASP J 386 38.61 -19.06 -3.00
C ASP J 386 38.26 -20.26 -2.11
N ASP J 387 38.94 -20.41 -0.98
CA ASP J 387 38.76 -21.54 -0.08
C ASP J 387 38.59 -21.05 1.36
N SER J 388 37.69 -20.08 1.54
CA SER J 388 37.47 -19.49 2.86
C SER J 388 36.92 -20.49 3.88
N TRP J 389 36.32 -21.58 3.43
CA TRP J 389 35.84 -22.60 4.36
C TRP J 389 37.00 -23.27 5.11
N ARG J 390 38.19 -23.31 4.49
CA ARG J 390 39.28 -24.11 5.01
C ARG J 390 39.79 -23.62 6.36
N GLY J 391 39.72 -22.31 6.61
CA GLY J 391 40.29 -21.81 7.84
C GLY J 391 39.79 -20.41 8.15
N VAL J 392 40.29 -19.88 9.25
CA VAL J 392 39.92 -18.55 9.71
C VAL J 392 40.85 -17.53 9.06
N LYS J 393 40.28 -16.46 8.51
CA LYS J 393 41.08 -15.42 7.90
C LYS J 393 41.94 -14.73 8.94
N LYS J 394 43.08 -14.22 8.49
CA LYS J 394 44.04 -13.59 9.41
C LYS J 394 43.48 -12.28 9.95
N CYS J 395 43.85 -11.98 11.19
CA CYS J 395 43.54 -10.70 11.81
C CYS J 395 44.79 -9.83 11.75
N CYS J 396 44.65 -8.64 11.19
CA CYS J 396 45.80 -7.78 10.96
C CYS J 396 46.29 -7.17 12.26
N PRO J 397 47.56 -7.36 12.63
CA PRO J 397 48.11 -6.61 13.77
C PRO J 397 48.19 -5.13 13.44
N ILE J 398 47.88 -4.30 14.43
CA ILE J 398 47.95 -2.85 14.30
C ILE J 398 48.87 -2.33 15.38
N ILE J 399 49.96 -1.67 14.98
CA ILE J 399 51.05 -1.30 15.87
C ILE J 399 50.96 0.20 16.11
N SER J 400 50.73 0.58 17.38
CA SER J 400 50.61 1.97 17.75
C SER J 400 51.06 2.14 19.19
N GLY J 401 51.38 3.38 19.55
CA GLY J 401 51.73 3.72 20.92
C GLY J 401 53.18 4.12 21.11
N GLY J 402 53.42 5.43 21.19
CA GLY J 402 54.78 5.91 21.42
C GLY J 402 55.73 5.65 20.28
N LEU J 403 55.22 5.46 19.07
CA LEU J 403 56.04 5.13 17.91
C LEU J 403 56.36 6.37 17.10
N ASN J 404 57.65 6.55 16.79
CA ASN J 404 58.11 7.56 15.86
C ASN J 404 58.80 6.84 14.71
N PRO J 405 59.17 7.53 13.63
CA PRO J 405 59.85 6.84 12.52
C PRO J 405 61.16 6.19 12.90
N THR J 406 61.89 6.77 13.87
CA THR J 406 63.19 6.24 14.27
C THR J 406 63.06 4.82 14.84
N LEU J 407 61.92 4.50 15.44
CA LEU J 407 61.69 3.16 15.97
C LEU J 407 60.96 2.24 15.00
N LEU J 408 60.78 2.66 13.73
CA LEU J 408 60.15 1.79 12.76
C LEU J 408 61.02 0.58 12.46
N LYS J 409 62.32 0.80 12.23
CA LYS J 409 63.25 -0.30 12.00
C LYS J 409 63.37 -1.26 13.18
N PRO J 410 63.54 -0.80 14.44
CA PRO J 410 63.67 -1.77 15.55
C PRO J 410 62.46 -2.69 15.73
N PHE J 411 61.24 -2.15 15.63
CA PHE J 411 60.06 -2.98 15.86
C PHE J 411 59.94 -4.10 14.84
N ILE J 412 60.24 -3.79 13.56
CA ILE J 412 60.26 -4.82 12.53
C ILE J 412 61.32 -5.86 12.87
N ASP J 413 62.45 -5.42 13.43
CA ASP J 413 63.48 -6.35 13.88
C ASP J 413 62.96 -7.28 14.97
N VAL J 414 61.98 -6.81 15.75
CA VAL J 414 61.26 -7.69 16.66
C VAL J 414 60.05 -8.33 16.01
N MET J 415 59.45 -7.69 15.01
CA MET J 415 58.22 -8.22 14.41
C MET J 415 58.51 -9.39 13.48
N GLY J 416 59.65 -9.38 12.81
CA GLY J 416 60.00 -10.42 11.87
C GLY J 416 59.16 -10.48 10.62
N ASN J 417 58.46 -9.40 10.28
CA ASN J 417 57.64 -9.32 9.08
C ASN J 417 57.10 -7.90 8.98
N ILE J 418 56.52 -7.58 7.82
CA ILE J 418 55.98 -6.25 7.58
C ILE J 418 54.51 -6.36 7.22
N ASP J 419 53.84 -7.38 7.74
CA ASP J 419 52.42 -7.61 7.49
C ASP J 419 51.62 -7.04 8.66
N PHE J 420 51.50 -5.71 8.70
CA PHE J 420 50.78 -5.05 9.77
C PHE J 420 50.47 -3.63 9.35
N ILE J 421 49.53 -3.01 10.07
CA ILE J 421 49.25 -1.59 9.96
C ILE J 421 49.91 -0.90 11.15
N THR J 422 50.77 0.07 10.88
CA THR J 422 51.46 0.83 11.92
C THR J 422 50.94 2.26 11.89
N THR J 423 50.43 2.73 13.03
CA THR J 423 49.91 4.07 13.17
C THR J 423 50.73 4.84 14.19
N MET J 424 51.21 6.02 13.80
CA MET J 424 52.01 6.87 14.66
C MET J 424 51.30 8.21 14.79
N GLY J 425 50.81 8.50 16.00
CA GLY J 425 50.16 9.77 16.25
C GLY J 425 51.14 10.87 16.61
N ALA J 426 51.91 10.65 17.68
CA ALA J 426 52.93 11.61 18.08
C ALA J 426 54.18 11.52 17.22
N GLY J 427 54.40 10.38 16.54
CA GLY J 427 55.57 10.24 15.70
C GLY J 427 55.54 11.11 14.46
N CYS J 428 54.36 11.57 14.04
CA CYS J 428 54.21 12.43 12.88
C CYS J 428 53.68 13.81 13.21
N HIS J 429 52.63 13.89 14.03
CA HIS J 429 52.04 15.19 14.36
C HIS J 429 52.91 16.01 15.29
N ALA J 430 53.79 15.36 16.06
CA ALA J 430 54.75 16.09 16.89
C ALA J 430 56.05 16.37 16.17
N HIS J 431 56.14 16.05 14.88
CA HIS J 431 57.29 16.41 14.09
C HIS J 431 57.38 17.94 13.98
N PRO J 432 58.56 18.53 14.09
CA PRO J 432 58.65 20.00 14.14
C PRO J 432 58.19 20.71 12.86
N LYS J 433 58.12 20.01 11.73
CA LYS J 433 57.78 20.63 10.45
C LYS J 433 56.37 20.25 9.98
N GLY J 434 55.47 19.91 10.89
CA GLY J 434 54.10 19.66 10.55
C GLY J 434 53.77 18.19 10.30
N THR J 435 52.47 17.94 10.13
CA THR J 435 51.99 16.57 9.91
C THR J 435 52.52 15.98 8.61
N THR J 436 52.55 16.78 7.54
CA THR J 436 53.05 16.28 6.27
C THR J 436 54.54 15.94 6.35
N ALA J 437 55.31 16.76 7.09
CA ALA J 437 56.71 16.46 7.30
C ALA J 437 56.89 15.16 8.08
N GLY J 438 56.04 14.93 9.09
CA GLY J 438 56.11 13.69 9.83
C GLY J 438 55.76 12.49 8.99
N ALA J 439 54.75 12.62 8.13
CA ALA J 439 54.39 11.53 7.23
C ALA J 439 55.51 11.25 6.24
N LYS J 440 56.14 12.30 5.71
CA LYS J 440 57.26 12.12 4.81
C LYS J 440 58.44 11.45 5.51
N ALA J 441 58.69 11.81 6.78
CA ALA J 441 59.75 11.17 7.54
C ALA J 441 59.45 9.70 7.78
N LEU J 442 58.19 9.37 8.07
CA LEU J 442 57.81 7.97 8.26
C LEU J 442 57.99 7.17 6.96
N VAL J 443 57.57 7.75 5.83
CA VAL J 443 57.75 7.08 4.54
C VAL J 443 59.23 6.93 4.22
N GLN J 444 60.05 7.92 4.58
CA GLN J 444 61.49 7.84 4.34
C GLN J 444 62.12 6.76 5.20
N ALA J 445 61.69 6.62 6.46
CA ALA J 445 62.20 5.54 7.30
C ALA J 445 61.77 4.18 6.76
N CYS J 446 60.54 4.07 6.27
CA CYS J 446 60.09 2.82 5.66
C CYS J 446 60.91 2.48 4.41
N GLU J 447 61.19 3.48 3.58
CA GLU J 447 62.02 3.25 2.40
C GLU J 447 63.44 2.88 2.77
N ALA J 448 63.98 3.49 3.84
CA ALA J 448 65.33 3.14 4.30
C ALA J 448 65.38 1.71 4.79
N TYR J 449 64.35 1.27 5.52
CA TYR J 449 64.30 -0.13 5.93
C TYR J 449 64.16 -1.06 4.73
N GLN J 450 63.33 -0.69 3.75
CA GLN J 450 63.13 -1.54 2.58
C GLN J 450 64.41 -1.66 1.76
N LYS J 451 65.18 -0.59 1.65
CA LYS J 451 66.43 -0.59 0.91
C LYS J 451 67.62 -1.02 1.74
N GLY J 452 67.44 -1.24 3.04
CA GLY J 452 68.53 -1.60 3.92
C GLY J 452 69.40 -0.45 4.37
N ILE J 453 69.06 0.78 3.99
CA ILE J 453 69.86 1.95 4.37
C ILE J 453 69.51 2.33 5.81
N ASP J 454 70.55 2.56 6.61
CA ASP J 454 70.34 3.06 7.96
C ASP J 454 69.70 4.44 7.92
N ILE J 455 68.84 4.72 8.91
CA ILE J 455 68.09 5.97 8.92
C ILE J 455 69.01 7.18 9.05
N LYS J 456 70.10 7.03 9.79
CA LYS J 456 71.09 8.12 9.89
C LYS J 456 71.72 8.41 8.53
N GLU J 457 72.07 7.37 7.79
CA GLU J 457 72.61 7.57 6.45
C GLU J 457 71.53 8.04 5.48
N TYR J 458 70.33 7.48 5.59
CA TYR J 458 69.25 7.83 4.67
C TYR J 458 68.80 9.28 4.83
N ALA J 459 68.86 9.82 6.05
CA ALA J 459 68.40 11.17 6.32
C ALA J 459 69.32 12.24 5.74
N LYS J 460 70.51 11.88 5.27
CA LYS J 460 71.41 12.89 4.70
C LYS J 460 70.83 13.48 3.42
N THR J 461 70.04 12.71 2.67
CA THR J 461 69.38 13.20 1.47
C THR J 461 67.88 13.37 1.67
N HIS J 462 67.39 13.27 2.90
CA HIS J 462 65.97 13.36 3.20
C HIS J 462 65.80 14.20 4.47
N LYS J 463 65.38 15.45 4.28
CA LYS J 463 65.36 16.41 5.38
C LYS J 463 64.36 16.02 6.47
N GLU J 464 63.18 15.53 6.08
CA GLU J 464 62.16 15.18 7.05
C GLU J 464 62.62 14.06 7.98
N LEU J 465 63.29 13.04 7.42
CA LEU J 465 63.80 11.95 8.24
C LEU J 465 64.85 12.46 9.22
N GLU J 466 65.74 13.33 8.78
CA GLU J 466 66.77 13.88 9.66
C GLU J 466 66.16 14.71 10.77
N GLU J 467 65.17 15.54 10.44
CA GLU J 467 64.50 16.34 11.47
C GLU J 467 63.75 15.46 12.47
N ALA J 468 63.11 14.39 11.97
CA ALA J 468 62.43 13.46 12.87
C ALA J 468 63.43 12.76 13.80
N ILE J 469 64.58 12.37 13.26
CA ILE J 469 65.61 11.74 14.10
C ILE J 469 66.11 12.70 15.16
N GLU J 470 66.37 13.96 14.77
CA GLU J 470 66.85 14.95 15.73
C GLU J 470 65.83 15.23 16.81
N PHE J 471 64.54 15.27 16.45
CA PHE J 471 63.51 15.55 17.45
C PHE J 471 63.27 14.36 18.36
N PHE J 472 63.23 13.15 17.81
CA PHE J 472 62.83 11.96 18.55
C PHE J 472 63.99 11.23 19.21
N THR J 473 65.22 11.66 18.99
CA THR J 473 66.37 11.08 19.67
C THR J 473 66.62 11.70 21.04
N LYS J 474 65.84 12.71 21.42
CA LYS J 474 65.99 13.34 22.73
C LYS J 474 64.62 13.64 23.32
#